data_7RWI
#
_entry.id   7RWI
#
_cell.length_a   142.773
_cell.length_b   160.613
_cell.length_c   238.646
_cell.angle_alpha   90.000
_cell.angle_beta   90.000
_cell.angle_gamma   90.000
#
_symmetry.space_group_name_H-M   'P 21 21 21'
#
loop_
_entity.id
_entity.type
_entity.pdbx_description
1 polymer 'DNA-directed RNA polymerase subunit alpha'
2 polymer 'DNA-directed RNA polymerase subunit beta'
3 polymer "DNA-directed RNA polymerase subunit beta'"
4 polymer 'DNA-directed RNA polymerase subunit omega'
5 polymer 'RNA polymerase sigma factor'
6 polymer 'T DNA'
7 polymer 'NT DNA'
8 non-polymer "(3aM,9S,10bP,14S,15R,16S,17R,18R,19R,20S,21S,25R)-6,18,20-trihydroxy-14-methoxy-7,9,15,17,19,21,25-heptamethyl-1'-[2-(2-methyl-5-nitro-1H-imidazol-1-yl)ethyl]-5,10,26-trioxo-3,5,9,10-tetrahydrospiro[9,4-(epoxypentadecanoimino)furo[2',3':7,8]naphtho[1,2-d]imidazole-2,4'-piperidin]-16-yl acetate"
#
loop_
_entity_poly.entity_id
_entity_poly.type
_entity_poly.pdbx_seq_one_letter_code
_entity_poly.pdbx_strand_id
1 'polypeptide(L)'
;MLISQRPTLSEDVLTDNRSQFVIEPLEPGFGYTLGNSLRRTLLSSIPGAAVTSIRIDGVLHEFTTVPGVKEDVTEIILNL
KSLVVSSEEDEPVTMYLRKQGPGEVTAGDIVPPAGVTVHNPGMHIATLNDKGKLEVELVVERGRGYVPAVQNRASGAEIG
RIPVDSIYSPVLKVTYKVDATRVEQRTDFDKLILDVETKNSISPRDALASAGKTLVELFGLARELNVEAEGIEIGPSPAE
ADHIASFALPIDDLDLTVRSYNCLKREGVHTVGELVARTESDLLDIRNFGQKSIDEVKIKLHQLGLSLKDSPPSFDPSEV
AGYDVATGTWSTEGAYDEQDYAETEQL
;
A,B
2 'polypeptide(L)'
;MLEGCILADSRQSKTAASPSPSRPQSSSNNSVPGAPNRVSFAKLREPLEVPGLLDVQTDSFEWLIGSPRWRESAAERGDV
NPVGGLEEVLYELSPIEDFSGSMSLSFSDPRFDDVKAPVDECKDKDMTYAAPLFVTAEFINNNTGEIKSQTVFMGDFPMM
TEKGTFIINGTERVVVSQLVRSPGVYFDETIDKSTDKTLHSVKVIPSRGAWLEFDVDKRDTVGVRIDRKRRQPVTVLLKA
LGWTSEQIVERFGFSEIMRSTLEKDNTVGTDEALLDIYRKLRPGEPPTKESAQTLLENLFFKEKRYDLARVGRYKVNKKL
GLHVGEPITSSTLTEEDVVATIEYLVRLHEGQTTMTVPGGVEVPVETDDIDHFGNRRLRTVGELIQNQIRVGMSRMERVV
RERMTTQDVEAITPQTLINIRPVVAAIKEFFGTSQLSQFMDQNNPLSGLTHKRRLSALGPGGLSRERAGLEVRDVHPSHY
GRMCPIETPEGPNIGLIGSLSVYARVNPFGFIETPYRKVVDGVVSDEIVYLTADEEDRHVVAQANSPIDADGRFVEPRVL
VRRKAGEVEYVPSSEVDYMDVSPRQMVSVATAMIPFLEHDDANRALMGANMQRQAVPLVRSEAPLVGTGMELRAAIDAGD
VVVAEESGVIEEVSADYITVMHDNGTRRTYRMRKFARSNHGTCANQCPIVDAGDRVEAGQVIADGPCTDDGEMALGKNLL
VAIMPWEGHNYEDAIILSNRLVEEDVLTSIHIEEHEIDARDTKLGAEEITRDIPNISDEVLADLDERGIVRIGAEVRDGD
ILVGKVTPKGETELTPEERLLRAIFGEKAREVRDTSLKVPHGESGKVIGIRVFSREDEDELPAGVNELVRVYVAQKRKIS
DGDKLAGRHGNKGVIGKILPVEDMPFLADGTPVDIILNTHGVPRRMNIGQILETHLGWCAHSGWKVDAAKGVPDWAARLP
DELLEAQPNAIVSTPVFDGAQEAELQGLLSCTLPNRDGDVLVDADGKAMLFDGRSGEPFPYPVTVGYMYIMKLHHLVDDK
IHARSTGPYSMITQQPLGGKAQFGGQRFGEMECWAMQAYGAAYTLQELLTIKSDDTVGRVKVYEAIVKGENIPEPGIPES
FKVLLKELQSLCLNVEVLSSDGAAIELREGEDEDLERAAANLGINLSRNESASVEDLA
;
C
3 'polypeptide(L)'
;MLDVNFFDELRIGLATAEDIRQWSYGEVKKPETINYRTLKPEKDGLFCEKIFGPTRDWECYCGKYKRVRFKGIICERCGV
EVTRAKVRRERMGHIELAAPVTHIWYFKGVPSRLGYLLDLAPKDLEKIIYFAAYVITSVDEEMRHNELSTLEAEMAVERK
AVEDQRDGELEARAQKLEADLAELEAEGAKADARRKVRDGGEREMRQIRDRAQRELDRLEDIWSTFTKLAPKQLIVDENL
YRELVDRYGEYFTGAMGAESIQKLIENFDIDAEAESLRDVIRNGKGQKKLRALKRLKVVAAFQQSGNSPMGMVLDAVPVI
PPELRPMVQLDGGRFATSDLNDLYRRVINRNNRLKRLIDLGAPEIIVNNEKRMLQESVDALFDNGRRGRPVTGPGNRPLK
SLSDLLKGKQGRFRQNLLGKRVDYSGRSVIVVGPQLKLHQCGLPKLMALELFKPFVMKRLVDLNHAQNIKSAKRMVERQR
PQVWDVLEEVIAEHPVLLNRAPTLHRLGIQAFEPMLVEGKAIQLHPLVCEAFNADFDGDQMAVHLPLSAEAQAEARILML
SSNNILSPASGRPLAMPRLDMVTGLYYLTTEVPGDTGEYQPASGDHPETGVYSSPAEAIMAADRGVLSVRAKIKVRLTQL
RPPVEIEAELFGHSGWQPGDAWMAETTLGRVMFNELLPLGYPFVNKQMHKKVQAAIINDLAERYPMIVVAQTVDKLKDAG
FYWATRSGVTVSMADVLVPPRKKEILDHYEERADKVEKQFQRGALNHDERNEALVEIWKEATDEVGQALREHYPDDNPII
TIVDSGATGNFTQTRTLAGMKGLVTNPKGEFIPRPVKSSFREGLTVLEYFINTHGARKGLADTALRTADSGYLTRRLVDV
SQDVIVREHDCQTERGIVVELAERAPDGTLIRDPYIETSAYARTLGTDAVDEAGNVIVERGQDLGDPEIDALLAAGITQV
KVRSVLTCATSTGVCATCYGRSMATGKLVDIGEAVGIVAAQSIGEPGTQLTMRTFHQGGVGEDITGGLPRVQELFEARVP
RGKAPIADVTGRVRLEDGERFYKITIVPDDGGEEVVYDKISKRQRLRVFKHEDGSERVLSDGDHVEVGQQLMEGSADPHE
VLRVQGPREVQIHLVREVQEVYRAQGVSIHDKHIEVIVRQMLRRVTIIDSGSTEFLPGSLIDRAEFEAENRRVVAEGGEP
AAGRPVLMGITKASLATDSWLSAASFQETTRVLTDAAINCRSDKLNGLKENVIIGKLIPAGTGINRYRNIAVQPTEEARA
AAYTIPSYEDQYYSPDFGAATGAAVPLDDYGYSDYR
;
D
4 'polypeptide(L)'
;MSISQSDASLAAVPAVDQFDPSSGASGGYDTPLGITNPPIDELLDRVSSKYALVIYAAKRARQINDYYNQLGEGILEYVG
PLVEPGLQEKPLSIALREIHADLLEHTEGE
;
E
5 'polypeptide(L)'
;MARVSGAAAAEAALMRALYDEHAAVLWRYALRLTGDAAQAEDVVQETLLRAWQHPEVIGDTARPARAWLFTVARNMIIDE
RRSARFRNVVGSTDQSGTPEQSTPDEVNAALDRLLIADALAQLSAEHRAVIQRSYYRGWSTAQIATDLGIAEGTVKSRLH
YAVRALRLTLQELGVTR
;
F
6 'polydeoxyribonucleotide'
;(DC)(DC)(DT)(DG)(DC)(DA)(DT)(DC)(DC)(DG)(DT)(DG)(DA)(DG)(DT)(DC)(DG)(DA)(DG)(DG)
(DG)(DT)(DG)
;
G
7 'polydeoxyribonucleotide'
;(DC)(DG)(DT)(DG)(DT)(DC)(DA)(DG)(DT)(DA)(DG)(DC)(DT)(DG)(DT)(DC)(DA)(DC)(DG)(DG)
(DA)(DT)(DG)(DC)(DA)(DG)(DG)
;
H
#
# COMPACT_ATOMS: atom_id res chain seq x y z
N LEU A 2 -44.57 28.11 -45.22
CA LEU A 2 -43.55 27.21 -44.66
C LEU A 2 -43.97 25.74 -44.87
N ILE A 3 -43.85 25.29 -46.13
CA ILE A 3 -44.28 23.96 -46.52
C ILE A 3 -43.11 23.15 -47.08
N SER A 4 -43.27 21.84 -46.99
CA SER A 4 -42.29 20.85 -47.43
C SER A 4 -41.85 21.02 -48.88
N GLN A 5 -40.56 21.23 -49.09
CA GLN A 5 -39.93 20.96 -50.36
C GLN A 5 -39.01 19.76 -50.13
N ARG A 6 -38.93 18.88 -51.13
CA ARG A 6 -38.12 17.67 -50.94
C ARG A 6 -36.63 18.00 -50.91
N PRO A 7 -35.85 17.33 -50.08
CA PRO A 7 -34.42 17.57 -50.00
C PRO A 7 -33.63 16.87 -51.09
N THR A 8 -32.59 17.55 -51.56
CA THR A 8 -31.75 17.08 -52.65
C THR A 8 -30.31 16.93 -52.16
N LEU A 9 -29.63 15.95 -52.73
CA LEU A 9 -28.23 15.61 -52.42
C LEU A 9 -27.40 15.72 -53.69
N SER A 10 -26.41 16.60 -53.68
CA SER A 10 -25.51 16.77 -54.82
C SER A 10 -24.06 16.61 -54.39
N GLU A 11 -23.21 16.19 -55.34
CA GLU A 11 -21.83 15.82 -55.08
C GLU A 11 -20.85 16.79 -55.74
N ASP A 12 -19.81 17.14 -55.00
CA ASP A 12 -18.68 17.95 -55.48
C ASP A 12 -17.39 17.18 -55.18
N VAL A 13 -16.54 17.01 -56.19
CA VAL A 13 -15.33 16.21 -56.07
C VAL A 13 -14.15 17.13 -55.79
N LEU A 14 -13.44 16.90 -54.67
CA LEU A 14 -12.23 17.67 -54.40
C LEU A 14 -11.00 16.99 -54.99
N THR A 15 -10.73 15.76 -54.56
CA THR A 15 -9.67 14.94 -55.13
C THR A 15 -10.22 13.59 -55.55
N ASP A 16 -9.34 12.68 -56.00
CA ASP A 16 -9.77 11.36 -56.43
C ASP A 16 -10.30 10.52 -55.27
N ASN A 17 -9.99 10.89 -54.03
CA ASN A 17 -10.45 10.16 -52.85
C ASN A 17 -11.01 11.11 -51.81
N ARG A 18 -11.67 12.19 -52.24
CA ARG A 18 -12.32 13.10 -51.30
C ARG A 18 -13.45 13.83 -51.99
N SER A 19 -14.64 13.79 -51.39
CA SER A 19 -15.79 14.45 -51.96
C SER A 19 -16.63 15.09 -50.86
N GLN A 20 -17.28 16.20 -51.23
CA GLN A 20 -18.24 16.88 -50.39
C GLN A 20 -19.63 16.66 -50.97
N PHE A 21 -20.59 16.40 -50.09
CA PHE A 21 -21.97 16.19 -50.49
C PHE A 21 -22.81 17.24 -49.79
N VAL A 22 -23.71 17.88 -50.53
CA VAL A 22 -24.58 18.89 -49.97
C VAL A 22 -26.01 18.38 -50.00
N ILE A 23 -26.65 18.38 -48.83
CA ILE A 23 -28.03 17.96 -48.64
C ILE A 23 -28.84 19.16 -48.17
N GLU A 24 -29.80 19.57 -49.00
CA GLU A 24 -30.62 20.75 -48.70
C GLU A 24 -31.93 20.65 -49.47
N PRO A 25 -33.05 21.12 -48.90
CA PRO A 25 -33.12 21.70 -47.57
C PRO A 25 -33.57 20.74 -46.47
N LEU A 26 -33.04 20.97 -45.26
CA LEU A 26 -33.35 20.20 -44.07
C LEU A 26 -34.02 21.09 -43.03
N GLU A 27 -34.82 20.47 -42.17
CA GLU A 27 -35.46 21.19 -41.08
C GLU A 27 -34.40 21.82 -40.18
N PRO A 28 -34.71 22.93 -39.53
CA PRO A 28 -33.72 23.59 -38.65
C PRO A 28 -33.35 22.72 -37.47
N GLY A 29 -32.04 22.52 -37.29
CA GLY A 29 -31.50 21.64 -36.28
C GLY A 29 -31.25 20.22 -36.75
N PHE A 30 -31.73 19.86 -37.94
CA PHE A 30 -31.65 18.49 -38.43
C PHE A 30 -30.31 18.14 -39.08
N GLY A 31 -29.55 19.14 -39.54
CA GLY A 31 -28.33 18.86 -40.29
C GLY A 31 -27.26 18.16 -39.48
N TYR A 32 -27.03 18.59 -38.23
CA TYR A 32 -25.97 18.01 -37.43
C TYR A 32 -26.21 16.55 -37.16
N THR A 33 -27.47 16.18 -36.89
CA THR A 33 -27.78 14.80 -36.57
C THR A 33 -27.58 13.89 -37.78
N LEU A 34 -27.93 14.37 -38.98
CA LEU A 34 -27.78 13.52 -40.16
C LEU A 34 -26.32 13.41 -40.55
N GLY A 35 -25.56 14.49 -40.32
CA GLY A 35 -24.13 14.42 -40.56
C GLY A 35 -23.47 13.42 -39.65
N ASN A 36 -23.87 13.43 -38.37
CA ASN A 36 -23.29 12.50 -37.41
C ASN A 36 -23.69 11.06 -37.70
N SER A 37 -24.94 10.83 -38.13
CA SER A 37 -25.32 9.46 -38.43
C SER A 37 -24.56 8.93 -39.63
N LEU A 38 -24.41 9.76 -40.68
CA LEU A 38 -23.66 9.31 -41.84
C LEU A 38 -22.19 9.10 -41.50
N ARG A 39 -21.61 9.99 -40.67
CA ARG A 39 -20.22 9.85 -40.27
C ARG A 39 -20.00 8.57 -39.47
N ARG A 40 -20.86 8.31 -38.48
CA ARG A 40 -20.70 7.15 -37.63
C ARG A 40 -20.88 5.85 -38.41
N THR A 41 -21.79 5.85 -39.39
CA THR A 41 -21.94 4.66 -40.22
C THR A 41 -20.75 4.50 -41.17
N LEU A 42 -20.21 5.61 -41.67
CA LEU A 42 -19.06 5.55 -42.57
C LEU A 42 -17.82 5.02 -41.88
N LEU A 43 -17.51 5.53 -40.68
CA LEU A 43 -16.24 5.20 -40.04
C LEU A 43 -16.18 3.77 -39.52
N SER A 44 -17.30 3.05 -39.46
CA SER A 44 -17.30 1.75 -38.79
C SER A 44 -17.97 0.63 -39.55
N SER A 45 -18.78 0.90 -40.57
CA SER A 45 -19.58 -0.14 -41.21
C SER A 45 -19.56 0.00 -42.73
N ILE A 46 -18.37 0.09 -43.31
CA ILE A 46 -18.20 0.10 -44.76
C ILE A 46 -17.35 -1.11 -45.13
N PRO A 47 -17.83 -2.01 -46.00
CA PRO A 47 -17.09 -3.24 -46.28
C PRO A 47 -15.78 -2.96 -47.03
N GLY A 48 -14.74 -3.68 -46.63
CA GLY A 48 -13.44 -3.56 -47.24
C GLY A 48 -12.68 -4.86 -47.10
N ALA A 49 -11.49 -4.91 -47.71
CA ALA A 49 -10.65 -6.08 -47.67
C ALA A 49 -9.31 -5.73 -47.04
N ALA A 50 -8.73 -6.70 -46.35
CA ALA A 50 -7.45 -6.51 -45.68
C ALA A 50 -6.78 -7.87 -45.51
N VAL A 51 -5.49 -7.83 -45.18
CA VAL A 51 -4.72 -9.05 -44.98
C VAL A 51 -5.03 -9.61 -43.59
N THR A 52 -5.34 -10.90 -43.54
CA THR A 52 -5.67 -11.58 -42.29
C THR A 52 -4.41 -12.10 -41.59
N SER A 53 -3.57 -12.83 -42.31
CA SER A 53 -2.37 -13.42 -41.75
C SER A 53 -1.28 -13.41 -42.81
N ILE A 54 -0.04 -13.55 -42.36
CA ILE A 54 1.09 -13.67 -43.27
C ILE A 54 1.88 -14.93 -42.92
N ARG A 55 2.82 -15.27 -43.80
CA ARG A 55 3.66 -16.45 -43.61
C ARG A 55 4.98 -16.22 -44.32
N ILE A 56 6.06 -16.09 -43.56
CA ILE A 56 7.40 -15.94 -44.10
C ILE A 56 8.11 -17.27 -43.92
N ASP A 57 8.86 -17.69 -44.95
CA ASP A 57 9.44 -19.03 -44.94
C ASP A 57 10.48 -19.19 -43.83
N GLY A 58 11.42 -18.26 -43.73
CA GLY A 58 12.49 -18.42 -42.77
C GLY A 58 12.12 -18.16 -41.33
N VAL A 59 10.90 -17.71 -41.06
CA VAL A 59 10.49 -17.37 -39.70
C VAL A 59 9.36 -18.28 -39.25
N LEU A 60 9.17 -18.34 -37.94
CA LEU A 60 8.10 -19.09 -37.30
C LEU A 60 7.16 -18.20 -36.50
N HIS A 61 7.68 -17.14 -35.89
CA HIS A 61 6.85 -16.19 -35.14
C HIS A 61 7.23 -14.77 -35.52
N GLU A 62 6.69 -13.80 -34.79
CA GLU A 62 6.90 -12.39 -35.12
C GLU A 62 8.26 -11.89 -34.64
N PHE A 63 8.66 -12.31 -33.44
CA PHE A 63 9.80 -11.72 -32.75
C PHE A 63 11.14 -12.28 -33.22
N THR A 64 11.35 -12.35 -34.53
CA THR A 64 12.64 -12.77 -35.07
C THR A 64 13.12 -11.83 -36.17
N THR A 65 14.16 -12.23 -36.89
CA THR A 65 14.73 -11.45 -37.99
C THR A 65 14.95 -12.36 -39.19
N VAL A 66 14.98 -11.75 -40.37
CA VAL A 66 15.28 -12.42 -41.63
C VAL A 66 16.67 -11.98 -42.06
N PRO A 67 17.58 -12.91 -42.42
CA PRO A 67 18.93 -12.50 -42.78
C PRO A 67 18.93 -11.68 -44.07
N GLY A 68 19.66 -10.57 -44.05
CA GLY A 68 19.77 -9.74 -45.22
C GLY A 68 18.82 -8.56 -45.29
N VAL A 69 17.85 -8.48 -44.38
CA VAL A 69 16.88 -7.39 -44.39
C VAL A 69 17.11 -6.51 -43.17
N LYS A 70 16.85 -5.21 -43.34
CA LYS A 70 17.10 -4.24 -42.27
C LYS A 70 16.01 -4.27 -41.21
N GLU A 71 14.76 -4.48 -41.61
CA GLU A 71 13.64 -4.52 -40.66
C GLU A 71 13.48 -5.92 -40.10
N ASP A 72 13.12 -6.01 -38.83
CA ASP A 72 12.77 -7.31 -38.27
C ASP A 72 11.36 -7.68 -38.71
N VAL A 73 10.89 -8.84 -38.25
CA VAL A 73 9.58 -9.32 -38.71
C VAL A 73 8.47 -8.42 -38.16
N THR A 74 8.61 -7.97 -36.92
CA THR A 74 7.58 -7.13 -36.31
C THR A 74 7.44 -5.80 -37.06
N GLU A 75 8.57 -5.21 -37.47
CA GLU A 75 8.52 -3.97 -38.23
C GLU A 75 7.96 -4.20 -39.63
N ILE A 76 8.25 -5.35 -40.23
CA ILE A 76 7.66 -5.68 -41.53
C ILE A 76 6.15 -5.81 -41.41
N ILE A 77 5.68 -6.44 -40.32
CA ILE A 77 4.23 -6.56 -40.12
C ILE A 77 3.61 -5.20 -39.89
N LEU A 78 4.31 -4.32 -39.17
CA LEU A 78 3.79 -2.96 -38.99
C LEU A 78 3.69 -2.23 -40.32
N ASN A 79 4.71 -2.36 -41.17
CA ASN A 79 4.66 -1.71 -42.47
C ASN A 79 3.60 -2.33 -43.37
N LEU A 80 3.28 -3.60 -43.16
CA LEU A 80 2.20 -4.26 -43.89
C LEU A 80 0.82 -3.86 -43.38
N LYS A 81 0.73 -3.37 -42.15
CA LYS A 81 -0.56 -2.90 -41.65
C LYS A 81 -1.08 -1.71 -42.44
N SER A 82 -0.19 -0.96 -43.09
CA SER A 82 -0.61 0.19 -43.90
C SER A 82 -1.08 -0.21 -45.30
N LEU A 83 -1.03 -1.49 -45.65
CA LEU A 83 -1.42 -1.95 -46.97
C LEU A 83 -2.92 -1.77 -47.19
N VAL A 84 -3.28 -1.05 -48.25
CA VAL A 84 -4.68 -0.95 -48.69
C VAL A 84 -4.86 -1.92 -49.85
N VAL A 85 -5.93 -2.72 -49.78
CA VAL A 85 -6.13 -3.78 -50.77
C VAL A 85 -7.64 -4.00 -50.89
N SER A 86 -8.07 -4.42 -52.08
CA SER A 86 -9.47 -4.74 -52.28
C SER A 86 -9.60 -6.11 -52.92
N SER A 87 -10.70 -6.80 -52.61
CA SER A 87 -10.92 -8.17 -53.05
C SER A 87 -12.36 -8.35 -53.53
N GLU A 88 -12.51 -9.11 -54.61
CA GLU A 88 -13.81 -9.45 -55.19
C GLU A 88 -14.33 -10.82 -54.75
N GLU A 89 -13.52 -11.60 -54.04
CA GLU A 89 -13.88 -13.00 -53.76
C GLU A 89 -14.70 -13.17 -52.49
N ASP A 90 -14.59 -12.28 -51.52
CA ASP A 90 -15.30 -12.37 -50.24
C ASP A 90 -14.98 -13.69 -49.52
N GLU A 91 -13.85 -14.29 -49.84
CA GLU A 91 -13.37 -15.54 -49.26
C GLU A 91 -11.86 -15.44 -49.18
N PRO A 92 -11.23 -16.22 -48.28
CA PRO A 92 -9.77 -16.11 -48.15
C PRO A 92 -9.06 -16.40 -49.46
N VAL A 93 -8.05 -15.57 -49.76
CA VAL A 93 -7.30 -15.68 -51.01
C VAL A 93 -5.85 -15.32 -50.73
N THR A 94 -4.92 -16.01 -51.37
CA THR A 94 -3.50 -15.87 -51.06
C THR A 94 -2.76 -15.02 -52.10
N MET A 95 -1.99 -14.05 -51.61
CA MET A 95 -1.09 -13.21 -52.39
C MET A 95 0.33 -13.68 -52.11
N TYR A 96 1.22 -13.46 -53.07
CA TYR A 96 2.60 -13.90 -52.93
C TYR A 96 3.57 -12.75 -53.16
N LEU A 97 4.74 -12.84 -52.51
CA LEU A 97 5.78 -11.85 -52.65
C LEU A 97 7.13 -12.53 -52.57
N ARG A 98 7.90 -12.46 -53.67
CA ARG A 98 9.25 -13.03 -53.70
C ARG A 98 10.18 -11.95 -54.24
N LYS A 99 11.26 -11.70 -53.50
CA LYS A 99 12.22 -10.70 -53.93
C LYS A 99 13.60 -11.02 -53.40
N GLN A 100 14.60 -10.88 -54.25
CA GLN A 100 15.99 -11.13 -53.90
C GLN A 100 16.72 -9.80 -53.83
N GLY A 101 17.66 -9.68 -52.91
CA GLY A 101 18.43 -8.47 -52.74
C GLY A 101 19.55 -8.39 -53.75
N PRO A 102 20.18 -7.20 -53.83
CA PRO A 102 19.92 -5.93 -53.17
C PRO A 102 18.71 -5.17 -53.71
N GLY A 103 18.19 -4.23 -52.92
CA GLY A 103 17.10 -3.37 -53.35
C GLY A 103 16.13 -3.12 -52.23
N GLU A 104 14.93 -2.68 -52.62
CA GLU A 104 13.86 -2.40 -51.68
C GLU A 104 12.62 -3.15 -52.13
N VAL A 105 11.96 -3.80 -51.17
CA VAL A 105 10.68 -4.46 -51.42
C VAL A 105 9.58 -3.48 -51.08
N THR A 106 8.68 -3.27 -52.02
CA THR A 106 7.52 -2.39 -51.92
C THR A 106 6.25 -3.19 -52.12
N ALA A 107 5.10 -2.53 -51.93
CA ALA A 107 3.83 -3.18 -52.14
C ALA A 107 3.57 -3.50 -53.60
N GLY A 108 4.32 -2.90 -54.53
CA GLY A 108 4.20 -3.25 -55.94
C GLY A 108 4.84 -4.56 -56.31
N ASP A 109 5.82 -5.01 -55.52
CA ASP A 109 6.46 -6.30 -55.75
C ASP A 109 5.55 -7.49 -55.41
N ILE A 110 4.34 -7.24 -54.91
CA ILE A 110 3.42 -8.33 -54.61
C ILE A 110 2.69 -8.72 -55.88
N VAL A 111 2.45 -10.02 -56.06
CA VAL A 111 1.67 -10.52 -57.18
C VAL A 111 0.28 -10.89 -56.64
N PRO A 112 -0.75 -10.10 -56.94
CA PRO A 112 -2.08 -10.41 -56.42
C PRO A 112 -2.82 -11.37 -57.33
N PRO A 113 -3.48 -12.37 -56.77
CA PRO A 113 -4.30 -13.27 -57.58
C PRO A 113 -5.50 -12.53 -58.16
N ALA A 114 -6.17 -13.20 -59.09
CA ALA A 114 -7.32 -12.61 -59.75
C ALA A 114 -8.42 -12.28 -58.75
N GLY A 115 -8.87 -11.03 -58.77
CA GLY A 115 -9.92 -10.54 -57.90
C GLY A 115 -9.46 -9.50 -56.90
N VAL A 116 -8.22 -9.61 -56.42
CA VAL A 116 -7.70 -8.66 -55.44
C VAL A 116 -6.70 -7.75 -56.12
N THR A 117 -6.54 -6.56 -55.53
CA THR A 117 -5.67 -5.54 -56.10
C THR A 117 -5.11 -4.66 -54.99
N VAL A 118 -3.82 -4.35 -55.14
CA VAL A 118 -3.09 -3.45 -54.24
C VAL A 118 -3.14 -2.04 -54.80
N HIS A 119 -3.50 -1.08 -53.95
CA HIS A 119 -3.78 0.28 -54.40
C HIS A 119 -2.66 1.28 -54.14
N ASN A 120 -1.56 0.87 -53.51
CA ASN A 120 -0.41 1.75 -53.30
C ASN A 120 0.88 0.98 -53.52
N PRO A 121 1.24 0.72 -54.78
CA PRO A 121 2.43 -0.08 -55.06
C PRO A 121 3.75 0.56 -54.61
N GLY A 122 3.73 1.83 -54.19
CA GLY A 122 4.95 2.49 -53.76
C GLY A 122 5.25 2.44 -52.27
N MET A 123 4.48 1.69 -51.50
CA MET A 123 4.70 1.62 -50.06
C MET A 123 5.95 0.83 -49.73
N HIS A 124 6.83 1.42 -48.92
CA HIS A 124 8.01 0.71 -48.47
C HIS A 124 7.64 -0.46 -47.57
N ILE A 125 8.27 -1.61 -47.80
CA ILE A 125 8.06 -2.81 -47.01
C ILE A 125 9.35 -3.26 -46.34
N ALA A 126 10.44 -3.35 -47.11
CA ALA A 126 11.69 -3.85 -46.54
C ALA A 126 12.87 -3.38 -47.38
N THR A 127 14.04 -3.32 -46.74
CA THR A 127 15.30 -3.06 -47.43
C THR A 127 16.16 -4.32 -47.41
N LEU A 128 16.51 -4.84 -48.59
CA LEU A 128 17.31 -6.05 -48.73
C LEU A 128 18.71 -5.73 -49.24
N ASN A 129 19.72 -6.24 -48.53
CA ASN A 129 21.12 -6.11 -48.94
C ASN A 129 21.45 -7.25 -49.90
N ASP A 130 22.75 -7.47 -50.16
CA ASP A 130 23.15 -8.54 -51.08
C ASP A 130 22.66 -9.89 -50.60
N LYS A 131 22.83 -10.18 -49.31
CA LYS A 131 22.46 -11.49 -48.79
C LYS A 131 21.00 -11.59 -48.41
N GLY A 132 20.16 -10.68 -48.88
CA GLY A 132 18.76 -10.65 -48.48
C GLY A 132 17.86 -11.39 -49.45
N LYS A 133 16.88 -12.09 -48.90
CA LYS A 133 15.86 -12.78 -49.69
C LYS A 133 14.58 -12.74 -48.88
N LEU A 134 13.47 -12.37 -49.51
CA LEU A 134 12.20 -12.26 -48.81
C LEU A 134 11.13 -12.99 -49.60
N GLU A 135 10.54 -14.01 -48.98
CA GLU A 135 9.44 -14.77 -49.55
C GLU A 135 8.31 -14.76 -48.53
N VAL A 136 7.16 -14.21 -48.92
CA VAL A 136 6.05 -14.00 -48.00
C VAL A 136 4.74 -14.35 -48.70
N GLU A 137 3.86 -15.04 -47.96
CA GLU A 137 2.50 -15.32 -48.38
C GLU A 137 1.56 -14.48 -47.52
N LEU A 138 0.54 -13.89 -48.14
CA LEU A 138 -0.38 -13.01 -47.44
C LEU A 138 -1.80 -13.49 -47.69
N VAL A 139 -2.54 -13.77 -46.62
CA VAL A 139 -3.92 -14.20 -46.76
C VAL A 139 -4.80 -12.97 -46.62
N VAL A 140 -5.65 -12.75 -47.61
CA VAL A 140 -6.54 -11.59 -47.67
C VAL A 140 -7.96 -12.10 -47.64
N GLU A 141 -8.73 -11.56 -46.70
CA GLU A 141 -10.15 -11.84 -46.55
C GLU A 141 -10.91 -10.51 -46.63
N ARG A 142 -12.23 -10.61 -46.69
CA ARG A 142 -13.06 -9.42 -46.76
C ARG A 142 -13.92 -9.33 -45.50
N GLY A 143 -14.05 -8.12 -44.98
CA GLY A 143 -14.83 -7.88 -43.79
C GLY A 143 -15.12 -6.40 -43.62
N ARG A 144 -15.47 -6.03 -42.39
CA ARG A 144 -15.75 -4.64 -42.08
C ARG A 144 -15.24 -4.32 -40.68
N GLY A 145 -14.84 -3.06 -40.49
CA GLY A 145 -14.38 -2.59 -39.21
C GLY A 145 -12.97 -3.04 -38.87
N TYR A 146 -12.74 -3.37 -37.61
CA TYR A 146 -11.42 -3.80 -37.14
C TYR A 146 -11.58 -5.07 -36.31
N VAL A 147 -10.90 -6.13 -36.71
CA VAL A 147 -10.89 -7.40 -35.98
C VAL A 147 -9.45 -7.70 -35.59
N PRO A 148 -9.19 -8.03 -34.34
CA PRO A 148 -7.81 -8.33 -33.92
C PRO A 148 -7.33 -9.63 -34.57
N ALA A 149 -6.04 -9.88 -34.43
CA ALA A 149 -5.44 -11.06 -35.04
C ALA A 149 -6.01 -12.32 -34.41
N VAL A 150 -6.63 -13.16 -35.25
CA VAL A 150 -7.26 -14.38 -34.77
C VAL A 150 -6.19 -15.30 -34.19
N GLN A 151 -6.49 -15.89 -33.04
CA GLN A 151 -5.53 -16.75 -32.37
C GLN A 151 -5.30 -18.03 -33.17
N ASN A 152 -4.18 -18.69 -32.90
CA ASN A 152 -3.94 -19.98 -33.53
C ASN A 152 -4.65 -21.12 -32.82
N ARG A 153 -5.14 -20.88 -31.59
CA ARG A 153 -5.92 -21.89 -30.91
C ARG A 153 -7.36 -21.92 -31.42
N ALA A 154 -7.90 -20.77 -31.81
CA ALA A 154 -9.26 -20.74 -32.34
C ALA A 154 -9.31 -21.09 -33.81
N SER A 155 -8.29 -20.67 -34.57
CA SER A 155 -8.18 -21.04 -35.97
C SER A 155 -7.52 -22.40 -36.11
N GLY A 156 -7.61 -22.96 -37.31
CA GLY A 156 -6.89 -24.18 -37.63
C GLY A 156 -5.51 -23.94 -38.20
N ALA A 157 -5.01 -22.71 -38.13
CA ALA A 157 -3.68 -22.43 -38.67
C ALA A 157 -2.60 -23.04 -37.79
N GLU A 158 -1.56 -23.55 -38.45
CA GLU A 158 -0.46 -24.22 -37.75
C GLU A 158 0.58 -23.22 -37.24
N ILE A 159 1.79 -23.69 -36.99
CA ILE A 159 2.80 -22.88 -36.31
C ILE A 159 3.38 -21.81 -37.22
N GLY A 160 3.66 -22.16 -38.49
CA GLY A 160 4.31 -21.19 -39.36
C GLY A 160 3.48 -19.99 -39.75
N ARG A 161 2.18 -20.00 -39.45
CA ARG A 161 1.31 -18.88 -39.82
C ARG A 161 1.37 -17.79 -38.78
N ILE A 162 1.42 -16.54 -39.24
CA ILE A 162 1.47 -15.39 -38.34
C ILE A 162 0.22 -14.55 -38.56
N PRO A 163 -0.67 -14.45 -37.57
CA PRO A 163 -1.86 -13.61 -37.73
C PRO A 163 -1.57 -12.13 -37.52
N VAL A 164 -2.32 -11.30 -38.23
CA VAL A 164 -2.18 -9.85 -38.16
C VAL A 164 -3.56 -9.25 -37.89
N ASP A 165 -3.55 -8.05 -37.30
CA ASP A 165 -4.77 -7.29 -37.14
C ASP A 165 -5.30 -6.81 -38.49
N SER A 166 -6.61 -6.86 -38.67
CA SER A 166 -7.24 -6.51 -39.94
C SER A 166 -8.04 -5.21 -39.78
N ILE A 167 -7.59 -4.17 -40.48
CA ILE A 167 -8.29 -2.88 -40.50
C ILE A 167 -9.05 -2.82 -41.83
N TYR A 168 -10.27 -3.36 -41.82
CA TYR A 168 -11.05 -3.48 -43.05
C TYR A 168 -11.58 -2.15 -43.56
N SER A 169 -11.81 -1.16 -42.68
CA SER A 169 -12.54 0.03 -43.09
C SER A 169 -11.81 0.78 -44.20
N PRO A 170 -12.47 1.05 -45.33
CA PRO A 170 -11.83 1.78 -46.43
C PRO A 170 -11.90 3.30 -46.34
N VAL A 171 -12.73 3.87 -45.47
CA VAL A 171 -12.82 5.33 -45.36
C VAL A 171 -11.75 5.81 -44.40
N LEU A 172 -11.24 7.01 -44.68
CA LEU A 172 -10.12 7.58 -43.94
C LEU A 172 -10.53 8.69 -42.99
N LYS A 173 -11.30 9.67 -43.47
CA LYS A 173 -11.64 10.82 -42.61
C LYS A 173 -12.98 11.41 -43.04
N VAL A 174 -13.89 11.57 -42.09
CA VAL A 174 -15.24 12.07 -42.37
C VAL A 174 -15.53 13.21 -41.41
N THR A 175 -16.00 14.33 -41.97
CA THR A 175 -16.43 15.49 -41.18
C THR A 175 -17.68 16.08 -41.80
N TYR A 176 -18.26 17.07 -41.12
CA TYR A 176 -19.43 17.74 -41.67
C TYR A 176 -19.54 19.14 -41.09
N LYS A 177 -20.26 20.00 -41.81
CA LYS A 177 -20.61 21.31 -41.32
C LYS A 177 -21.99 21.68 -41.86
N VAL A 178 -22.73 22.46 -41.10
CA VAL A 178 -24.08 22.86 -41.48
C VAL A 178 -24.15 24.38 -41.54
N ASP A 179 -24.91 24.88 -42.50
CA ASP A 179 -25.19 26.30 -42.61
C ASP A 179 -26.67 26.49 -42.33
N ALA A 180 -26.96 27.21 -41.25
CA ALA A 180 -28.31 27.45 -40.79
C ALA A 180 -28.76 28.84 -41.23
N THR A 181 -30.04 28.97 -41.56
CA THR A 181 -30.57 30.25 -41.97
C THR A 181 -31.51 30.67 -40.84
N ARG A 182 -30.98 31.54 -39.98
CA ARG A 182 -31.69 32.03 -38.81
C ARG A 182 -32.28 33.42 -39.04
N VAL A 183 -32.53 33.79 -40.29
CA VAL A 183 -33.14 35.07 -40.59
C VAL A 183 -34.60 35.01 -40.18
N GLU A 184 -34.96 35.76 -39.14
CA GLU A 184 -36.30 35.71 -38.56
C GLU A 184 -37.41 35.95 -39.58
N GLN A 185 -37.64 34.98 -40.46
CA GLN A 185 -38.69 35.08 -41.45
C GLN A 185 -39.49 33.77 -41.44
N ARG A 186 -40.32 33.55 -42.45
CA ARG A 186 -41.11 32.33 -42.53
C ARG A 186 -40.31 31.13 -43.00
N THR A 187 -39.14 31.35 -43.62
CA THR A 187 -38.36 30.28 -44.23
C THR A 187 -37.02 30.06 -43.51
N ASP A 188 -36.99 29.12 -42.57
CA ASP A 188 -35.76 28.69 -41.92
C ASP A 188 -35.40 27.27 -42.40
N PHE A 189 -34.11 27.04 -42.66
CA PHE A 189 -33.70 25.73 -43.15
C PHE A 189 -32.19 25.56 -42.95
N ASP A 190 -31.78 24.31 -42.80
CA ASP A 190 -30.38 23.93 -42.62
C ASP A 190 -29.87 23.28 -43.90
N LYS A 191 -28.60 23.55 -44.22
CA LYS A 191 -27.93 22.92 -45.35
C LYS A 191 -26.73 22.13 -44.82
N LEU A 192 -26.73 20.82 -45.04
CA LEU A 192 -25.67 19.96 -44.55
C LEU A 192 -24.61 19.74 -45.61
N ILE A 193 -23.34 19.83 -45.22
CA ILE A 193 -22.19 19.60 -46.08
C ILE A 193 -21.39 18.48 -45.42
N LEU A 194 -21.38 17.31 -46.03
CA LEU A 194 -20.63 16.16 -45.56
C LEU A 194 -19.34 16.04 -46.36
N ASP A 195 -18.24 15.73 -45.67
CA ASP A 195 -16.92 15.60 -46.29
C ASP A 195 -16.40 14.19 -46.02
N VAL A 196 -16.17 13.44 -47.09
CA VAL A 196 -15.77 12.04 -47.01
C VAL A 196 -14.46 11.87 -47.76
N GLU A 197 -13.44 11.36 -47.06
CA GLU A 197 -12.14 11.02 -47.62
C GLU A 197 -11.87 9.53 -47.42
N THR A 198 -11.56 8.83 -48.50
CA THR A 198 -11.33 7.39 -48.47
C THR A 198 -9.87 7.08 -48.81
N LYS A 199 -9.52 5.80 -48.70
CA LYS A 199 -8.15 5.31 -48.92
C LYS A 199 -7.94 4.66 -50.29
N ASN A 200 -8.48 5.25 -51.36
CA ASN A 200 -8.32 4.75 -52.72
C ASN A 200 -8.80 3.32 -52.92
N SER A 201 -9.35 2.69 -51.88
CA SER A 201 -9.96 1.38 -52.06
C SER A 201 -11.30 1.50 -52.77
N ILE A 202 -12.09 2.51 -52.40
CA ILE A 202 -13.37 2.83 -53.02
C ILE A 202 -13.49 4.34 -53.12
N SER A 203 -14.38 4.80 -53.98
CA SER A 203 -14.61 6.23 -54.12
C SER A 203 -15.51 6.71 -53.00
N PRO A 204 -15.46 8.01 -52.66
CA PRO A 204 -16.28 8.50 -51.55
C PRO A 204 -17.78 8.29 -51.76
N ARG A 205 -18.25 8.41 -52.99
CA ARG A 205 -19.67 8.21 -53.25
C ARG A 205 -20.07 6.77 -52.98
N ASP A 206 -19.22 5.80 -53.30
CA ASP A 206 -19.56 4.40 -53.04
C ASP A 206 -19.65 4.14 -51.53
N ALA A 207 -18.75 4.74 -50.75
CA ALA A 207 -18.83 4.61 -49.29
C ALA A 207 -20.11 5.23 -48.76
N LEU A 208 -20.45 6.42 -49.25
CA LEU A 208 -21.68 7.07 -48.81
C LEU A 208 -22.90 6.24 -49.22
N ALA A 209 -22.85 5.59 -50.39
CA ALA A 209 -23.94 4.74 -50.83
C ALA A 209 -24.08 3.52 -49.93
N SER A 210 -22.97 2.94 -49.50
CA SER A 210 -23.03 1.81 -48.59
C SER A 210 -23.63 2.23 -47.25
N ALA A 211 -23.22 3.39 -46.74
CA ALA A 211 -23.81 3.90 -45.51
C ALA A 211 -25.28 4.21 -45.69
N GLY A 212 -25.67 4.70 -46.86
CA GLY A 212 -27.07 4.98 -47.12
C GLY A 212 -27.92 3.74 -47.14
N LYS A 213 -27.43 2.67 -47.78
CA LYS A 213 -28.16 1.42 -47.75
C LYS A 213 -28.25 0.88 -46.33
N THR A 214 -27.16 0.99 -45.57
CA THR A 214 -27.16 0.52 -44.20
C THR A 214 -28.20 1.24 -43.37
N LEU A 215 -28.29 2.56 -43.52
CA LEU A 215 -29.22 3.32 -42.71
C LEU A 215 -30.66 3.18 -43.20
N VAL A 216 -30.88 3.03 -44.51
CA VAL A 216 -32.22 2.74 -45.00
C VAL A 216 -32.73 1.43 -44.43
N GLU A 217 -31.89 0.39 -44.50
CA GLU A 217 -32.27 -0.90 -43.95
C GLU A 217 -32.53 -0.82 -42.45
N LEU A 218 -31.68 -0.07 -41.73
CA LEU A 218 -31.80 0.01 -40.28
C LEU A 218 -33.05 0.77 -39.87
N PHE A 219 -33.27 1.96 -40.44
CA PHE A 219 -34.42 2.79 -40.11
C PHE A 219 -35.73 2.22 -40.63
N GLY A 220 -35.71 1.26 -41.56
CA GLY A 220 -36.94 0.60 -41.94
C GLY A 220 -37.59 -0.18 -40.80
N LEU A 221 -36.83 -0.48 -39.74
CA LEU A 221 -37.38 -1.16 -38.58
C LEU A 221 -38.47 -0.35 -37.87
N ALA A 222 -38.38 0.99 -37.92
CA ALA A 222 -39.40 1.80 -37.28
C ALA A 222 -40.68 1.89 -38.12
N ARG A 223 -40.56 1.75 -39.43
CA ARG A 223 -41.74 1.85 -40.29
C ARG A 223 -42.70 0.67 -40.11
N GLU A 224 -42.20 -0.51 -39.79
CA GLU A 224 -43.08 -1.65 -39.59
C GLU A 224 -43.89 -1.49 -38.31
N LEU A 225 -45.19 -1.77 -38.40
CA LEU A 225 -46.08 -1.60 -37.26
C LEU A 225 -45.90 -2.75 -36.27
N ASN A 226 -46.82 -2.85 -35.31
CA ASN A 226 -46.72 -3.84 -34.25
C ASN A 226 -47.93 -4.77 -34.23
N MET B 1 -20.79 -6.99 -46.55
CA MET B 1 -19.95 -7.21 -45.37
C MET B 1 -20.28 -8.54 -44.71
N LEU B 2 -20.78 -8.48 -43.48
CA LEU B 2 -21.24 -9.65 -42.76
C LEU B 2 -22.66 -9.39 -42.29
N ILE B 3 -23.39 -10.46 -42.00
CA ILE B 3 -24.80 -10.31 -41.67
C ILE B 3 -24.93 -9.96 -40.19
N SER B 4 -25.95 -9.17 -39.87
CA SER B 4 -26.28 -8.80 -38.50
C SER B 4 -27.79 -8.89 -38.43
N GLN B 5 -28.28 -9.94 -37.77
CA GLN B 5 -29.70 -10.25 -37.77
C GLN B 5 -30.30 -10.20 -36.37
N ARG B 6 -31.63 -10.11 -36.37
CA ARG B 6 -32.56 -10.11 -35.25
C ARG B 6 -32.73 -8.78 -34.52
N PRO B 7 -32.70 -7.61 -35.18
CA PRO B 7 -33.06 -6.40 -34.45
C PRO B 7 -34.58 -6.27 -34.48
N THR B 8 -35.16 -6.04 -33.30
CA THR B 8 -36.60 -6.02 -33.14
C THR B 8 -37.04 -4.73 -32.48
N LEU B 9 -38.26 -4.32 -32.79
CA LEU B 9 -38.88 -3.11 -32.26
C LEU B 9 -40.09 -3.53 -31.45
N SER B 10 -40.08 -3.21 -30.15
CA SER B 10 -41.19 -3.54 -29.28
C SER B 10 -41.71 -2.28 -28.62
N GLU B 11 -43.01 -2.26 -28.35
CA GLU B 11 -43.69 -1.08 -27.83
C GLU B 11 -44.31 -1.37 -26.48
N ASP B 12 -44.18 -0.43 -25.55
CA ASP B 12 -44.86 -0.44 -24.27
C ASP B 12 -45.65 0.85 -24.17
N VAL B 13 -46.95 0.73 -23.89
CA VAL B 13 -47.85 1.87 -23.90
C VAL B 13 -47.98 2.37 -22.47
N LEU B 14 -47.61 3.63 -22.23
CA LEU B 14 -47.77 4.21 -20.90
C LEU B 14 -49.15 4.84 -20.78
N THR B 15 -49.45 5.79 -21.65
CA THR B 15 -50.78 6.38 -21.76
C THR B 15 -51.24 6.24 -23.21
N ASP B 16 -52.43 6.77 -23.49
CA ASP B 16 -52.98 6.65 -24.83
C ASP B 16 -52.20 7.46 -25.85
N ASN B 17 -51.41 8.43 -25.41
CA ASN B 17 -50.59 9.25 -26.30
C ASN B 17 -49.16 9.36 -25.78
N ARG B 18 -48.66 8.28 -25.18
CA ARG B 18 -47.26 8.24 -24.75
C ARG B 18 -46.81 6.78 -24.72
N SER B 19 -45.71 6.50 -25.41
CA SER B 19 -45.21 5.14 -25.52
C SER B 19 -43.68 5.11 -25.48
N GLN B 20 -43.17 3.99 -24.99
CA GLN B 20 -41.74 3.69 -25.01
C GLN B 20 -41.50 2.61 -26.05
N PHE B 21 -40.48 2.80 -26.86
CA PHE B 21 -40.11 1.85 -27.91
C PHE B 21 -38.69 1.36 -27.67
N VAL B 22 -38.49 0.05 -27.78
CA VAL B 22 -37.18 -0.56 -27.60
C VAL B 22 -36.76 -1.19 -28.92
N ILE B 23 -35.56 -0.83 -29.36
CA ILE B 23 -34.94 -1.40 -30.54
C ILE B 23 -33.76 -2.21 -30.03
N GLU B 24 -33.83 -3.53 -30.24
CA GLU B 24 -32.88 -4.42 -29.60
C GLU B 24 -32.75 -5.73 -30.35
N PRO B 25 -31.53 -6.28 -30.51
CA PRO B 25 -30.28 -5.62 -30.14
C PRO B 25 -29.62 -4.98 -31.36
N LEU B 26 -28.86 -3.89 -31.17
CA LEU B 26 -28.21 -3.22 -32.27
C LEU B 26 -26.70 -3.40 -32.15
N GLU B 27 -26.03 -3.43 -33.31
CA GLU B 27 -24.59 -3.58 -33.33
C GLU B 27 -23.91 -2.42 -32.61
N PRO B 28 -22.79 -2.68 -31.92
CA PRO B 28 -22.05 -1.59 -31.27
C PRO B 28 -21.38 -0.70 -32.31
N GLY B 29 -21.66 0.60 -32.24
CA GLY B 29 -22.68 1.13 -31.36
C GLY B 29 -23.67 1.94 -32.18
N PHE B 30 -24.62 1.24 -32.81
CA PHE B 30 -25.56 1.89 -33.71
C PHE B 30 -26.68 2.60 -32.98
N GLY B 31 -26.94 2.23 -31.72
CA GLY B 31 -28.00 2.88 -30.99
C GLY B 31 -27.74 4.37 -30.83
N TYR B 32 -26.50 4.73 -30.54
CA TYR B 32 -26.16 6.15 -30.45
C TYR B 32 -26.28 6.83 -31.81
N THR B 33 -25.94 6.12 -32.89
CA THR B 33 -25.99 6.75 -34.21
C THR B 33 -27.42 7.10 -34.59
N LEU B 34 -28.35 6.15 -34.40
CA LEU B 34 -29.72 6.36 -34.82
C LEU B 34 -30.64 7.02 -33.79
N GLY B 35 -30.33 6.95 -32.49
CA GLY B 35 -31.24 7.50 -31.50
C GLY B 35 -31.47 9.00 -31.63
N ASN B 36 -30.38 9.77 -31.78
CA ASN B 36 -30.55 11.22 -31.91
C ASN B 36 -31.28 11.56 -33.20
N SER B 37 -30.99 10.81 -34.28
CA SER B 37 -31.66 11.05 -35.55
C SER B 37 -33.16 10.75 -35.43
N LEU B 38 -33.52 9.67 -34.73
CA LEU B 38 -34.92 9.35 -34.55
C LEU B 38 -35.63 10.40 -33.69
N ARG B 39 -34.95 10.88 -32.64
CA ARG B 39 -35.57 11.90 -31.79
C ARG B 39 -35.80 13.19 -32.58
N ARG B 40 -34.78 13.64 -33.31
CA ARG B 40 -34.91 14.88 -34.07
C ARG B 40 -35.93 14.73 -35.20
N THR B 41 -36.02 13.54 -35.81
CA THR B 41 -36.99 13.32 -36.86
C THR B 41 -38.41 13.35 -36.32
N LEU B 42 -38.60 12.81 -35.11
CA LEU B 42 -39.92 12.91 -34.49
C LEU B 42 -40.25 14.36 -34.15
N LEU B 43 -39.32 15.06 -33.51
CA LEU B 43 -39.56 16.40 -33.02
C LEU B 43 -39.59 17.48 -34.10
N SER B 44 -39.13 17.19 -35.32
CA SER B 44 -38.95 18.26 -36.30
C SER B 44 -39.51 17.97 -37.69
N SER B 45 -39.86 16.73 -38.02
CA SER B 45 -40.21 16.40 -39.40
C SER B 45 -41.50 15.57 -39.45
N ILE B 46 -42.52 16.01 -38.72
CA ILE B 46 -43.86 15.44 -38.82
C ILE B 46 -44.83 16.58 -39.10
N PRO B 47 -45.60 16.54 -40.19
CA PRO B 47 -46.50 17.65 -40.50
C PRO B 47 -47.65 17.74 -39.51
N GLY B 48 -47.96 18.97 -39.10
CA GLY B 48 -49.05 19.22 -38.18
C GLY B 48 -49.61 20.61 -38.39
N ALA B 49 -50.67 20.92 -37.64
CA ALA B 49 -51.31 22.23 -37.72
C ALA B 49 -51.30 22.89 -36.35
N ALA B 50 -51.16 24.22 -36.36
CA ALA B 50 -51.13 24.97 -35.11
C ALA B 50 -51.54 26.42 -35.36
N VAL B 51 -51.79 27.12 -34.27
CA VAL B 51 -52.18 28.52 -34.32
C VAL B 51 -50.94 29.38 -34.53
N THR B 52 -51.00 30.23 -35.55
CA THR B 52 -49.93 31.15 -35.92
C THR B 52 -50.06 32.50 -35.21
N SER B 53 -51.22 33.13 -35.31
CA SER B 53 -51.46 34.42 -34.67
C SER B 53 -52.91 34.50 -34.23
N ILE B 54 -53.17 35.37 -33.25
CA ILE B 54 -54.52 35.61 -32.78
C ILE B 54 -54.79 37.12 -32.79
N ARG B 55 -56.05 37.46 -32.55
CA ARG B 55 -56.48 38.87 -32.48
C ARG B 55 -57.72 38.94 -31.60
N ILE B 56 -57.60 39.62 -30.47
CA ILE B 56 -58.68 39.71 -29.49
C ILE B 56 -59.36 41.07 -29.61
N ASP B 57 -60.69 41.06 -29.62
CA ASP B 57 -61.45 42.30 -29.74
C ASP B 57 -61.32 43.09 -28.44
N GLY B 58 -61.06 44.39 -28.57
CA GLY B 58 -60.84 45.23 -27.41
C GLY B 58 -59.39 45.39 -27.00
N VAL B 59 -58.47 44.69 -27.66
CA VAL B 59 -57.05 44.76 -27.33
C VAL B 59 -56.34 45.33 -28.55
N LEU B 60 -55.93 46.58 -28.46
CA LEU B 60 -55.25 47.27 -29.56
C LEU B 60 -53.84 47.72 -29.25
N HIS B 61 -53.60 48.25 -28.06
CA HIS B 61 -52.26 48.70 -27.70
C HIS B 61 -51.83 48.33 -26.30
N GLU B 62 -52.73 47.81 -25.45
CA GLU B 62 -52.35 47.53 -24.07
C GLU B 62 -51.60 46.22 -23.95
N PHE B 63 -52.14 45.15 -24.55
CA PHE B 63 -51.65 43.78 -24.38
C PHE B 63 -51.29 43.50 -22.92
N THR B 64 -52.20 43.86 -22.02
CA THR B 64 -51.96 43.65 -20.59
C THR B 64 -53.14 42.95 -19.93
N THR B 65 -54.33 43.51 -20.05
CA THR B 65 -55.53 42.90 -19.50
C THR B 65 -56.62 42.92 -20.56
N VAL B 66 -57.53 41.96 -20.50
CA VAL B 66 -58.71 41.92 -21.35
C VAL B 66 -59.93 42.19 -20.47
N PRO B 67 -60.75 43.18 -20.79
CA PRO B 67 -61.92 43.46 -19.95
C PRO B 67 -62.98 42.38 -20.07
N GLY B 68 -63.52 41.96 -18.93
CA GLY B 68 -64.60 40.99 -18.87
C GLY B 68 -64.18 39.55 -18.63
N VAL B 69 -62.89 39.25 -18.74
CA VAL B 69 -62.38 37.91 -18.46
C VAL B 69 -61.38 38.00 -17.32
N LYS B 70 -61.30 36.91 -16.54
CA LYS B 70 -60.38 36.90 -15.41
C LYS B 70 -58.94 36.76 -15.87
N GLU B 71 -58.70 36.05 -16.98
CA GLU B 71 -57.35 35.84 -17.46
C GLU B 71 -56.87 37.05 -18.25
N ASP B 72 -55.58 37.37 -18.10
CA ASP B 72 -54.93 38.40 -18.88
C ASP B 72 -54.59 37.86 -20.28
N VAL B 73 -53.91 38.70 -21.07
CA VAL B 73 -53.66 38.35 -22.47
C VAL B 73 -52.72 37.16 -22.60
N THR B 74 -51.65 37.15 -21.80
CA THR B 74 -50.64 36.09 -21.92
C THR B 74 -51.21 34.74 -21.53
N GLU B 75 -52.08 34.69 -20.52
CA GLU B 75 -52.66 33.40 -20.12
C GLU B 75 -53.60 32.88 -21.20
N ILE B 76 -54.33 33.78 -21.87
CA ILE B 76 -55.15 33.38 -23.00
C ILE B 76 -54.29 32.82 -24.11
N ILE B 77 -53.15 33.47 -24.37
CA ILE B 77 -52.25 32.98 -25.41
C ILE B 77 -51.67 31.62 -25.03
N LEU B 78 -51.37 31.42 -23.75
CA LEU B 78 -50.82 30.15 -23.31
C LEU B 78 -51.81 29.01 -23.49
N ASN B 79 -53.05 29.18 -23.02
CA ASN B 79 -54.01 28.09 -23.20
C ASN B 79 -54.46 27.93 -24.65
N LEU B 80 -54.38 28.99 -25.46
CA LEU B 80 -54.68 28.82 -26.88
C LEU B 80 -53.54 28.17 -27.63
N LYS B 81 -52.31 28.30 -27.13
CA LYS B 81 -51.17 27.63 -27.76
C LYS B 81 -51.24 26.12 -27.58
N SER B 82 -51.87 25.66 -26.50
CA SER B 82 -52.02 24.24 -26.24
C SER B 82 -53.19 23.61 -26.99
N LEU B 83 -53.95 24.42 -27.73
CA LEU B 83 -55.08 23.89 -28.48
C LEU B 83 -54.54 22.98 -29.58
N VAL B 84 -55.07 21.76 -29.62
CA VAL B 84 -54.69 20.78 -30.64
C VAL B 84 -55.68 20.84 -31.78
N VAL B 85 -55.17 20.89 -33.00
CA VAL B 85 -56.00 21.08 -34.19
C VAL B 85 -55.31 20.40 -35.37
N SER B 86 -56.13 19.93 -36.31
CA SER B 86 -55.63 19.34 -37.53
C SER B 86 -56.36 19.96 -38.71
N SER B 87 -55.66 20.07 -39.85
CA SER B 87 -56.22 20.71 -41.02
C SER B 87 -55.85 19.93 -42.28
N GLU B 88 -56.78 19.85 -43.21
CA GLU B 88 -56.50 19.22 -44.49
C GLU B 88 -56.07 20.23 -45.55
N GLU B 89 -56.25 21.53 -45.28
CA GLU B 89 -55.89 22.59 -46.20
C GLU B 89 -54.50 23.10 -45.83
N ASP B 90 -53.62 23.22 -46.82
CA ASP B 90 -52.25 23.66 -46.53
C ASP B 90 -52.18 25.17 -46.29
N GLU B 91 -53.07 25.93 -46.93
CA GLU B 91 -53.07 27.37 -46.78
C GLU B 91 -53.62 27.78 -45.41
N PRO B 92 -53.23 28.97 -44.93
CA PRO B 92 -53.75 29.44 -43.63
C PRO B 92 -55.26 29.52 -43.64
N VAL B 93 -55.86 29.25 -42.47
CA VAL B 93 -57.31 29.24 -42.33
C VAL B 93 -57.68 30.00 -41.07
N THR B 94 -58.71 30.83 -41.17
CA THR B 94 -59.10 31.71 -40.08
C THR B 94 -60.36 31.18 -39.42
N MET B 95 -60.29 30.98 -38.10
CA MET B 95 -61.41 30.59 -37.26
C MET B 95 -61.77 31.73 -36.33
N TYR B 96 -63.01 31.71 -35.85
CA TYR B 96 -63.50 32.71 -34.92
C TYR B 96 -64.04 32.02 -33.68
N LEU B 97 -63.96 32.72 -32.54
CA LEU B 97 -64.45 32.21 -31.27
C LEU B 97 -65.11 33.36 -30.55
N ARG B 98 -66.43 33.27 -30.38
CA ARG B 98 -67.21 34.32 -29.76
C ARG B 98 -68.17 33.73 -28.73
N LYS B 99 -68.15 34.28 -27.51
CA LYS B 99 -69.12 33.86 -26.52
C LYS B 99 -69.40 35.02 -25.58
N GLN B 100 -70.69 35.27 -25.32
CA GLN B 100 -71.15 36.35 -24.47
C GLN B 100 -71.84 35.81 -23.22
N GLY B 101 -71.77 36.59 -22.14
CA GLY B 101 -72.43 36.24 -20.90
C GLY B 101 -71.45 35.63 -19.92
N PRO B 102 -71.84 35.50 -18.66
CA PRO B 102 -70.95 34.84 -17.69
C PRO B 102 -70.87 33.36 -17.99
N GLY B 103 -69.78 32.73 -17.53
CA GLY B 103 -69.63 31.33 -17.81
C GLY B 103 -68.20 30.98 -18.14
N GLU B 104 -68.02 29.87 -18.87
CA GLU B 104 -66.70 29.40 -19.25
C GLU B 104 -66.62 29.15 -20.74
N VAL B 105 -65.50 29.59 -21.35
CA VAL B 105 -65.20 29.33 -22.75
C VAL B 105 -64.34 28.08 -22.86
N THR B 106 -64.75 27.17 -23.74
CA THR B 106 -63.99 25.96 -24.00
C THR B 106 -63.58 25.92 -25.46
N ALA B 107 -62.72 24.96 -25.80
CA ALA B 107 -62.33 24.78 -27.20
C ALA B 107 -63.47 24.21 -28.03
N GLY B 108 -64.49 23.65 -27.37
CA GLY B 108 -65.67 23.20 -28.09
C GLY B 108 -66.61 24.33 -28.48
N ASP B 109 -66.55 25.45 -27.77
CA ASP B 109 -67.34 26.64 -28.10
C ASP B 109 -66.84 27.35 -29.35
N ILE B 110 -65.76 26.86 -29.95
CA ILE B 110 -65.24 27.43 -31.19
C ILE B 110 -66.00 26.82 -32.37
N VAL B 111 -66.18 27.63 -33.42
CA VAL B 111 -66.82 27.17 -34.65
C VAL B 111 -65.70 26.88 -35.66
N PRO B 112 -65.42 25.61 -35.96
CA PRO B 112 -64.35 25.28 -36.90
C PRO B 112 -64.87 25.24 -38.32
N PRO B 113 -64.18 25.90 -39.25
CA PRO B 113 -64.55 25.80 -40.67
C PRO B 113 -64.30 24.40 -41.21
N ALA B 114 -64.85 24.16 -42.40
CA ALA B 114 -64.69 22.88 -43.05
C ALA B 114 -63.24 22.62 -43.39
N GLY B 115 -62.74 21.45 -42.98
CA GLY B 115 -61.36 21.05 -43.20
C GLY B 115 -60.53 20.93 -41.94
N VAL B 116 -60.83 21.73 -40.94
CA VAL B 116 -60.08 21.72 -39.69
C VAL B 116 -60.89 20.99 -38.63
N THR B 117 -60.19 20.51 -37.60
CA THR B 117 -60.80 19.72 -36.55
C THR B 117 -60.08 20.00 -35.24
N VAL B 118 -60.86 20.27 -34.20
CA VAL B 118 -60.36 20.48 -32.85
C VAL B 118 -60.45 19.17 -32.10
N HIS B 119 -59.34 18.75 -31.47
CA HIS B 119 -59.26 17.44 -30.86
C HIS B 119 -59.42 17.46 -29.35
N ASN B 120 -59.58 18.64 -28.75
CA ASN B 120 -59.81 18.76 -27.31
C ASN B 120 -60.87 19.81 -27.04
N PRO B 121 -62.14 19.49 -27.34
CA PRO B 121 -63.22 20.47 -27.13
C PRO B 121 -63.45 20.81 -25.67
N GLY B 122 -62.89 20.05 -24.74
CA GLY B 122 -63.06 20.31 -23.33
C GLY B 122 -61.97 21.15 -22.70
N MET B 123 -61.03 21.66 -23.50
CA MET B 123 -59.94 22.46 -22.96
C MET B 123 -60.45 23.82 -22.52
N HIS B 124 -60.16 24.18 -21.27
CA HIS B 124 -60.51 25.49 -20.76
C HIS B 124 -59.70 26.57 -21.48
N ILE B 125 -60.37 27.66 -21.84
CA ILE B 125 -59.73 28.79 -22.52
C ILE B 125 -59.83 30.07 -21.69
N ALA B 126 -61.02 30.38 -21.20
CA ALA B 126 -61.23 31.62 -20.46
C ALA B 126 -62.45 31.50 -19.57
N THR B 127 -62.48 32.34 -18.54
CA THR B 127 -63.65 32.51 -17.68
C THR B 127 -64.28 33.86 -17.98
N LEU B 128 -65.57 33.85 -18.29
CA LEU B 128 -66.30 35.04 -18.66
C LEU B 128 -67.03 35.57 -17.44
N ASN B 129 -66.84 36.86 -17.15
CA ASN B 129 -67.38 37.50 -15.98
C ASN B 129 -68.85 37.86 -16.22
N ASP B 130 -69.45 38.54 -15.24
CA ASP B 130 -70.84 38.94 -15.35
C ASP B 130 -71.00 39.92 -16.51
N LYS B 131 -71.95 39.63 -17.41
CA LYS B 131 -72.19 40.45 -18.60
C LYS B 131 -70.97 40.47 -19.53
N GLY B 132 -70.12 39.44 -19.46
CA GLY B 132 -68.88 39.42 -20.19
C GLY B 132 -69.01 38.85 -21.60
N LYS B 133 -68.19 39.36 -22.50
CA LYS B 133 -68.20 38.97 -23.91
C LYS B 133 -66.77 38.87 -24.43
N LEU B 134 -66.47 37.79 -25.15
CA LEU B 134 -65.14 37.54 -25.68
C LEU B 134 -65.24 37.17 -27.15
N GLU B 135 -64.55 37.95 -28.00
CA GLU B 135 -64.45 37.71 -29.43
C GLU B 135 -62.97 37.65 -29.83
N VAL B 136 -62.54 36.52 -30.37
CA VAL B 136 -61.15 36.31 -30.73
C VAL B 136 -61.06 35.59 -32.08
N GLU B 137 -60.11 36.00 -32.90
CA GLU B 137 -59.83 35.36 -34.18
C GLU B 137 -58.53 34.57 -34.10
N LEU B 138 -58.54 33.38 -34.70
CA LEU B 138 -57.41 32.45 -34.62
C LEU B 138 -56.99 32.03 -36.02
N VAL B 139 -55.71 32.21 -36.33
CA VAL B 139 -55.14 31.78 -37.60
C VAL B 139 -54.48 30.42 -37.40
N VAL B 140 -54.85 29.44 -38.22
CA VAL B 140 -54.31 28.09 -38.13
C VAL B 140 -53.57 27.78 -39.42
N GLU B 141 -52.30 27.38 -39.29
CA GLU B 141 -51.49 26.99 -40.44
C GLU B 141 -50.91 25.59 -40.23
N ARG B 142 -50.27 25.10 -41.28
CA ARG B 142 -49.61 23.81 -41.31
C ARG B 142 -48.10 23.98 -41.41
N GLY B 143 -47.37 23.17 -40.65
CA GLY B 143 -45.93 23.23 -40.67
C GLY B 143 -45.32 22.02 -40.01
N ARG B 144 -44.06 22.15 -39.63
CA ARG B 144 -43.31 21.11 -38.95
C ARG B 144 -42.41 21.75 -37.92
N GLY B 145 -42.21 21.02 -36.80
CA GLY B 145 -41.31 21.47 -35.76
C GLY B 145 -41.88 22.56 -34.88
N TYR B 146 -41.01 23.48 -34.46
CA TYR B 146 -41.39 24.59 -33.60
C TYR B 146 -40.79 25.87 -34.18
N VAL B 147 -41.63 26.85 -34.44
CA VAL B 147 -41.22 28.14 -34.98
C VAL B 147 -41.62 29.22 -33.98
N PRO B 148 -40.71 30.13 -33.61
CA PRO B 148 -41.05 31.16 -32.61
C PRO B 148 -42.07 32.15 -33.15
N ALA B 149 -42.61 32.93 -32.21
CA ALA B 149 -43.63 33.91 -32.55
C ALA B 149 -43.07 35.07 -33.36
N VAL B 150 -41.79 35.39 -33.17
CA VAL B 150 -41.23 36.58 -33.81
C VAL B 150 -41.27 36.45 -35.33
N GLN B 151 -41.04 35.23 -35.85
CA GLN B 151 -41.06 35.04 -37.29
C GLN B 151 -42.48 35.16 -37.86
N ASN B 152 -43.50 35.01 -37.02
CA ASN B 152 -44.91 35.19 -37.36
C ASN B 152 -45.35 36.64 -37.31
N ARG B 153 -44.42 37.59 -37.22
CA ARG B 153 -44.78 39.01 -37.16
C ARG B 153 -45.42 39.49 -38.46
N ALA B 154 -45.11 38.86 -39.59
CA ALA B 154 -45.66 39.27 -40.87
C ALA B 154 -47.10 38.81 -41.07
N SER B 155 -47.50 37.71 -40.43
CA SER B 155 -48.85 37.18 -40.59
C SER B 155 -49.90 37.94 -39.79
N GLY B 156 -49.48 38.85 -38.89
CA GLY B 156 -50.42 39.67 -38.17
C GLY B 156 -50.69 41.00 -38.87
N ALA B 157 -51.97 41.30 -39.08
CA ALA B 157 -52.37 42.57 -39.67
C ALA B 157 -52.15 43.70 -38.68
N GLU B 158 -51.86 44.89 -39.21
CA GLU B 158 -51.55 46.02 -38.34
C GLU B 158 -52.81 46.56 -37.70
N ILE B 159 -53.38 45.79 -36.77
CA ILE B 159 -54.67 46.10 -36.16
C ILE B 159 -54.97 45.12 -35.02
N GLY B 160 -54.19 45.20 -33.94
CA GLY B 160 -54.43 44.35 -32.80
C GLY B 160 -53.95 42.92 -32.90
N ARG B 161 -53.42 42.49 -34.05
CA ARG B 161 -53.04 41.09 -34.20
C ARG B 161 -51.71 40.82 -33.51
N ILE B 162 -51.66 39.72 -32.76
CA ILE B 162 -50.48 39.32 -32.00
C ILE B 162 -50.05 37.93 -32.47
N PRO B 163 -48.82 37.78 -32.95
CA PRO B 163 -48.34 36.45 -33.33
C PRO B 163 -47.96 35.63 -32.10
N VAL B 164 -48.12 34.32 -32.23
CA VAL B 164 -47.88 33.39 -31.14
C VAL B 164 -46.90 32.32 -31.62
N ASP B 165 -46.25 31.67 -30.64
CA ASP B 165 -45.40 30.54 -30.97
C ASP B 165 -46.26 29.42 -31.54
N SER B 166 -45.74 28.75 -32.57
CA SER B 166 -46.48 27.73 -33.29
C SER B 166 -45.87 26.37 -32.98
N ILE B 167 -46.65 25.50 -32.35
CA ILE B 167 -46.21 24.14 -32.08
C ILE B 167 -46.80 23.24 -33.17
N TYR B 168 -46.12 23.19 -34.31
CA TYR B 168 -46.64 22.44 -35.45
C TYR B 168 -46.48 20.95 -35.23
N SER B 169 -45.43 20.55 -34.52
CA SER B 169 -45.09 19.14 -34.37
C SER B 169 -46.17 18.44 -33.55
N PRO B 170 -46.65 17.28 -33.99
CA PRO B 170 -47.69 16.59 -33.19
C PRO B 170 -47.13 15.89 -31.97
N VAL B 171 -45.82 15.66 -31.91
CA VAL B 171 -45.19 15.08 -30.73
C VAL B 171 -44.75 16.23 -29.82
N LEU B 172 -44.79 15.97 -28.51
CA LEU B 172 -44.49 16.99 -27.52
C LEU B 172 -43.11 16.82 -26.88
N LYS B 173 -42.75 15.61 -26.47
CA LYS B 173 -41.50 15.41 -25.75
C LYS B 173 -40.96 14.02 -26.08
N VAL B 174 -39.72 13.97 -26.56
CA VAL B 174 -39.07 12.72 -26.92
C VAL B 174 -37.69 12.70 -26.29
N THR B 175 -37.35 11.57 -25.66
CA THR B 175 -36.03 11.35 -25.08
C THR B 175 -35.57 9.96 -25.49
N TYR B 176 -34.29 9.69 -25.24
CA TYR B 176 -33.75 8.37 -25.59
C TYR B 176 -32.54 8.06 -24.72
N LYS B 177 -32.29 6.76 -24.57
CA LYS B 177 -31.10 6.28 -23.88
C LYS B 177 -30.67 4.96 -24.49
N VAL B 178 -29.39 4.64 -24.35
CA VAL B 178 -28.83 3.41 -24.89
C VAL B 178 -28.29 2.59 -23.73
N ASP B 179 -28.62 1.29 -23.71
CA ASP B 179 -28.14 0.33 -22.72
C ASP B 179 -27.40 -0.81 -23.43
N ALA B 180 -26.84 -1.72 -22.63
CA ALA B 180 -26.09 -2.86 -23.17
C ALA B 180 -26.94 -4.13 -23.11
N THR B 181 -26.92 -4.88 -24.21
CA THR B 181 -27.64 -6.15 -24.33
C THR B 181 -26.72 -7.19 -24.95
N ARG B 182 -26.51 -8.31 -24.26
CA ARG B 182 -25.63 -9.37 -24.78
C ARG B 182 -26.47 -10.37 -25.55
N VAL B 183 -26.18 -10.52 -26.85
CA VAL B 183 -26.89 -11.50 -27.67
C VAL B 183 -26.36 -12.91 -27.41
N GLU B 184 -25.05 -13.10 -27.55
CA GLU B 184 -24.44 -14.42 -27.41
C GLU B 184 -23.47 -14.47 -26.24
N GLN B 185 -22.31 -13.87 -26.41
CA GLN B 185 -21.26 -13.83 -25.39
C GLN B 185 -20.77 -12.42 -25.12
N ARG B 186 -20.58 -11.61 -26.16
CA ARG B 186 -20.14 -10.25 -25.96
C ARG B 186 -21.30 -9.38 -25.50
N THR B 187 -21.00 -8.45 -24.59
CA THR B 187 -22.00 -7.56 -24.02
C THR B 187 -21.75 -6.13 -24.48
N ASP B 188 -21.49 -5.98 -25.78
CA ASP B 188 -21.26 -4.68 -26.39
C ASP B 188 -22.42 -4.19 -27.24
N PHE B 189 -23.33 -5.09 -27.64
CA PHE B 189 -24.46 -4.70 -28.46
C PHE B 189 -25.31 -3.68 -27.72
N ASP B 190 -25.98 -2.83 -28.49
CA ASP B 190 -26.74 -1.71 -27.93
C ASP B 190 -28.24 -1.97 -28.00
N LYS B 191 -28.94 -1.51 -26.97
CA LYS B 191 -30.40 -1.52 -26.89
C LYS B 191 -30.86 -0.08 -26.77
N LEU B 192 -31.64 0.39 -27.74
CA LEU B 192 -32.11 1.77 -27.75
C LEU B 192 -33.50 1.84 -27.12
N ILE B 193 -33.69 2.82 -26.24
CA ILE B 193 -34.96 3.06 -25.57
C ILE B 193 -35.39 4.49 -25.90
N LEU B 194 -36.45 4.60 -26.71
CA LEU B 194 -37.06 5.88 -27.06
C LEU B 194 -38.33 6.08 -26.22
N ASP B 195 -38.51 7.29 -25.71
CA ASP B 195 -39.72 7.63 -24.96
C ASP B 195 -40.36 8.82 -25.66
N VAL B 196 -41.58 8.62 -26.18
CA VAL B 196 -42.25 9.64 -26.98
C VAL B 196 -43.60 9.94 -26.35
N GLU B 197 -43.84 11.22 -26.06
CA GLU B 197 -45.13 11.72 -25.61
C GLU B 197 -45.61 12.69 -26.68
N THR B 198 -46.76 12.39 -27.25
CA THR B 198 -47.36 13.14 -28.36
C THR B 198 -48.73 13.68 -27.94
N LYS B 199 -49.38 14.34 -28.88
CA LYS B 199 -50.71 14.88 -28.66
C LYS B 199 -51.75 13.89 -29.19
N ASN B 200 -53.01 14.17 -28.88
CA ASN B 200 -54.06 13.29 -29.36
C ASN B 200 -54.31 13.41 -30.87
N SER B 201 -53.50 14.14 -31.63
CA SER B 201 -53.68 14.19 -33.07
C SER B 201 -53.30 12.86 -33.72
N ILE B 202 -52.19 12.26 -33.28
CA ILE B 202 -51.77 10.94 -33.75
C ILE B 202 -51.18 10.18 -32.57
N SER B 203 -51.17 8.86 -32.70
CA SER B 203 -50.58 7.98 -31.71
C SER B 203 -49.08 7.90 -31.89
N PRO B 204 -48.34 7.51 -30.83
CA PRO B 204 -46.89 7.40 -30.98
C PRO B 204 -46.45 6.43 -32.07
N ARG B 205 -47.24 5.38 -32.32
CA ARG B 205 -46.87 4.40 -33.33
C ARG B 205 -46.79 5.04 -34.71
N ASP B 206 -47.80 5.86 -35.04
CA ASP B 206 -47.81 6.54 -36.33
C ASP B 206 -46.74 7.60 -36.43
N ALA B 207 -46.44 8.29 -35.33
CA ALA B 207 -45.36 9.27 -35.34
C ALA B 207 -44.03 8.58 -35.63
N LEU B 208 -43.76 7.46 -34.97
CA LEU B 208 -42.53 6.72 -35.22
C LEU B 208 -42.48 6.20 -36.64
N ALA B 209 -43.63 5.75 -37.17
CA ALA B 209 -43.66 5.27 -38.55
C ALA B 209 -43.39 6.40 -39.54
N SER B 210 -43.93 7.59 -39.28
CA SER B 210 -43.68 8.73 -40.15
C SER B 210 -42.22 9.13 -40.13
N ALA B 211 -41.62 9.14 -38.93
CA ALA B 211 -40.20 9.46 -38.84
C ALA B 211 -39.37 8.41 -39.58
N GLY B 212 -39.80 7.14 -39.50
CA GLY B 212 -39.10 6.09 -40.21
C GLY B 212 -39.17 6.24 -41.71
N LYS B 213 -40.36 6.57 -42.23
CA LYS B 213 -40.50 6.77 -43.67
C LYS B 213 -39.65 7.94 -44.15
N THR B 214 -39.70 9.05 -43.42
CA THR B 214 -38.91 10.22 -43.81
C THR B 214 -37.42 9.91 -43.78
N LEU B 215 -36.97 9.16 -42.77
CA LEU B 215 -35.54 8.87 -42.66
C LEU B 215 -35.10 7.86 -43.70
N VAL B 216 -35.95 6.90 -44.04
CA VAL B 216 -35.64 5.98 -45.13
C VAL B 216 -35.47 6.74 -46.43
N GLU B 217 -36.37 7.68 -46.73
CA GLU B 217 -36.21 8.49 -47.94
C GLU B 217 -34.93 9.31 -47.89
N LEU B 218 -34.63 9.87 -46.72
CA LEU B 218 -33.49 10.76 -46.58
C LEU B 218 -32.18 10.02 -46.85
N PHE B 219 -31.99 8.87 -46.19
CA PHE B 219 -30.79 8.09 -46.46
C PHE B 219 -30.86 7.35 -47.79
N GLY B 220 -32.06 7.16 -48.36
CA GLY B 220 -32.14 6.65 -49.71
C GLY B 220 -31.58 7.62 -50.73
N LEU B 221 -31.55 8.91 -50.38
CA LEU B 221 -30.88 9.84 -51.28
C LEU B 221 -29.40 9.48 -51.43
N ALA B 222 -28.77 8.99 -50.35
CA ALA B 222 -27.40 8.52 -50.44
C ALA B 222 -27.31 7.10 -50.99
N ARG B 223 -28.33 6.28 -50.75
CA ARG B 223 -28.32 4.91 -51.24
C ARG B 223 -28.42 4.85 -52.76
N GLU B 224 -29.12 5.82 -53.36
CA GLU B 224 -29.29 5.86 -54.82
C GLU B 224 -28.01 6.18 -55.57
N LEU B 225 -26.87 6.33 -54.89
CA LEU B 225 -25.64 6.68 -55.58
C LEU B 225 -25.06 5.50 -56.34
N ASN B 226 -24.72 4.42 -55.63
CA ASN B 226 -24.08 3.25 -56.24
C ASN B 226 -24.86 1.96 -56.06
N VAL B 227 -25.61 1.79 -54.97
CA VAL B 227 -26.24 0.53 -54.61
C VAL B 227 -25.16 -0.55 -54.49
N GLU B 228 -24.37 -0.48 -53.42
CA GLU B 228 -23.33 -1.46 -53.16
C GLU B 228 -23.86 -2.47 -52.14
N ALA B 229 -22.95 -3.11 -51.41
CA ALA B 229 -23.30 -4.20 -50.50
C ALA B 229 -23.15 -3.77 -49.05
N GLU B 230 -23.88 -4.48 -48.19
CA GLU B 230 -23.79 -4.31 -46.74
C GLU B 230 -24.66 -5.38 -46.09
N GLY B 231 -24.12 -6.05 -45.08
CA GLY B 231 -24.84 -7.15 -44.46
C GLY B 231 -26.08 -6.67 -43.73
N ILE B 232 -27.11 -7.51 -43.78
CA ILE B 232 -28.37 -7.20 -43.13
C ILE B 232 -28.47 -7.92 -41.80
N SER C 28 19.49 25.96 -31.48
CA SER C 28 19.53 24.51 -31.48
C SER C 28 19.96 23.98 -30.11
N ASN C 29 19.59 22.74 -29.81
CA ASN C 29 19.89 22.10 -28.54
C ASN C 29 20.73 20.86 -28.78
N ASN C 30 21.87 20.78 -28.09
CA ASN C 30 22.76 19.62 -28.09
C ASN C 30 23.25 19.32 -29.51
N SER C 31 24.06 20.23 -30.02
CA SER C 31 24.67 20.09 -31.33
C SER C 31 26.12 19.65 -31.19
N VAL C 32 26.29 18.42 -30.72
CA VAL C 32 27.62 17.86 -30.53
C VAL C 32 27.73 16.41 -31.05
N PRO C 33 26.70 15.53 -30.96
CA PRO C 33 26.91 14.16 -31.47
C PRO C 33 26.43 13.97 -32.90
N GLY C 34 25.44 14.75 -33.32
CA GLY C 34 24.80 14.56 -34.61
C GLY C 34 23.34 14.19 -34.44
N ALA C 35 22.71 14.74 -33.41
CA ALA C 35 21.34 14.41 -33.05
C ALA C 35 20.36 15.20 -33.94
N PRO C 36 19.08 14.84 -33.91
CA PRO C 36 18.08 15.67 -34.59
C PRO C 36 18.06 17.08 -34.02
N ASN C 37 17.73 18.05 -34.89
CA ASN C 37 17.79 19.46 -34.54
C ASN C 37 16.56 19.82 -33.72
N ARG C 38 16.69 19.73 -32.40
CA ARG C 38 15.66 20.20 -31.49
C ARG C 38 15.96 21.64 -31.09
N VAL C 39 15.02 22.54 -31.34
CA VAL C 39 15.24 23.96 -31.15
C VAL C 39 14.82 24.35 -29.74
N SER C 40 15.69 25.04 -29.02
CA SER C 40 15.49 25.32 -27.60
C SER C 40 15.03 26.75 -27.40
N PHE C 41 14.14 26.94 -26.40
CA PHE C 41 13.74 28.26 -25.93
C PHE C 41 14.75 28.84 -24.94
N ALA C 42 16.04 28.69 -25.21
CA ALA C 42 17.07 29.01 -24.23
C ALA C 42 17.44 30.49 -24.30
N LYS C 43 17.40 31.14 -23.14
CA LYS C 43 17.91 32.50 -23.00
C LYS C 43 19.28 32.54 -22.33
N LEU C 44 19.63 31.51 -21.56
CA LEU C 44 20.92 31.42 -20.88
C LEU C 44 21.80 30.43 -21.61
N ARG C 45 23.06 30.80 -21.83
CA ARG C 45 24.02 29.91 -22.47
C ARG C 45 24.49 28.84 -21.49
N GLU C 46 24.92 27.70 -22.04
CA GLU C 46 25.43 26.61 -21.23
C GLU C 46 26.95 26.69 -21.19
N PRO C 47 27.55 27.11 -20.07
CA PRO C 47 29.02 27.23 -20.05
C PRO C 47 29.73 25.89 -19.98
N LEU C 48 29.16 24.92 -19.28
CA LEU C 48 29.77 23.61 -19.12
C LEU C 48 28.77 22.54 -19.54
N GLU C 49 29.21 21.64 -20.43
CA GLU C 49 28.35 20.59 -20.91
C GLU C 49 28.23 19.47 -19.89
N VAL C 50 27.15 18.70 -20.02
CA VAL C 50 26.85 17.63 -19.04
C VAL C 50 28.01 16.64 -18.99
N PRO C 51 28.48 16.25 -17.80
CA PRO C 51 29.56 15.25 -17.73
C PRO C 51 29.08 13.86 -18.08
N GLY C 52 29.94 12.87 -17.89
CA GLY C 52 29.54 11.49 -18.09
C GLY C 52 28.58 11.03 -17.01
N LEU C 53 27.33 10.76 -17.40
CA LEU C 53 26.32 10.36 -16.42
C LEU C 53 26.62 9.01 -15.79
N LEU C 54 27.56 8.26 -16.34
CA LEU C 54 27.93 6.95 -15.81
C LEU C 54 29.26 6.99 -15.07
N ASP C 55 29.79 8.19 -14.79
CA ASP C 55 31.12 8.30 -14.20
C ASP C 55 31.15 7.81 -12.77
N VAL C 56 30.03 7.90 -12.05
CA VAL C 56 30.02 7.47 -10.65
C VAL C 56 30.34 5.99 -10.53
N GLN C 57 29.78 5.17 -11.43
CA GLN C 57 30.07 3.74 -11.41
C GLN C 57 31.39 3.42 -12.10
N THR C 58 31.79 4.23 -13.08
CA THR C 58 32.96 3.91 -13.89
C THR C 58 34.26 4.26 -13.19
N ASP C 59 34.40 5.52 -12.76
CA ASP C 59 35.67 5.99 -12.21
C ASP C 59 36.03 5.23 -10.93
N SER C 60 35.03 4.91 -10.10
CA SER C 60 35.28 4.18 -8.87
C SER C 60 35.91 2.83 -9.16
N PHE C 61 35.33 2.07 -10.09
CA PHE C 61 35.87 0.76 -10.43
C PHE C 61 37.22 0.87 -11.14
N GLU C 62 37.41 1.92 -11.94
CA GLU C 62 38.72 2.11 -12.59
C GLU C 62 39.80 2.39 -11.55
N TRP C 63 39.47 3.14 -10.50
CA TRP C 63 40.43 3.35 -9.43
C TRP C 63 40.66 2.05 -8.65
N LEU C 64 39.61 1.25 -8.47
CA LEU C 64 39.74 0.02 -7.70
C LEU C 64 40.75 -0.94 -8.34
N ILE C 65 40.65 -1.13 -9.66
CA ILE C 65 41.51 -2.08 -10.36
C ILE C 65 42.71 -1.41 -11.01
N GLY C 66 42.89 -0.11 -10.81
CA GLY C 66 44.05 0.59 -11.34
C GLY C 66 44.17 0.56 -12.85
N SER C 67 43.09 0.90 -13.55
CA SER C 67 43.13 0.88 -15.01
C SER C 67 44.00 2.02 -15.53
N PRO C 68 44.54 1.88 -16.75
CA PRO C 68 45.37 2.95 -17.31
C PRO C 68 44.63 4.27 -17.44
N ARG C 69 43.32 4.23 -17.67
CA ARG C 69 42.55 5.48 -17.75
C ARG C 69 42.57 6.22 -16.42
N TRP C 70 42.32 5.50 -15.32
CA TRP C 70 42.37 6.14 -14.00
C TRP C 70 43.78 6.65 -13.70
N ARG C 71 44.80 5.88 -14.10
CA ARG C 71 46.17 6.29 -13.81
C ARG C 71 46.53 7.56 -14.56
N GLU C 72 46.13 7.68 -15.83
CA GLU C 72 46.41 8.91 -16.57
C GLU C 72 45.58 10.07 -16.03
N SER C 73 44.34 9.82 -15.63
CA SER C 73 43.51 10.86 -15.04
C SER C 73 44.14 11.41 -13.76
N ALA C 74 44.65 10.52 -12.91
CA ALA C 74 45.35 10.97 -11.71
C ALA C 74 46.69 11.60 -12.04
N ALA C 75 47.32 11.18 -13.15
CA ALA C 75 48.58 11.79 -13.56
C ALA C 75 48.40 13.25 -13.92
N GLU C 76 47.41 13.55 -14.77
CA GLU C 76 47.15 14.96 -15.07
C GLU C 76 46.51 15.69 -13.90
N ARG C 77 45.99 14.95 -12.91
CA ARG C 77 45.40 15.56 -11.72
C ARG C 77 46.47 16.14 -10.78
N GLY C 78 47.75 15.90 -11.05
CA GLY C 78 48.82 16.36 -10.19
C GLY C 78 49.33 15.32 -9.23
N ASP C 79 48.71 14.14 -9.18
CA ASP C 79 49.13 13.11 -8.24
C ASP C 79 50.55 12.64 -8.54
N VAL C 80 51.27 12.31 -7.48
CA VAL C 80 52.62 11.79 -7.56
C VAL C 80 52.62 10.38 -6.97
N ASN C 81 52.92 9.39 -7.81
CA ASN C 81 52.87 7.98 -7.43
C ASN C 81 51.49 7.60 -6.91
N PRO C 82 50.48 7.51 -7.78
CA PRO C 82 49.15 7.11 -7.31
C PRO C 82 49.06 5.60 -7.12
N VAL C 83 48.07 5.21 -6.31
CA VAL C 83 47.87 3.82 -5.93
C VAL C 83 46.40 3.47 -6.05
N GLY C 84 46.09 2.41 -6.77
CA GLY C 84 44.73 1.92 -6.89
C GLY C 84 44.27 1.24 -5.62
N GLY C 85 42.99 0.81 -5.65
CA GLY C 85 42.42 0.19 -4.48
C GLY C 85 43.07 -1.13 -4.13
N LEU C 86 43.27 -1.99 -5.14
CA LEU C 86 43.91 -3.28 -4.90
C LEU C 86 45.35 -3.10 -4.43
N GLU C 87 46.10 -2.22 -5.09
CA GLU C 87 47.47 -1.94 -4.65
C GLU C 87 47.48 -1.37 -3.23
N GLU C 88 46.48 -0.55 -2.90
CA GLU C 88 46.40 -0.01 -1.55
C GLU C 88 46.16 -1.09 -0.52
N VAL C 89 45.28 -2.04 -0.81
CA VAL C 89 45.04 -3.16 0.10
C VAL C 89 46.31 -3.98 0.25
N LEU C 90 46.99 -4.28 -0.86
CA LEU C 90 48.20 -5.08 -0.79
C LEU C 90 49.32 -4.37 -0.03
N TYR C 91 49.38 -3.05 -0.12
CA TYR C 91 50.41 -2.31 0.62
C TYR C 91 50.08 -2.21 2.11
N GLU C 92 48.79 -2.05 2.44
CA GLU C 92 48.40 -2.04 3.84
C GLU C 92 48.59 -3.41 4.48
N LEU C 93 48.44 -4.48 3.70
CA LEU C 93 48.58 -5.83 4.24
C LEU C 93 50.05 -6.20 4.42
N SER C 94 50.89 -5.91 3.43
CA SER C 94 52.29 -6.30 3.50
C SER C 94 53.02 -5.47 4.55
N PRO C 95 53.94 -6.09 5.32
CA PRO C 95 54.23 -7.52 5.28
C PRO C 95 53.52 -8.31 6.38
N ILE C 96 53.57 -9.64 6.29
CA ILE C 96 53.01 -10.53 7.30
C ILE C 96 54.16 -11.19 8.03
N GLU C 97 54.27 -10.94 9.33
CA GLU C 97 55.35 -11.45 10.15
C GLU C 97 54.80 -12.10 11.42
N ASP C 98 55.54 -13.07 11.93
CA ASP C 98 55.18 -13.74 13.17
C ASP C 98 55.69 -12.93 14.35
N PHE C 99 55.70 -13.53 15.54
CA PHE C 99 56.14 -12.80 16.74
C PHE C 99 57.64 -12.54 16.73
N SER C 100 58.42 -13.47 16.18
CA SER C 100 59.88 -13.35 16.16
C SER C 100 60.38 -12.48 15.02
N GLY C 101 59.77 -12.56 13.85
CA GLY C 101 60.27 -11.88 12.67
C GLY C 101 61.15 -12.72 11.78
N SER C 102 61.22 -14.03 12.01
CA SER C 102 62.04 -14.91 11.18
C SER C 102 61.39 -15.21 9.84
N MET C 103 60.08 -15.03 9.72
CA MET C 103 59.35 -15.31 8.50
C MET C 103 58.58 -14.07 8.06
N SER C 104 58.51 -13.85 6.75
CA SER C 104 57.80 -12.69 6.22
C SER C 104 57.17 -13.07 4.89
N LEU C 105 56.01 -12.50 4.60
CA LEU C 105 55.33 -12.67 3.33
C LEU C 105 54.92 -11.32 2.79
N SER C 106 55.13 -11.10 1.49
CA SER C 106 54.81 -9.81 0.90
C SER C 106 54.16 -10.00 -0.47
N PHE C 107 53.26 -9.07 -0.80
CA PHE C 107 52.52 -9.07 -2.04
C PHE C 107 52.79 -7.77 -2.81
N SER C 108 52.74 -7.86 -4.14
CA SER C 108 52.90 -6.69 -4.99
C SER C 108 52.36 -7.00 -6.37
N ASP C 109 52.36 -5.97 -7.23
CA ASP C 109 52.02 -6.04 -8.65
C ASP C 109 50.73 -6.83 -8.91
N PRO C 110 49.56 -6.23 -8.67
CA PRO C 110 48.30 -6.92 -9.03
C PRO C 110 47.96 -6.67 -10.49
N ARG C 111 47.64 -7.75 -11.20
CA ARG C 111 47.33 -7.68 -12.63
C ARG C 111 46.20 -8.63 -12.96
N PHE C 112 45.56 -8.37 -14.10
CA PHE C 112 44.42 -9.15 -14.56
C PHE C 112 44.70 -9.78 -15.92
N ASP C 113 44.33 -11.04 -16.07
CA ASP C 113 44.30 -11.68 -17.38
C ASP C 113 42.98 -11.32 -18.07
N ASP C 114 42.82 -11.79 -19.30
CA ASP C 114 41.60 -11.49 -20.05
C ASP C 114 40.38 -12.08 -19.36
N VAL C 115 39.21 -11.55 -19.71
CA VAL C 115 37.97 -11.98 -19.08
C VAL C 115 37.67 -13.43 -19.44
N LYS C 116 37.08 -14.16 -18.49
CA LYS C 116 36.85 -15.59 -18.67
C LYS C 116 35.84 -15.83 -19.80
N ALA C 117 34.71 -15.14 -19.77
CA ALA C 117 33.66 -15.32 -20.75
C ALA C 117 33.04 -13.97 -21.08
N PRO C 118 32.55 -13.79 -22.30
CA PRO C 118 31.91 -12.52 -22.66
C PRO C 118 30.65 -12.25 -21.86
N VAL C 119 30.11 -11.06 -22.05
CA VAL C 119 28.96 -10.59 -21.28
C VAL C 119 27.71 -11.43 -21.56
N ASP C 120 27.37 -11.60 -22.85
CA ASP C 120 26.16 -12.32 -23.19
C ASP C 120 26.27 -13.81 -22.87
N GLU C 121 27.48 -14.37 -22.97
CA GLU C 121 27.66 -15.77 -22.58
C GLU C 121 27.41 -15.95 -21.08
N CYS C 122 27.84 -14.99 -20.27
CA CYS C 122 27.55 -15.05 -18.83
C CYS C 122 26.06 -14.90 -18.58
N LYS C 123 25.38 -14.03 -19.33
CA LYS C 123 23.93 -13.92 -19.17
C LYS C 123 23.23 -15.21 -19.57
N ASP C 124 23.75 -15.92 -20.58
CA ASP C 124 23.07 -17.11 -21.08
C ASP C 124 23.32 -18.31 -20.18
N LYS C 125 24.55 -18.55 -19.77
CA LYS C 125 24.92 -19.73 -19.00
C LYS C 125 24.87 -19.50 -17.50
N ASP C 126 24.36 -18.34 -17.05
CA ASP C 126 24.14 -18.07 -15.64
C ASP C 126 25.43 -18.16 -14.83
N MET C 127 26.49 -17.58 -15.36
CA MET C 127 27.77 -17.48 -14.67
C MET C 127 28.08 -16.01 -14.37
N THR C 128 29.26 -15.79 -13.78
CA THR C 128 29.66 -14.47 -13.31
C THR C 128 30.73 -13.89 -14.22
N TYR C 129 30.53 -12.66 -14.67
CA TYR C 129 31.51 -11.94 -15.47
C TYR C 129 32.71 -11.58 -14.61
N ALA C 130 33.85 -12.22 -14.87
CA ALA C 130 35.01 -12.04 -14.00
C ALA C 130 36.30 -12.26 -14.80
N ALA C 131 37.38 -11.73 -14.26
CA ALA C 131 38.72 -11.92 -14.80
C ALA C 131 39.65 -12.45 -13.72
N PRO C 132 40.56 -13.37 -14.04
CA PRO C 132 41.46 -13.90 -13.02
C PRO C 132 42.46 -12.84 -12.57
N LEU C 133 42.70 -12.78 -11.27
CA LEU C 133 43.58 -11.79 -10.66
C LEU C 133 44.89 -12.43 -10.26
N PHE C 134 46.00 -11.87 -10.74
CA PHE C 134 47.34 -12.35 -10.44
C PHE C 134 48.10 -11.34 -9.60
N VAL C 135 48.85 -11.83 -8.61
CA VAL C 135 49.74 -11.01 -7.80
C VAL C 135 51.09 -11.70 -7.73
N THR C 136 52.08 -10.96 -7.22
CA THR C 136 53.44 -11.48 -7.04
C THR C 136 53.71 -11.50 -5.54
N ALA C 137 53.82 -12.71 -4.98
CA ALA C 137 54.06 -12.89 -3.56
C ALA C 137 55.44 -13.51 -3.35
N GLU C 138 56.07 -13.13 -2.24
CA GLU C 138 57.39 -13.67 -1.94
C GLU C 138 57.55 -13.86 -0.44
N PHE C 139 58.36 -14.86 -0.09
CA PHE C 139 58.65 -15.23 1.30
C PHE C 139 60.07 -14.79 1.64
N ILE C 140 60.18 -13.93 2.64
CA ILE C 140 61.46 -13.41 3.11
C ILE C 140 61.81 -14.11 4.41
N ASN C 141 62.95 -14.81 4.42
CA ASN C 141 63.39 -15.55 5.60
C ASN C 141 64.63 -14.84 6.15
N ASN C 142 64.50 -14.30 7.36
CA ASN C 142 65.62 -13.57 7.97
C ASN C 142 66.65 -14.50 8.55
N ASN C 143 66.26 -15.70 8.97
CA ASN C 143 67.16 -16.64 9.61
C ASN C 143 67.92 -17.52 8.62
N THR C 144 67.57 -17.48 7.34
CA THR C 144 68.29 -18.24 6.31
C THR C 144 68.84 -17.37 5.19
N GLY C 145 68.33 -16.16 5.00
CA GLY C 145 68.86 -15.25 4.00
C GLY C 145 68.64 -15.68 2.57
N GLU C 146 67.40 -16.07 2.24
CA GLU C 146 67.06 -16.45 0.87
C GLU C 146 65.56 -16.26 0.69
N ILE C 147 65.18 -15.84 -0.52
CA ILE C 147 63.80 -15.46 -0.82
C ILE C 147 63.35 -16.21 -2.07
N LYS C 148 62.12 -16.71 -2.04
CA LYS C 148 61.48 -17.36 -3.19
C LYS C 148 60.28 -16.53 -3.61
N SER C 149 60.35 -15.94 -4.79
CA SER C 149 59.28 -15.09 -5.32
C SER C 149 58.63 -15.76 -6.52
N GLN C 150 57.31 -15.63 -6.63
CA GLN C 150 56.58 -16.25 -7.73
C GLN C 150 55.25 -15.51 -7.89
N THR C 151 54.48 -15.95 -8.88
CA THR C 151 53.16 -15.39 -9.15
C THR C 151 52.09 -16.30 -8.56
N VAL C 152 51.18 -15.71 -7.79
CA VAL C 152 50.13 -16.45 -7.11
C VAL C 152 48.78 -15.95 -7.61
N PHE C 153 47.94 -16.87 -8.07
CA PHE C 153 46.59 -16.54 -8.50
C PHE C 153 45.69 -16.34 -7.29
N MET C 154 45.02 -15.19 -7.24
CA MET C 154 44.20 -14.85 -6.08
C MET C 154 42.76 -15.32 -6.24
N GLY C 155 42.13 -15.01 -7.36
CA GLY C 155 40.76 -15.44 -7.56
C GLY C 155 40.17 -14.82 -8.81
N ASP C 156 38.98 -15.31 -9.16
CA ASP C 156 38.20 -14.73 -10.24
C ASP C 156 37.52 -13.47 -9.72
N PHE C 157 38.01 -12.32 -10.17
CA PHE C 157 37.54 -11.03 -9.69
C PHE C 157 36.40 -10.55 -10.55
N PRO C 158 35.21 -10.28 -9.99
CA PRO C 158 34.09 -9.80 -10.81
C PRO C 158 34.40 -8.47 -11.47
N MET C 159 34.14 -8.39 -12.77
CA MET C 159 34.44 -7.22 -13.57
C MET C 159 33.17 -6.44 -13.89
N MET C 160 33.31 -5.11 -13.98
CA MET C 160 32.20 -4.24 -14.31
C MET C 160 32.10 -4.06 -15.82
N THR C 161 30.88 -4.14 -16.33
CA THR C 161 30.65 -3.97 -17.76
C THR C 161 30.81 -2.51 -18.16
N GLU C 162 30.81 -2.27 -19.47
CA GLU C 162 30.92 -0.90 -19.98
C GLU C 162 29.72 -0.06 -19.59
N LYS C 163 28.57 -0.70 -19.37
CA LYS C 163 27.36 -0.01 -18.94
C LYS C 163 27.34 0.25 -17.44
N GLY C 164 28.43 -0.01 -16.74
CA GLY C 164 28.48 0.24 -15.30
C GLY C 164 27.78 -0.79 -14.45
N THR C 165 27.58 -2.00 -14.96
CA THR C 165 26.90 -3.05 -14.22
C THR C 165 27.82 -4.25 -14.06
N PHE C 166 27.51 -5.07 -13.06
CA PHE C 166 28.15 -6.36 -12.89
C PHE C 166 27.16 -7.45 -13.31
N ILE C 167 27.67 -8.66 -13.54
CA ILE C 167 26.83 -9.80 -13.87
C ILE C 167 27.14 -10.91 -12.89
N ILE C 168 26.20 -11.16 -11.98
CA ILE C 168 26.32 -12.23 -11.00
C ILE C 168 25.35 -13.32 -11.38
N ASN C 169 25.87 -14.53 -11.62
CA ASN C 169 25.08 -15.70 -11.98
C ASN C 169 24.08 -15.39 -13.09
N GLY C 170 24.54 -14.65 -14.10
CA GLY C 170 23.72 -14.36 -15.24
C GLY C 170 22.68 -13.27 -15.06
N THR C 171 22.80 -12.46 -14.00
CA THR C 171 21.88 -11.35 -13.77
C THR C 171 22.67 -10.06 -13.66
N GLU C 172 22.22 -9.03 -14.36
CA GLU C 172 22.85 -7.71 -14.27
C GLU C 172 22.45 -7.03 -12.97
N ARG C 173 23.46 -6.62 -12.20
CA ARG C 173 23.28 -5.97 -10.92
C ARG C 173 24.04 -4.65 -10.91
N VAL C 174 23.58 -3.74 -10.06
CA VAL C 174 24.17 -2.42 -9.93
C VAL C 174 24.60 -2.23 -8.48
N VAL C 175 25.89 -1.96 -8.28
CA VAL C 175 26.38 -1.58 -6.97
C VAL C 175 26.10 -0.10 -6.77
N VAL C 176 25.30 0.22 -5.77
CA VAL C 176 24.77 1.57 -5.58
C VAL C 176 25.60 2.30 -4.53
N SER C 177 25.93 3.56 -4.82
CA SER C 177 26.71 4.37 -3.91
C SER C 177 25.96 4.58 -2.61
N GLN C 178 26.68 4.51 -1.50
CA GLN C 178 26.08 4.55 -0.17
C GLN C 178 26.45 5.85 0.53
N LEU C 179 25.44 6.50 1.13
CA LEU C 179 25.63 7.67 1.97
C LEU C 179 25.89 7.20 3.40
N VAL C 180 27.10 7.40 3.90
CA VAL C 180 27.48 7.02 5.24
C VAL C 180 27.91 8.27 6.01
N ARG C 181 28.13 8.08 7.31
CA ARG C 181 28.63 9.15 8.16
C ARG C 181 30.14 9.21 8.01
N SER C 182 30.67 10.37 7.60
CA SER C 182 32.09 10.47 7.31
C SER C 182 32.90 10.27 8.59
N PRO C 183 34.09 9.64 8.50
CA PRO C 183 34.92 9.50 9.69
C PRO C 183 35.39 10.85 10.20
N GLY C 184 35.55 10.94 11.51
CA GLY C 184 36.03 12.14 12.13
C GLY C 184 35.43 12.33 13.51
N VAL C 185 35.63 13.52 14.06
CA VAL C 185 35.15 13.88 15.39
C VAL C 185 33.96 14.82 15.24
N TYR C 186 32.86 14.49 15.91
CA TYR C 186 31.60 15.21 15.78
C TYR C 186 31.08 15.58 17.17
N PHE C 187 30.46 16.75 17.26
CA PHE C 187 29.96 17.29 18.52
C PHE C 187 28.46 17.52 18.42
N ASP C 188 27.75 17.25 19.52
CA ASP C 188 26.30 17.36 19.55
C ASP C 188 25.86 18.12 20.79
N GLU C 189 24.90 19.02 20.60
CA GLU C 189 24.30 19.80 21.68
C GLU C 189 22.90 19.24 21.93
N THR C 190 22.79 18.40 22.95
CA THR C 190 21.51 17.80 23.32
C THR C 190 20.90 18.54 24.49
N ILE C 191 19.61 18.25 24.74
CA ILE C 191 18.88 18.85 25.84
C ILE C 191 18.41 17.73 26.77
N ASP C 192 18.76 17.84 28.05
CA ASP C 192 18.42 16.80 29.00
C ASP C 192 16.92 16.75 29.26
N LYS C 193 16.43 15.58 29.67
CA LYS C 193 15.00 15.37 29.84
C LYS C 193 14.52 15.86 31.21
N SER C 194 15.22 15.49 32.28
CA SER C 194 14.74 15.75 33.63
C SER C 194 15.19 17.11 34.17
N THR C 195 16.46 17.48 33.96
CA THR C 195 16.98 18.71 34.51
C THR C 195 16.86 19.91 33.57
N ASP C 196 16.56 19.68 32.30
CA ASP C 196 16.33 20.76 31.33
C ASP C 196 17.55 21.65 31.18
N LYS C 197 18.74 21.05 31.21
CA LYS C 197 19.98 21.76 30.98
C LYS C 197 20.63 21.29 29.68
N THR C 198 21.40 22.18 29.07
CA THR C 198 22.01 21.91 27.77
C THR C 198 23.25 21.04 27.98
N LEU C 199 23.21 19.81 27.47
CA LEU C 199 24.33 18.88 27.55
C LEU C 199 25.04 18.80 26.21
N HIS C 200 26.28 18.32 26.24
CA HIS C 200 27.09 18.21 25.04
C HIS C 200 27.78 16.85 25.02
N SER C 201 27.92 16.31 23.80
CA SER C 201 28.52 14.99 23.62
C SER C 201 29.45 15.01 22.41
N VAL C 202 30.41 14.09 22.42
CA VAL C 202 31.39 13.98 21.35
C VAL C 202 31.44 12.53 20.87
N LYS C 203 31.67 12.34 19.58
CA LYS C 203 31.83 11.02 18.98
C LYS C 203 33.02 11.04 18.04
N VAL C 204 33.92 10.07 18.20
CA VAL C 204 35.09 9.92 17.34
C VAL C 204 34.87 8.65 16.52
N ILE C 205 34.38 8.83 15.29
CA ILE C 205 34.01 7.71 14.43
C ILE C 205 35.18 7.41 13.49
N PRO C 206 35.86 6.29 13.64
CA PRO C 206 36.96 5.95 12.74
C PRO C 206 36.46 5.25 11.48
N SER C 207 37.33 5.21 10.47
CA SER C 207 37.05 4.44 9.26
C SER C 207 37.04 2.94 9.53
N ARG C 208 37.67 2.51 10.63
CA ARG C 208 37.70 1.11 11.04
C ARG C 208 38.25 1.05 12.46
N GLY C 209 37.68 0.15 13.28
CA GLY C 209 38.20 -0.06 14.62
C GLY C 209 37.19 0.21 15.71
N ALA C 210 37.68 0.44 16.93
CA ALA C 210 36.81 0.67 18.07
C ALA C 210 36.35 2.12 18.12
N TRP C 211 35.21 2.33 18.76
CA TRP C 211 34.62 3.67 18.89
C TRP C 211 34.93 4.25 20.27
N LEU C 212 34.89 5.58 20.33
CA LEU C 212 35.26 6.32 21.53
C LEU C 212 34.39 7.57 21.59
N GLU C 213 33.56 7.69 22.63
CA GLU C 213 32.63 8.82 22.72
C GLU C 213 32.73 9.47 24.09
N PHE C 214 33.10 10.74 24.12
CA PHE C 214 33.10 11.52 25.34
C PHE C 214 31.77 12.26 25.49
N ASP C 215 31.42 12.56 26.73
CA ASP C 215 30.16 13.26 26.98
C ASP C 215 30.22 13.98 28.32
N VAL C 216 29.32 14.94 28.48
CA VAL C 216 29.13 15.67 29.72
C VAL C 216 27.69 15.45 30.15
N ASP C 217 27.49 14.68 31.22
CA ASP C 217 26.15 14.37 31.70
C ASP C 217 25.55 15.58 32.39
N LYS C 218 24.41 15.37 33.05
CA LYS C 218 23.69 16.46 33.72
C LYS C 218 24.24 16.78 35.10
N ARG C 219 25.28 16.09 35.54
CA ARG C 219 25.88 16.33 36.85
C ARG C 219 27.19 17.12 36.75
N ASP C 220 27.40 17.81 35.63
CA ASP C 220 28.59 18.64 35.43
C ASP C 220 29.87 17.83 35.58
N THR C 221 29.85 16.58 35.11
CA THR C 221 31.01 15.72 35.09
C THR C 221 31.24 15.21 33.67
N VAL C 222 32.50 14.90 33.36
CA VAL C 222 32.91 14.47 32.03
C VAL C 222 33.24 12.99 32.08
N GLY C 223 32.69 12.23 31.12
CA GLY C 223 32.93 10.81 31.05
C GLY C 223 33.19 10.37 29.61
N VAL C 224 33.58 9.11 29.48
CA VAL C 224 33.95 8.55 28.19
C VAL C 224 33.48 7.10 28.13
N ARG C 225 32.82 6.74 27.03
CA ARG C 225 32.45 5.36 26.73
C ARG C 225 33.40 4.84 25.66
N ILE C 226 34.07 3.72 25.95
CA ILE C 226 35.06 3.13 25.09
C ILE C 226 34.47 1.86 24.50
N ASP C 227 34.08 1.92 23.23
CA ASP C 227 33.55 0.76 22.50
C ASP C 227 32.31 0.21 23.19
N ARG C 228 31.31 1.08 23.36
CA ARG C 228 29.99 0.73 23.89
C ARG C 228 30.04 0.34 25.37
N LYS C 229 31.24 0.09 25.89
CA LYS C 229 31.39 -0.40 27.26
C LYS C 229 30.98 0.67 28.27
N ARG C 230 31.21 0.38 29.54
CA ARG C 230 30.76 1.27 30.61
C ARG C 230 31.42 2.63 30.52
N ARG C 231 30.72 3.64 31.04
CA ARG C 231 31.18 5.03 30.97
C ARG C 231 32.12 5.30 32.13
N GLN C 232 33.41 5.45 31.83
CA GLN C 232 34.40 5.75 32.84
C GLN C 232 34.59 7.25 32.96
N PRO C 233 35.08 7.74 34.11
CA PRO C 233 35.48 9.14 34.19
C PRO C 233 36.61 9.42 33.21
N VAL C 234 36.57 10.63 32.61
CA VAL C 234 37.55 10.98 31.59
C VAL C 234 38.96 10.99 32.17
N THR C 235 39.10 11.31 33.46
CA THR C 235 40.41 11.30 34.09
C THR C 235 40.96 9.90 34.24
N VAL C 236 40.10 8.87 34.26
CA VAL C 236 40.59 7.49 34.23
C VAL C 236 41.37 7.24 32.95
N LEU C 237 40.79 7.63 31.81
CA LEU C 237 41.49 7.48 30.53
C LEU C 237 42.74 8.35 30.49
N LEU C 238 42.68 9.55 31.06
CA LEU C 238 43.87 10.41 31.07
C LEU C 238 44.99 9.79 31.90
N LYS C 239 44.65 9.16 33.03
CA LYS C 239 45.66 8.55 33.88
C LYS C 239 46.20 7.26 33.28
N ALA C 240 45.38 6.52 32.55
CA ALA C 240 45.86 5.29 31.93
C ALA C 240 46.89 5.53 30.84
N LEU C 241 46.89 6.72 30.23
CA LEU C 241 47.81 7.04 29.15
C LEU C 241 49.16 7.54 29.63
N GLY C 242 49.33 7.75 30.93
CA GLY C 242 50.59 8.23 31.47
C GLY C 242 50.62 9.69 31.85
N TRP C 243 49.47 10.34 32.00
CA TRP C 243 49.41 11.74 32.39
C TRP C 243 49.26 11.85 33.91
N THR C 244 50.13 12.65 34.53
CA THR C 244 50.07 12.85 35.97
C THR C 244 48.84 13.67 36.35
N SER C 245 48.45 13.54 37.62
CA SER C 245 47.28 14.26 38.11
C SER C 245 47.52 15.77 38.17
N GLU C 246 48.78 16.21 38.16
CA GLU C 246 49.07 17.64 38.19
C GLU C 246 48.93 18.27 36.81
N GLN C 247 49.43 17.58 35.77
CA GLN C 247 49.31 18.10 34.41
C GLN C 247 47.85 18.17 33.97
N ILE C 248 47.00 17.30 34.52
CA ILE C 248 45.57 17.35 34.20
C ILE C 248 44.96 18.65 34.72
N VAL C 249 45.28 19.01 35.97
CA VAL C 249 44.82 20.29 36.51
C VAL C 249 45.43 21.44 35.73
N GLU C 250 46.68 21.27 35.25
CA GLU C 250 47.31 22.32 34.46
C GLU C 250 46.57 22.55 33.15
N ARG C 251 46.09 21.48 32.52
CA ARG C 251 45.46 21.62 31.21
C ARG C 251 43.99 22.03 31.30
N PHE C 252 43.25 21.45 32.24
CA PHE C 252 41.80 21.67 32.33
C PHE C 252 41.42 22.51 33.55
N GLY C 253 42.26 23.48 33.91
CA GLY C 253 42.00 24.27 35.11
C GLY C 253 41.02 25.41 34.92
N PHE C 254 40.84 25.88 33.69
CA PHE C 254 39.98 27.03 33.44
C PHE C 254 38.49 26.70 33.58
N SER C 255 38.14 25.44 33.77
CA SER C 255 36.75 25.02 33.92
C SER C 255 36.57 24.31 35.25
N GLU C 256 35.45 24.58 35.92
CA GLU C 256 35.17 23.95 37.20
C GLU C 256 34.62 22.53 37.04
N ILE C 257 34.01 22.22 35.89
CA ILE C 257 33.48 20.87 35.69
C ILE C 257 34.61 19.85 35.65
N MET C 258 35.76 20.21 35.08
CA MET C 258 36.88 19.27 35.04
C MET C 258 37.53 19.11 36.41
N ARG C 259 37.55 20.20 37.20
CA ARG C 259 37.99 20.08 38.59
C ARG C 259 37.08 19.13 39.36
N SER C 260 35.77 19.27 39.20
CA SER C 260 34.84 18.35 39.83
C SER C 260 35.02 16.93 39.30
N THR C 261 35.38 16.78 38.02
CA THR C 261 35.63 15.46 37.47
C THR C 261 36.82 14.79 38.14
N LEU C 262 37.94 15.50 38.22
CA LEU C 262 39.13 14.93 38.85
C LEU C 262 38.94 14.73 40.35
N GLU C 263 38.09 15.54 40.99
CA GLU C 263 37.85 15.36 42.41
C GLU C 263 36.95 14.15 42.67
N LYS C 264 35.86 14.03 41.93
CA LYS C 264 34.93 12.92 42.08
C LYS C 264 35.50 11.60 41.56
N ASP C 265 36.72 11.60 41.03
CA ASP C 265 37.31 10.37 40.50
C ASP C 265 37.50 9.35 41.62
N ASN C 266 37.40 8.07 41.24
CA ASN C 266 37.48 6.98 42.21
C ASN C 266 38.93 6.54 42.45
N THR C 267 39.60 6.09 41.39
CA THR C 267 40.95 5.56 41.50
C THR C 267 41.97 6.53 40.90
N VAL C 268 43.18 6.51 41.45
CA VAL C 268 44.28 7.34 40.97
C VAL C 268 45.51 6.46 40.77
N GLY C 269 46.30 6.78 39.76
CA GLY C 269 47.48 6.01 39.45
C GLY C 269 47.58 5.61 38.00
N THR C 270 48.78 5.67 37.43
CA THR C 270 48.96 5.32 36.02
C THR C 270 48.73 3.83 35.80
N ASP C 271 49.23 3.00 36.71
CA ASP C 271 49.07 1.55 36.62
C ASP C 271 47.77 1.07 37.26
N GLU C 272 46.90 1.99 37.71
CA GLU C 272 45.63 1.64 38.33
C GLU C 272 44.45 1.85 37.40
N ALA C 273 44.33 3.05 36.82
CA ALA C 273 43.27 3.32 35.86
C ALA C 273 43.45 2.47 34.60
N LEU C 274 44.68 2.08 34.28
CA LEU C 274 44.92 1.19 33.16
C LEU C 274 44.28 -0.17 33.39
N LEU C 275 44.48 -0.73 34.58
CA LEU C 275 43.84 -2.00 34.92
C LEU C 275 42.33 -1.84 35.06
N ASP C 276 41.87 -0.66 35.48
CA ASP C 276 40.43 -0.39 35.49
C ASP C 276 39.85 -0.49 34.09
N ILE C 277 40.48 0.18 33.13
CA ILE C 277 40.05 0.08 31.73
C ILE C 277 40.12 -1.36 31.24
N TYR C 278 41.16 -2.09 31.66
CA TYR C 278 41.28 -3.48 31.24
C TYR C 278 40.11 -4.32 31.75
N ARG C 279 39.77 -4.16 33.03
CA ARG C 279 38.70 -4.99 33.59
C ARG C 279 37.32 -4.56 33.10
N LYS C 280 37.16 -3.31 32.66
CA LYS C 280 35.89 -2.93 32.05
C LYS C 280 35.80 -3.24 30.57
N LEU C 281 36.93 -3.43 29.88
CA LEU C 281 36.93 -3.65 28.45
C LEU C 281 36.95 -5.15 28.10
N ARG C 282 37.85 -5.91 28.72
CA ARG C 282 37.99 -7.35 28.48
C ARG C 282 37.80 -8.06 29.81
N PRO C 283 36.56 -8.26 30.26
CA PRO C 283 36.34 -8.88 31.57
C PRO C 283 36.68 -10.36 31.55
N GLY C 284 36.88 -10.90 32.76
CA GLY C 284 37.15 -12.32 32.92
C GLY C 284 38.58 -12.74 32.69
N GLU C 285 39.51 -11.79 32.53
CA GLU C 285 40.90 -12.10 32.26
C GLU C 285 41.80 -11.50 33.33
N PRO C 286 42.95 -12.13 33.62
CA PRO C 286 43.88 -11.57 34.61
C PRO C 286 44.44 -10.24 34.13
N PRO C 287 44.31 -9.19 34.93
CA PRO C 287 44.77 -7.86 34.49
C PRO C 287 46.23 -7.60 34.79
N THR C 288 47.07 -7.67 33.75
CA THR C 288 48.47 -7.32 33.86
C THR C 288 48.67 -5.89 33.35
N LYS C 289 49.61 -5.17 33.99
CA LYS C 289 49.90 -3.81 33.56
C LYS C 289 50.25 -3.77 32.07
N GLU C 290 51.05 -4.73 31.61
CA GLU C 290 51.46 -4.74 30.21
C GLU C 290 50.38 -5.34 29.31
N SER C 291 49.54 -6.23 29.81
CA SER C 291 48.45 -6.77 28.99
C SER C 291 47.45 -5.67 28.60
N ALA C 292 47.29 -4.67 29.45
CA ALA C 292 46.49 -3.48 29.14
C ALA C 292 47.29 -2.43 28.39
N GLN C 293 48.57 -2.28 28.74
CA GLN C 293 49.45 -1.38 27.98
C GLN C 293 49.52 -1.78 26.51
N THR C 294 49.33 -3.07 26.23
CA THR C 294 49.37 -3.55 24.85
C THR C 294 48.10 -3.19 24.09
N LEU C 295 46.93 -3.49 24.67
CA LEU C 295 45.69 -3.27 23.93
C LEU C 295 45.32 -1.80 23.86
N LEU C 296 45.61 -1.01 24.89
CA LEU C 296 45.31 0.42 24.80
C LEU C 296 46.19 1.13 23.77
N GLU C 297 47.27 0.48 23.32
CA GLU C 297 48.04 0.98 22.19
C GLU C 297 47.60 0.37 20.87
N ASN C 298 47.15 -0.89 20.88
CA ASN C 298 46.72 -1.54 19.64
C ASN C 298 45.32 -1.09 19.21
N LEU C 299 44.43 -0.82 20.16
CA LEU C 299 43.04 -0.49 19.82
C LEU C 299 42.87 0.93 19.31
N PHE C 300 43.84 1.82 19.54
CA PHE C 300 43.67 3.22 19.15
C PHE C 300 44.90 3.85 18.51
N PHE C 301 46.08 3.23 18.57
CA PHE C 301 47.29 3.87 18.09
C PHE C 301 48.14 3.00 17.17
N LYS C 302 47.84 1.72 17.04
CA LYS C 302 48.50 0.85 16.08
C LYS C 302 47.61 0.68 14.85
N GLU C 303 48.22 0.73 13.67
CA GLU C 303 47.48 0.66 12.42
C GLU C 303 46.82 -0.69 12.17
N LYS C 304 46.96 -1.65 13.09
CA LYS C 304 46.38 -2.97 12.88
C LYS C 304 44.88 -2.98 13.18
N ARG C 305 44.49 -2.47 14.35
CA ARG C 305 43.11 -2.52 14.79
C ARG C 305 42.45 -1.14 14.84
N TYR C 306 43.08 -0.13 14.25
CA TYR C 306 42.50 1.20 14.21
C TYR C 306 43.09 1.96 13.03
N ASP C 307 42.25 2.73 12.35
CA ASP C 307 42.70 3.47 11.17
C ASP C 307 41.70 4.56 10.83
N LEU C 308 42.15 5.81 10.84
CA LEU C 308 41.40 6.90 10.24
C LEU C 308 41.86 7.02 8.79
N ALA C 309 40.91 6.98 7.86
CA ALA C 309 41.26 7.16 6.46
C ALA C 309 41.84 8.55 6.23
N ARG C 310 42.43 8.74 5.05
CA ARG C 310 42.94 10.05 4.70
C ARG C 310 41.88 11.13 4.87
N VAL C 311 40.65 10.82 4.46
CA VAL C 311 39.54 11.75 4.67
C VAL C 311 39.24 11.91 6.16
N GLY C 312 39.31 10.82 6.92
CA GLY C 312 39.05 10.92 8.36
C GLY C 312 40.11 11.73 9.07
N ARG C 313 41.39 11.46 8.75
CA ARG C 313 42.48 12.24 9.35
C ARG C 313 42.37 13.70 8.97
N TYR C 314 42.03 13.99 7.71
CA TYR C 314 41.89 15.38 7.27
C TYR C 314 40.73 16.06 7.98
N LYS C 315 39.61 15.35 8.16
CA LYS C 315 38.46 15.92 8.85
C LYS C 315 38.79 16.21 10.31
N VAL C 316 39.56 15.33 10.94
CA VAL C 316 39.98 15.57 12.33
C VAL C 316 40.92 16.76 12.41
N ASN C 317 41.87 16.85 11.47
CA ASN C 317 42.82 17.96 11.47
C ASN C 317 42.15 19.29 11.19
N LYS C 318 41.02 19.28 10.48
CA LYS C 318 40.28 20.53 10.29
C LYS C 318 39.38 20.85 11.47
N LYS C 319 38.70 19.84 12.03
CA LYS C 319 37.73 20.10 13.10
C LYS C 319 38.42 20.58 14.37
N LEU C 320 39.60 20.06 14.66
CA LEU C 320 40.35 20.48 15.85
C LEU C 320 41.31 21.62 15.56
N GLY C 321 41.77 21.77 14.33
CA GLY C 321 42.70 22.83 13.98
C GLY C 321 44.12 22.54 14.38
N LEU C 322 44.59 21.34 14.06
CA LEU C 322 45.96 20.93 14.35
C LEU C 322 46.49 20.15 13.14
N HIS C 323 47.78 20.34 12.87
CA HIS C 323 48.44 19.72 11.72
C HIS C 323 47.75 20.07 10.40
N VAL C 324 47.18 21.28 10.34
CA VAL C 324 46.42 21.70 9.16
C VAL C 324 47.32 22.02 7.97
N GLY C 325 48.64 22.03 8.18
CA GLY C 325 49.58 22.30 7.10
C GLY C 325 50.47 21.12 6.80
N GLU C 326 50.52 20.17 7.72
CA GLU C 326 51.36 18.99 7.53
C GLU C 326 50.77 18.09 6.44
N PRO C 327 51.60 17.50 5.58
CA PRO C 327 51.08 16.53 4.62
C PRO C 327 50.46 15.32 5.31
N ILE C 328 49.34 14.85 4.76
CA ILE C 328 48.58 13.76 5.37
C ILE C 328 49.39 12.48 5.32
N THR C 329 50.12 12.20 6.40
CA THR C 329 50.89 10.97 6.52
C THR C 329 50.46 10.09 7.69
N SER C 330 49.87 10.67 8.73
CA SER C 330 49.44 9.90 9.89
C SER C 330 48.10 9.25 9.59
N SER C 331 48.09 7.93 9.45
CA SER C 331 46.86 7.17 9.24
C SER C 331 46.29 6.61 10.53
N THR C 332 46.54 7.28 11.66
CA THR C 332 46.17 6.74 12.96
C THR C 332 45.79 7.89 13.89
N LEU C 333 45.07 7.55 14.96
CA LEU C 333 44.75 8.50 16.01
C LEU C 333 45.94 8.67 16.95
N THR C 334 46.08 9.88 17.49
CA THR C 334 47.14 10.20 18.42
C THR C 334 46.56 10.69 19.75
N GLU C 335 47.40 10.67 20.78
CA GLU C 335 46.98 11.13 22.10
C GLU C 335 46.67 12.63 22.10
N GLU C 336 47.44 13.40 21.33
CA GLU C 336 47.18 14.83 21.18
C GLU C 336 45.76 15.08 20.70
N ASP C 337 45.26 14.25 19.78
CA ASP C 337 43.90 14.42 19.29
C ASP C 337 42.87 14.18 20.39
N VAL C 338 43.11 13.17 21.24
CA VAL C 338 42.20 12.90 22.35
C VAL C 338 42.16 14.09 23.31
N VAL C 339 43.34 14.61 23.65
CA VAL C 339 43.40 15.75 24.57
C VAL C 339 42.69 16.96 23.98
N ALA C 340 42.94 17.24 22.69
CA ALA C 340 42.30 18.37 22.04
C ALA C 340 40.80 18.18 21.93
N THR C 341 40.34 16.93 21.76
CA THR C 341 38.91 16.66 21.72
C THR C 341 38.25 16.95 23.06
N ILE C 342 38.88 16.49 24.15
CA ILE C 342 38.33 16.78 25.48
C ILE C 342 38.31 18.28 25.74
N GLU C 343 39.35 18.98 25.27
CA GLU C 343 39.40 20.44 25.41
C GLU C 343 38.26 21.10 24.65
N TYR C 344 38.06 20.70 23.39
CA TYR C 344 36.96 21.22 22.59
C TYR C 344 35.63 21.02 23.31
N LEU C 345 35.40 19.82 23.84
CA LEU C 345 34.14 19.53 24.53
C LEU C 345 33.95 20.42 25.75
N VAL C 346 34.97 20.48 26.62
CA VAL C 346 34.81 21.22 27.87
C VAL C 346 34.66 22.70 27.60
N ARG C 347 35.25 23.21 26.52
CA ARG C 347 35.01 24.62 26.17
C ARG C 347 33.61 24.81 25.61
N LEU C 348 33.14 23.86 24.80
CA LEU C 348 31.79 24.01 24.23
C LEU C 348 30.72 23.96 25.31
N HIS C 349 30.95 23.22 26.40
CA HIS C 349 29.89 23.05 27.39
C HIS C 349 29.55 24.36 28.09
N GLU C 350 30.54 25.23 28.32
CA GLU C 350 30.34 26.46 29.09
C GLU C 350 30.33 27.70 28.19
N GLY C 351 29.75 27.57 27.00
CA GLY C 351 29.45 28.73 26.18
C GLY C 351 30.60 29.30 25.38
N GLN C 352 31.80 28.70 25.43
CA GLN C 352 32.91 29.21 24.64
C GLN C 352 32.65 28.96 23.15
N THR C 353 33.19 29.85 22.31
CA THR C 353 32.95 29.80 20.89
C THR C 353 34.21 29.77 20.04
N THR C 354 35.40 29.75 20.64
CA THR C 354 36.65 29.78 19.90
C THR C 354 37.72 29.05 20.69
N MET C 355 38.59 28.31 19.98
CA MET C 355 39.64 27.57 20.67
C MET C 355 40.83 27.36 19.74
N THR C 356 42.02 27.46 20.30
CA THR C 356 43.26 27.11 19.62
C THR C 356 43.97 26.03 20.41
N VAL C 357 44.21 24.89 19.78
CA VAL C 357 44.95 23.81 20.44
C VAL C 357 46.38 24.28 20.69
N PRO C 358 46.99 23.95 21.85
CA PRO C 358 48.40 24.29 22.06
C PRO C 358 49.29 23.86 20.91
N GLY C 359 49.71 24.82 20.10
CA GLY C 359 50.45 24.52 18.89
C GLY C 359 49.59 24.28 17.67
N GLY C 360 48.38 24.83 17.64
CA GLY C 360 47.46 24.61 16.53
C GLY C 360 46.74 25.89 16.16
N VAL C 361 46.15 25.86 14.97
CA VAL C 361 45.48 27.04 14.43
C VAL C 361 44.15 27.26 15.16
N GLU C 362 43.63 28.47 15.04
CA GLU C 362 42.37 28.83 15.67
C GLU C 362 41.19 28.18 14.95
N VAL C 363 40.23 27.68 15.72
CA VAL C 363 39.05 26.99 15.19
C VAL C 363 37.83 27.33 16.03
N PRO C 364 36.68 27.58 15.42
CA PRO C 364 35.46 27.83 16.20
C PRO C 364 35.00 26.59 16.93
N VAL C 365 34.28 26.82 18.03
CA VAL C 365 33.75 25.75 18.88
C VAL C 365 32.25 25.70 18.66
N GLU C 366 31.78 24.63 18.02
CA GLU C 366 30.36 24.49 17.70
C GLU C 366 30.04 23.02 17.53
N THR C 367 28.76 22.75 17.33
CA THR C 367 28.28 21.40 17.05
C THR C 367 28.10 21.19 15.56
N ASP C 368 28.17 19.93 15.13
CA ASP C 368 28.12 19.58 13.72
C ASP C 368 26.75 19.02 13.35
N ASP C 369 26.48 19.00 12.04
CA ASP C 369 25.15 18.67 11.52
C ASP C 369 24.94 17.18 11.30
N ILE C 370 26.02 16.46 10.96
CA ILE C 370 26.06 15.05 10.54
C ILE C 370 25.10 14.74 9.39
N ASP C 371 24.21 15.68 9.06
CA ASP C 371 23.44 15.63 7.85
C ASP C 371 24.01 16.51 6.74
N HIS C 372 24.86 17.47 7.10
CA HIS C 372 25.53 18.30 6.12
C HIS C 372 26.40 17.44 5.21
N PHE C 373 26.37 17.74 3.91
CA PHE C 373 27.11 16.93 2.94
C PHE C 373 28.62 17.11 3.03
N GLY C 374 29.10 17.92 3.97
CA GLY C 374 30.52 18.00 4.25
C GLY C 374 30.91 17.01 5.34
N ASN C 375 29.92 16.60 6.14
CA ASN C 375 30.09 15.56 7.13
C ASN C 375 29.41 14.25 6.75
N ARG C 376 28.61 14.26 5.67
CA ARG C 376 27.95 13.06 5.17
C ARG C 376 28.69 12.63 3.91
N ARG C 377 29.37 11.49 3.99
CA ARG C 377 30.25 11.04 2.93
C ARG C 377 29.53 10.04 2.03
N LEU C 378 30.04 9.91 0.81
CA LEU C 378 29.49 8.98 -0.17
C LEU C 378 30.58 8.02 -0.62
N ARG C 379 30.34 6.73 -0.44
CA ARG C 379 31.29 5.71 -0.88
C ARG C 379 30.68 4.91 -2.03
N THR C 380 31.44 4.81 -3.12
CA THR C 380 30.97 4.26 -4.39
C THR C 380 31.40 2.80 -4.53
N VAL C 381 31.37 2.29 -5.77
CA VAL C 381 31.56 0.86 -6.00
C VAL C 381 32.95 0.41 -5.56
N GLY C 382 33.97 1.21 -5.92
CA GLY C 382 35.34 0.78 -5.67
C GLY C 382 35.63 0.60 -4.18
N GLU C 383 35.22 1.57 -3.37
CA GLU C 383 35.45 1.47 -1.93
C GLU C 383 34.65 0.32 -1.32
N LEU C 384 33.42 0.13 -1.79
CA LEU C 384 32.56 -0.93 -1.26
C LEU C 384 33.13 -2.31 -1.55
N ILE C 385 33.76 -2.47 -2.72
CA ILE C 385 34.42 -3.73 -3.02
C ILE C 385 35.74 -3.84 -2.27
N GLN C 386 36.45 -2.71 -2.11
CA GLN C 386 37.75 -2.71 -1.45
C GLN C 386 37.63 -3.12 0.01
N ASN C 387 36.56 -2.71 0.68
CA ASN C 387 36.39 -3.08 2.08
C ASN C 387 36.20 -4.60 2.21
N GLN C 388 35.40 -5.19 1.33
CA GLN C 388 35.21 -6.65 1.36
C GLN C 388 36.50 -7.37 1.04
N ILE C 389 37.27 -6.85 0.07
CA ILE C 389 38.57 -7.43 -0.24
C ILE C 389 39.49 -7.35 0.98
N ARG C 390 39.44 -6.23 1.70
CA ARG C 390 40.27 -6.08 2.90
C ARG C 390 39.90 -7.11 3.95
N VAL C 391 38.60 -7.33 4.16
CA VAL C 391 38.16 -8.32 5.13
C VAL C 391 38.63 -9.72 4.74
N GLY C 392 38.46 -10.07 3.46
CA GLY C 392 38.94 -11.36 2.99
C GLY C 392 40.45 -11.50 3.12
N MET C 393 41.20 -10.43 2.87
CA MET C 393 42.65 -10.47 2.99
C MET C 393 43.07 -10.65 4.43
N SER C 394 42.33 -10.07 5.38
CA SER C 394 42.65 -10.31 6.79
C SER C 394 42.36 -11.75 7.19
N ARG C 395 41.22 -12.28 6.73
CA ARG C 395 40.91 -13.68 7.00
C ARG C 395 41.96 -14.61 6.41
N MET C 396 42.56 -14.23 5.28
CA MET C 396 43.64 -15.02 4.72
C MET C 396 44.96 -14.79 5.45
N GLU C 397 45.19 -13.58 5.96
CA GLU C 397 46.40 -13.28 6.71
C GLU C 397 46.49 -14.13 7.97
N ARG C 398 45.34 -14.33 8.64
CA ARG C 398 45.36 -15.20 9.81
C ARG C 398 45.77 -16.62 9.43
N VAL C 399 45.26 -17.11 8.29
CA VAL C 399 45.65 -18.44 7.80
C VAL C 399 47.14 -18.47 7.48
N VAL C 400 47.67 -17.37 6.94
CA VAL C 400 49.10 -17.30 6.63
C VAL C 400 49.93 -17.43 7.90
N ARG C 401 49.57 -16.64 8.93
CA ARG C 401 50.31 -16.71 10.19
C ARG C 401 50.19 -18.06 10.85
N GLU C 402 49.06 -18.75 10.67
CA GLU C 402 48.92 -20.08 11.25
C GLU C 402 49.74 -21.11 10.47
N ARG C 403 49.74 -21.02 9.14
CA ARG C 403 50.49 -21.96 8.33
C ARG C 403 51.99 -21.75 8.41
N MET C 404 52.43 -20.56 8.81
CA MET C 404 53.87 -20.32 8.97
C MET C 404 54.44 -21.13 10.13
N THR C 405 53.82 -21.01 11.30
CA THR C 405 54.34 -21.65 12.51
C THR C 405 54.10 -23.16 12.55
N THR C 406 53.43 -23.73 11.56
CA THR C 406 53.18 -25.17 11.51
C THR C 406 54.10 -25.89 10.54
N GLN C 407 54.28 -25.34 9.34
CA GLN C 407 55.12 -25.97 8.33
C GLN C 407 56.60 -25.66 8.63
N ASP C 408 57.48 -26.38 7.94
CA ASP C 408 58.91 -26.18 8.10
C ASP C 408 59.35 -24.87 7.45
N VAL C 409 60.50 -24.37 7.87
CA VAL C 409 60.95 -23.05 7.47
C VAL C 409 61.91 -23.15 6.29
N GLU C 410 61.75 -24.20 5.47
CA GLU C 410 62.57 -24.37 4.28
C GLU C 410 61.83 -24.89 3.07
N ALA C 411 60.69 -25.57 3.24
CA ALA C 411 59.86 -26.00 2.11
C ALA C 411 58.66 -25.09 1.90
N ILE C 412 58.65 -23.91 2.54
CA ILE C 412 57.54 -22.98 2.41
C ILE C 412 57.70 -22.18 1.12
N THR C 413 56.64 -22.13 0.34
CA THR C 413 56.51 -21.29 -0.84
C THR C 413 55.30 -20.39 -0.68
N PRO C 414 55.20 -19.30 -1.45
CA PRO C 414 53.97 -18.49 -1.41
C PRO C 414 52.71 -19.29 -1.72
N GLN C 415 52.83 -20.40 -2.46
CA GLN C 415 51.66 -21.20 -2.78
C GLN C 415 51.14 -21.96 -1.57
N THR C 416 52.02 -22.28 -0.62
CA THR C 416 51.61 -23.10 0.52
C THR C 416 51.02 -22.25 1.65
N LEU C 417 51.42 -20.98 1.75
CA LEU C 417 50.91 -20.12 2.81
C LEU C 417 49.57 -19.49 2.48
N ILE C 418 49.14 -19.53 1.22
CA ILE C 418 48.00 -18.76 0.74
C ILE C 418 46.83 -19.71 0.53
N ASN C 419 45.71 -19.41 1.20
CA ASN C 419 44.45 -20.13 1.05
C ASN C 419 43.42 -19.08 0.62
N ILE C 420 43.05 -19.09 -0.67
CA ILE C 420 42.24 -18.03 -1.25
C ILE C 420 40.75 -18.26 -1.01
N ARG C 421 40.42 -19.28 -0.22
CA ARG C 421 39.01 -19.57 0.04
C ARG C 421 38.27 -18.41 0.69
N PRO C 422 38.74 -17.82 1.80
CA PRO C 422 37.97 -16.73 2.41
C PRO C 422 37.89 -15.46 1.55
N VAL C 423 38.89 -15.20 0.72
CA VAL C 423 38.89 -13.98 -0.10
C VAL C 423 37.79 -14.03 -1.15
N VAL C 424 37.83 -15.08 -1.98
CA VAL C 424 36.79 -15.25 -2.98
C VAL C 424 35.44 -15.44 -2.32
N ALA C 425 35.41 -16.12 -1.17
CA ALA C 425 34.15 -16.25 -0.44
C ALA C 425 33.63 -14.89 0.01
N ALA C 426 34.51 -13.95 0.36
CA ALA C 426 34.08 -12.64 0.81
C ALA C 426 33.51 -11.82 -0.34
N ILE C 427 34.20 -11.84 -1.50
CA ILE C 427 33.66 -11.08 -2.62
C ILE C 427 32.35 -11.69 -3.12
N LYS C 428 32.24 -13.02 -3.06
CA LYS C 428 31.00 -13.68 -3.41
C LYS C 428 29.88 -13.34 -2.42
N GLU C 429 30.20 -13.30 -1.12
CA GLU C 429 29.22 -12.89 -0.12
C GLU C 429 28.75 -11.47 -0.37
N PHE C 430 29.66 -10.61 -0.81
CA PHE C 430 29.32 -9.22 -1.11
C PHE C 430 28.33 -9.17 -2.27
N PHE C 431 28.74 -9.75 -3.39
CA PHE C 431 27.90 -9.80 -4.58
C PHE C 431 26.77 -10.83 -4.39
N GLY C 432 26.74 -11.47 -3.22
CA GLY C 432 25.72 -12.47 -2.91
C GLY C 432 24.73 -11.98 -1.86
N THR C 433 25.17 -11.91 -0.62
CA THR C 433 24.32 -11.45 0.48
C THR C 433 24.72 -10.07 0.96
N SER C 434 24.93 -9.16 0.01
CA SER C 434 25.31 -7.78 0.32
C SER C 434 24.09 -6.89 0.46
N GLN C 435 24.28 -5.58 0.40
CA GLN C 435 23.16 -4.65 0.52
C GLN C 435 23.12 -3.66 -0.63
N LEU C 436 24.30 -3.24 -1.11
CA LEU C 436 24.39 -2.28 -2.20
C LEU C 436 24.36 -2.97 -3.56
N SER C 437 24.42 -4.30 -3.56
CA SER C 437 24.41 -5.07 -4.80
C SER C 437 22.95 -5.36 -5.15
N GLN C 438 22.37 -4.54 -6.00
CA GLN C 438 20.98 -4.71 -6.41
C GLN C 438 20.82 -4.79 -7.93
N PHE C 439 19.81 -5.49 -8.41
CA PHE C 439 19.70 -5.60 -9.87
C PHE C 439 18.94 -4.44 -10.52
N MET C 440 19.74 -3.62 -11.20
CA MET C 440 19.37 -2.35 -11.83
C MET C 440 18.03 -2.45 -12.54
N ASP C 441 17.10 -1.57 -12.17
CA ASP C 441 15.78 -1.55 -12.78
C ASP C 441 15.88 -1.47 -14.29
N GLN C 442 15.44 -2.51 -14.98
CA GLN C 442 15.52 -2.55 -16.43
C GLN C 442 14.19 -2.29 -17.15
N ASN C 443 13.29 -1.52 -16.54
CA ASN C 443 12.03 -1.24 -17.20
C ASN C 443 12.26 -0.48 -18.51
N ASN C 444 13.00 0.61 -18.45
CA ASN C 444 13.41 1.40 -19.60
C ASN C 444 14.81 1.91 -19.35
N PRO C 445 15.51 2.35 -20.40
CA PRO C 445 16.90 2.82 -20.20
C PRO C 445 17.06 3.87 -19.11
N LEU C 446 16.10 4.80 -19.00
CA LEU C 446 16.18 5.83 -17.98
C LEU C 446 16.15 5.23 -16.58
N SER C 447 15.38 4.16 -16.39
CA SER C 447 15.34 3.50 -15.09
C SER C 447 16.70 2.93 -14.73
N GLY C 448 17.37 2.29 -15.69
CA GLY C 448 18.70 1.75 -15.42
C GLY C 448 19.73 2.82 -15.15
N LEU C 449 19.71 3.90 -15.92
CA LEU C 449 20.63 5.01 -15.66
C LEU C 449 20.41 5.58 -14.27
N THR C 450 19.15 5.88 -13.96
CA THR C 450 18.79 6.42 -12.65
C THR C 450 19.25 5.46 -11.56
N HIS C 451 19.10 4.17 -11.83
CA HIS C 451 19.52 3.14 -10.88
C HIS C 451 21.00 3.27 -10.60
N LYS C 452 21.80 3.29 -11.66
CA LYS C 452 23.25 3.43 -11.53
C LYS C 452 23.63 4.75 -10.90
N ARG C 453 22.73 5.74 -10.84
CA ARG C 453 23.02 7.01 -10.20
C ARG C 453 22.30 7.21 -8.87
N ARG C 454 21.88 6.12 -8.22
CA ARG C 454 21.18 6.22 -6.94
C ARG C 454 22.15 6.43 -5.77
N LEU C 455 21.67 7.13 -4.74
CA LEU C 455 22.47 7.40 -3.55
C LEU C 455 21.57 7.07 -2.36
N SER C 456 21.76 5.88 -1.80
CA SER C 456 20.94 5.44 -0.68
C SER C 456 21.66 5.51 0.66
N ALA C 457 20.88 5.73 1.71
CA ALA C 457 21.41 5.82 3.07
C ALA C 457 21.32 4.50 3.81
N LEU C 458 20.58 3.53 3.29
CA LEU C 458 20.42 2.25 3.95
C LEU C 458 21.60 1.33 3.65
N GLY C 459 21.72 0.27 4.44
CA GLY C 459 22.77 -0.70 4.26
C GLY C 459 23.74 -0.76 5.43
N PRO C 460 24.73 -1.64 5.35
CA PRO C 460 25.71 -1.75 6.43
C PRO C 460 26.53 -0.47 6.54
N GLY C 461 26.80 -0.06 7.79
CA GLY C 461 27.52 1.16 8.06
C GLY C 461 26.71 2.42 7.96
N GLY C 462 25.52 2.36 7.35
CA GLY C 462 24.67 3.52 7.25
C GLY C 462 23.70 3.64 8.40
N LEU C 463 22.45 3.24 8.19
CA LEU C 463 21.44 3.31 9.24
C LEU C 463 20.35 2.29 8.95
N SER C 464 19.59 1.96 9.98
CA SER C 464 18.44 1.09 9.85
C SER C 464 17.20 1.93 9.53
N ARG C 465 16.23 1.29 8.85
CA ARG C 465 15.00 2.00 8.52
C ARG C 465 14.21 2.36 9.77
N GLU C 466 14.23 1.48 10.77
CA GLU C 466 13.63 1.80 12.06
C GLU C 466 14.43 2.87 12.81
N ARG C 467 15.66 3.12 12.39
CA ARG C 467 16.51 4.13 13.02
C ARG C 467 16.74 5.28 12.04
N ALA C 468 15.66 5.97 11.66
CA ALA C 468 15.76 7.07 10.70
C ALA C 468 14.58 8.00 10.94
N GLY C 469 14.82 9.10 11.65
CA GLY C 469 13.79 10.07 11.92
C GLY C 469 13.47 10.95 10.73
N LEU C 470 12.57 11.90 10.96
CA LEU C 470 12.15 12.83 9.91
C LEU C 470 13.21 13.86 9.55
N GLU C 471 14.38 13.81 10.20
CA GLU C 471 15.46 14.76 9.93
C GLU C 471 16.48 14.22 8.94
N VAL C 472 16.68 12.91 8.88
CA VAL C 472 17.60 12.34 7.90
C VAL C 472 17.02 12.36 6.49
N ARG C 473 15.71 12.46 6.37
CA ARG C 473 15.03 12.26 5.10
C ARG C 473 14.76 13.55 4.35
N ASP C 474 14.57 14.66 5.05
CA ASP C 474 14.16 15.89 4.38
C ASP C 474 15.34 16.55 3.68
N VAL C 475 15.01 17.52 2.82
CA VAL C 475 16.02 18.18 1.99
C VAL C 475 16.90 19.07 2.86
N HIS C 476 18.21 19.02 2.62
CA HIS C 476 19.21 19.82 3.30
C HIS C 476 19.76 20.89 2.36
N PRO C 477 20.06 22.09 2.86
CA PRO C 477 20.55 23.16 1.96
C PRO C 477 21.87 22.84 1.28
N SER C 478 22.65 21.89 1.81
CA SER C 478 23.89 21.49 1.16
C SER C 478 23.66 20.52 0.02
N HIS C 479 22.44 20.02 -0.18
CA HIS C 479 22.13 19.13 -1.28
C HIS C 479 22.03 19.85 -2.62
N TYR C 480 22.15 21.18 -2.63
CA TYR C 480 22.03 21.95 -3.86
C TYR C 480 23.14 21.56 -4.84
N GLY C 481 22.73 21.16 -6.04
CA GLY C 481 23.69 20.76 -7.06
C GLY C 481 24.41 19.46 -6.78
N ARG C 482 23.99 18.70 -5.76
CA ARG C 482 24.64 17.44 -5.42
C ARG C 482 23.64 16.28 -5.42
N MET C 483 22.61 16.35 -4.60
CA MET C 483 21.55 15.35 -4.57
C MET C 483 20.23 16.03 -4.94
N CYS C 484 19.43 15.34 -5.75
CA CYS C 484 18.19 15.93 -6.24
C CYS C 484 17.18 16.05 -5.11
N PRO C 485 16.51 17.19 -4.95
CA PRO C 485 15.46 17.29 -3.92
C PRO C 485 14.10 16.81 -4.39
N ILE C 486 13.98 16.35 -5.64
CA ILE C 486 12.71 15.91 -6.21
C ILE C 486 12.66 14.39 -6.34
N GLU C 487 13.62 13.79 -7.04
CA GLU C 487 13.58 12.37 -7.35
C GLU C 487 13.88 11.57 -6.10
N THR C 488 12.84 10.95 -5.52
CA THR C 488 12.95 10.11 -4.34
C THR C 488 11.64 9.36 -4.20
N PRO C 489 11.66 8.11 -3.74
CA PRO C 489 10.40 7.36 -3.60
C PRO C 489 9.50 8.01 -2.57
N GLU C 490 8.20 7.75 -2.70
CA GLU C 490 7.20 8.27 -1.79
C GLU C 490 6.70 7.21 -0.80
N GLY C 491 7.31 6.03 -0.79
CA GLY C 491 6.94 4.98 0.12
C GLY C 491 7.67 5.09 1.44
N PRO C 492 7.97 3.94 2.05
CA PRO C 492 8.72 3.96 3.32
C PRO C 492 10.19 4.35 3.17
N ASN C 493 10.67 4.43 1.94
CA ASN C 493 12.06 4.79 1.69
C ASN C 493 12.20 6.22 1.20
N ILE C 494 11.32 7.11 1.66
CA ILE C 494 11.37 8.51 1.26
C ILE C 494 12.51 9.20 1.99
N GLY C 495 13.32 9.94 1.24
CA GLY C 495 14.43 10.68 1.82
C GLY C 495 15.68 9.84 2.03
N LEU C 496 15.50 8.53 2.22
CA LEU C 496 16.63 7.64 2.41
C LEU C 496 17.31 7.28 1.09
N ILE C 497 16.70 7.61 -0.04
CA ILE C 497 17.22 7.23 -1.36
C ILE C 497 17.05 8.44 -2.27
N GLY C 498 18.16 9.04 -2.67
CA GLY C 498 18.15 10.15 -3.60
C GLY C 498 18.83 9.79 -4.92
N SER C 499 18.85 10.77 -5.81
CA SER C 499 19.51 10.65 -7.09
C SER C 499 20.55 11.76 -7.23
N LEU C 500 21.72 11.40 -7.75
CA LEU C 500 22.78 12.38 -7.93
C LEU C 500 22.37 13.45 -8.93
N SER C 501 22.75 14.69 -8.65
CA SER C 501 22.46 15.78 -9.56
C SER C 501 23.23 15.59 -10.87
N VAL C 502 22.87 16.40 -11.87
CA VAL C 502 23.39 16.19 -13.22
C VAL C 502 24.90 16.44 -13.26
N TYR C 503 25.32 17.64 -12.91
CA TYR C 503 26.73 18.03 -13.01
C TYR C 503 27.58 17.58 -11.82
N ALA C 504 26.98 16.91 -10.84
CA ALA C 504 27.70 16.54 -9.64
C ALA C 504 28.72 15.44 -9.92
N ARG C 505 29.74 15.38 -9.06
CA ARG C 505 30.77 14.35 -9.14
C ARG C 505 31.30 14.09 -7.74
N VAL C 506 32.06 13.02 -7.61
CA VAL C 506 32.62 12.58 -6.33
C VAL C 506 34.13 12.74 -6.37
N ASN C 507 34.69 13.35 -5.32
CA ASN C 507 36.12 13.46 -5.18
C ASN C 507 36.69 12.19 -4.54
N PRO C 508 38.01 11.98 -4.64
CA PRO C 508 38.60 10.79 -4.00
C PRO C 508 38.36 10.68 -2.51
N PHE C 509 37.99 11.78 -1.84
CA PHE C 509 37.70 11.71 -0.41
C PHE C 509 36.35 11.06 -0.13
N GLY C 510 35.36 11.33 -0.97
CA GLY C 510 34.05 10.73 -0.79
C GLY C 510 32.93 11.75 -0.80
N PHE C 511 33.26 13.03 -0.71
CA PHE C 511 32.26 14.07 -0.77
C PHE C 511 31.87 14.36 -2.21
N ILE C 512 30.75 15.07 -2.38
CA ILE C 512 30.20 15.36 -3.69
C ILE C 512 30.53 16.80 -4.05
N GLU C 513 31.23 16.97 -5.17
CA GLU C 513 31.59 18.29 -5.67
C GLU C 513 30.63 18.73 -6.76
N THR C 514 30.40 20.04 -6.85
CA THR C 514 29.57 20.60 -7.89
C THR C 514 30.29 21.77 -8.53
N PRO C 515 30.13 21.98 -9.84
CA PRO C 515 30.89 23.04 -10.51
C PRO C 515 30.25 24.41 -10.33
N TYR C 516 31.11 25.42 -10.32
CA TYR C 516 30.68 26.81 -10.23
C TYR C 516 31.56 27.67 -11.10
N ARG C 517 30.97 28.76 -11.61
CA ARG C 517 31.69 29.76 -12.38
C ARG C 517 32.28 30.78 -11.42
N LYS C 518 33.60 30.96 -11.48
CA LYS C 518 34.30 31.83 -10.56
C LYS C 518 34.11 33.29 -10.96
N VAL C 519 33.59 34.10 -10.05
CA VAL C 519 33.39 35.53 -10.26
C VAL C 519 34.57 36.27 -9.64
N VAL C 520 35.34 36.97 -10.48
CA VAL C 520 36.54 37.67 -10.03
C VAL C 520 36.14 38.90 -9.23
N ASP C 521 35.76 39.97 -9.92
CA ASP C 521 35.36 41.23 -9.29
C ASP C 521 34.00 41.65 -9.86
N GLY C 522 32.96 40.94 -9.45
CA GLY C 522 31.63 41.18 -10.00
C GLY C 522 31.52 40.88 -11.48
N VAL C 523 32.45 40.09 -12.02
CA VAL C 523 32.50 39.77 -13.44
C VAL C 523 32.44 38.26 -13.59
N VAL C 524 31.50 37.78 -14.39
CA VAL C 524 31.36 36.34 -14.63
C VAL C 524 32.47 35.88 -15.55
N SER C 525 33.19 34.84 -15.14
CA SER C 525 34.29 34.28 -15.91
C SER C 525 33.95 32.85 -16.35
N ASP C 526 34.55 32.44 -17.45
CA ASP C 526 34.37 31.09 -17.95
C ASP C 526 35.22 30.06 -17.22
N GLU C 527 35.97 30.48 -16.20
CA GLU C 527 36.72 29.55 -15.37
C GLU C 527 35.77 28.83 -14.44
N ILE C 528 35.79 27.50 -14.46
CA ILE C 528 34.86 26.67 -13.72
C ILE C 528 35.66 25.81 -12.74
N VAL C 529 35.23 25.79 -11.49
CA VAL C 529 35.90 25.04 -10.43
C VAL C 529 34.86 24.26 -9.64
N TYR C 530 35.21 23.03 -9.24
CA TYR C 530 34.32 22.19 -8.46
C TYR C 530 34.54 22.45 -6.98
N LEU C 531 33.45 22.68 -6.26
CA LEU C 531 33.50 22.93 -4.82
C LEU C 531 32.78 21.82 -4.07
N THR C 532 33.24 21.56 -2.86
CA THR C 532 32.57 20.63 -1.96
C THR C 532 31.51 21.38 -1.15
N ALA C 533 30.94 20.73 -0.15
CA ALA C 533 29.86 21.35 0.63
C ALA C 533 30.40 22.47 1.51
N ASP C 534 31.35 22.15 2.39
CA ASP C 534 31.92 23.17 3.26
C ASP C 534 32.68 24.23 2.48
N GLU C 535 33.30 23.85 1.36
CA GLU C 535 33.95 24.83 0.49
C GLU C 535 32.92 25.79 -0.10
N GLU C 536 31.74 25.27 -0.46
CA GLU C 536 30.67 26.14 -0.94
C GLU C 536 30.16 27.06 0.16
N ASP C 537 30.10 26.55 1.40
CA ASP C 537 29.62 27.39 2.50
C ASP C 537 30.58 28.54 2.81
N ARG C 538 31.86 28.40 2.49
CA ARG C 538 32.83 29.45 2.75
C ARG C 538 32.78 30.59 1.74
N HIS C 539 31.83 30.55 0.80
CA HIS C 539 31.63 31.61 -0.17
C HIS C 539 30.13 31.88 -0.31
N VAL C 540 29.78 32.78 -1.22
CA VAL C 540 28.40 33.04 -1.58
C VAL C 540 28.28 32.93 -3.10
N VAL C 541 27.20 32.28 -3.55
CA VAL C 541 27.02 31.96 -4.96
C VAL C 541 25.74 32.60 -5.46
N ALA C 542 25.76 33.08 -6.70
CA ALA C 542 24.60 33.71 -7.32
C ALA C 542 23.78 32.67 -8.07
N GLN C 543 22.48 32.93 -8.17
CA GLN C 543 21.59 32.03 -8.88
C GLN C 543 21.94 32.00 -10.36
N ALA C 544 21.58 30.89 -11.02
CA ALA C 544 21.97 30.68 -12.41
C ALA C 544 21.32 31.72 -13.33
N ASN C 545 20.05 32.02 -13.11
CA ASN C 545 19.32 32.95 -13.97
C ASN C 545 19.52 34.41 -13.55
N SER C 546 20.78 34.80 -13.42
CA SER C 546 21.07 36.19 -13.07
C SER C 546 21.26 37.02 -14.34
N PRO C 547 20.71 38.23 -14.37
CA PRO C 547 20.95 39.12 -15.52
C PRO C 547 22.42 39.53 -15.57
N ILE C 548 23.09 39.17 -16.66
CA ILE C 548 24.53 39.35 -16.79
C ILE C 548 24.82 40.15 -18.06
N ASP C 549 25.71 41.12 -17.95
CA ASP C 549 26.18 41.86 -19.11
C ASP C 549 26.93 40.93 -20.06
N ALA C 550 27.02 41.35 -21.32
CA ALA C 550 27.78 40.59 -22.31
C ALA C 550 29.25 40.49 -21.94
N ASP C 551 29.75 41.41 -21.12
CA ASP C 551 31.12 41.33 -20.62
C ASP C 551 31.24 40.47 -19.37
N GLY C 552 30.23 40.51 -18.50
CA GLY C 552 30.22 39.65 -17.33
C GLY C 552 29.72 40.31 -16.06
N ARG C 553 29.47 41.62 -16.11
CA ARG C 553 29.04 42.35 -14.93
C ARG C 553 27.55 42.17 -14.69
N PHE C 554 27.17 42.06 -13.42
CA PHE C 554 25.78 41.88 -13.06
C PHE C 554 24.98 43.16 -13.33
N VAL C 555 23.76 42.98 -13.81
CA VAL C 555 22.92 44.14 -14.12
C VAL C 555 22.45 44.82 -12.84
N GLU C 556 21.90 44.04 -11.92
CA GLU C 556 21.47 44.68 -10.68
C GLU C 556 22.57 44.61 -9.63
N PRO C 557 22.73 45.65 -8.81
CA PRO C 557 23.68 45.56 -7.69
C PRO C 557 23.30 44.46 -6.71
N ARG C 558 22.03 44.36 -6.36
CA ARG C 558 21.54 43.33 -5.45
C ARG C 558 20.96 42.18 -6.25
N VAL C 559 21.45 40.97 -5.99
CA VAL C 559 21.02 39.78 -6.71
C VAL C 559 20.70 38.67 -5.70
N LEU C 560 19.74 37.82 -6.07
CA LEU C 560 19.40 36.68 -5.24
C LEU C 560 20.61 35.76 -5.09
N VAL C 561 21.05 35.59 -3.85
CA VAL C 561 22.27 34.83 -3.56
C VAL C 561 22.02 33.91 -2.37
N ARG C 562 22.59 32.71 -2.47
CA ARG C 562 22.51 31.69 -1.43
C ARG C 562 23.73 31.78 -0.51
N ARG C 563 23.49 31.62 0.78
CA ARG C 563 24.48 31.74 1.83
C ARG C 563 24.33 30.57 2.80
N LYS C 564 25.39 30.33 3.56
CA LYS C 564 25.47 29.21 4.50
C LYS C 564 24.23 29.15 5.38
N ALA C 565 23.88 27.94 5.81
CA ALA C 565 22.72 27.70 6.64
C ALA C 565 21.43 27.96 5.88
N GLY C 566 21.52 27.87 4.55
CA GLY C 566 20.39 28.00 3.66
C GLY C 566 19.69 29.34 3.75
N GLU C 567 20.44 30.42 3.52
CA GLU C 567 19.90 31.76 3.54
C GLU C 567 19.83 32.29 2.12
N VAL C 568 18.69 32.86 1.73
CA VAL C 568 18.51 33.43 0.40
C VAL C 568 18.26 34.92 0.55
N GLU C 569 19.14 35.73 -0.03
CA GLU C 569 18.97 37.17 0.13
C GLU C 569 19.71 37.91 -0.97
N TYR C 570 19.32 39.18 -1.15
CA TYR C 570 20.04 40.07 -2.04
C TYR C 570 21.36 40.49 -1.40
N VAL C 571 22.32 40.83 -2.24
CA VAL C 571 23.68 41.13 -1.78
C VAL C 571 24.35 41.95 -2.88
N PRO C 572 25.29 42.85 -2.57
CA PRO C 572 25.92 43.65 -3.63
C PRO C 572 26.65 42.78 -4.65
N SER C 573 26.80 43.35 -5.85
CA SER C 573 27.43 42.62 -6.94
C SER C 573 28.92 42.38 -6.70
N SER C 574 29.55 43.22 -5.88
CA SER C 574 30.94 43.05 -5.52
C SER C 574 31.16 41.98 -4.46
N GLU C 575 30.10 41.28 -4.05
CA GLU C 575 30.20 40.22 -3.05
C GLU C 575 30.10 38.83 -3.65
N VAL C 576 29.53 38.70 -4.85
CA VAL C 576 29.33 37.40 -5.46
C VAL C 576 30.68 36.78 -5.78
N ASP C 577 30.95 35.61 -5.19
CA ASP C 577 32.20 34.89 -5.41
C ASP C 577 32.11 33.90 -6.57
N TYR C 578 31.02 33.13 -6.62
CA TYR C 578 30.79 32.16 -7.69
C TYR C 578 29.33 32.26 -8.12
N MET C 579 29.01 31.52 -9.18
CA MET C 579 27.62 31.41 -9.60
C MET C 579 27.39 30.03 -10.21
N ASP C 580 26.11 29.67 -10.32
CA ASP C 580 25.74 28.35 -10.80
C ASP C 580 26.07 28.20 -12.28
N VAL C 581 26.31 26.96 -12.69
CA VAL C 581 26.66 26.67 -14.09
C VAL C 581 25.42 26.72 -14.96
N SER C 582 24.42 25.91 -14.63
CA SER C 582 23.18 25.80 -15.39
C SER C 582 21.99 25.88 -14.45
N PRO C 583 20.84 26.35 -14.93
CA PRO C 583 19.64 26.35 -14.08
C PRO C 583 19.28 24.98 -13.55
N ARG C 584 19.39 23.93 -14.38
CA ARG C 584 19.08 22.57 -13.99
C ARG C 584 20.19 21.92 -13.16
N GLN C 585 21.05 22.72 -12.52
CA GLN C 585 22.18 22.17 -11.79
C GLN C 585 21.74 21.37 -10.56
N MET C 586 20.58 21.69 -10.00
CA MET C 586 20.13 21.08 -8.76
C MET C 586 19.25 19.85 -8.95
N VAL C 587 18.77 19.58 -10.16
CA VAL C 587 17.84 18.50 -10.40
C VAL C 587 18.59 17.28 -10.92
N SER C 588 17.90 16.14 -10.93
CA SER C 588 18.47 14.89 -11.42
C SER C 588 18.21 14.76 -12.92
N VAL C 589 18.72 13.67 -13.51
CA VAL C 589 18.55 13.46 -14.94
C VAL C 589 17.07 13.26 -15.26
N ALA C 590 16.40 12.40 -14.51
CA ALA C 590 14.97 12.16 -14.75
C ALA C 590 14.15 13.41 -14.45
N THR C 591 14.52 14.14 -13.40
CA THR C 591 13.79 15.38 -13.07
C THR C 591 14.00 16.45 -14.14
N ALA C 592 15.20 16.52 -14.69
CA ALA C 592 15.49 17.49 -15.75
C ALA C 592 14.76 17.20 -17.05
N MET C 593 14.02 16.09 -17.13
CA MET C 593 13.30 15.71 -18.34
C MET C 593 11.84 16.12 -18.32
N ILE C 594 11.43 16.89 -17.31
CA ILE C 594 10.04 17.34 -17.17
C ILE C 594 9.96 18.75 -17.75
N PRO C 595 9.31 18.95 -18.89
CA PRO C 595 9.16 20.30 -19.42
C PRO C 595 8.25 21.13 -18.53
N PHE C 596 8.52 22.44 -18.50
CA PHE C 596 7.78 23.37 -17.63
C PHE C 596 7.76 22.88 -16.18
N LEU C 597 8.90 22.37 -15.73
CA LEU C 597 8.98 21.87 -14.35
C LEU C 597 8.75 22.98 -13.33
N GLU C 598 9.11 24.22 -13.67
CA GLU C 598 8.93 25.34 -12.77
C GLU C 598 7.46 25.68 -12.54
N HIS C 599 6.54 25.09 -13.28
CA HIS C 599 5.12 25.33 -13.12
C HIS C 599 4.41 24.17 -12.42
N ASP C 600 5.15 23.19 -11.93
CA ASP C 600 4.58 22.04 -11.25
C ASP C 600 5.06 22.02 -9.80
N ASP C 601 4.16 21.68 -8.88
CA ASP C 601 4.53 21.57 -7.49
C ASP C 601 5.44 20.36 -7.28
N ALA C 602 6.18 20.38 -6.15
CA ALA C 602 7.19 19.35 -5.92
C ALA C 602 6.59 17.96 -5.78
N ASN C 603 5.34 17.87 -5.33
CA ASN C 603 4.71 16.55 -5.15
C ASN C 603 4.50 15.87 -6.49
N ARG C 604 3.75 16.51 -7.38
CA ARG C 604 3.48 15.92 -8.69
C ARG C 604 4.75 15.86 -9.53
N ALA C 605 5.72 16.74 -9.28
CA ALA C 605 7.02 16.63 -9.96
C ALA C 605 7.76 15.38 -9.52
N LEU C 606 7.76 15.09 -8.21
CA LEU C 606 8.31 13.84 -7.71
C LEU C 606 7.64 12.65 -8.38
N MET C 607 6.30 12.67 -8.44
CA MET C 607 5.59 11.54 -9.04
C MET C 607 5.91 11.42 -10.54
N GLY C 608 6.05 12.54 -11.25
CA GLY C 608 6.37 12.46 -12.66
C GLY C 608 7.76 11.90 -12.90
N ALA C 609 8.75 12.37 -12.14
CA ALA C 609 10.10 11.84 -12.25
C ALA C 609 10.14 10.36 -11.91
N ASN C 610 9.37 9.94 -10.91
CA ASN C 610 9.38 8.53 -10.51
C ASN C 610 8.63 7.65 -11.50
N MET C 611 7.63 8.19 -12.18
CA MET C 611 6.87 7.41 -13.15
C MET C 611 7.53 7.38 -14.52
N GLN C 612 8.41 8.34 -14.83
CA GLN C 612 9.18 8.22 -16.06
C GLN C 612 10.01 6.95 -16.07
N ARG C 613 10.47 6.50 -14.90
CA ARG C 613 11.24 5.27 -14.79
C ARG C 613 10.38 4.02 -14.88
N GLN C 614 9.06 4.17 -14.86
CA GLN C 614 8.13 3.05 -14.96
C GLN C 614 7.56 2.89 -16.36
N ALA C 615 8.04 3.68 -17.32
CA ALA C 615 7.53 3.61 -18.69
C ALA C 615 7.90 2.28 -19.33
N VAL C 616 6.99 1.77 -20.15
CA VAL C 616 7.15 0.49 -20.83
C VAL C 616 7.61 0.76 -22.25
N PRO C 617 8.65 0.08 -22.74
CA PRO C 617 9.08 0.27 -24.15
C PRO C 617 8.02 -0.25 -25.11
N LEU C 618 7.54 0.64 -25.98
CA LEU C 618 6.50 0.28 -26.93
C LEU C 618 7.11 -0.38 -28.17
N VAL C 619 6.23 -0.88 -29.04
CA VAL C 619 6.68 -1.53 -30.26
C VAL C 619 7.44 -0.55 -31.14
N ARG C 620 6.82 0.57 -31.46
CA ARG C 620 7.47 1.69 -32.12
C ARG C 620 7.53 2.87 -31.15
N SER C 621 8.57 3.69 -31.29
CA SER C 621 8.83 4.78 -30.35
C SER C 621 8.76 6.12 -31.07
N GLU C 622 8.14 7.10 -30.39
CA GLU C 622 8.03 8.46 -30.89
C GLU C 622 8.71 9.41 -29.92
N ALA C 623 9.61 10.23 -30.43
CA ALA C 623 10.19 11.29 -29.60
C ALA C 623 9.13 12.34 -29.31
N PRO C 624 9.18 12.94 -28.11
CA PRO C 624 8.15 13.93 -27.75
C PRO C 624 8.32 15.22 -28.54
N LEU C 625 7.18 15.84 -28.88
CA LEU C 625 7.22 17.15 -29.53
C LEU C 625 7.77 18.21 -28.59
N VAL C 626 7.26 18.25 -27.36
CA VAL C 626 7.74 19.17 -26.35
C VAL C 626 8.82 18.45 -25.53
N GLY C 627 10.07 18.84 -25.71
CA GLY C 627 11.16 18.22 -24.98
C GLY C 627 11.91 19.18 -24.09
N THR C 628 13.04 18.72 -23.55
CA THR C 628 13.87 19.54 -22.68
C THR C 628 15.34 19.56 -23.07
N GLY C 629 15.76 18.75 -24.04
CA GLY C 629 17.15 18.63 -24.41
C GLY C 629 17.90 17.54 -23.68
N MET C 630 17.40 17.10 -22.52
CA MET C 630 18.08 16.07 -21.73
C MET C 630 17.87 14.67 -22.30
N GLU C 631 16.84 14.48 -23.14
CA GLU C 631 16.52 13.14 -23.63
C GLU C 631 17.68 12.53 -24.41
N LEU C 632 18.36 13.33 -25.23
CA LEU C 632 19.46 12.82 -26.05
C LEU C 632 20.58 12.27 -25.19
N ARG C 633 21.13 13.10 -24.29
CA ARG C 633 22.23 12.65 -23.46
C ARG C 633 21.81 11.54 -22.51
N ALA C 634 20.57 11.59 -22.02
CA ALA C 634 20.08 10.49 -21.19
C ALA C 634 20.10 9.17 -21.95
N ALA C 635 19.58 9.17 -23.19
CA ALA C 635 19.55 7.95 -23.98
C ALA C 635 20.95 7.45 -24.31
N ILE C 636 21.86 8.37 -24.64
CA ILE C 636 23.21 7.96 -25.04
C ILE C 636 23.97 7.43 -23.83
N ASP C 637 23.98 8.20 -22.73
CA ASP C 637 24.71 7.80 -21.53
C ASP C 637 24.08 6.60 -20.83
N ALA C 638 22.81 6.29 -21.14
CA ALA C 638 22.19 5.12 -20.53
C ALA C 638 22.87 3.83 -20.99
N GLY C 639 23.26 3.76 -22.25
CA GLY C 639 23.95 2.61 -22.79
C GLY C 639 23.08 1.59 -23.50
N ASP C 640 21.83 1.91 -23.77
CA ASP C 640 20.93 1.00 -24.47
C ASP C 640 20.80 1.34 -25.95
N VAL C 641 21.63 2.25 -26.47
CA VAL C 641 21.70 2.53 -27.89
C VAL C 641 23.03 2.01 -28.42
N VAL C 642 23.29 2.23 -29.70
CA VAL C 642 24.53 1.79 -30.34
C VAL C 642 25.20 3.03 -30.93
N VAL C 643 26.29 3.47 -30.29
CA VAL C 643 27.05 4.62 -30.75
C VAL C 643 28.30 4.15 -31.47
N ALA C 644 28.68 4.85 -32.52
CA ALA C 644 29.87 4.51 -33.29
C ALA C 644 31.12 4.91 -32.53
N GLU C 645 32.04 3.95 -32.35
CA GLU C 645 33.27 4.24 -31.63
C GLU C 645 34.21 5.11 -32.46
N GLU C 646 34.39 4.75 -33.74
CA GLU C 646 35.25 5.49 -34.64
C GLU C 646 34.47 5.89 -35.88
N SER C 647 34.87 7.01 -36.47
CA SER C 647 34.20 7.51 -37.66
C SER C 647 34.48 6.59 -38.85
N GLY C 648 33.54 6.58 -39.79
CA GLY C 648 33.68 5.76 -40.97
C GLY C 648 32.41 5.74 -41.79
N VAL C 649 32.34 4.77 -42.69
CA VAL C 649 31.18 4.58 -43.55
C VAL C 649 30.56 3.23 -43.24
N ILE C 650 29.27 3.09 -43.55
CA ILE C 650 28.54 1.85 -43.28
C ILE C 650 28.78 0.89 -44.45
N GLU C 651 29.45 -0.23 -44.16
CA GLU C 651 29.74 -1.21 -45.20
C GLU C 651 28.53 -2.12 -45.46
N GLU C 652 27.95 -2.66 -44.41
CA GLU C 652 26.80 -3.55 -44.54
C GLU C 652 25.90 -3.38 -43.33
N VAL C 653 24.62 -3.12 -43.57
CA VAL C 653 23.64 -2.92 -42.52
C VAL C 653 22.55 -3.97 -42.65
N SER C 654 22.22 -4.61 -41.54
CA SER C 654 21.18 -5.63 -41.49
C SER C 654 20.43 -5.49 -40.17
N ALA C 655 19.32 -6.20 -40.06
CA ALA C 655 18.60 -6.25 -38.78
C ALA C 655 19.40 -6.97 -37.72
N ASP C 656 20.43 -7.71 -38.11
CA ASP C 656 21.24 -8.48 -37.17
C ASP C 656 22.47 -7.73 -36.70
N TYR C 657 23.17 -7.05 -37.60
CA TYR C 657 24.40 -6.35 -37.23
C TYR C 657 24.65 -5.19 -38.19
N ILE C 658 25.55 -4.31 -37.78
CA ILE C 658 25.98 -3.16 -38.56
C ILE C 658 27.50 -3.16 -38.64
N THR C 659 28.03 -3.11 -39.85
CA THR C 659 29.48 -3.09 -40.07
C THR C 659 29.91 -1.69 -40.49
N VAL C 660 30.93 -1.16 -39.82
CA VAL C 660 31.46 0.17 -40.10
C VAL C 660 32.87 0.01 -40.62
N MET C 661 33.11 0.58 -41.80
CA MET C 661 34.43 0.62 -42.44
C MET C 661 35.12 1.92 -42.06
N HIS C 662 36.18 1.83 -41.27
CA HIS C 662 36.85 3.01 -40.75
C HIS C 662 37.72 3.66 -41.82
N ASP C 663 38.23 4.84 -41.51
CA ASP C 663 39.08 5.57 -42.45
C ASP C 663 40.44 4.90 -42.59
N ASN C 664 41.00 4.40 -41.49
CA ASN C 664 42.29 3.73 -41.55
C ASN C 664 42.23 2.44 -42.35
N GLY C 665 41.09 1.75 -42.31
CA GLY C 665 40.93 0.52 -43.07
C GLY C 665 40.32 -0.61 -42.27
N THR C 666 40.34 -0.49 -40.95
CA THR C 666 39.78 -1.52 -40.10
C THR C 666 38.26 -1.49 -40.12
N ARG C 667 37.64 -2.58 -39.70
CA ARG C 667 36.20 -2.72 -39.66
C ARG C 667 35.75 -3.05 -38.24
N ARG C 668 34.66 -2.41 -37.81
CA ARG C 668 34.05 -2.75 -36.52
C ARG C 668 32.59 -3.07 -36.73
N THR C 669 32.14 -4.21 -36.19
CA THR C 669 30.78 -4.67 -36.36
C THR C 669 30.05 -4.69 -35.02
N TYR C 670 28.93 -3.99 -34.96
CA TYR C 670 28.08 -3.93 -33.77
C TYR C 670 26.87 -4.83 -33.98
N ARG C 671 26.67 -5.76 -33.05
CA ARG C 671 25.56 -6.70 -33.13
C ARG C 671 24.35 -6.16 -32.41
N MET C 672 23.18 -6.32 -33.03
CA MET C 672 21.94 -5.79 -32.47
C MET C 672 21.34 -6.78 -31.48
N ARG C 673 20.84 -6.25 -30.37
CA ARG C 673 20.14 -7.04 -29.36
C ARG C 673 18.67 -7.06 -29.71
N LYS C 674 18.18 -8.20 -30.21
CA LYS C 674 16.84 -8.31 -30.79
C LYS C 674 15.94 -9.13 -29.86
N PHE C 675 14.87 -8.51 -29.39
CA PHE C 675 13.81 -9.19 -28.65
C PHE C 675 14.37 -9.90 -27.42
N ALA C 676 15.20 -9.20 -26.67
CA ALA C 676 15.80 -9.74 -25.45
C ALA C 676 14.92 -9.39 -24.25
N ARG C 677 14.67 -10.41 -23.44
CA ARG C 677 13.87 -10.28 -22.25
C ARG C 677 14.48 -9.16 -21.44
N SER C 678 14.11 -7.90 -21.49
CA SER C 678 14.78 -6.85 -20.68
C SER C 678 14.43 -6.84 -19.18
N ASN C 679 15.03 -7.77 -18.42
CA ASN C 679 14.85 -7.89 -16.96
C ASN C 679 13.41 -8.02 -16.44
N HIS C 680 12.85 -6.89 -16.01
CA HIS C 680 11.49 -6.76 -15.51
C HIS C 680 10.45 -7.17 -16.55
N GLY C 681 10.83 -8.04 -17.50
CA GLY C 681 9.90 -8.55 -18.46
C GLY C 681 9.69 -7.70 -19.70
N THR C 682 10.26 -6.50 -19.74
CA THR C 682 10.11 -5.64 -20.92
C THR C 682 10.98 -6.15 -22.06
N CYS C 683 10.76 -5.59 -23.25
CA CYS C 683 11.44 -6.04 -24.46
C CYS C 683 12.54 -5.04 -24.81
N ALA C 684 13.79 -5.48 -24.70
CA ALA C 684 14.94 -4.69 -25.12
C ALA C 684 15.27 -5.07 -26.56
N ASN C 685 14.89 -4.21 -27.50
CA ASN C 685 15.04 -4.48 -28.92
C ASN C 685 15.71 -3.28 -29.58
N GLN C 686 16.86 -3.52 -30.21
CA GLN C 686 17.61 -2.49 -30.90
C GLN C 686 17.33 -2.56 -32.40
N CYS C 687 17.30 -1.39 -33.04
CA CYS C 687 17.01 -1.31 -34.47
C CYS C 687 18.02 -0.36 -35.12
N PRO C 688 18.60 -0.74 -36.27
CA PRO C 688 19.52 0.16 -36.96
C PRO C 688 18.82 1.42 -37.46
N ILE C 689 19.57 2.52 -37.45
CA ILE C 689 19.08 3.80 -37.94
C ILE C 689 19.70 4.15 -39.29
N VAL C 690 21.01 4.00 -39.41
CA VAL C 690 21.73 4.35 -40.63
C VAL C 690 21.43 3.35 -41.74
N ASP C 691 21.79 3.69 -42.96
CA ASP C 691 21.61 2.82 -44.12
C ASP C 691 22.98 2.48 -44.72
N ALA C 692 22.95 1.81 -45.87
CA ALA C 692 24.19 1.39 -46.51
C ALA C 692 24.90 2.59 -47.11
N GLY C 693 26.19 2.73 -46.80
CA GLY C 693 27.00 3.78 -47.38
C GLY C 693 26.76 5.16 -46.80
N ASP C 694 26.51 5.25 -45.51
CA ASP C 694 26.27 6.52 -44.85
C ASP C 694 27.49 6.91 -44.03
N ARG C 695 28.02 8.11 -44.29
CA ARG C 695 29.13 8.64 -43.51
C ARG C 695 28.64 8.98 -42.11
N VAL C 696 29.27 8.38 -41.10
CA VAL C 696 28.89 8.55 -39.70
C VAL C 696 30.12 8.95 -38.90
N GLU C 697 29.98 9.99 -38.08
CA GLU C 697 31.08 10.48 -37.26
C GLU C 697 31.21 9.64 -35.99
N ALA C 698 32.33 9.82 -35.31
CA ALA C 698 32.58 9.09 -34.07
C ALA C 698 31.67 9.59 -32.96
N GLY C 699 31.14 8.66 -32.17
CA GLY C 699 30.23 9.01 -31.10
C GLY C 699 28.81 9.25 -31.52
N GLN C 700 28.46 8.96 -32.77
CA GLN C 700 27.10 9.17 -33.27
C GLN C 700 26.27 7.90 -33.14
N VAL C 701 24.98 8.08 -32.88
CA VAL C 701 24.09 6.94 -32.70
C VAL C 701 23.79 6.33 -34.06
N ILE C 702 24.23 5.08 -34.25
CA ILE C 702 23.94 4.35 -35.49
C ILE C 702 22.78 3.38 -35.33
N ALA C 703 22.29 3.17 -34.11
CA ALA C 703 21.16 2.28 -33.86
C ALA C 703 20.67 2.57 -32.45
N ASP C 704 19.35 2.62 -32.28
CA ASP C 704 18.74 2.94 -31.01
C ASP C 704 17.88 1.77 -30.53
N GLY C 705 17.74 1.65 -29.22
CA GLY C 705 17.04 0.55 -28.62
C GLY C 705 15.69 0.93 -28.06
N PRO C 706 15.31 0.32 -26.94
CA PRO C 706 13.97 0.57 -26.39
C PRO C 706 13.85 1.99 -25.87
N CYS C 707 12.64 2.56 -26.04
CA CYS C 707 12.33 3.92 -25.59
C CYS C 707 13.28 4.94 -26.19
N THR C 708 13.62 4.77 -27.46
CA THR C 708 14.55 5.67 -28.13
C THR C 708 14.08 5.93 -29.55
N ASP C 709 14.20 7.19 -29.97
CA ASP C 709 13.81 7.61 -31.32
C ASP C 709 14.87 8.59 -31.83
N ASP C 710 15.67 8.14 -32.80
CA ASP C 710 16.76 8.94 -33.36
C ASP C 710 17.77 9.36 -32.30
N GLY C 711 17.88 8.59 -31.23
CA GLY C 711 18.83 8.86 -30.17
C GLY C 711 18.30 9.60 -28.96
N GLU C 712 17.00 9.85 -28.88
CA GLU C 712 16.40 10.57 -27.77
C GLU C 712 15.46 9.66 -27.00
N MET C 713 15.34 9.91 -25.69
CA MET C 713 14.47 9.10 -24.85
C MET C 713 13.02 9.26 -25.27
N ALA C 714 12.41 8.17 -25.73
CA ALA C 714 11.01 8.15 -26.17
C ALA C 714 10.21 7.28 -25.21
N LEU C 715 9.85 7.87 -24.06
CA LEU C 715 9.14 7.13 -23.02
C LEU C 715 7.64 7.00 -23.27
N GLY C 716 7.12 7.65 -24.30
CA GLY C 716 5.70 7.59 -24.57
C GLY C 716 5.36 8.00 -25.99
N LYS C 717 4.14 8.50 -26.16
CA LYS C 717 3.63 8.92 -27.46
C LYS C 717 2.96 10.28 -27.35
N ASN C 718 2.95 11.01 -28.46
CA ASN C 718 2.26 12.28 -28.56
C ASN C 718 0.80 12.02 -28.89
N LEU C 719 -0.10 12.35 -27.98
CA LEU C 719 -1.52 12.08 -28.11
C LEU C 719 -2.30 13.38 -28.16
N LEU C 720 -3.31 13.42 -29.04
CA LEU C 720 -4.21 14.56 -29.15
C LEU C 720 -5.16 14.52 -27.95
N VAL C 721 -5.05 15.52 -27.07
CA VAL C 721 -5.76 15.56 -25.80
C VAL C 721 -6.77 16.70 -25.81
N ALA C 722 -7.92 16.44 -25.22
CA ALA C 722 -8.95 17.45 -24.95
C ALA C 722 -9.28 17.43 -23.47
N ILE C 723 -9.38 18.61 -22.87
CA ILE C 723 -9.56 18.74 -21.42
C ILE C 723 -11.04 19.05 -21.19
N MET C 724 -11.82 18.01 -20.94
CA MET C 724 -13.26 18.17 -20.71
C MET C 724 -13.79 16.92 -20.03
N PRO C 725 -14.81 17.05 -19.19
CA PRO C 725 -15.51 15.86 -18.69
C PRO C 725 -16.36 15.25 -19.78
N TRP C 726 -16.42 13.92 -19.82
CA TRP C 726 -17.12 13.20 -20.89
C TRP C 726 -17.96 12.09 -20.29
N GLU C 727 -19.24 12.40 -20.00
CA GLU C 727 -20.24 11.43 -19.59
C GLU C 727 -19.83 10.60 -18.37
N GLY C 728 -18.89 11.10 -17.58
CA GLY C 728 -18.48 10.43 -16.36
C GLY C 728 -17.55 9.26 -16.53
N HIS C 729 -17.12 8.94 -17.76
CA HIS C 729 -16.18 7.85 -17.95
C HIS C 729 -14.76 8.23 -17.57
N ASN C 730 -14.45 9.52 -17.55
CA ASN C 730 -13.17 10.03 -17.04
C ASN C 730 -13.29 10.60 -15.64
N TYR C 731 -14.24 10.10 -14.85
CA TYR C 731 -14.58 10.71 -13.58
C TYR C 731 -13.48 10.45 -12.56
N GLU C 732 -12.97 11.54 -11.96
CA GLU C 732 -11.80 11.56 -11.08
C GLU C 732 -10.69 10.60 -11.49
N ASP C 733 -9.79 11.09 -12.34
CA ASP C 733 -8.53 10.48 -12.73
C ASP C 733 -8.68 9.28 -13.66
N ALA C 734 -9.91 8.87 -14.02
CA ALA C 734 -10.05 7.90 -15.09
C ALA C 734 -9.72 8.56 -16.42
N ILE C 735 -9.40 7.73 -17.42
CA ILE C 735 -8.92 8.20 -18.70
C ILE C 735 -9.72 7.56 -19.82
N ILE C 736 -10.17 8.38 -20.77
CA ILE C 736 -10.88 7.90 -21.96
C ILE C 736 -9.90 7.92 -23.13
N LEU C 737 -9.79 6.79 -23.83
CA LEU C 737 -8.88 6.67 -24.95
C LEU C 737 -9.64 6.40 -26.24
N SER C 738 -9.04 6.82 -27.34
CA SER C 738 -9.54 6.48 -28.67
C SER C 738 -9.11 5.08 -29.05
N ASN C 739 -10.04 4.29 -29.60
CA ASN C 739 -9.71 2.95 -30.06
C ASN C 739 -8.67 2.95 -31.16
N ARG C 740 -8.38 4.11 -31.77
CA ARG C 740 -7.29 4.19 -32.75
C ARG C 740 -5.99 3.70 -32.14
N LEU C 741 -5.71 4.08 -30.89
CA LEU C 741 -4.50 3.64 -30.21
C LEU C 741 -4.43 2.12 -30.08
N VAL C 742 -5.57 1.43 -30.15
CA VAL C 742 -5.56 -0.02 -30.22
C VAL C 742 -5.42 -0.51 -31.65
N GLU C 743 -6.08 0.15 -32.60
CA GLU C 743 -6.04 -0.30 -33.99
C GLU C 743 -4.68 -0.09 -34.61
N GLU C 744 -3.98 0.98 -34.23
CA GLU C 744 -2.71 1.35 -34.85
C GLU C 744 -1.51 1.05 -33.95
N ASP C 745 -1.70 0.24 -32.89
CA ASP C 745 -0.62 -0.19 -32.01
C ASP C 745 0.18 0.99 -31.47
N VAL C 746 -0.53 2.05 -31.09
CA VAL C 746 0.14 3.24 -30.57
C VAL C 746 0.70 2.98 -29.18
N LEU C 747 -0.07 2.28 -28.33
CA LEU C 747 0.36 1.95 -26.98
C LEU C 747 0.48 0.45 -26.78
N THR C 748 0.85 -0.28 -27.84
CA THR C 748 1.07 -1.72 -27.76
C THR C 748 2.52 -1.97 -27.35
N SER C 749 2.71 -2.92 -26.44
CA SER C 749 4.03 -3.23 -25.92
C SER C 749 4.26 -4.74 -25.91
N ILE C 750 5.52 -5.13 -26.08
CA ILE C 750 5.90 -6.54 -26.08
C ILE C 750 6.43 -6.89 -24.69
N HIS C 751 5.98 -8.03 -24.15
CA HIS C 751 6.45 -8.51 -22.87
C HIS C 751 6.89 -9.95 -23.00
N ILE C 752 7.96 -10.31 -22.28
CA ILE C 752 8.53 -11.66 -22.37
C ILE C 752 8.64 -12.23 -20.98
N GLU C 753 8.15 -13.46 -20.82
CA GLU C 753 8.22 -14.20 -19.56
C GLU C 753 9.11 -15.43 -19.72
N GLU C 754 9.84 -15.74 -18.65
CA GLU C 754 10.74 -16.87 -18.59
C GLU C 754 10.13 -17.96 -17.72
N HIS C 755 9.98 -19.16 -18.27
CA HIS C 755 9.50 -20.31 -17.53
C HIS C 755 10.60 -21.36 -17.49
N GLU C 756 10.75 -22.01 -16.35
CA GLU C 756 11.89 -22.90 -16.14
C GLU C 756 11.44 -24.14 -15.40
N ILE C 757 12.00 -25.29 -15.78
CA ILE C 757 11.74 -26.54 -15.06
C ILE C 757 12.95 -27.45 -15.22
N ASP C 758 13.11 -28.38 -14.28
CA ASP C 758 14.25 -29.27 -14.27
C ASP C 758 13.80 -30.69 -13.94
N ALA C 759 14.53 -31.65 -14.52
CA ALA C 759 14.35 -33.07 -14.24
C ALA C 759 15.51 -33.51 -13.36
N ARG C 760 15.18 -34.01 -12.16
CA ARG C 760 16.12 -34.36 -11.12
C ARG C 760 16.16 -35.87 -10.92
N ASP C 761 16.93 -36.30 -9.93
CA ASP C 761 16.98 -37.69 -9.49
C ASP C 761 16.20 -37.80 -8.19
N THR C 762 15.18 -38.66 -8.17
CA THR C 762 14.34 -38.85 -7.00
C THR C 762 14.71 -40.16 -6.29
N LYS C 763 13.96 -40.46 -5.23
CA LYS C 763 14.27 -41.64 -4.41
C LYS C 763 13.87 -42.92 -5.12
N LEU C 764 12.85 -42.87 -5.98
CA LEU C 764 12.36 -44.05 -6.67
C LEU C 764 12.78 -44.08 -8.14
N GLY C 765 13.81 -43.32 -8.50
CA GLY C 765 14.20 -43.21 -9.90
C GLY C 765 14.70 -41.85 -10.33
N ALA C 766 14.31 -41.40 -11.52
CA ALA C 766 14.71 -40.07 -11.97
C ALA C 766 13.60 -39.47 -12.81
N GLU C 767 13.31 -38.19 -12.57
CA GLU C 767 12.34 -37.49 -13.40
C GLU C 767 12.88 -37.39 -14.82
N GLU C 768 12.03 -37.69 -15.80
CA GLU C 768 12.42 -37.62 -17.20
C GLU C 768 11.47 -36.70 -17.96
N ILE C 769 12.03 -35.93 -18.88
CA ILE C 769 11.24 -35.03 -19.73
C ILE C 769 10.89 -35.79 -21.00
N THR C 770 9.62 -36.16 -21.14
CA THR C 770 9.18 -36.99 -22.25
C THR C 770 7.83 -36.50 -22.76
N ARG C 771 7.57 -36.76 -24.04
CA ARG C 771 6.27 -36.46 -24.62
C ARG C 771 5.19 -37.43 -24.12
N ASP C 772 5.58 -38.62 -23.67
CA ASP C 772 4.63 -39.61 -23.17
C ASP C 772 4.22 -39.21 -21.76
N ILE C 773 2.99 -38.71 -21.61
CA ILE C 773 2.44 -38.30 -20.33
C ILE C 773 1.20 -39.15 -20.06
N PRO C 774 1.05 -39.72 -18.86
CA PRO C 774 -0.06 -40.65 -18.63
C PRO C 774 -1.41 -39.95 -18.68
N ASN C 775 -2.35 -40.58 -19.39
CA ASN C 775 -3.76 -40.14 -19.44
C ASN C 775 -3.90 -38.74 -20.01
N ILE C 776 -3.17 -38.45 -21.08
CA ILE C 776 -3.27 -37.19 -21.81
C ILE C 776 -3.49 -37.52 -23.28
N SER C 777 -4.45 -36.84 -23.91
CA SER C 777 -4.77 -37.09 -25.30
C SER C 777 -3.64 -36.61 -26.21
N ASP C 778 -3.70 -37.06 -27.46
CA ASP C 778 -2.74 -36.61 -28.47
C ASP C 778 -3.01 -35.18 -28.93
N GLU C 779 -4.07 -34.55 -28.44
CA GLU C 779 -4.42 -33.19 -28.84
C GLU C 779 -3.75 -32.14 -27.98
N VAL C 780 -3.62 -32.39 -26.67
CA VAL C 780 -2.88 -31.46 -25.80
C VAL C 780 -1.39 -31.54 -26.09
N LEU C 781 -0.89 -32.74 -26.38
CA LEU C 781 0.52 -32.94 -26.71
C LEU C 781 0.83 -32.64 -28.17
N ALA C 782 -0.11 -32.02 -28.90
CA ALA C 782 0.11 -31.80 -30.33
C ALA C 782 1.14 -30.70 -30.58
N ASP C 783 1.28 -29.76 -29.65
CA ASP C 783 2.22 -28.66 -29.81
C ASP C 783 3.62 -29.01 -29.31
N LEU C 784 3.84 -30.23 -28.85
CA LEU C 784 5.14 -30.66 -28.35
C LEU C 784 5.91 -31.41 -29.43
N ASP C 785 7.23 -31.28 -29.38
CA ASP C 785 8.10 -32.05 -30.26
C ASP C 785 8.26 -33.46 -29.70
N GLU C 786 9.21 -34.23 -30.25
CA GLU C 786 9.40 -35.60 -29.80
C GLU C 786 10.04 -35.68 -28.42
N ARG C 787 10.57 -34.58 -27.90
CA ARG C 787 11.21 -34.57 -26.58
C ARG C 787 10.24 -34.23 -25.45
N GLY C 788 9.05 -33.74 -25.76
CA GLY C 788 8.14 -33.24 -24.76
C GLY C 788 8.21 -31.75 -24.52
N ILE C 789 8.92 -31.01 -25.38
CA ILE C 789 9.07 -29.56 -25.27
C ILE C 789 8.16 -28.90 -26.29
N VAL C 790 7.55 -27.78 -25.89
CA VAL C 790 6.73 -27.02 -26.83
C VAL C 790 7.61 -26.49 -27.96
N ARG C 791 7.07 -26.49 -29.17
CA ARG C 791 7.83 -26.08 -30.34
C ARG C 791 7.83 -24.57 -30.49
N ILE C 792 8.89 -24.06 -31.14
CA ILE C 792 9.02 -22.62 -31.36
C ILE C 792 7.92 -22.14 -32.29
N GLY C 793 7.27 -21.04 -31.91
CA GLY C 793 6.21 -20.45 -32.71
C GLY C 793 4.80 -20.84 -32.30
N ALA C 794 4.67 -21.81 -31.41
CA ALA C 794 3.34 -22.24 -30.97
C ALA C 794 2.73 -21.21 -30.03
N GLU C 795 1.45 -20.91 -30.24
CA GLU C 795 0.71 -20.03 -29.35
C GLU C 795 0.13 -20.86 -28.21
N VAL C 796 0.44 -20.46 -26.98
CA VAL C 796 0.07 -21.23 -25.80
C VAL C 796 -0.78 -20.36 -24.88
N ARG C 797 -1.96 -20.85 -24.53
CA ARG C 797 -2.81 -20.22 -23.54
C ARG C 797 -2.43 -20.70 -22.14
N ASP C 798 -3.18 -20.26 -21.14
CA ASP C 798 -2.95 -20.72 -19.78
C ASP C 798 -3.45 -22.15 -19.60
N GLY C 799 -2.63 -22.98 -18.96
CA GLY C 799 -2.93 -24.38 -18.78
C GLY C 799 -2.27 -25.30 -19.78
N ASP C 800 -1.78 -24.76 -20.91
CA ASP C 800 -1.10 -25.57 -21.90
C ASP C 800 0.23 -26.10 -21.37
N ILE C 801 0.64 -27.25 -21.89
CA ILE C 801 1.87 -27.89 -21.45
C ILE C 801 3.05 -27.28 -22.20
N LEU C 802 4.07 -26.85 -21.44
CA LEU C 802 5.30 -26.34 -22.02
C LEU C 802 6.41 -27.38 -22.03
N VAL C 803 6.59 -28.10 -20.92
CA VAL C 803 7.60 -29.15 -20.82
C VAL C 803 6.96 -30.35 -20.14
N GLY C 804 6.91 -31.49 -20.84
CA GLY C 804 6.30 -32.68 -20.29
C GLY C 804 7.24 -33.48 -19.41
N LYS C 805 7.06 -33.38 -18.09
CA LYS C 805 7.90 -34.07 -17.12
C LYS C 805 7.04 -34.99 -16.26
N VAL C 806 7.50 -36.23 -16.07
CA VAL C 806 6.82 -37.20 -15.22
C VAL C 806 7.76 -37.61 -14.11
N THR C 807 7.20 -37.83 -12.92
CA THR C 807 8.00 -38.22 -11.77
C THR C 807 7.49 -39.53 -11.19
N PRO C 808 8.37 -40.50 -10.92
CA PRO C 808 7.90 -41.79 -10.40
C PRO C 808 7.41 -41.68 -8.97
N LYS C 809 6.20 -42.16 -8.73
CA LYS C 809 5.59 -42.17 -7.42
C LYS C 809 5.46 -43.60 -6.91
N GLY C 810 5.74 -43.79 -5.62
CA GLY C 810 5.71 -45.11 -5.04
C GLY C 810 4.31 -45.67 -4.93
N GLU C 811 4.23 -47.00 -4.87
CA GLU C 811 2.94 -47.67 -4.73
C GLU C 811 2.33 -47.42 -3.35
N THR C 812 3.16 -47.34 -2.32
CA THR C 812 2.70 -47.11 -0.95
C THR C 812 2.25 -45.66 -0.71
N GLU C 813 2.20 -44.82 -1.74
CA GLU C 813 1.77 -43.43 -1.61
C GLU C 813 0.41 -43.20 -2.26
N LEU C 814 -0.35 -44.25 -2.50
CA LEU C 814 -1.58 -44.17 -3.29
C LEU C 814 -2.80 -44.09 -2.39
N THR C 815 -3.74 -43.23 -2.78
CA THR C 815 -5.02 -43.16 -2.11
C THR C 815 -5.79 -44.46 -2.33
N PRO C 816 -6.57 -44.92 -1.34
CA PRO C 816 -7.45 -46.08 -1.59
C PRO C 816 -8.34 -45.87 -2.80
N GLU C 817 -8.98 -44.70 -2.92
CA GLU C 817 -9.77 -44.42 -4.12
C GLU C 817 -8.89 -44.40 -5.37
N GLU C 818 -7.66 -43.89 -5.26
CA GLU C 818 -6.79 -43.84 -6.41
C GLU C 818 -6.35 -45.24 -6.83
N ARG C 819 -6.10 -46.13 -5.87
CA ARG C 819 -5.72 -47.50 -6.21
C ARG C 819 -6.90 -48.25 -6.81
N LEU C 820 -8.11 -48.07 -6.27
CA LEU C 820 -9.30 -48.65 -6.88
C LEU C 820 -9.51 -48.12 -8.29
N LEU C 821 -9.32 -46.82 -8.50
CA LEU C 821 -9.48 -46.23 -9.82
C LEU C 821 -8.44 -46.74 -10.80
N ARG C 822 -7.22 -47.00 -10.32
CA ARG C 822 -6.22 -47.64 -11.16
C ARG C 822 -6.63 -49.07 -11.48
N ALA C 823 -7.32 -49.75 -10.56
CA ALA C 823 -7.72 -51.13 -10.82
C ALA C 823 -8.89 -51.19 -11.79
N ILE C 824 -9.83 -50.24 -11.71
CA ILE C 824 -11.01 -50.26 -12.58
C ILE C 824 -10.74 -49.71 -13.96
N PHE C 825 -9.50 -49.35 -14.27
CA PHE C 825 -9.14 -48.92 -15.61
C PHE C 825 -8.07 -49.80 -16.25
N GLY C 826 -7.55 -50.80 -15.53
CA GLY C 826 -6.57 -51.73 -16.06
C GLY C 826 -5.26 -51.12 -16.49
N GLU C 827 -5.00 -49.86 -16.18
CA GLU C 827 -3.77 -49.20 -16.62
C GLU C 827 -2.66 -49.51 -15.63
N LYS C 828 -1.88 -50.55 -15.95
CA LYS C 828 -0.72 -50.90 -15.14
C LYS C 828 0.49 -50.09 -15.61
N ALA C 829 1.59 -50.23 -14.85
CA ALA C 829 2.87 -49.61 -15.17
C ALA C 829 2.80 -48.09 -15.29
N ARG C 830 1.84 -47.46 -14.62
CA ARG C 830 1.73 -46.00 -14.59
C ARG C 830 2.23 -45.43 -13.27
N GLU C 831 3.35 -45.95 -12.77
CA GLU C 831 3.86 -45.59 -11.46
C GLU C 831 4.38 -44.15 -11.44
N VAL C 832 4.26 -43.44 -12.56
CA VAL C 832 4.69 -42.06 -12.66
C VAL C 832 3.47 -41.15 -12.65
N ARG C 833 3.65 -39.96 -12.11
CA ARG C 833 2.62 -38.93 -12.08
C ARG C 833 3.08 -37.72 -12.89
N ASP C 834 2.09 -36.91 -13.27
CA ASP C 834 2.31 -35.75 -14.12
C ASP C 834 2.85 -34.59 -13.29
N THR C 835 4.00 -34.06 -13.69
CA THR C 835 4.58 -32.86 -13.08
C THR C 835 5.10 -31.94 -14.17
N SER C 836 4.33 -31.81 -15.25
CA SER C 836 4.76 -31.04 -16.41
C SER C 836 4.74 -29.54 -16.09
N LEU C 837 5.52 -28.78 -16.86
CA LEU C 837 5.55 -27.34 -16.74
C LEU C 837 4.42 -26.75 -17.56
N LYS C 838 3.41 -26.20 -16.89
CA LYS C 838 2.25 -25.62 -17.55
C LYS C 838 2.30 -24.11 -17.49
N VAL C 839 1.47 -23.49 -18.31
CA VAL C 839 1.42 -22.03 -18.40
C VAL C 839 0.61 -21.50 -17.23
N PRO C 840 1.11 -20.52 -16.48
CA PRO C 840 0.36 -20.00 -15.33
C PRO C 840 -0.91 -19.26 -15.77
N HIS C 841 -1.77 -19.02 -14.79
CA HIS C 841 -3.02 -18.29 -15.04
C HIS C 841 -2.71 -16.85 -15.43
N GLY C 842 -3.33 -16.38 -16.50
CA GLY C 842 -3.13 -15.02 -16.97
C GLY C 842 -2.02 -14.85 -17.99
N GLU C 843 -1.32 -15.92 -18.34
CA GLU C 843 -0.24 -15.88 -19.31
C GLU C 843 -0.70 -16.45 -20.64
N SER C 844 -0.26 -15.82 -21.73
CA SER C 844 -0.57 -16.29 -23.07
C SER C 844 0.31 -15.58 -24.08
N GLY C 845 0.95 -16.33 -24.97
CA GLY C 845 1.78 -15.72 -25.98
C GLY C 845 2.37 -16.76 -26.90
N LYS C 846 3.31 -16.30 -27.73
CA LYS C 846 4.03 -17.15 -28.66
C LYS C 846 5.36 -17.58 -28.07
N VAL C 847 5.67 -18.88 -28.18
CA VAL C 847 6.96 -19.38 -27.72
C VAL C 847 8.02 -18.93 -28.71
N ILE C 848 8.98 -18.15 -28.22
CA ILE C 848 10.01 -17.57 -29.09
C ILE C 848 11.37 -18.20 -28.89
N GLY C 849 11.65 -18.80 -27.74
CA GLY C 849 12.96 -19.40 -27.51
C GLY C 849 12.96 -20.55 -26.53
N ILE C 850 13.77 -21.56 -26.81
CA ILE C 850 13.95 -22.71 -25.93
C ILE C 850 15.43 -22.88 -25.65
N ARG C 851 15.77 -23.15 -24.40
CA ARG C 851 17.15 -23.43 -23.99
C ARG C 851 17.14 -24.71 -23.17
N VAL C 852 18.00 -25.66 -23.55
CA VAL C 852 18.07 -26.97 -22.91
C VAL C 852 19.48 -27.20 -22.41
N PHE C 853 19.60 -27.62 -21.15
CA PHE C 853 20.87 -27.93 -20.52
C PHE C 853 20.78 -29.35 -19.98
N SER C 854 21.66 -30.24 -20.43
CA SER C 854 21.61 -31.64 -20.05
C SER C 854 22.91 -32.04 -19.38
N ARG C 855 22.81 -32.69 -18.22
CA ARG C 855 23.98 -33.30 -17.59
C ARG C 855 24.62 -34.31 -18.52
N GLU C 856 23.81 -35.03 -19.30
CA GLU C 856 24.34 -35.97 -20.29
C GLU C 856 25.23 -35.27 -21.31
N ASP C 857 24.96 -33.99 -21.59
CA ASP C 857 25.71 -33.26 -22.61
C ASP C 857 26.67 -32.25 -21.99
N GLU C 858 27.44 -32.69 -21.00
CA GLU C 858 28.55 -31.93 -20.42
C GLU C 858 28.14 -30.63 -19.74
N ASP C 859 26.86 -30.26 -19.83
CA ASP C 859 26.39 -29.06 -19.16
C ASP C 859 26.38 -29.25 -17.65
N GLU C 860 27.05 -28.35 -16.94
CA GLU C 860 27.21 -28.49 -15.49
C GLU C 860 25.96 -27.99 -14.80
N LEU C 861 25.14 -28.92 -14.33
CA LEU C 861 23.94 -28.65 -13.56
C LEU C 861 24.21 -28.86 -12.08
N PRO C 862 23.40 -28.29 -11.19
CA PRO C 862 23.55 -28.58 -9.76
C PRO C 862 23.41 -30.07 -9.49
N ALA C 863 24.10 -30.53 -8.44
CA ALA C 863 24.12 -31.96 -8.12
C ALA C 863 22.71 -32.47 -7.85
N GLY C 864 22.34 -33.53 -8.56
CA GLY C 864 21.01 -34.10 -8.45
C GLY C 864 20.06 -33.71 -9.55
N VAL C 865 20.51 -32.93 -10.53
CA VAL C 865 19.67 -32.48 -11.65
C VAL C 865 20.21 -33.13 -12.92
N ASN C 866 19.31 -33.73 -13.69
CA ASN C 866 19.68 -34.36 -14.96
C ASN C 866 19.36 -33.50 -16.17
N GLU C 867 18.32 -32.67 -16.11
CA GLU C 867 17.98 -31.83 -17.26
C GLU C 867 17.38 -30.52 -16.78
N LEU C 868 17.46 -29.51 -17.63
CA LEU C 868 16.94 -28.18 -17.33
C LEU C 868 16.44 -27.55 -18.61
N VAL C 869 15.21 -27.03 -18.59
CA VAL C 869 14.63 -26.40 -19.77
C VAL C 869 14.11 -25.02 -19.37
N ARG C 870 14.41 -24.02 -20.22
CA ARG C 870 13.89 -22.67 -20.11
C ARG C 870 13.14 -22.33 -21.39
N VAL C 871 11.90 -21.89 -21.25
CA VAL C 871 11.03 -21.51 -22.35
C VAL C 871 10.71 -20.03 -22.22
N TYR C 872 10.89 -19.27 -23.29
CA TYR C 872 10.60 -17.85 -23.32
C TYR C 872 9.30 -17.63 -24.09
N VAL C 873 8.34 -16.96 -23.46
CA VAL C 873 7.02 -16.72 -24.06
C VAL C 873 6.83 -15.23 -24.20
N ALA C 874 6.52 -14.78 -25.42
CA ALA C 874 6.33 -13.36 -25.72
C ALA C 874 4.86 -13.08 -25.99
N GLN C 875 4.33 -12.06 -25.32
CA GLN C 875 2.96 -11.60 -25.51
C GLN C 875 2.97 -10.17 -26.04
N LYS C 876 2.05 -9.89 -26.96
CA LYS C 876 1.88 -8.57 -27.54
C LYS C 876 0.66 -7.93 -26.89
N ARG C 877 0.90 -7.06 -25.91
CA ARG C 877 -0.14 -6.49 -25.08
C ARG C 877 -0.57 -5.15 -25.67
N LYS C 878 -1.80 -5.10 -26.17
CA LYS C 878 -2.41 -3.84 -26.57
C LYS C 878 -2.92 -3.11 -25.32
N ILE C 879 -3.15 -1.81 -25.47
CA ILE C 879 -3.65 -1.02 -24.35
C ILE C 879 -5.08 -1.46 -24.04
N SER C 880 -5.36 -1.67 -22.76
CA SER C 880 -6.62 -2.24 -22.32
C SER C 880 -7.26 -1.35 -21.25
N ASP C 881 -8.54 -1.60 -21.00
CA ASP C 881 -9.23 -0.91 -19.92
C ASP C 881 -8.61 -1.27 -18.58
N GLY C 882 -8.11 -0.27 -17.87
CA GLY C 882 -7.50 -0.45 -16.58
C GLY C 882 -5.98 -0.34 -16.57
N ASP C 883 -5.35 -0.35 -17.74
CA ASP C 883 -3.93 -0.09 -17.81
C ASP C 883 -3.63 1.35 -17.39
N LYS C 884 -2.53 1.53 -16.66
CA LYS C 884 -2.20 2.83 -16.06
C LYS C 884 -1.36 3.65 -17.03
N LEU C 885 -1.91 4.79 -17.46
CA LEU C 885 -1.16 5.79 -18.21
C LEU C 885 -0.83 6.96 -17.30
N ALA C 886 0.15 7.76 -17.74
CA ALA C 886 0.59 8.92 -16.97
C ALA C 886 1.41 9.83 -17.87
N GLY C 887 1.47 11.10 -17.48
CA GLY C 887 2.29 12.08 -18.13
C GLY C 887 3.58 12.34 -17.36
N ARG C 888 4.25 13.42 -17.73
CA ARG C 888 5.51 13.80 -17.10
C ARG C 888 5.33 14.72 -15.90
N HIS C 889 4.10 15.12 -15.58
CA HIS C 889 3.83 16.07 -14.51
C HIS C 889 3.10 15.42 -13.34
N GLY C 890 3.31 14.12 -13.13
CA GLY C 890 2.62 13.42 -12.05
C GLY C 890 1.14 13.21 -12.28
N ASN C 891 0.65 13.39 -13.50
CA ASN C 891 -0.76 13.19 -13.82
C ASN C 891 -0.96 11.75 -14.28
N LYS C 892 -1.43 10.90 -13.37
CA LYS C 892 -1.59 9.48 -13.64
C LYS C 892 -3.07 9.11 -13.61
N GLY C 893 -3.39 7.97 -14.23
CA GLY C 893 -4.74 7.45 -14.18
C GLY C 893 -4.85 6.20 -15.01
N VAL C 894 -5.88 5.42 -14.69
CA VAL C 894 -6.15 4.18 -15.42
C VAL C 894 -7.13 4.44 -16.55
N ILE C 895 -7.25 3.48 -17.46
CA ILE C 895 -8.11 3.61 -18.62
C ILE C 895 -9.50 3.13 -18.22
N GLY C 896 -10.45 4.05 -18.15
CA GLY C 896 -11.81 3.75 -17.76
C GLY C 896 -12.70 3.35 -18.91
N LYS C 897 -12.37 3.80 -20.12
CA LYS C 897 -13.20 3.49 -21.28
C LYS C 897 -12.39 3.69 -22.54
N ILE C 898 -12.60 2.82 -23.52
CA ILE C 898 -12.00 2.96 -24.86
C ILE C 898 -13.16 3.02 -25.85
N LEU C 899 -13.58 4.23 -26.18
CA LEU C 899 -14.70 4.43 -27.07
C LEU C 899 -14.32 4.09 -28.51
N PRO C 900 -15.29 3.80 -29.37
CA PRO C 900 -15.00 3.71 -30.80
C PRO C 900 -14.54 5.06 -31.34
N VAL C 901 -13.83 5.02 -32.47
CA VAL C 901 -13.23 6.22 -33.04
C VAL C 901 -14.30 7.26 -33.40
N GLU C 902 -15.54 6.83 -33.66
CA GLU C 902 -16.60 7.76 -33.99
C GLU C 902 -17.25 8.39 -32.77
N ASP C 903 -17.18 7.74 -31.61
CA ASP C 903 -17.73 8.31 -30.39
C ASP C 903 -16.90 9.47 -29.86
N MET C 904 -15.66 9.61 -30.32
CA MET C 904 -14.76 10.58 -29.74
C MET C 904 -15.14 11.99 -30.20
N PRO C 905 -15.05 12.98 -29.30
CA PRO C 905 -15.21 14.38 -29.74
C PRO C 905 -14.16 14.74 -30.77
N PHE C 906 -14.62 15.05 -31.97
CA PHE C 906 -13.73 15.33 -33.09
C PHE C 906 -13.73 16.83 -33.42
N LEU C 907 -12.63 17.27 -34.01
CA LEU C 907 -12.42 18.67 -34.31
C LEU C 907 -13.28 19.07 -35.51
N ALA C 908 -13.04 20.29 -36.02
CA ALA C 908 -13.84 20.80 -37.14
C ALA C 908 -13.58 20.02 -38.42
N ASP C 909 -12.32 19.64 -38.65
CA ASP C 909 -11.95 18.92 -39.87
C ASP C 909 -12.18 17.42 -39.76
N GLY C 910 -12.78 16.94 -38.66
CA GLY C 910 -13.15 15.55 -38.53
C GLY C 910 -12.15 14.67 -37.81
N THR C 911 -10.96 15.18 -37.52
CA THR C 911 -9.96 14.38 -36.81
C THR C 911 -10.35 14.22 -35.35
N PRO C 912 -10.62 13.01 -34.89
CA PRO C 912 -11.02 12.83 -33.49
C PRO C 912 -9.83 12.91 -32.56
N VAL C 913 -10.12 13.31 -31.32
CA VAL C 913 -9.05 13.35 -30.31
C VAL C 913 -8.68 11.93 -29.91
N ASP C 914 -7.50 11.80 -29.30
CA ASP C 914 -6.99 10.50 -28.89
C ASP C 914 -7.22 10.20 -27.42
N ILE C 915 -7.28 11.22 -26.57
CA ILE C 915 -7.38 11.01 -25.13
C ILE C 915 -8.16 12.16 -24.52
N ILE C 916 -9.02 11.83 -23.56
CA ILE C 916 -9.87 12.81 -22.87
C ILE C 916 -9.50 12.79 -21.40
N LEU C 917 -9.06 13.94 -20.90
CA LEU C 917 -8.63 14.09 -19.51
C LEU C 917 -9.63 14.96 -18.76
N ASN C 918 -10.02 14.52 -17.58
CA ASN C 918 -10.97 15.26 -16.77
C ASN C 918 -10.37 16.58 -16.31
N THR C 919 -11.17 17.65 -16.40
CA THR C 919 -10.70 18.98 -16.03
C THR C 919 -10.58 19.15 -14.52
N HIS C 920 -11.38 18.43 -13.74
CA HIS C 920 -11.41 18.63 -12.29
C HIS C 920 -10.08 18.26 -11.65
N GLY C 921 -9.36 17.29 -12.20
CA GLY C 921 -8.11 16.84 -11.62
C GLY C 921 -6.90 17.59 -12.13
N VAL C 922 -7.07 18.87 -12.44
CA VAL C 922 -5.98 19.70 -12.95
C VAL C 922 -5.62 20.81 -11.97
N PRO C 923 -6.55 21.67 -11.52
CA PRO C 923 -6.15 22.79 -10.67
C PRO C 923 -5.93 22.43 -9.21
N ARG C 924 -6.27 21.21 -8.79
CA ARG C 924 -5.95 20.79 -7.43
C ARG C 924 -4.49 20.42 -7.29
N ARG C 925 -3.97 19.63 -8.23
CA ARG C 925 -2.61 19.09 -8.13
C ARG C 925 -1.54 20.14 -8.35
N MET C 926 -1.90 21.33 -8.82
CA MET C 926 -0.94 22.41 -9.06
C MET C 926 0.11 22.01 -10.10
N ASN C 927 -0.32 21.26 -11.11
CA ASN C 927 0.55 20.82 -12.18
C ASN C 927 0.10 21.47 -13.48
N ILE C 928 0.27 22.80 -13.56
CA ILE C 928 -0.15 23.55 -14.74
C ILE C 928 0.74 23.25 -15.94
N GLY C 929 1.89 22.63 -15.71
CA GLY C 929 2.78 22.28 -16.82
C GLY C 929 2.07 21.49 -17.90
N GLN C 930 1.30 20.47 -17.51
CA GLN C 930 0.58 19.65 -18.48
C GLN C 930 -0.32 20.51 -19.37
N ILE C 931 -0.88 21.59 -18.82
CA ILE C 931 -1.64 22.52 -19.64
C ILE C 931 -0.72 23.25 -20.61
N LEU C 932 0.36 23.84 -20.09
CA LEU C 932 1.31 24.55 -20.95
C LEU C 932 1.89 23.62 -22.00
N GLU C 933 2.38 22.45 -21.57
CA GLU C 933 2.85 21.44 -22.52
C GLU C 933 1.82 21.16 -23.60
N THR C 934 0.54 21.16 -23.22
CA THR C 934 -0.52 20.99 -24.22
C THR C 934 -0.47 22.11 -25.25
N HIS C 935 -0.52 23.37 -24.80
CA HIS C 935 -0.52 24.49 -25.73
C HIS C 935 0.68 24.43 -26.67
N LEU C 936 1.89 24.53 -26.11
CA LEU C 936 3.11 24.36 -26.89
C LEU C 936 3.03 23.11 -27.76
N GLY C 937 2.51 22.01 -27.20
CA GLY C 937 2.37 20.78 -27.97
C GLY C 937 1.64 21.01 -29.28
N TRP C 938 0.47 21.66 -29.22
CA TRP C 938 -0.27 21.94 -30.44
C TRP C 938 0.54 22.83 -31.37
N CYS C 939 1.24 23.82 -30.82
CA CYS C 939 2.06 24.69 -31.65
C CYS C 939 3.15 23.89 -32.35
N ALA C 940 3.63 22.81 -31.72
CA ALA C 940 4.61 21.97 -32.38
C ALA C 940 3.98 21.13 -33.48
N HIS C 941 2.71 20.74 -33.30
CA HIS C 941 2.07 19.89 -34.29
C HIS C 941 1.68 20.68 -35.52
N SER C 942 1.27 21.93 -35.34
CA SER C 942 0.78 22.71 -36.46
C SER C 942 1.86 23.60 -37.06
N GLY C 943 2.74 24.15 -36.23
CA GLY C 943 3.71 25.13 -36.67
C GLY C 943 3.18 26.55 -36.52
N TRP C 944 4.09 27.50 -36.70
CA TRP C 944 3.73 28.90 -36.53
C TRP C 944 4.58 29.78 -37.44
N LYS C 945 4.19 31.05 -37.52
CA LYS C 945 4.89 32.03 -38.33
C LYS C 945 4.63 33.40 -37.73
N VAL C 946 5.66 34.00 -37.15
CA VAL C 946 5.51 35.30 -36.49
C VAL C 946 5.52 36.40 -37.54
N ASP C 947 4.68 37.42 -37.33
CA ASP C 947 4.57 38.54 -38.25
C ASP C 947 5.89 39.30 -38.34
N ALA C 948 6.59 39.16 -39.47
CA ALA C 948 7.89 39.81 -39.63
C ALA C 948 7.75 41.27 -40.06
N ALA C 949 6.67 41.62 -40.74
CA ALA C 949 6.47 42.99 -41.17
C ALA C 949 6.35 43.92 -39.98
N LYS C 950 6.79 45.17 -40.16
CA LYS C 950 6.79 46.19 -39.11
C LYS C 950 7.57 45.73 -37.89
N GLY C 951 8.70 45.09 -38.13
CA GLY C 951 9.59 44.67 -37.05
C GLY C 951 9.14 43.41 -36.35
N VAL C 952 9.97 42.98 -35.42
CA VAL C 952 9.66 41.80 -34.60
C VAL C 952 8.72 42.22 -33.48
N PRO C 953 7.62 41.50 -33.26
CA PRO C 953 6.68 41.88 -32.19
C PRO C 953 7.35 41.89 -30.83
N ASP C 954 6.66 42.54 -29.88
CA ASP C 954 7.25 42.77 -28.56
C ASP C 954 7.33 41.51 -27.71
N TRP C 955 6.53 40.48 -28.01
CA TRP C 955 6.60 39.26 -27.22
C TRP C 955 7.72 38.34 -27.66
N ALA C 956 8.03 38.34 -28.96
CA ALA C 956 9.06 37.47 -29.52
C ALA C 956 10.44 38.13 -29.55
N ALA C 957 10.65 39.17 -28.74
CA ALA C 957 11.95 39.84 -28.72
C ALA C 957 13.02 38.98 -28.07
N ARG C 958 12.64 38.17 -27.08
CA ARG C 958 13.60 37.30 -26.39
C ARG C 958 13.78 35.97 -27.06
N LEU C 959 12.88 35.58 -27.95
CA LEU C 959 12.97 34.28 -28.60
C LEU C 959 14.12 34.28 -29.61
N PRO C 960 14.83 33.17 -29.75
CA PRO C 960 15.86 33.07 -30.80
C PRO C 960 15.23 33.16 -32.19
N ASP C 961 16.04 33.59 -33.15
CA ASP C 961 15.56 33.73 -34.52
C ASP C 961 15.14 32.40 -35.14
N GLU C 962 15.63 31.29 -34.61
CA GLU C 962 15.24 29.98 -35.10
C GLU C 962 13.81 29.60 -34.72
N LEU C 963 13.17 30.36 -33.84
CA LEU C 963 11.83 30.05 -33.36
C LEU C 963 10.74 30.87 -34.04
N LEU C 964 11.11 31.90 -34.81
CA LEU C 964 10.10 32.77 -35.43
C LEU C 964 9.30 32.04 -36.50
N GLU C 965 9.80 30.92 -37.01
CA GLU C 965 9.08 30.12 -37.99
C GLU C 965 9.25 28.64 -37.63
N ALA C 966 8.16 27.88 -37.74
CA ALA C 966 8.19 26.47 -37.40
C ALA C 966 7.32 25.69 -38.37
N GLN C 967 7.84 24.58 -38.88
CA GLN C 967 7.08 23.68 -39.71
C GLN C 967 6.26 22.74 -38.83
N PRO C 968 5.19 22.15 -39.37
CA PRO C 968 4.40 21.20 -38.58
C PRO C 968 5.24 20.02 -38.12
N ASN C 969 4.88 19.48 -36.94
CA ASN C 969 5.59 18.37 -36.32
C ASN C 969 7.05 18.72 -36.07
N ALA C 970 7.27 19.91 -35.51
CA ALA C 970 8.62 20.34 -35.13
C ALA C 970 8.89 19.98 -33.67
N ILE C 971 10.15 19.73 -33.38
CA ILE C 971 10.59 19.37 -32.03
C ILE C 971 11.21 20.58 -31.36
N VAL C 972 10.87 20.80 -30.09
CA VAL C 972 11.35 21.95 -29.34
C VAL C 972 11.86 21.50 -27.98
N SER C 973 12.62 22.39 -27.34
CA SER C 973 13.21 22.14 -26.03
C SER C 973 12.78 23.23 -25.06
N THR C 974 12.26 22.81 -23.90
CA THR C 974 11.95 23.72 -22.79
C THR C 974 12.81 23.28 -21.61
N PRO C 975 14.02 23.81 -21.48
CA PRO C 975 14.89 23.41 -20.37
C PRO C 975 14.27 23.76 -19.02
N VAL C 976 14.64 22.99 -18.00
CA VAL C 976 14.09 23.19 -16.66
C VAL C 976 14.54 24.54 -16.13
N PHE C 977 13.58 25.28 -15.55
CA PHE C 977 13.81 26.60 -14.97
C PHE C 977 14.23 27.62 -16.03
N ASP C 978 14.29 27.19 -17.28
CA ASP C 978 14.48 28.09 -18.41
C ASP C 978 13.36 27.83 -19.40
N GLY C 979 13.64 28.00 -20.70
CA GLY C 979 12.67 27.62 -21.71
C GLY C 979 11.57 28.64 -21.93
N ALA C 980 10.44 28.14 -22.40
CA ALA C 980 9.36 29.00 -22.86
C ALA C 980 8.68 29.71 -21.69
N GLN C 981 8.42 31.00 -21.87
CA GLN C 981 7.65 31.79 -20.94
C GLN C 981 6.22 31.94 -21.44
N GLU C 982 5.31 32.25 -20.51
CA GLU C 982 3.88 32.28 -20.86
C GLU C 982 3.57 33.36 -21.88
N ALA C 983 4.35 34.45 -21.90
CA ALA C 983 4.12 35.49 -22.90
C ALA C 983 4.39 34.96 -24.31
N GLU C 984 5.53 34.30 -24.50
CA GLU C 984 5.86 33.74 -25.81
C GLU C 984 4.89 32.63 -26.20
N LEU C 985 4.40 31.86 -25.23
CA LEU C 985 3.44 30.80 -25.53
C LEU C 985 2.09 31.39 -25.98
N GLN C 986 1.62 32.40 -25.26
CA GLN C 986 0.40 33.10 -25.67
C GLN C 986 0.57 33.72 -27.05
N GLY C 987 1.75 34.27 -27.35
CA GLY C 987 2.00 34.81 -28.67
C GLY C 987 2.00 33.75 -29.75
N LEU C 988 2.58 32.58 -29.45
CA LEU C 988 2.62 31.50 -30.43
C LEU C 988 1.23 30.96 -30.73
N LEU C 989 0.38 30.86 -29.70
CA LEU C 989 -0.99 30.41 -29.94
C LEU C 989 -1.75 31.32 -30.89
N SER C 990 -1.33 32.58 -31.02
CA SER C 990 -2.05 33.52 -31.88
C SER C 990 -1.66 33.40 -33.35
N CYS C 991 -0.52 32.79 -33.65
CA CYS C 991 -0.02 32.69 -35.02
C CYS C 991 0.21 31.23 -35.42
N THR C 992 -0.66 30.34 -34.97
CA THR C 992 -0.53 28.93 -35.33
C THR C 992 -0.83 28.74 -36.82
N LEU C 993 -0.14 27.79 -37.44
CA LEU C 993 -0.30 27.56 -38.86
C LEU C 993 -1.64 26.89 -39.15
N PRO C 994 -2.29 27.23 -40.25
CA PRO C 994 -3.56 26.56 -40.60
C PRO C 994 -3.32 25.16 -41.13
N ASN C 995 -4.40 24.40 -41.20
CA ASN C 995 -4.33 23.02 -41.69
C ASN C 995 -4.24 22.98 -43.21
N ARG C 996 -4.50 21.81 -43.80
CA ARG C 996 -4.41 21.68 -45.25
C ARG C 996 -5.51 22.43 -45.97
N ASP C 997 -6.64 22.70 -45.30
CA ASP C 997 -7.73 23.45 -45.90
C ASP C 997 -7.59 24.96 -45.71
N GLY C 998 -6.61 25.40 -44.94
CA GLY C 998 -6.42 26.82 -44.68
C GLY C 998 -7.17 27.36 -43.49
N ASP C 999 -7.71 26.49 -42.63
CA ASP C 999 -8.50 26.91 -41.47
C ASP C 999 -7.69 26.69 -40.20
N VAL C 1000 -7.75 27.68 -39.30
CA VAL C 1000 -7.11 27.56 -37.99
C VAL C 1000 -8.12 26.92 -37.04
N LEU C 1001 -7.74 25.79 -36.45
CA LEU C 1001 -8.66 24.99 -35.66
C LEU C 1001 -8.75 25.43 -34.21
N VAL C 1002 -7.62 25.84 -33.61
CA VAL C 1002 -7.62 26.29 -32.22
C VAL C 1002 -7.55 27.81 -32.19
N ASP C 1003 -8.11 28.38 -31.13
CA ASP C 1003 -8.14 29.83 -30.96
C ASP C 1003 -6.85 30.32 -30.30
N ALA C 1004 -6.71 31.64 -30.24
CA ALA C 1004 -5.56 32.22 -29.54
C ALA C 1004 -5.58 31.91 -28.05
N ASP C 1005 -6.76 31.63 -27.49
CA ASP C 1005 -6.85 31.19 -26.10
C ASP C 1005 -6.31 29.78 -25.92
N GLY C 1006 -6.21 29.01 -26.99
CA GLY C 1006 -5.78 27.62 -26.92
C GLY C 1006 -6.90 26.61 -27.01
N LYS C 1007 -8.15 27.05 -27.01
CA LYS C 1007 -9.30 26.17 -27.09
C LYS C 1007 -9.80 26.06 -28.52
N ALA C 1008 -10.58 25.00 -28.78
CA ALA C 1008 -11.12 24.74 -30.09
C ALA C 1008 -12.54 24.21 -29.95
N MET C 1009 -13.30 24.30 -31.04
CA MET C 1009 -14.69 23.85 -31.06
C MET C 1009 -14.75 22.38 -31.40
N LEU C 1010 -15.41 21.60 -30.55
CA LEU C 1010 -15.51 20.15 -30.72
C LEU C 1010 -16.95 19.74 -30.98
N PHE C 1011 -17.10 18.61 -31.68
CA PHE C 1011 -18.39 18.03 -32.01
C PHE C 1011 -18.58 16.74 -31.23
N ASP C 1012 -19.74 16.59 -30.60
CA ASP C 1012 -20.06 15.34 -29.91
C ASP C 1012 -20.26 14.24 -30.94
N GLY C 1013 -19.36 13.27 -30.94
CA GLY C 1013 -19.44 12.18 -31.90
C GLY C 1013 -20.62 11.25 -31.70
N ARG C 1014 -21.28 11.32 -30.55
CA ARG C 1014 -22.42 10.45 -30.27
C ARG C 1014 -23.74 11.03 -30.74
N SER C 1015 -23.94 12.34 -30.55
CA SER C 1015 -25.17 13.01 -30.96
C SER C 1015 -25.00 13.81 -32.26
N GLY C 1016 -23.87 14.47 -32.43
CA GLY C 1016 -23.59 15.30 -33.59
C GLY C 1016 -23.62 16.79 -33.29
N GLU C 1017 -24.38 17.20 -32.28
CA GLU C 1017 -24.43 18.61 -31.92
C GLU C 1017 -23.05 19.06 -31.44
N PRO C 1018 -22.55 20.20 -31.90
CA PRO C 1018 -21.27 20.69 -31.40
C PRO C 1018 -21.35 21.06 -29.92
N PHE C 1019 -20.23 20.90 -29.23
CA PHE C 1019 -20.21 21.20 -27.81
C PHE C 1019 -20.38 22.69 -27.59
N PRO C 1020 -21.14 23.10 -26.57
CA PRO C 1020 -21.54 24.51 -26.48
C PRO C 1020 -20.39 25.48 -26.32
N TYR C 1021 -19.27 25.04 -25.75
CA TYR C 1021 -18.17 25.94 -25.46
C TYR C 1021 -16.87 25.38 -26.02
N PRO C 1022 -15.91 26.23 -26.35
CA PRO C 1022 -14.61 25.74 -26.81
C PRO C 1022 -13.85 25.02 -25.71
N VAL C 1023 -13.08 24.02 -26.11
CA VAL C 1023 -12.36 23.13 -25.19
C VAL C 1023 -10.88 23.18 -25.54
N THR C 1024 -10.04 23.23 -24.50
CA THR C 1024 -8.60 23.19 -24.70
C THR C 1024 -8.19 21.89 -25.37
N VAL C 1025 -7.56 22.01 -26.55
CA VAL C 1025 -7.17 20.86 -27.36
C VAL C 1025 -5.70 21.03 -27.74
N GLY C 1026 -4.93 19.97 -27.57
CA GLY C 1026 -3.53 20.04 -27.93
C GLY C 1026 -2.92 18.66 -28.03
N TYR C 1027 -1.59 18.62 -27.89
CA TYR C 1027 -0.86 17.36 -27.90
C TYR C 1027 -0.04 17.22 -26.63
N MET C 1028 -0.20 16.09 -25.96
CA MET C 1028 0.49 15.81 -24.70
C MET C 1028 1.25 14.49 -24.82
N TYR C 1029 2.38 14.40 -24.13
CA TYR C 1029 3.20 13.20 -24.15
C TYR C 1029 2.73 12.27 -23.05
N ILE C 1030 2.17 11.12 -23.43
CA ILE C 1030 1.59 10.17 -22.49
C ILE C 1030 2.45 8.90 -22.50
N MET C 1031 2.78 8.39 -21.31
CA MET C 1031 3.59 7.21 -21.15
C MET C 1031 2.73 6.05 -20.64
N LYS C 1032 3.07 4.85 -21.06
CA LYS C 1032 2.39 3.63 -20.62
C LYS C 1032 3.21 3.04 -19.47
N LEU C 1033 2.67 3.10 -18.26
CA LEU C 1033 3.39 2.64 -17.08
C LEU C 1033 3.26 1.13 -16.95
N HIS C 1034 4.21 0.53 -16.22
CA HIS C 1034 4.25 -0.92 -16.05
C HIS C 1034 3.34 -1.36 -14.90
N HIS C 1035 2.05 -1.04 -15.04
CA HIS C 1035 0.99 -1.45 -14.12
C HIS C 1035 -0.22 -1.78 -14.98
N LEU C 1036 -0.21 -2.99 -15.54
CA LEU C 1036 -1.21 -3.42 -16.50
C LEU C 1036 -2.16 -4.42 -15.84
N VAL C 1037 -3.43 -4.37 -16.24
CA VAL C 1037 -4.43 -5.29 -15.68
C VAL C 1037 -4.13 -6.74 -16.05
N ASP C 1038 -3.39 -6.97 -17.14
CA ASP C 1038 -3.05 -8.34 -17.51
C ASP C 1038 -2.25 -9.04 -16.43
N ASP C 1039 -1.49 -8.28 -15.64
CA ASP C 1039 -0.73 -8.83 -14.53
C ASP C 1039 -1.43 -8.71 -13.18
N LYS C 1040 -2.25 -7.68 -13.00
CA LYS C 1040 -2.82 -7.38 -11.69
C LYS C 1040 -4.14 -8.08 -11.43
N ILE C 1041 -4.78 -8.66 -12.44
CA ILE C 1041 -6.03 -9.38 -12.21
C ILE C 1041 -5.71 -10.74 -11.62
N HIS C 1042 -6.53 -11.17 -10.66
CA HIS C 1042 -6.34 -12.47 -10.02
C HIS C 1042 -7.64 -12.90 -9.37
N ALA C 1043 -7.87 -14.20 -9.35
CA ALA C 1043 -9.05 -14.79 -8.73
C ALA C 1043 -8.75 -16.24 -8.38
N ARG C 1044 -9.45 -16.74 -7.37
CA ARG C 1044 -9.20 -18.08 -6.86
C ARG C 1044 -10.46 -18.64 -6.23
N SER C 1045 -10.86 -19.84 -6.67
CA SER C 1045 -11.92 -20.58 -5.99
C SER C 1045 -11.30 -21.38 -4.85
N THR C 1046 -10.47 -22.38 -5.19
CA THR C 1046 -9.64 -23.11 -4.24
C THR C 1046 -8.23 -23.20 -4.82
N GLY C 1047 -7.33 -23.81 -4.05
CA GLY C 1047 -5.96 -23.97 -4.48
C GLY C 1047 -5.04 -24.46 -3.38
N PRO C 1048 -3.76 -24.11 -3.46
CA PRO C 1048 -2.80 -24.57 -2.46
C PRO C 1048 -3.01 -23.89 -1.11
N TYR C 1049 -2.66 -24.62 -0.06
CA TYR C 1049 -2.74 -24.12 1.31
C TYR C 1049 -1.40 -24.28 1.98
N SER C 1050 -1.04 -23.30 2.82
CA SER C 1050 0.22 -23.37 3.56
C SER C 1050 0.21 -24.59 4.47
N MET C 1051 1.31 -25.35 4.43
CA MET C 1051 1.34 -26.64 5.10
C MET C 1051 1.16 -26.50 6.61
N ILE C 1052 1.75 -25.47 7.20
CA ILE C 1052 1.73 -25.33 8.66
C ILE C 1052 0.38 -24.83 9.14
N THR C 1053 -0.08 -23.69 8.61
CA THR C 1053 -1.29 -23.05 9.10
C THR C 1053 -2.56 -23.51 8.38
N GLN C 1054 -2.43 -24.25 7.27
CA GLN C 1054 -3.56 -24.76 6.50
C GLN C 1054 -4.47 -23.63 6.00
N GLN C 1055 -3.90 -22.46 5.81
CA GLN C 1055 -4.60 -21.33 5.21
C GLN C 1055 -4.17 -21.16 3.76
N PRO C 1056 -5.01 -20.55 2.93
CA PRO C 1056 -4.66 -20.37 1.51
C PRO C 1056 -3.37 -19.59 1.35
N LEU C 1057 -2.67 -19.87 0.25
CA LEU C 1057 -1.40 -19.21 -0.03
C LEU C 1057 -1.60 -17.72 -0.29
N GLY C 1058 -0.49 -17.02 -0.43
CA GLY C 1058 -0.52 -15.60 -0.74
C GLY C 1058 0.13 -15.30 -2.07
N GLY C 1059 -0.20 -14.15 -2.64
CA GLY C 1059 0.39 -13.74 -3.91
C GLY C 1059 -0.30 -14.36 -5.11
N LYS C 1060 -0.23 -13.67 -6.26
CA LYS C 1060 -0.86 -14.20 -7.47
C LYS C 1060 -0.06 -15.35 -8.05
N ALA C 1061 1.27 -15.28 -7.97
CA ALA C 1061 2.12 -16.30 -8.59
C ALA C 1061 1.89 -17.66 -7.95
N GLN C 1062 1.56 -17.70 -6.66
CA GLN C 1062 1.29 -18.95 -5.97
C GLN C 1062 -0.19 -19.34 -6.03
N PHE C 1063 -1.00 -18.64 -6.83
CA PHE C 1063 -2.43 -18.91 -6.97
C PHE C 1063 -3.15 -18.81 -5.63
N GLY C 1064 -2.72 -17.85 -4.81
CA GLY C 1064 -3.28 -17.69 -3.48
C GLY C 1064 -4.54 -16.85 -3.48
N GLY C 1065 -5.13 -16.73 -2.28
CA GLY C 1065 -6.32 -15.94 -2.09
C GLY C 1065 -6.04 -14.60 -1.42
N GLN C 1066 -7.10 -13.81 -1.28
CA GLN C 1066 -7.00 -12.50 -0.66
C GLN C 1066 -7.05 -12.63 0.85
N ARG C 1067 -6.39 -11.70 1.53
CA ARG C 1067 -6.31 -11.72 2.99
C ARG C 1067 -7.43 -10.87 3.56
N PHE C 1068 -8.36 -11.50 4.27
CA PHE C 1068 -9.38 -10.79 5.02
C PHE C 1068 -8.77 -10.41 6.37
N GLY C 1069 -8.22 -9.20 6.42
CA GLY C 1069 -7.44 -8.77 7.55
C GLY C 1069 -8.28 -8.45 8.78
N GLU C 1070 -7.61 -7.80 9.73
CA GLU C 1070 -8.24 -7.46 11.00
C GLU C 1070 -9.27 -6.35 10.83
N MET C 1071 -8.93 -5.32 10.07
CA MET C 1071 -9.84 -4.21 9.84
C MET C 1071 -11.10 -4.67 9.10
N GLU C 1072 -10.94 -5.61 8.18
CA GLU C 1072 -12.09 -6.15 7.46
C GLU C 1072 -13.01 -6.93 8.39
N CYS C 1073 -12.41 -7.64 9.36
CA CYS C 1073 -13.22 -8.30 10.39
C CYS C 1073 -13.96 -7.28 11.23
N TRP C 1074 -13.32 -6.15 11.55
CA TRP C 1074 -14.03 -5.08 12.25
C TRP C 1074 -15.20 -4.59 11.42
N ALA C 1075 -15.01 -4.46 10.10
CA ALA C 1075 -16.10 -4.02 9.23
C ALA C 1075 -17.27 -5.00 9.29
N MET C 1076 -16.98 -6.31 9.14
CA MET C 1076 -18.02 -7.32 9.24
C MET C 1076 -18.76 -7.22 10.57
N GLN C 1077 -18.03 -7.07 11.67
CA GLN C 1077 -18.67 -7.00 12.98
C GLN C 1077 -19.52 -5.73 13.12
N ALA C 1078 -19.06 -4.63 12.52
CA ALA C 1078 -19.85 -3.40 12.55
C ALA C 1078 -21.15 -3.57 11.77
N TYR C 1079 -21.12 -4.31 10.66
CA TYR C 1079 -22.36 -4.63 9.97
C TYR C 1079 -23.23 -5.60 10.74
N GLY C 1080 -22.65 -6.36 11.68
CA GLY C 1080 -23.37 -7.43 12.32
C GLY C 1080 -23.48 -8.69 11.49
N ALA C 1081 -22.71 -8.79 10.41
CA ALA C 1081 -22.73 -9.97 9.52
C ALA C 1081 -21.96 -11.09 10.20
N ALA C 1082 -22.60 -11.72 11.18
CA ALA C 1082 -21.97 -12.79 11.94
C ALA C 1082 -21.70 -14.00 11.04
N TYR C 1083 -22.70 -14.40 10.25
CA TYR C 1083 -22.57 -15.62 9.46
C TYR C 1083 -21.53 -15.44 8.35
N THR C 1084 -21.49 -14.28 7.71
CA THR C 1084 -20.48 -14.03 6.68
C THR C 1084 -19.08 -14.08 7.26
N LEU C 1085 -18.89 -13.49 8.45
CA LEU C 1085 -17.58 -13.48 9.08
C LEU C 1085 -17.15 -14.89 9.45
N GLN C 1086 -18.04 -15.65 10.07
CA GLN C 1086 -17.72 -17.04 10.44
C GLN C 1086 -17.42 -17.87 9.20
N GLU C 1087 -18.17 -17.66 8.12
CA GLU C 1087 -17.90 -18.35 6.87
C GLU C 1087 -16.53 -18.00 6.33
N LEU C 1088 -16.16 -16.72 6.43
CA LEU C 1088 -14.85 -16.29 5.92
C LEU C 1088 -13.71 -16.92 6.72
N LEU C 1089 -13.85 -16.98 8.04
CA LEU C 1089 -12.74 -17.43 8.88
C LEU C 1089 -12.71 -18.93 9.13
N THR C 1090 -13.64 -19.69 8.55
CA THR C 1090 -13.68 -21.12 8.80
C THR C 1090 -13.62 -21.93 7.50
N ILE C 1091 -14.79 -22.17 6.89
CA ILE C 1091 -14.87 -23.09 5.75
C ILE C 1091 -14.16 -22.53 4.53
N LYS C 1092 -14.05 -21.21 4.41
CA LYS C 1092 -13.37 -20.59 3.29
C LYS C 1092 -11.88 -20.41 3.52
N SER C 1093 -11.37 -20.76 4.69
CA SER C 1093 -9.96 -20.55 4.98
C SER C 1093 -9.27 -21.83 5.47
N ASP C 1094 -9.26 -22.05 6.79
CA ASP C 1094 -8.40 -23.06 7.40
C ASP C 1094 -9.17 -24.20 8.05
N ASP C 1095 -10.43 -24.41 7.68
CA ASP C 1095 -11.17 -25.59 8.14
C ASP C 1095 -10.80 -26.74 7.23
N THR C 1096 -10.06 -27.73 7.79
CA THR C 1096 -9.53 -28.81 6.97
C THR C 1096 -10.66 -29.66 6.38
N VAL C 1097 -11.65 -30.03 7.19
CA VAL C 1097 -12.74 -30.85 6.70
C VAL C 1097 -13.91 -30.02 6.19
N GLY C 1098 -14.03 -28.77 6.61
CA GLY C 1098 -15.18 -27.96 6.22
C GLY C 1098 -15.10 -27.52 4.77
N ARG C 1099 -13.91 -27.20 4.29
CA ARG C 1099 -13.77 -26.70 2.92
C ARG C 1099 -14.10 -27.77 1.89
N VAL C 1100 -13.66 -29.01 2.12
CA VAL C 1100 -13.95 -30.08 1.18
C VAL C 1100 -15.44 -30.38 1.15
N LYS C 1101 -16.08 -30.43 2.32
CA LYS C 1101 -17.52 -30.67 2.35
C LYS C 1101 -18.31 -29.50 1.75
N VAL C 1102 -17.79 -28.28 1.85
CA VAL C 1102 -18.43 -27.15 1.20
C VAL C 1102 -18.35 -27.30 -0.32
N TYR C 1103 -17.16 -27.67 -0.84
CA TYR C 1103 -17.04 -27.90 -2.28
C TYR C 1103 -17.98 -29.00 -2.74
N GLU C 1104 -18.05 -30.10 -2.00
CA GLU C 1104 -18.95 -31.19 -2.34
C GLU C 1104 -20.41 -30.74 -2.30
N ALA C 1105 -20.79 -29.94 -1.29
CA ALA C 1105 -22.16 -29.47 -1.20
C ALA C 1105 -22.50 -28.52 -2.33
N ILE C 1106 -21.51 -27.78 -2.85
CA ILE C 1106 -21.78 -26.91 -3.99
C ILE C 1106 -21.98 -27.74 -5.25
N VAL C 1107 -21.07 -28.70 -5.51
CA VAL C 1107 -21.21 -29.50 -6.72
C VAL C 1107 -22.40 -30.45 -6.63
N LYS C 1108 -22.88 -30.77 -5.42
CA LYS C 1108 -24.04 -31.63 -5.28
C LYS C 1108 -25.36 -30.86 -5.36
N GLY C 1109 -25.32 -29.53 -5.21
CA GLY C 1109 -26.52 -28.75 -5.10
C GLY C 1109 -27.09 -28.67 -3.70
N GLU C 1110 -26.46 -29.30 -2.72
CA GLU C 1110 -26.93 -29.26 -1.34
C GLU C 1110 -26.69 -27.87 -0.75
N ASN C 1111 -27.03 -27.73 0.53
CA ASN C 1111 -26.81 -26.49 1.24
C ASN C 1111 -25.41 -26.47 1.87
N ILE C 1112 -24.99 -25.28 2.27
CA ILE C 1112 -23.65 -25.12 2.86
C ILE C 1112 -23.66 -25.73 4.26
N PRO C 1113 -22.71 -26.62 4.59
CA PRO C 1113 -22.73 -27.26 5.92
C PRO C 1113 -22.32 -26.30 7.03
N GLU C 1114 -22.27 -26.82 8.26
CA GLU C 1114 -21.94 -26.01 9.43
C GLU C 1114 -20.44 -25.91 9.60
N PRO C 1115 -19.90 -24.73 9.87
CA PRO C 1115 -18.44 -24.60 9.99
C PRO C 1115 -17.91 -25.36 11.21
N GLY C 1116 -16.68 -25.84 11.09
CA GLY C 1116 -15.99 -26.55 12.14
C GLY C 1116 -15.02 -25.67 12.91
N ILE C 1117 -13.95 -26.28 13.40
CA ILE C 1117 -12.95 -25.60 14.21
C ILE C 1117 -11.74 -25.29 13.34
N PRO C 1118 -11.21 -24.07 13.39
CA PRO C 1118 -10.04 -23.74 12.55
C PRO C 1118 -8.80 -24.49 13.03
N GLU C 1119 -8.01 -24.95 12.05
CA GLU C 1119 -6.78 -25.68 12.36
C GLU C 1119 -5.74 -24.77 13.01
N SER C 1120 -5.77 -23.47 12.66
CA SER C 1120 -4.82 -22.53 13.23
C SER C 1120 -4.98 -22.42 14.75
N PHE C 1121 -6.21 -22.53 15.24
CA PHE C 1121 -6.43 -22.51 16.69
C PHE C 1121 -5.84 -23.75 17.35
N LYS C 1122 -5.97 -24.90 16.70
CA LYS C 1122 -5.30 -26.11 17.18
C LYS C 1122 -3.79 -25.91 17.26
N VAL C 1123 -3.21 -25.28 16.23
CA VAL C 1123 -1.77 -25.01 16.24
C VAL C 1123 -1.42 -24.06 17.37
N LEU C 1124 -2.25 -23.05 17.61
CA LEU C 1124 -2.01 -22.12 18.71
C LEU C 1124 -1.98 -22.86 20.04
N LEU C 1125 -2.94 -23.76 20.26
CA LEU C 1125 -2.95 -24.53 21.51
C LEU C 1125 -1.71 -25.41 21.62
N LYS C 1126 -1.33 -26.07 20.52
CA LYS C 1126 -0.15 -26.93 20.57
C LYS C 1126 1.14 -26.15 20.78
N GLU C 1127 1.16 -24.86 20.45
CA GLU C 1127 2.33 -24.02 20.73
C GLU C 1127 2.34 -23.54 22.17
N LEU C 1128 1.18 -23.08 22.66
CA LEU C 1128 1.07 -22.75 24.09
C LEU C 1128 1.47 -23.92 24.96
N GLN C 1129 1.17 -25.15 24.54
CA GLN C 1129 1.64 -26.32 25.27
C GLN C 1129 3.16 -26.41 25.27
N SER C 1130 3.78 -26.12 24.12
CA SER C 1130 5.24 -26.15 24.05
C SER C 1130 5.88 -25.06 24.90
N LEU C 1131 5.17 -23.99 25.21
CA LEU C 1131 5.66 -22.98 26.14
C LEU C 1131 5.34 -23.30 27.60
N CYS C 1132 5.13 -24.58 27.93
CA CYS C 1132 4.83 -25.01 29.30
C CYS C 1132 3.59 -24.32 29.86
N LEU C 1133 2.54 -24.24 29.06
CA LEU C 1133 1.25 -23.70 29.48
C LEU C 1133 0.20 -24.77 29.27
N ASN C 1134 -0.51 -25.13 30.34
CA ASN C 1134 -1.52 -26.19 30.29
C ASN C 1134 -2.85 -25.57 29.88
N VAL C 1135 -3.10 -25.56 28.57
CA VAL C 1135 -4.35 -25.03 28.01
C VAL C 1135 -5.31 -26.18 27.77
N GLU C 1136 -6.56 -26.02 28.17
CA GLU C 1136 -7.59 -27.03 28.00
C GLU C 1136 -8.92 -26.36 27.70
N VAL C 1137 -9.70 -26.99 26.82
CA VAL C 1137 -11.04 -26.53 26.47
C VAL C 1137 -12.03 -27.30 27.31
N LEU C 1138 -12.88 -26.58 28.05
CA LEU C 1138 -13.87 -27.18 28.93
C LEU C 1138 -15.26 -27.03 28.32
N SER C 1139 -16.11 -28.02 28.57
CA SER C 1139 -17.50 -27.98 28.12
C SER C 1139 -18.33 -27.18 29.12
N SER C 1140 -19.65 -27.15 28.92
CA SER C 1140 -20.52 -26.42 29.83
C SER C 1140 -20.55 -27.06 31.21
N ASP C 1141 -20.34 -28.37 31.30
CA ASP C 1141 -20.32 -29.04 32.60
C ASP C 1141 -18.99 -28.86 33.31
N GLY C 1142 -17.90 -28.76 32.57
CA GLY C 1142 -16.57 -28.57 33.14
C GLY C 1142 -15.56 -29.62 32.75
N ALA C 1143 -15.95 -30.68 32.05
CA ALA C 1143 -15.00 -31.72 31.66
C ALA C 1143 -14.18 -31.28 30.46
N ALA C 1144 -12.88 -31.55 30.52
CA ALA C 1144 -12.00 -31.20 29.41
C ALA C 1144 -12.24 -32.11 28.22
N ILE C 1145 -12.33 -31.52 27.03
CA ILE C 1145 -12.56 -32.26 25.80
C ILE C 1145 -11.30 -32.20 24.95
N GLU C 1146 -10.97 -33.32 24.32
CA GLU C 1146 -9.79 -33.39 23.46
C GLU C 1146 -10.16 -33.10 22.01
N LEU C 1147 -9.13 -32.94 21.18
CA LEU C 1147 -9.29 -32.64 19.75
C LEU C 1147 -8.67 -33.78 18.96
N ARG C 1148 -9.46 -34.84 18.76
CA ARG C 1148 -9.09 -36.06 18.04
C ARG C 1148 -7.66 -36.52 18.36
N GLU C 1149 -7.22 -36.34 19.61
CA GLU C 1149 -5.89 -36.72 20.01
C GLU C 1149 -5.89 -37.08 21.48
N GLY C 1150 -4.82 -37.77 21.91
CA GLY C 1150 -4.67 -38.17 23.29
C GLY C 1150 -3.33 -37.78 23.86
N GLU C 1151 -2.91 -38.48 24.91
CA GLU C 1151 -1.63 -38.19 25.56
C GLU C 1151 -1.16 -39.44 26.31
N ASP C 1152 0.07 -39.86 26.05
CA ASP C 1152 0.67 -41.00 26.71
C ASP C 1152 2.00 -40.58 27.33
N GLU C 1153 2.52 -41.43 28.21
CA GLU C 1153 3.79 -41.16 28.88
C GLU C 1153 4.84 -42.20 28.53
N ASP D 3 -17.10 -33.22 16.24
CA ASP D 3 -16.48 -32.15 17.02
C ASP D 3 -17.27 -30.86 16.89
N VAL D 4 -18.33 -30.73 17.70
CA VAL D 4 -19.18 -29.53 17.63
C VAL D 4 -18.41 -28.32 18.11
N ASN D 5 -18.94 -27.14 17.78
CA ASN D 5 -18.27 -25.87 18.04
C ASN D 5 -18.87 -25.11 19.23
N PHE D 6 -19.49 -25.82 20.17
CA PHE D 6 -20.02 -25.18 21.37
C PHE D 6 -19.39 -25.83 22.60
N PHE D 7 -18.35 -25.18 23.13
CA PHE D 7 -17.77 -25.54 24.41
C PHE D 7 -17.49 -24.25 25.17
N ASP D 8 -17.91 -24.20 26.43
CA ASP D 8 -17.94 -22.95 27.18
C ASP D 8 -16.56 -22.37 27.45
N GLU D 9 -15.82 -22.98 28.38
CA GLU D 9 -14.62 -22.37 28.93
C GLU D 9 -13.35 -22.90 28.26
N LEU D 10 -12.35 -22.02 28.19
CA LEU D 10 -10.99 -22.36 27.78
C LEU D 10 -10.07 -22.09 28.97
N ARG D 11 -9.52 -23.15 29.55
CA ARG D 11 -8.74 -23.03 30.77
C ARG D 11 -7.25 -23.06 30.45
N ILE D 12 -6.49 -22.19 31.13
CA ILE D 12 -5.05 -22.13 31.01
C ILE D 12 -4.44 -22.24 32.39
N GLY D 13 -3.29 -22.90 32.48
CA GLY D 13 -2.62 -23.05 33.76
C GLY D 13 -1.18 -23.47 33.56
N LEU D 14 -0.47 -23.54 34.69
CA LEU D 14 0.92 -23.98 34.68
C LEU D 14 1.01 -25.45 34.32
N ALA D 15 1.97 -25.78 33.46
CA ALA D 15 2.19 -27.16 33.03
C ALA D 15 3.20 -27.82 33.96
N THR D 16 2.73 -28.79 34.74
CA THR D 16 3.62 -29.57 35.59
C THR D 16 4.57 -30.40 34.72
N ALA D 17 5.77 -30.65 35.24
CA ALA D 17 6.70 -31.54 34.55
C ALA D 17 6.07 -32.91 34.32
N GLU D 18 5.26 -33.37 35.28
CA GLU D 18 4.51 -34.61 35.09
C GLU D 18 3.50 -34.47 33.95
N ASP D 19 2.94 -33.27 33.76
CA ASP D 19 2.09 -33.05 32.59
C ASP D 19 2.88 -33.12 31.30
N ILE D 20 4.10 -32.56 31.31
CA ILE D 20 4.96 -32.63 30.13
C ILE D 20 5.27 -34.07 29.79
N ARG D 21 5.49 -34.92 30.80
CA ARG D 21 5.70 -36.33 30.54
C ARG D 21 4.41 -37.02 30.11
N GLN D 22 3.27 -36.56 30.61
CA GLN D 22 1.99 -37.15 30.22
C GLN D 22 1.64 -36.85 28.77
N TRP D 23 2.15 -35.73 28.24
CA TRP D 23 1.91 -35.42 26.83
C TRP D 23 2.86 -36.18 25.92
N SER D 24 4.09 -36.38 26.36
CA SER D 24 5.18 -36.79 25.46
C SER D 24 5.07 -38.26 25.10
N TYR D 25 5.14 -38.55 23.81
CA TYR D 25 5.17 -39.92 23.30
C TYR D 25 6.58 -40.52 23.30
N GLY D 26 7.52 -39.91 23.99
CA GLY D 26 8.88 -40.40 24.05
C GLY D 26 9.86 -39.26 24.25
N GLU D 27 11.05 -39.61 24.73
CA GLU D 27 12.10 -38.62 24.98
C GLU D 27 12.99 -38.47 23.77
N VAL D 28 13.36 -37.22 23.47
CA VAL D 28 14.27 -36.91 22.37
C VAL D 28 15.69 -36.96 22.93
N LYS D 29 16.35 -38.11 22.74
CA LYS D 29 17.69 -38.31 23.32
C LYS D 29 18.78 -37.71 22.43
N LYS D 30 18.90 -38.22 21.20
CA LYS D 30 19.95 -37.79 20.31
C LYS D 30 19.62 -36.42 19.71
N PRO D 31 20.66 -35.61 19.43
CA PRO D 31 20.45 -34.29 18.80
C PRO D 31 20.32 -34.31 17.29
N GLU D 32 20.52 -35.46 16.65
CA GLU D 32 20.44 -35.53 15.19
C GLU D 32 19.02 -35.27 14.71
N THR D 33 18.92 -34.93 13.42
CA THR D 33 17.63 -34.66 12.81
C THR D 33 17.20 -35.82 11.92
N ILE D 34 17.73 -35.88 10.71
CA ILE D 34 17.44 -36.94 9.74
C ILE D 34 18.74 -37.43 9.15
N ASN D 35 18.63 -38.38 8.22
CA ASN D 35 19.73 -38.81 7.39
C ASN D 35 19.68 -38.05 6.07
N TYR D 36 20.85 -37.59 5.60
CA TYR D 36 20.92 -36.70 4.46
C TYR D 36 21.03 -37.43 3.12
N ARG D 37 20.91 -38.76 3.14
CA ARG D 37 20.83 -39.55 1.91
C ARG D 37 19.48 -40.19 1.72
N THR D 38 19.00 -40.92 2.72
CA THR D 38 17.72 -41.62 2.63
C THR D 38 16.54 -40.77 3.07
N LEU D 39 16.78 -39.56 3.58
CA LEU D 39 15.77 -38.66 4.14
C LEU D 39 15.01 -39.29 5.30
N LYS D 40 15.44 -40.45 5.78
CA LYS D 40 14.78 -41.09 6.92
C LYS D 40 15.27 -40.46 8.22
N PRO D 41 14.37 -40.08 9.12
CA PRO D 41 14.81 -39.47 10.37
C PRO D 41 15.50 -40.48 11.28
N GLU D 42 16.56 -40.03 11.95
CA GLU D 42 17.30 -40.89 12.85
C GLU D 42 16.47 -41.20 14.10
N LYS D 43 16.71 -42.39 14.65
CA LYS D 43 15.97 -42.82 15.84
C LYS D 43 16.31 -41.94 17.03
N ASP D 44 15.30 -41.63 17.84
CA ASP D 44 15.41 -40.82 19.05
C ASP D 44 15.87 -39.40 18.78
N GLY D 45 15.82 -38.96 17.51
CA GLY D 45 16.17 -37.60 17.16
C GLY D 45 14.99 -36.66 17.23
N LEU D 46 15.21 -35.44 16.75
CA LEU D 46 14.16 -34.42 16.77
C LEU D 46 13.03 -34.72 15.80
N PHE D 47 13.18 -35.74 14.94
CA PHE D 47 12.13 -36.14 14.01
C PHE D 47 11.83 -37.63 14.10
N CYS D 48 12.12 -38.26 15.24
CA CYS D 48 12.01 -39.71 15.38
C CYS D 48 10.58 -40.16 15.11
N GLU D 49 10.45 -41.17 14.24
CA GLU D 49 9.12 -41.67 13.89
C GLU D 49 8.53 -42.51 15.00
N LYS D 50 9.38 -43.12 15.84
CA LYS D 50 8.86 -43.84 17.01
C LYS D 50 8.17 -42.90 17.98
N ILE D 51 8.63 -41.65 18.05
CA ILE D 51 8.09 -40.67 19.00
C ILE D 51 6.92 -39.93 18.37
N PHE D 52 7.19 -39.19 17.28
CA PHE D 52 6.22 -38.25 16.73
C PHE D 52 5.25 -38.91 15.76
N GLY D 53 5.72 -39.79 14.89
CA GLY D 53 4.85 -40.45 13.95
C GLY D 53 5.51 -40.74 12.61
N PRO D 54 4.83 -41.50 11.77
CA PRO D 54 5.44 -41.92 10.50
C PRO D 54 5.51 -40.76 9.51
N THR D 55 6.60 -40.73 8.74
CA THR D 55 6.75 -39.72 7.70
C THR D 55 5.65 -39.84 6.66
N ARG D 56 5.40 -41.06 6.20
CA ARG D 56 4.36 -41.35 5.23
C ARG D 56 3.24 -42.17 5.88
N ASP D 57 2.08 -42.16 5.25
CA ASP D 57 0.92 -42.84 5.82
C ASP D 57 1.09 -44.35 5.79
N TRP D 58 0.92 -44.98 6.95
CA TRP D 58 0.98 -46.44 7.11
C TRP D 58 2.33 -47.03 6.72
N GLU D 59 3.40 -46.24 6.82
CA GLU D 59 4.75 -46.69 6.50
C GLU D 59 5.62 -46.53 7.74
N CYS D 60 6.19 -47.62 8.24
CA CYS D 60 7.05 -47.52 9.41
C CYS D 60 8.49 -47.25 8.98
N TYR D 61 9.38 -47.17 9.97
CA TYR D 61 10.76 -46.78 9.69
C TYR D 61 11.54 -47.91 9.04
N CYS D 62 11.50 -49.10 9.64
CA CYS D 62 12.28 -50.23 9.13
C CYS D 62 11.73 -50.77 7.81
N GLY D 63 10.52 -50.39 7.41
CA GLY D 63 9.96 -50.83 6.16
C GLY D 63 9.25 -52.17 6.19
N LYS D 64 8.98 -52.72 7.37
CA LYS D 64 8.30 -54.02 7.44
C LYS D 64 6.81 -53.87 7.18
N TYR D 65 6.19 -52.80 7.66
CA TYR D 65 4.76 -52.56 7.51
C TYR D 65 4.57 -51.34 6.61
N LYS D 66 4.16 -51.59 5.37
CA LYS D 66 3.93 -50.53 4.39
C LYS D 66 2.51 -50.51 3.85
N ARG D 67 1.62 -51.37 4.34
CA ARG D 67 0.28 -51.50 3.80
C ARG D 67 -0.74 -51.06 4.84
N VAL D 68 -1.97 -50.80 4.36
CA VAL D 68 -3.02 -50.30 5.23
C VAL D 68 -3.65 -51.39 6.10
N ARG D 69 -3.50 -52.66 5.71
CA ARG D 69 -4.15 -53.74 6.45
C ARG D 69 -3.62 -53.85 7.87
N PHE D 70 -2.36 -53.45 8.10
CA PHE D 70 -1.79 -53.44 9.45
C PHE D 70 -2.02 -52.06 10.08
N LYS D 71 -3.28 -51.80 10.40
CA LYS D 71 -3.67 -50.50 10.96
C LYS D 71 -3.62 -50.56 12.48
N GLY D 72 -2.73 -49.79 13.08
CA GLY D 72 -2.61 -49.70 14.52
C GLY D 72 -1.59 -50.64 15.15
N ILE D 73 -0.69 -51.20 14.36
CA ILE D 73 0.29 -52.17 14.87
C ILE D 73 1.54 -51.39 15.30
N ILE D 74 1.96 -51.62 16.54
CA ILE D 74 3.23 -51.06 17.02
C ILE D 74 4.35 -51.98 16.54
N CYS D 75 5.11 -51.51 15.55
CA CYS D 75 6.16 -52.32 14.96
C CYS D 75 7.23 -52.65 16.00
N GLU D 76 7.66 -53.91 16.03
CA GLU D 76 8.55 -54.37 17.09
C GLU D 76 10.02 -54.07 16.80
N ARG D 77 10.39 -53.86 15.54
CA ARG D 77 11.79 -53.66 15.19
C ARG D 77 12.19 -52.19 15.18
N CYS D 78 11.26 -51.29 14.87
CA CYS D 78 11.54 -49.86 14.89
C CYS D 78 10.68 -49.07 15.86
N GLY D 79 9.63 -49.67 16.44
CA GLY D 79 8.83 -49.01 17.45
C GLY D 79 7.90 -47.93 16.94
N VAL D 80 7.66 -47.87 15.64
CA VAL D 80 6.84 -46.82 15.03
C VAL D 80 5.41 -47.33 14.88
N GLU D 81 4.45 -46.51 15.29
CA GLU D 81 3.05 -46.81 15.03
C GLU D 81 2.75 -46.60 13.54
N VAL D 82 1.61 -47.12 13.10
CA VAL D 82 1.23 -47.03 11.70
C VAL D 82 -0.13 -46.36 11.54
N THR D 83 -0.15 -45.03 11.60
CA THR D 83 -1.30 -44.22 11.26
C THR D 83 -0.90 -43.24 10.17
N ARG D 84 -1.75 -42.25 9.92
CA ARG D 84 -1.43 -41.22 8.95
C ARG D 84 -0.42 -40.24 9.54
N ALA D 85 0.25 -39.51 8.65
CA ALA D 85 1.24 -38.53 9.06
C ALA D 85 0.62 -37.33 9.78
N LYS D 86 -0.71 -37.25 9.82
CA LYS D 86 -1.38 -36.16 10.53
C LYS D 86 -0.94 -36.09 11.98
N VAL D 87 -0.65 -37.25 12.59
CA VAL D 87 -0.23 -37.28 13.98
C VAL D 87 1.07 -36.52 14.20
N ARG D 88 1.86 -36.31 13.14
CA ARG D 88 3.07 -35.51 13.29
C ARG D 88 2.76 -34.03 13.44
N ARG D 89 1.50 -33.64 13.54
CA ARG D 89 1.12 -32.26 13.82
C ARG D 89 0.56 -32.09 15.22
N GLU D 90 0.52 -33.15 16.03
CA GLU D 90 -0.10 -33.07 17.35
C GLU D 90 0.60 -33.91 18.42
N ARG D 91 1.47 -34.85 18.07
CA ARG D 91 2.14 -35.67 19.07
C ARG D 91 3.34 -34.91 19.64
N MET D 92 3.33 -34.71 20.95
CA MET D 92 4.38 -33.95 21.63
C MET D 92 5.54 -34.85 22.03
N GLY D 93 6.73 -34.26 22.08
CA GLY D 93 7.89 -34.90 22.65
C GLY D 93 8.29 -34.22 23.95
N HIS D 94 9.42 -34.68 24.50
CA HIS D 94 9.96 -34.02 25.67
C HIS D 94 11.43 -34.37 25.85
N ILE D 95 12.15 -33.46 26.50
CA ILE D 95 13.54 -33.65 26.87
C ILE D 95 13.60 -33.69 28.40
N GLU D 96 14.16 -34.77 28.94
CA GLU D 96 14.33 -34.93 30.37
C GLU D 96 15.66 -34.32 30.78
N LEU D 97 15.60 -33.30 31.63
CA LEU D 97 16.79 -32.55 31.98
C LEU D 97 17.55 -33.21 33.13
N ALA D 98 18.88 -33.20 33.03
CA ALA D 98 19.72 -33.72 34.11
C ALA D 98 19.83 -32.76 35.28
N ALA D 99 19.35 -31.52 35.13
CA ALA D 99 19.36 -30.53 36.19
C ALA D 99 18.12 -29.66 36.02
N PRO D 100 17.44 -29.31 37.11
CA PRO D 100 16.25 -28.47 37.00
C PRO D 100 16.59 -27.11 36.39
N VAL D 101 15.61 -26.52 35.72
CA VAL D 101 15.77 -25.24 35.05
C VAL D 101 14.54 -24.38 35.34
N THR D 102 14.71 -23.07 35.25
CA THR D 102 13.63 -22.13 35.50
C THR D 102 13.05 -21.62 34.18
N HIS D 103 11.73 -21.39 34.18
CA HIS D 103 11.05 -20.83 33.03
C HIS D 103 11.34 -19.33 32.97
N ILE D 104 11.96 -18.88 31.87
CA ILE D 104 12.39 -17.50 31.75
C ILE D 104 11.22 -16.52 31.83
N TRP D 105 9.99 -16.98 31.54
CA TRP D 105 8.84 -16.10 31.58
C TRP D 105 8.57 -15.59 32.99
N TYR D 106 8.92 -16.38 34.01
CA TYR D 106 8.62 -16.02 35.40
C TYR D 106 9.83 -15.50 36.16
N PHE D 107 11.03 -15.56 35.58
CA PHE D 107 12.22 -14.98 36.19
C PHE D 107 12.55 -13.62 35.60
N LYS D 108 12.76 -13.55 34.29
CA LYS D 108 13.18 -12.32 33.63
C LYS D 108 12.00 -11.43 33.26
N GLY D 109 10.82 -12.02 33.04
CA GLY D 109 9.64 -11.23 32.75
C GLY D 109 9.31 -10.26 33.87
N VAL D 110 9.06 -9.01 33.53
CA VAL D 110 8.80 -7.97 34.52
C VAL D 110 7.30 -7.86 34.80
N PRO D 111 6.89 -7.83 36.08
CA PRO D 111 7.78 -7.97 37.24
C PRO D 111 8.15 -9.41 37.52
N SER D 112 9.34 -9.65 38.06
CA SER D 112 9.82 -11.01 38.31
C SER D 112 8.89 -11.73 39.28
N ARG D 113 8.19 -12.76 38.79
CA ARG D 113 7.24 -13.47 39.62
C ARG D 113 7.94 -14.21 40.76
N LEU D 114 9.09 -14.83 40.47
CA LEU D 114 9.84 -15.51 41.51
C LEU D 114 10.34 -14.53 42.56
N GLY D 115 10.79 -13.35 42.12
CA GLY D 115 11.22 -12.33 43.06
C GLY D 115 10.10 -11.83 43.95
N TYR D 116 8.87 -11.86 43.44
CA TYR D 116 7.73 -11.50 44.26
C TYR D 116 7.31 -12.62 45.20
N LEU D 117 7.52 -13.87 44.79
CA LEU D 117 7.13 -15.00 45.63
C LEU D 117 8.11 -15.19 46.79
N LEU D 118 9.41 -15.13 46.53
CA LEU D 118 10.43 -15.38 47.52
C LEU D 118 10.98 -14.11 48.14
N ASP D 119 10.41 -12.94 47.82
CA ASP D 119 10.86 -11.66 48.34
C ASP D 119 12.32 -11.39 48.01
N LEU D 120 12.82 -11.97 46.92
CA LEU D 120 14.20 -11.81 46.51
C LEU D 120 14.32 -10.74 45.44
N ALA D 121 15.38 -9.95 45.51
CA ALA D 121 15.61 -8.92 44.52
C ALA D 121 15.90 -9.55 43.16
N PRO D 122 15.53 -8.86 42.07
CA PRO D 122 15.77 -9.44 40.74
C PRO D 122 17.23 -9.72 40.43
N LYS D 123 18.13 -8.80 40.79
CA LYS D 123 19.55 -9.01 40.52
C LYS D 123 20.11 -10.15 41.35
N ASP D 124 19.66 -10.27 42.61
CA ASP D 124 20.09 -11.39 43.43
C ASP D 124 19.63 -12.72 42.84
N LEU D 125 18.39 -12.76 42.35
CA LEU D 125 17.88 -13.97 41.70
C LEU D 125 18.69 -14.29 40.45
N GLU D 126 19.04 -13.26 39.67
CA GLU D 126 19.88 -13.45 38.49
C GLU D 126 21.24 -14.04 38.88
N LYS D 127 21.82 -13.56 39.97
CA LYS D 127 23.08 -14.13 40.45
C LYS D 127 22.90 -15.58 40.87
N ILE D 128 21.77 -15.91 41.50
CA ILE D 128 21.56 -17.27 41.98
C ILE D 128 21.41 -18.24 40.81
N ILE D 129 20.54 -17.92 39.85
CA ILE D 129 20.18 -18.90 38.82
C ILE D 129 21.38 -19.24 37.94
N TYR D 130 22.18 -18.24 37.59
CA TYR D 130 23.25 -18.42 36.62
C TYR D 130 24.61 -18.62 37.28
N PHE D 131 24.62 -19.16 38.49
CA PHE D 131 25.83 -19.63 39.16
C PHE D 131 26.85 -18.51 39.36
N ALA D 132 26.38 -17.41 39.94
CA ALA D 132 27.24 -16.31 40.36
C ALA D 132 27.27 -16.10 41.86
N ALA D 133 26.35 -16.72 42.60
CA ALA D 133 26.31 -16.60 44.05
C ALA D 133 25.53 -17.77 44.63
N TYR D 134 26.05 -18.34 45.71
CA TYR D 134 25.31 -19.38 46.41
C TYR D 134 24.16 -18.77 47.22
N VAL D 135 23.23 -19.63 47.61
CA VAL D 135 22.09 -19.21 48.44
C VAL D 135 21.86 -20.27 49.50
N ILE D 136 21.57 -19.82 50.71
CA ILE D 136 21.36 -20.70 51.86
C ILE D 136 19.92 -21.20 51.84
N THR D 137 19.76 -22.52 51.73
CA THR D 137 18.43 -23.13 51.72
C THR D 137 17.93 -23.45 53.11
N SER D 138 18.83 -23.85 54.01
CA SER D 138 18.44 -24.21 55.37
C SER D 138 19.64 -24.07 56.29
N VAL D 139 19.35 -23.83 57.58
CA VAL D 139 20.37 -23.71 58.60
C VAL D 139 19.82 -24.25 59.90
N ASP D 140 20.56 -25.18 60.51
CA ASP D 140 20.15 -25.79 61.79
C ASP D 140 20.49 -24.80 62.90
N GLU D 141 19.53 -23.93 63.22
CA GLU D 141 19.79 -22.85 64.15
C GLU D 141 19.95 -23.35 65.58
N GLU D 142 19.22 -24.40 65.96
CA GLU D 142 19.35 -24.93 67.32
C GLU D 142 20.70 -25.62 67.51
N MET D 143 21.15 -26.39 66.52
CA MET D 143 22.48 -27.00 66.59
C MET D 143 23.56 -25.93 66.65
N ARG D 144 23.38 -24.84 65.91
CA ARG D 144 24.31 -23.72 65.98
C ARG D 144 24.32 -23.09 67.37
N HIS D 145 23.15 -22.97 67.99
CA HIS D 145 23.09 -22.40 69.33
C HIS D 145 23.75 -23.31 70.36
N ASN D 146 23.56 -24.63 70.21
CA ASN D 146 24.12 -25.58 71.16
C ASN D 146 25.62 -25.79 70.99
N GLU D 147 26.22 -25.24 69.93
CA GLU D 147 27.65 -25.36 69.71
C GLU D 147 28.31 -24.00 69.47
N LEU D 148 27.62 -22.90 69.78
CA LEU D 148 28.14 -21.58 69.48
C LEU D 148 29.37 -21.25 70.33
N SER D 149 29.34 -21.64 71.60
CA SER D 149 30.46 -21.33 72.49
C SER D 149 31.74 -22.02 72.05
N THR D 150 31.65 -23.30 71.69
CA THR D 150 32.83 -24.05 71.27
C THR D 150 33.43 -23.47 70.00
N LEU D 151 32.58 -23.21 69.00
CA LEU D 151 33.06 -22.65 67.74
C LEU D 151 33.63 -21.25 67.94
N GLU D 152 33.02 -20.46 68.82
CA GLU D 152 33.56 -19.13 69.12
C GLU D 152 34.94 -19.23 69.76
N ALA D 153 35.11 -20.15 70.71
CA ALA D 153 36.42 -20.33 71.33
C ALA D 153 37.46 -20.76 70.30
N GLU D 154 37.08 -21.67 69.40
CA GLU D 154 38.02 -22.14 68.39
C GLU D 154 38.40 -21.02 67.42
N MET D 155 37.42 -20.21 67.01
CA MET D 155 37.72 -19.08 66.13
C MET D 155 38.63 -18.06 66.82
N ALA D 156 38.39 -17.81 68.11
CA ALA D 156 39.24 -16.88 68.85
C ALA D 156 40.66 -17.40 68.95
N VAL D 157 40.81 -18.72 69.19
CA VAL D 157 42.14 -19.31 69.26
C VAL D 157 42.86 -19.18 67.91
N GLU D 158 42.12 -19.40 66.82
CA GLU D 158 42.72 -19.27 65.49
C GLU D 158 43.18 -17.83 65.23
N ARG D 159 42.34 -16.85 65.57
CA ARG D 159 42.72 -15.45 65.41
C ARG D 159 43.94 -15.11 66.25
N LYS D 160 43.99 -15.61 67.48
CA LYS D 160 45.14 -15.36 68.34
C LYS D 160 46.42 -15.96 67.75
N ALA D 161 46.32 -17.16 67.19
CA ALA D 161 47.50 -17.77 66.57
C ALA D 161 47.96 -16.94 65.37
N VAL D 162 47.01 -16.45 64.57
CA VAL D 162 47.36 -15.61 63.43
C VAL D 162 48.11 -14.36 63.91
N GLU D 163 47.58 -13.70 64.94
CA GLU D 163 48.22 -12.49 65.44
C GLU D 163 49.62 -12.78 66.02
N ASP D 164 49.76 -13.90 66.72
CA ASP D 164 51.07 -14.25 67.27
C ASP D 164 52.08 -14.50 66.16
N GLN D 165 51.69 -15.23 65.11
CA GLN D 165 52.58 -15.46 63.99
C GLN D 165 52.97 -14.13 63.33
N ARG D 166 51.99 -13.23 63.15
CA ARG D 166 52.29 -11.94 62.56
C ARG D 166 53.32 -11.18 63.37
N ASP D 167 53.12 -11.10 64.69
CA ASP D 167 54.03 -10.32 65.52
C ASP D 167 55.43 -10.95 65.55
N GLY D 168 55.51 -12.28 65.58
CA GLY D 168 56.82 -12.92 65.53
C GLY D 168 57.57 -12.63 64.25
N GLU D 169 56.87 -12.75 63.10
CA GLU D 169 57.49 -12.47 61.83
C GLU D 169 57.93 -11.01 61.73
N LEU D 170 57.09 -10.10 62.23
CA LEU D 170 57.42 -8.68 62.20
C LEU D 170 58.65 -8.39 63.06
N GLU D 171 58.73 -9.02 64.23
CA GLU D 171 59.91 -8.82 65.10
C GLU D 171 61.17 -9.33 64.42
N ALA D 172 61.09 -10.52 63.81
CA ALA D 172 62.25 -11.06 63.10
C ALA D 172 62.70 -10.10 62.01
N ARG D 173 61.75 -9.59 61.21
CA ARG D 173 62.10 -8.72 60.10
C ARG D 173 62.68 -7.39 60.59
N ALA D 174 62.10 -6.81 61.64
CA ALA D 174 62.61 -5.54 62.15
C ALA D 174 64.00 -5.69 62.73
N GLN D 175 64.25 -6.80 63.43
CA GLN D 175 65.60 -7.03 63.98
C GLN D 175 66.60 -7.26 62.87
N LYS D 176 66.21 -7.98 61.82
CA LYS D 176 67.10 -8.15 60.67
C LYS D 176 67.40 -6.82 60.00
N LEU D 177 66.39 -5.94 59.91
CA LEU D 177 66.59 -4.63 59.32
C LEU D 177 67.57 -3.80 60.14
N GLU D 178 67.40 -3.77 61.46
CA GLU D 178 68.32 -3.01 62.31
C GLU D 178 69.74 -3.57 62.22
N ALA D 179 69.86 -4.91 62.22
CA ALA D 179 71.18 -5.53 62.10
C ALA D 179 71.84 -5.21 60.76
N ASP D 180 71.05 -5.21 59.68
CA ASP D 180 71.60 -4.89 58.37
C ASP D 180 72.05 -3.44 58.30
N LEU D 181 71.28 -2.54 58.92
CA LEU D 181 71.70 -1.14 58.96
C LEU D 181 72.98 -0.97 59.76
N ALA D 182 73.09 -1.66 60.90
CA ALA D 182 74.33 -1.59 61.67
C ALA D 182 75.51 -2.14 60.88
N GLU D 183 75.29 -3.23 60.13
CA GLU D 183 76.37 -3.83 59.35
C GLU D 183 76.81 -2.92 58.20
N LEU D 184 75.85 -2.30 57.50
CA LEU D 184 76.21 -1.35 56.45
C LEU D 184 76.77 -0.06 57.01
N GLU D 185 76.53 0.24 58.29
CA GLU D 185 77.22 1.35 58.92
C GLU D 185 78.66 0.98 59.26
N ALA D 186 78.90 -0.26 59.68
CA ALA D 186 80.27 -0.70 59.92
C ALA D 186 81.07 -0.72 58.61
N GLU D 187 80.42 -0.99 57.50
CA GLU D 187 81.08 -0.93 56.20
C GLU D 187 81.34 0.50 55.74
N GLY D 188 80.73 1.49 56.38
CA GLY D 188 80.99 2.88 56.06
C GLY D 188 80.22 3.42 54.87
N ALA D 189 79.13 2.78 54.47
CA ALA D 189 78.35 3.26 53.35
C ALA D 189 77.68 4.58 53.69
N LYS D 190 77.37 5.35 52.65
CA LYS D 190 76.74 6.65 52.84
C LYS D 190 75.34 6.48 53.43
N ALA D 191 74.94 7.46 54.25
CA ALA D 191 73.66 7.37 54.96
C ALA D 191 72.47 7.30 54.03
N ASP D 192 72.60 7.77 52.78
CA ASP D 192 71.47 7.71 51.85
C ASP D 192 71.19 6.28 51.42
N ALA D 193 72.24 5.48 51.23
CA ALA D 193 72.04 4.06 50.96
C ALA D 193 71.39 3.37 52.16
N ARG D 194 71.78 3.77 53.38
CA ARG D 194 71.10 3.25 54.56
C ARG D 194 69.63 3.64 54.57
N ARG D 195 69.32 4.84 54.08
CA ARG D 195 67.92 5.24 53.97
C ARG D 195 67.18 4.39 52.95
N LYS D 196 67.84 4.03 51.85
CA LYS D 196 67.24 3.11 50.88
C LYS D 196 66.91 1.77 51.55
N VAL D 197 67.87 1.20 52.27
CA VAL D 197 67.65 -0.07 52.95
C VAL D 197 66.55 0.05 54.00
N ARG D 198 66.50 1.20 54.68
CA ARG D 198 65.49 1.44 55.71
C ARG D 198 64.10 1.47 55.10
N ASP D 199 63.93 2.20 53.99
CA ASP D 199 62.64 2.26 53.33
C ASP D 199 62.23 0.89 52.81
N GLY D 200 63.19 0.11 52.30
CA GLY D 200 62.89 -1.25 51.89
C GLY D 200 62.40 -2.10 53.05
N GLY D 201 63.06 -2.00 54.19
CA GLY D 201 62.62 -2.76 55.36
C GLY D 201 61.24 -2.35 55.84
N GLU D 202 60.96 -1.05 55.84
CA GLU D 202 59.63 -0.58 56.24
C GLU D 202 58.57 -1.07 55.25
N ARG D 203 58.89 -1.08 53.96
CA ARG D 203 57.96 -1.61 52.96
C ARG D 203 57.67 -3.08 53.21
N GLU D 204 58.72 -3.87 53.50
CA GLU D 204 58.52 -5.29 53.76
C GLU D 204 57.67 -5.52 55.01
N MET D 205 57.93 -4.75 56.07
CA MET D 205 57.14 -4.91 57.29
C MET D 205 55.68 -4.52 57.04
N ARG D 206 55.45 -3.47 56.26
CA ARG D 206 54.08 -3.09 55.90
C ARG D 206 53.40 -4.22 55.14
N GLN D 207 54.11 -4.84 54.20
CA GLN D 207 53.53 -5.95 53.46
C GLN D 207 53.16 -7.11 54.39
N ILE D 208 54.04 -7.43 55.34
CA ILE D 208 53.76 -8.53 56.27
C ILE D 208 52.53 -8.22 57.10
N ARG D 209 52.47 -7.00 57.66
CA ARG D 209 51.33 -6.62 58.49
C ARG D 209 50.02 -6.65 57.70
N ASP D 210 50.07 -6.22 56.43
CA ASP D 210 48.85 -6.23 55.62
C ASP D 210 48.44 -7.66 55.26
N ARG D 211 49.40 -8.53 54.94
CA ARG D 211 49.08 -9.92 54.66
C ARG D 211 48.45 -10.60 55.86
N ALA D 212 48.86 -10.22 57.08
CA ALA D 212 48.20 -10.77 58.26
C ALA D 212 46.82 -10.15 58.48
N GLN D 213 46.68 -8.85 58.23
CA GLN D 213 45.40 -8.19 58.45
C GLN D 213 44.33 -8.73 57.50
N ARG D 214 44.71 -9.09 56.27
CA ARG D 214 43.74 -9.66 55.35
C ARG D 214 43.20 -11.00 55.85
N GLU D 215 44.08 -11.83 56.41
CA GLU D 215 43.63 -13.09 56.99
C GLU D 215 42.73 -12.86 58.19
N LEU D 216 43.09 -11.90 59.04
CA LEU D 216 42.23 -11.57 60.18
C LEU D 216 40.85 -11.12 59.72
N ASP D 217 40.80 -10.29 58.67
CA ASP D 217 39.51 -9.83 58.16
C ASP D 217 38.71 -10.96 57.53
N ARG D 218 39.38 -11.89 56.86
CA ARG D 218 38.68 -13.06 56.33
C ARG D 218 38.05 -13.88 57.46
N LEU D 219 38.79 -14.10 58.53
CA LEU D 219 38.23 -14.84 59.66
C LEU D 219 37.06 -14.08 60.29
N GLU D 220 37.18 -12.75 60.40
CA GLU D 220 36.09 -11.95 60.91
C GLU D 220 34.84 -12.11 60.06
N ASP D 221 34.99 -12.05 58.74
CA ASP D 221 33.83 -12.19 57.85
C ASP D 221 33.25 -13.60 57.93
N ILE D 222 34.09 -14.62 58.02
CA ILE D 222 33.59 -15.99 58.13
C ILE D 222 32.73 -16.16 59.38
N TRP D 223 33.26 -15.71 60.53
CA TRP D 223 32.51 -15.84 61.77
C TRP D 223 31.23 -15.00 61.73
N SER D 224 31.29 -13.79 61.17
CA SER D 224 30.11 -12.94 61.10
C SER D 224 29.04 -13.58 60.22
N THR D 225 29.45 -14.19 59.10
CA THR D 225 28.48 -14.80 58.20
C THR D 225 27.85 -16.05 58.82
N PHE D 226 28.66 -16.88 59.49
CA PHE D 226 28.07 -18.06 60.11
C PHE D 226 27.18 -17.70 61.29
N THR D 227 27.51 -16.64 62.03
CA THR D 227 26.69 -16.23 63.16
C THR D 227 25.31 -15.74 62.71
N LYS D 228 25.28 -14.93 61.65
CA LYS D 228 24.01 -14.38 61.15
C LYS D 228 23.60 -15.09 59.86
N LEU D 229 23.52 -16.42 59.89
CA LEU D 229 23.16 -17.20 58.72
C LEU D 229 21.70 -17.61 58.80
N ALA D 230 20.94 -17.27 57.76
CA ALA D 230 19.52 -17.56 57.67
C ALA D 230 19.21 -17.99 56.24
N PRO D 231 18.11 -18.69 56.03
CA PRO D 231 17.74 -19.07 54.66
C PRO D 231 17.51 -17.85 53.78
N LYS D 232 17.60 -18.09 52.47
CA LYS D 232 17.45 -17.07 51.42
C LYS D 232 18.55 -16.03 51.43
N GLN D 233 19.62 -16.24 52.20
CA GLN D 233 20.76 -15.34 52.15
C GLN D 233 21.67 -15.70 50.99
N LEU D 234 22.32 -14.70 50.42
CA LEU D 234 23.21 -14.88 49.28
C LEU D 234 24.66 -14.70 49.70
N ILE D 235 25.54 -15.49 49.08
CA ILE D 235 26.97 -15.44 49.34
C ILE D 235 27.65 -15.32 47.98
N VAL D 236 27.97 -14.10 47.57
CA VAL D 236 28.55 -13.89 46.26
C VAL D 236 30.00 -14.36 46.21
N ASP D 237 30.72 -14.29 47.33
CA ASP D 237 32.11 -14.73 47.38
C ASP D 237 32.15 -16.26 47.44
N GLU D 238 32.81 -16.87 46.45
CA GLU D 238 32.87 -18.32 46.39
C GLU D 238 33.84 -18.88 47.41
N ASN D 239 34.96 -18.19 47.66
CA ASN D 239 35.90 -18.66 48.67
C ASN D 239 35.29 -18.58 50.07
N LEU D 240 34.48 -17.56 50.33
CA LEU D 240 33.82 -17.45 51.63
C LEU D 240 32.86 -18.62 51.85
N TYR D 241 32.08 -18.96 50.83
CA TYR D 241 31.18 -20.12 50.95
C TYR D 241 31.97 -21.41 51.10
N ARG D 242 33.09 -21.52 50.40
CA ARG D 242 33.93 -22.71 50.53
C ARG D 242 34.45 -22.85 51.95
N GLU D 243 34.91 -21.75 52.56
CA GLU D 243 35.34 -21.78 53.95
C GLU D 243 34.19 -22.13 54.88
N LEU D 244 33.00 -21.58 54.62
CA LEU D 244 31.84 -21.89 55.45
C LEU D 244 31.52 -23.38 55.41
N VAL D 245 31.59 -24.00 54.23
CA VAL D 245 31.32 -25.42 54.15
C VAL D 245 32.44 -26.23 54.79
N ASP D 246 33.69 -25.78 54.63
CA ASP D 246 34.81 -26.49 55.23
C ASP D 246 34.76 -26.47 56.75
N ARG D 247 34.23 -25.38 57.33
CA ARG D 247 34.20 -25.25 58.78
C ARG D 247 32.88 -25.72 59.39
N TYR D 248 31.79 -25.02 59.08
CA TYR D 248 30.49 -25.25 59.70
C TYR D 248 29.51 -25.90 58.72
N GLY D 249 30.00 -26.85 57.92
CA GLY D 249 29.13 -27.49 56.94
C GLY D 249 28.05 -28.34 57.57
N GLU D 250 28.29 -28.84 58.78
CA GLU D 250 27.30 -29.66 59.48
C GLU D 250 26.07 -28.88 59.90
N TYR D 251 26.12 -27.55 59.85
CA TYR D 251 25.08 -26.72 60.44
C TYR D 251 24.12 -26.10 59.44
N PHE D 252 24.55 -25.89 58.20
CA PHE D 252 23.71 -25.26 57.19
C PHE D 252 23.76 -26.06 55.90
N THR D 253 22.85 -25.74 55.01
CA THR D 253 22.79 -26.31 53.66
C THR D 253 22.59 -25.19 52.66
N GLY D 254 23.42 -25.14 51.63
CA GLY D 254 23.32 -24.14 50.60
C GLY D 254 23.44 -24.77 49.22
N ALA D 255 23.06 -23.99 48.21
CA ALA D 255 23.09 -24.51 46.85
C ALA D 255 23.17 -23.34 45.87
N MET D 256 23.34 -23.67 44.60
CA MET D 256 23.47 -22.71 43.52
C MET D 256 22.50 -23.08 42.41
N GLY D 257 22.40 -22.20 41.42
CA GLY D 257 21.62 -22.49 40.24
C GLY D 257 20.12 -22.56 40.47
N ALA D 258 19.45 -23.29 39.59
CA ALA D 258 17.98 -23.37 39.62
C ALA D 258 17.48 -24.41 40.61
N GLU D 259 18.27 -25.45 40.88
CA GLU D 259 17.88 -26.45 41.86
C GLU D 259 17.75 -25.83 43.24
N SER D 260 18.57 -24.82 43.54
CA SER D 260 18.46 -24.11 44.81
C SER D 260 17.12 -23.38 44.92
N ILE D 261 16.68 -22.73 43.84
CA ILE D 261 15.39 -22.06 43.88
C ILE D 261 14.26 -23.07 43.95
N GLN D 262 14.43 -24.23 43.30
CA GLN D 262 13.46 -25.31 43.46
C GLN D 262 13.32 -25.70 44.93
N LYS D 263 14.46 -25.85 45.62
CA LYS D 263 14.42 -26.19 47.04
C LYS D 263 13.79 -25.07 47.87
N LEU D 264 14.09 -23.81 47.54
CA LEU D 264 13.48 -22.69 48.26
C LEU D 264 11.96 -22.67 48.08
N ILE D 265 11.48 -22.95 46.87
CA ILE D 265 10.05 -23.03 46.64
C ILE D 265 9.46 -24.20 47.42
N GLU D 266 10.19 -25.30 47.52
CA GLU D 266 9.71 -26.43 48.33
C GLU D 266 9.65 -26.07 49.80
N ASN D 267 10.67 -25.40 50.32
CA ASN D 267 10.69 -24.97 51.72
C ASN D 267 10.11 -23.56 51.86
N PHE D 268 8.86 -23.43 51.40
CA PHE D 268 8.16 -22.15 51.39
C PHE D 268 6.73 -22.36 51.87
N ASP D 269 6.35 -21.63 52.91
CA ASP D 269 4.98 -21.71 53.44
C ASP D 269 4.13 -20.68 52.71
N ILE D 270 3.24 -21.16 51.86
CA ILE D 270 2.41 -20.26 51.06
C ILE D 270 1.43 -19.49 51.94
N ASP D 271 0.72 -20.21 52.81
CA ASP D 271 -0.30 -19.58 53.64
C ASP D 271 0.32 -18.60 54.63
N ALA D 272 1.46 -18.97 55.24
CA ALA D 272 2.08 -18.09 56.23
C ALA D 272 2.59 -16.81 55.58
N GLU D 273 3.24 -16.92 54.43
CA GLU D 273 3.70 -15.72 53.74
C GLU D 273 2.54 -14.86 53.26
N ALA D 274 1.46 -15.51 52.81
CA ALA D 274 0.27 -14.77 52.40
C ALA D 274 -0.30 -13.97 53.58
N GLU D 275 -0.43 -14.61 54.74
CA GLU D 275 -0.98 -13.90 55.89
C GLU D 275 -0.02 -12.86 56.45
N SER D 276 1.29 -13.06 56.27
CA SER D 276 2.25 -12.02 56.65
C SER D 276 2.09 -10.79 55.77
N LEU D 277 1.99 -11.00 54.46
CA LEU D 277 1.71 -9.89 53.55
C LEU D 277 0.38 -9.22 53.91
N ARG D 278 -0.62 -10.02 54.30
CA ARG D 278 -1.91 -9.44 54.69
C ARG D 278 -1.78 -8.60 55.96
N ASP D 279 -0.98 -9.06 56.92
CA ASP D 279 -0.75 -8.29 58.14
C ASP D 279 -0.05 -6.98 57.82
N VAL D 280 0.89 -6.99 56.87
CA VAL D 280 1.52 -5.76 56.45
C VAL D 280 0.54 -4.86 55.72
N ILE D 281 -0.41 -5.45 54.99
CA ILE D 281 -1.34 -4.67 54.17
C ILE D 281 -2.42 -4.00 55.03
N ARG D 282 -2.93 -4.71 56.04
CA ARG D 282 -4.01 -4.16 56.87
C ARG D 282 -3.61 -2.83 57.50
N ASN D 283 -2.37 -2.73 57.96
CA ASN D 283 -1.88 -1.53 58.64
C ASN D 283 -0.42 -1.32 58.23
N GLY D 284 -0.20 -0.35 57.34
CA GLY D 284 1.15 -0.10 56.87
C GLY D 284 1.25 1.23 56.15
N LYS D 285 2.49 1.65 55.94
CA LYS D 285 2.78 2.88 55.22
C LYS D 285 2.76 2.60 53.73
N GLY D 286 2.04 3.43 52.97
CA GLY D 286 1.86 3.17 51.54
C GLY D 286 3.17 2.95 50.80
N GLN D 287 4.20 3.74 51.15
CA GLN D 287 5.54 3.59 50.56
C GLN D 287 6.01 2.14 50.60
N LYS D 288 5.83 1.49 51.75
CA LYS D 288 6.20 0.09 51.90
C LYS D 288 5.00 -0.85 51.85
N LYS D 289 3.80 -0.33 51.59
CA LYS D 289 2.60 -1.16 51.50
C LYS D 289 2.23 -1.53 50.08
N LEU D 290 2.51 -0.66 49.10
CA LEU D 290 2.22 -1.01 47.70
C LEU D 290 3.06 -2.20 47.25
N ARG D 291 4.33 -2.21 47.65
CA ARG D 291 5.24 -3.31 47.32
C ARG D 291 4.80 -4.63 47.93
N ALA D 292 4.06 -4.59 49.04
CA ALA D 292 3.45 -5.79 49.62
C ALA D 292 2.13 -6.16 48.97
N LEU D 293 1.37 -5.16 48.52
CA LEU D 293 0.13 -5.41 47.79
C LEU D 293 0.40 -6.22 46.53
N LYS D 294 1.40 -5.81 45.76
CA LYS D 294 1.68 -6.55 44.53
C LYS D 294 2.22 -7.96 44.83
N ARG D 295 3.04 -8.08 45.88
CA ARG D 295 3.49 -9.40 46.31
C ARG D 295 2.32 -10.30 46.67
N LEU D 296 1.32 -9.75 47.36
CA LEU D 296 0.13 -10.53 47.67
C LEU D 296 -0.62 -10.90 46.39
N LYS D 297 -0.67 -9.98 45.42
CA LYS D 297 -1.28 -10.30 44.14
C LYS D 297 -0.63 -11.56 43.54
N VAL D 298 0.68 -11.68 43.69
CA VAL D 298 1.34 -12.87 43.15
C VAL D 298 1.08 -14.09 44.01
N VAL D 299 1.13 -13.95 45.34
CA VAL D 299 1.11 -15.13 46.22
C VAL D 299 -0.29 -15.72 46.37
N ALA D 300 -1.31 -14.87 46.48
CA ALA D 300 -2.67 -15.35 46.69
C ALA D 300 -3.17 -16.18 45.53
N ALA D 301 -2.64 -15.95 44.32
CA ALA D 301 -3.00 -16.78 43.18
C ALA D 301 -2.60 -18.23 43.41
N PHE D 302 -1.32 -18.45 43.74
CA PHE D 302 -0.85 -19.79 44.06
C PHE D 302 -1.57 -20.36 45.27
N GLN D 303 -1.96 -19.50 46.22
CA GLN D 303 -2.66 -20.00 47.40
C GLN D 303 -4.04 -20.53 47.04
N GLN D 304 -4.86 -19.71 46.36
CA GLN D 304 -6.24 -20.09 46.12
C GLN D 304 -6.36 -21.14 45.01
N SER D 305 -5.62 -20.96 43.91
CA SER D 305 -5.86 -21.77 42.71
C SER D 305 -5.64 -23.26 42.97
N GLY D 306 -4.71 -23.61 43.85
CA GLY D 306 -4.41 -25.00 44.11
C GLY D 306 -3.29 -25.58 43.27
N ASN D 307 -2.69 -24.80 42.39
CA ASN D 307 -1.52 -25.25 41.64
C ASN D 307 -0.25 -24.81 42.35
N SER D 308 0.75 -25.69 42.38
CA SER D 308 1.97 -25.40 43.09
C SER D 308 2.84 -24.43 42.30
N PRO D 309 3.53 -23.50 42.97
CA PRO D 309 4.50 -22.65 42.26
C PRO D 309 5.68 -23.43 41.71
N MET D 310 5.86 -24.69 42.11
CA MET D 310 6.95 -25.52 41.63
C MET D 310 6.97 -25.63 40.11
N GLY D 311 5.84 -25.38 39.45
CA GLY D 311 5.81 -25.39 38.00
C GLY D 311 6.71 -24.37 37.35
N MET D 312 7.10 -23.33 38.08
CA MET D 312 8.01 -22.32 37.52
C MET D 312 9.42 -22.86 37.32
N VAL D 313 9.76 -23.99 37.96
CA VAL D 313 11.02 -24.67 37.75
C VAL D 313 10.73 -25.98 37.01
N LEU D 314 11.44 -26.20 35.91
CA LEU D 314 11.15 -27.31 35.01
C LEU D 314 12.15 -28.44 35.20
N ASP D 315 11.65 -29.66 35.22
CA ASP D 315 12.48 -30.85 35.16
C ASP D 315 12.51 -31.48 33.77
N ALA D 316 11.48 -31.25 32.97
CA ALA D 316 11.42 -31.71 31.59
C ALA D 316 10.80 -30.61 30.74
N VAL D 317 11.26 -30.50 29.50
CA VAL D 317 10.81 -29.45 28.58
C VAL D 317 10.09 -30.11 27.42
N PRO D 318 8.91 -29.62 27.02
CA PRO D 318 8.18 -30.24 25.92
C PRO D 318 8.75 -29.83 24.56
N VAL D 319 8.57 -30.73 23.59
CA VAL D 319 9.04 -30.55 22.23
C VAL D 319 7.82 -30.50 21.33
N ILE D 320 7.68 -29.39 20.59
CA ILE D 320 6.56 -29.14 19.70
C ILE D 320 6.61 -30.14 18.55
N PRO D 321 5.47 -30.60 18.04
CA PRO D 321 5.50 -31.59 16.97
C PRO D 321 6.31 -31.11 15.79
N PRO D 322 6.88 -32.03 14.99
CA PRO D 322 7.82 -31.62 13.95
C PRO D 322 7.18 -30.82 12.82
N GLU D 323 5.92 -31.06 12.48
CA GLU D 323 5.30 -30.36 11.37
C GLU D 323 5.14 -28.87 11.65
N LEU D 324 5.15 -28.45 12.91
CA LEU D 324 5.12 -27.04 13.27
C LEU D 324 6.51 -26.42 13.27
N ARG D 325 7.56 -27.22 13.07
CA ARG D 325 8.93 -26.73 12.94
C ARG D 325 9.60 -27.45 11.78
N PRO D 326 9.01 -27.39 10.59
CA PRO D 326 9.41 -28.32 9.53
C PRO D 326 10.78 -28.01 8.95
N MET D 327 11.40 -29.05 8.41
CA MET D 327 12.70 -28.95 7.73
C MET D 327 12.47 -29.29 6.26
N VAL D 328 12.65 -28.31 5.39
CA VAL D 328 12.38 -28.47 3.97
C VAL D 328 13.69 -28.68 3.23
N GLN D 329 13.60 -29.30 2.06
CA GLN D 329 14.74 -29.50 1.18
C GLN D 329 14.75 -28.41 0.12
N LEU D 330 15.95 -27.94 -0.21
CA LEU D 330 16.11 -26.85 -1.16
C LEU D 330 16.44 -27.39 -2.54
N ASP D 331 16.12 -26.58 -3.56
CA ASP D 331 16.33 -26.98 -4.94
C ASP D 331 17.81 -27.09 -5.31
N GLY D 332 18.71 -26.67 -4.44
CA GLY D 332 20.13 -26.84 -4.65
C GLY D 332 20.71 -28.08 -3.99
N GLY D 333 19.88 -28.97 -3.46
CA GLY D 333 20.33 -30.16 -2.77
C GLY D 333 20.54 -29.98 -1.28
N ARG D 334 20.66 -28.75 -0.81
CA ARG D 334 20.89 -28.48 0.61
C ARG D 334 19.55 -28.42 1.34
N PHE D 335 19.60 -28.18 2.65
CA PHE D 335 18.41 -28.21 3.50
C PHE D 335 18.24 -26.90 4.24
N ALA D 336 17.00 -26.58 4.57
CA ALA D 336 16.66 -25.39 5.35
C ALA D 336 15.65 -25.78 6.43
N THR D 337 16.02 -25.56 7.69
CA THR D 337 15.19 -25.98 8.81
C THR D 337 14.72 -24.76 9.61
N SER D 338 13.82 -25.02 10.54
CA SER D 338 13.32 -23.96 11.42
C SER D 338 14.32 -23.69 12.54
N ASP D 339 14.26 -22.45 13.07
CA ASP D 339 15.16 -22.06 14.15
C ASP D 339 14.87 -22.84 15.43
N LEU D 340 13.61 -23.21 15.64
CA LEU D 340 13.24 -24.00 16.80
C LEU D 340 14.02 -25.31 16.84
N ASN D 341 14.32 -25.89 15.67
CA ASN D 341 15.14 -27.08 15.63
C ASN D 341 16.54 -26.81 16.16
N ASP D 342 17.13 -25.67 15.79
CA ASP D 342 18.45 -25.32 16.32
C ASP D 342 18.41 -25.11 17.82
N LEU D 343 17.35 -24.47 18.33
CA LEU D 343 17.25 -24.25 19.77
C LEU D 343 17.12 -25.57 20.53
N TYR D 344 16.20 -26.43 20.08
CA TYR D 344 16.06 -27.75 20.68
C TYR D 344 17.36 -28.54 20.59
N ARG D 345 18.09 -28.42 19.47
CA ARG D 345 19.33 -29.16 19.29
C ARG D 345 20.39 -28.69 20.28
N ARG D 346 20.52 -27.38 20.48
CA ARG D 346 21.49 -26.89 21.44
C ARG D 346 21.12 -27.33 22.86
N VAL D 347 19.83 -27.28 23.20
CA VAL D 347 19.39 -27.78 24.50
C VAL D 347 19.79 -29.24 24.68
N ILE D 348 19.54 -30.07 23.66
CA ILE D 348 19.85 -31.50 23.74
C ILE D 348 21.35 -31.72 23.90
N ASN D 349 22.14 -30.99 23.10
CA ASN D 349 23.59 -31.13 23.15
C ASN D 349 24.11 -30.83 24.56
N ARG D 350 23.72 -29.68 25.11
CA ARG D 350 24.23 -29.30 26.42
C ARG D 350 23.70 -30.22 27.53
N ASN D 351 22.48 -30.73 27.39
CA ASN D 351 21.96 -31.64 28.40
C ASN D 351 22.71 -32.97 28.38
N ASN D 352 23.02 -33.48 27.18
CA ASN D 352 23.79 -34.72 27.09
C ASN D 352 25.21 -34.53 27.61
N ARG D 353 25.80 -33.37 27.34
CA ARG D 353 27.13 -33.09 27.89
C ARG D 353 27.08 -33.02 29.41
N LEU D 354 26.01 -32.44 29.97
CA LEU D 354 25.85 -32.42 31.42
C LEU D 354 25.72 -33.84 31.98
N LYS D 355 25.00 -34.71 31.27
CA LYS D 355 24.92 -36.10 31.70
C LYS D 355 26.30 -36.75 31.71
N ARG D 356 27.10 -36.48 30.67
CA ARG D 356 28.47 -37.01 30.64
C ARG D 356 29.27 -36.51 31.84
N LEU D 357 29.18 -35.22 32.14
CA LEU D 357 29.95 -34.67 33.25
C LEU D 357 29.50 -35.24 34.59
N ILE D 358 28.20 -35.50 34.74
CA ILE D 358 27.71 -36.11 35.98
C ILE D 358 28.22 -37.54 36.09
N ASP D 359 28.25 -38.27 34.98
CA ASP D 359 28.74 -39.65 35.03
C ASP D 359 30.23 -39.70 35.34
N LEU D 360 31.03 -38.82 34.74
CA LEU D 360 32.47 -38.85 34.90
C LEU D 360 32.94 -38.27 36.24
N GLY D 361 32.05 -37.64 37.01
CA GLY D 361 32.49 -36.98 38.23
C GLY D 361 33.42 -35.83 37.97
N ALA D 362 33.19 -35.08 36.90
CA ALA D 362 34.03 -33.95 36.55
C ALA D 362 34.02 -32.91 37.66
N PRO D 363 35.04 -32.05 37.73
CA PRO D 363 35.08 -31.02 38.78
C PRO D 363 33.82 -30.18 38.79
N GLU D 364 33.48 -29.69 39.99
CA GLU D 364 32.23 -28.95 40.16
C GLU D 364 32.20 -27.69 39.30
N ILE D 365 33.38 -27.13 38.99
CA ILE D 365 33.41 -25.94 38.15
C ILE D 365 32.84 -26.23 36.76
N ILE D 366 33.25 -27.34 36.16
CA ILE D 366 32.77 -27.70 34.82
C ILE D 366 31.27 -28.00 34.86
N VAL D 367 30.82 -28.76 35.86
CA VAL D 367 29.41 -29.14 35.93
C VAL D 367 28.53 -27.92 36.15
N ASN D 368 28.96 -26.99 37.01
CA ASN D 368 28.17 -25.78 37.25
C ASN D 368 28.16 -24.88 36.02
N ASN D 369 29.32 -24.70 35.37
CA ASN D 369 29.37 -23.89 34.17
C ASN D 369 28.61 -24.52 33.02
N GLU D 370 28.37 -25.84 33.08
CA GLU D 370 27.53 -26.51 32.09
C GLU D 370 26.05 -26.35 32.40
N LYS D 371 25.68 -26.44 33.68
CA LYS D 371 24.30 -26.22 34.08
C LYS D 371 23.85 -24.80 33.73
N ARG D 372 24.76 -23.82 33.88
CA ARG D 372 24.43 -22.45 33.48
C ARG D 372 24.12 -22.38 31.99
N MET D 373 24.91 -23.08 31.17
CA MET D 373 24.66 -23.06 29.73
C MET D 373 23.35 -23.75 29.38
N LEU D 374 23.02 -24.83 30.11
CA LEU D 374 21.71 -25.47 29.89
C LEU D 374 20.57 -24.52 30.23
N GLN D 375 20.71 -23.79 31.33
CA GLN D 375 19.71 -22.76 31.68
C GLN D 375 19.55 -21.75 30.55
N GLU D 376 20.68 -21.23 30.05
CA GLU D 376 20.60 -20.25 28.97
C GLU D 376 20.00 -20.85 27.70
N SER D 377 20.25 -22.14 27.44
CA SER D 377 19.69 -22.77 26.26
C SER D 377 18.18 -22.91 26.36
N VAL D 378 17.68 -23.32 27.52
CA VAL D 378 16.22 -23.39 27.68
C VAL D 378 15.62 -21.99 27.61
N ASP D 379 16.31 -21.00 28.18
CA ASP D 379 15.85 -19.62 28.11
C ASP D 379 15.75 -19.15 26.66
N ALA D 380 16.72 -19.53 25.82
CA ALA D 380 16.67 -19.16 24.41
C ALA D 380 15.57 -19.91 23.67
N LEU D 381 15.35 -21.18 24.02
CA LEU D 381 14.28 -21.96 23.40
C LEU D 381 12.92 -21.34 23.66
N PHE D 382 12.68 -20.86 24.89
CA PHE D 382 11.38 -20.31 25.22
C PHE D 382 11.23 -18.86 24.79
N ASP D 383 12.22 -18.02 25.10
CA ASP D 383 12.19 -16.61 24.72
C ASP D 383 13.59 -16.07 24.46
N ASN D 384 14.11 -16.32 23.27
CA ASN D 384 15.48 -15.90 22.94
C ASN D 384 15.58 -14.38 22.91
N GLY D 385 16.63 -13.84 23.52
CA GLY D 385 16.84 -12.41 23.59
C GLY D 385 16.22 -11.73 24.79
N ARG D 386 15.41 -12.45 25.58
CA ARG D 386 14.78 -11.84 26.75
C ARG D 386 15.81 -11.42 27.78
N ARG D 387 16.82 -12.24 28.01
CA ARG D 387 17.92 -11.93 28.93
C ARG D 387 19.22 -11.87 28.15
N GLY D 388 19.91 -10.73 28.25
CA GLY D 388 21.19 -10.59 27.57
C GLY D 388 21.03 -10.50 26.06
N ARG D 389 22.09 -10.90 25.35
CA ARG D 389 22.10 -10.84 23.90
C ARG D 389 21.53 -12.12 23.31
N PRO D 390 20.73 -12.00 22.25
CA PRO D 390 20.07 -13.19 21.68
C PRO D 390 21.05 -14.10 20.97
N VAL D 391 20.68 -15.38 20.93
CA VAL D 391 21.49 -16.38 20.24
C VAL D 391 21.39 -16.10 18.74
N THR D 392 22.50 -15.68 18.14
CA THR D 392 22.54 -15.33 16.73
C THR D 392 22.80 -16.58 15.89
N GLY D 393 22.10 -16.66 14.76
CA GLY D 393 22.35 -17.71 13.79
C GLY D 393 23.39 -17.28 12.78
N PRO D 394 23.39 -17.91 11.61
CA PRO D 394 24.33 -17.51 10.55
C PRO D 394 23.98 -16.11 10.03
N GLY D 395 24.95 -15.21 10.10
CA GLY D 395 24.74 -13.85 9.65
C GLY D 395 24.29 -12.87 10.71
N ASN D 396 24.56 -13.17 11.99
CA ASN D 396 24.17 -12.30 13.11
C ASN D 396 22.67 -12.03 13.10
N ARG D 397 21.89 -13.07 12.82
CA ARG D 397 20.43 -12.97 12.82
C ARG D 397 19.88 -13.64 14.06
N PRO D 398 19.10 -12.95 14.88
CA PRO D 398 18.56 -13.58 16.09
C PRO D 398 17.55 -14.67 15.75
N LEU D 399 17.77 -15.85 16.32
CA LEU D 399 16.88 -16.97 16.07
C LEU D 399 15.52 -16.72 16.71
N LYS D 400 14.47 -17.16 16.03
CA LYS D 400 13.11 -17.03 16.57
C LYS D 400 12.86 -18.10 17.62
N SER D 401 12.21 -17.70 18.71
CA SER D 401 11.90 -18.59 19.81
C SER D 401 10.45 -19.03 19.72
N LEU D 402 10.05 -19.90 20.66
CA LEU D 402 8.66 -20.33 20.73
C LEU D 402 7.73 -19.14 20.97
N SER D 403 8.09 -18.29 21.94
CA SER D 403 7.27 -17.11 22.23
C SER D 403 7.20 -16.15 21.04
N ASP D 404 8.20 -16.17 20.15
CA ASP D 404 8.14 -15.34 18.95
C ASP D 404 7.05 -15.79 17.99
N LEU D 405 6.54 -17.01 18.15
CA LEU D 405 5.44 -17.47 17.29
C LEU D 405 4.11 -16.83 17.66
N LEU D 406 4.06 -16.03 18.73
CA LEU D 406 2.83 -15.42 19.19
C LEU D 406 2.90 -13.91 19.33
N LYS D 407 4.06 -13.31 19.13
CA LYS D 407 4.26 -11.89 19.41
C LYS D 407 3.97 -11.03 18.19
N GLY D 408 3.34 -9.89 18.43
CA GLY D 408 3.24 -8.82 17.46
C GLY D 408 2.38 -9.12 16.24
N LYS D 409 2.60 -8.31 15.21
CA LYS D 409 1.81 -8.41 13.97
C LYS D 409 2.10 -9.71 13.23
N GLN D 410 3.31 -10.25 13.38
CA GLN D 410 3.68 -11.49 12.70
C GLN D 410 3.38 -12.72 13.55
N GLY D 411 2.91 -12.54 14.77
CA GLY D 411 2.59 -13.67 15.64
C GLY D 411 1.38 -14.43 15.14
N ARG D 412 1.10 -15.54 15.84
CA ARG D 412 -0.01 -16.41 15.43
C ARG D 412 -1.34 -15.68 15.53
N PHE D 413 -1.56 -14.94 16.62
CA PHE D 413 -2.85 -14.32 16.88
C PHE D 413 -3.24 -13.36 15.77
N ARG D 414 -2.43 -12.33 15.53
CA ARG D 414 -2.81 -11.29 14.59
C ARG D 414 -2.65 -11.71 13.14
N GLN D 415 -1.76 -12.66 12.84
CA GLN D 415 -1.50 -13.03 11.46
C GLN D 415 -2.35 -14.19 10.97
N ASN D 416 -2.74 -15.12 11.84
CA ASN D 416 -3.46 -16.31 11.40
C ASN D 416 -4.77 -16.57 12.13
N LEU D 417 -5.17 -15.69 13.06
CA LEU D 417 -6.41 -15.87 13.80
C LEU D 417 -7.34 -14.67 13.68
N LEU D 418 -6.84 -13.46 13.93
CA LEU D 418 -7.66 -12.27 13.74
C LEU D 418 -7.88 -11.96 12.27
N GLY D 419 -7.02 -12.47 11.38
CA GLY D 419 -7.17 -12.29 9.96
C GLY D 419 -6.59 -13.45 9.18
N LYS D 420 -7.31 -13.93 8.18
CA LYS D 420 -6.88 -15.13 7.45
C LYS D 420 -6.82 -14.89 5.93
N VAL D 422 -8.37 -16.29 2.42
CA VAL D 422 -9.69 -16.90 2.24
C VAL D 422 -9.88 -17.34 0.79
N ASP D 423 -10.63 -18.43 0.62
CA ASP D 423 -10.95 -18.92 -0.71
C ASP D 423 -12.10 -18.13 -1.30
N TYR D 424 -12.39 -18.39 -2.58
CA TYR D 424 -13.46 -17.74 -3.33
C TYR D 424 -13.32 -16.22 -3.26
N SER D 425 -12.16 -15.74 -3.71
CA SER D 425 -11.85 -14.32 -3.65
C SER D 425 -10.91 -13.96 -4.80
N GLY D 426 -10.93 -12.69 -5.18
CA GLY D 426 -10.11 -12.18 -6.25
C GLY D 426 -9.80 -10.72 -6.01
N ARG D 427 -9.10 -10.11 -6.97
CA ARG D 427 -8.77 -8.69 -6.89
C ARG D 427 -8.35 -8.20 -8.27
N SER D 428 -8.69 -6.95 -8.56
CA SER D 428 -8.27 -6.36 -9.83
C SER D 428 -8.41 -4.84 -9.76
N VAL D 429 -7.86 -4.17 -10.78
CA VAL D 429 -7.92 -2.72 -10.85
C VAL D 429 -9.36 -2.28 -11.02
N ILE D 430 -9.70 -1.12 -10.44
CA ILE D 430 -11.06 -0.60 -10.49
C ILE D 430 -11.15 0.48 -11.57
N VAL D 431 -12.35 0.59 -12.14
CA VAL D 431 -12.65 1.49 -13.25
C VAL D 431 -14.05 2.06 -13.03
N VAL D 432 -14.21 3.36 -13.28
CA VAL D 432 -15.50 3.99 -13.08
C VAL D 432 -16.49 3.49 -14.13
N GLY D 433 -17.72 3.23 -13.68
CA GLY D 433 -18.77 2.79 -14.57
C GLY D 433 -20.01 3.65 -14.41
N PRO D 434 -20.13 4.70 -15.22
CA PRO D 434 -21.25 5.64 -15.04
C PRO D 434 -22.60 5.02 -15.34
N GLN D 435 -22.69 4.11 -16.31
CA GLN D 435 -23.96 3.51 -16.69
C GLN D 435 -24.51 2.58 -15.61
N LEU D 436 -23.66 2.11 -14.70
CA LEU D 436 -24.10 1.17 -13.69
C LEU D 436 -25.08 1.81 -12.72
N LYS D 437 -26.01 1.00 -12.22
CA LYS D 437 -26.88 1.43 -11.15
C LYS D 437 -26.15 1.34 -9.82
N LEU D 438 -26.70 1.99 -8.80
CA LEU D 438 -26.02 2.06 -7.50
C LEU D 438 -25.85 0.70 -6.87
N HIS D 439 -26.80 -0.21 -7.08
CA HIS D 439 -26.70 -1.57 -6.54
C HIS D 439 -25.88 -2.50 -7.41
N GLN D 440 -25.35 -2.03 -8.53
CA GLN D 440 -24.67 -2.86 -9.50
C GLN D 440 -23.17 -2.59 -9.49
N CYS D 441 -22.40 -3.62 -9.84
CA CYS D 441 -20.97 -3.49 -10.09
C CYS D 441 -20.61 -4.37 -11.26
N GLY D 442 -19.59 -3.96 -12.00
CA GLY D 442 -19.18 -4.72 -13.17
C GLY D 442 -17.91 -5.53 -12.95
N LEU D 443 -18.00 -6.84 -13.12
CA LEU D 443 -16.77 -7.60 -12.95
C LEU D 443 -16.38 -8.31 -14.24
N PRO D 444 -15.09 -8.58 -14.43
CA PRO D 444 -14.65 -9.27 -15.65
C PRO D 444 -15.19 -10.69 -15.71
N LYS D 445 -15.38 -11.17 -16.94
CA LYS D 445 -15.90 -12.52 -17.13
C LYS D 445 -14.91 -13.57 -16.64
N LEU D 446 -13.62 -13.35 -16.90
CA LEU D 446 -12.61 -14.32 -16.48
C LEU D 446 -12.50 -14.40 -14.96
N MET D 447 -12.77 -13.29 -14.26
CA MET D 447 -12.79 -13.34 -12.80
C MET D 447 -14.00 -14.11 -12.29
N ALA D 448 -15.18 -13.85 -12.87
CA ALA D 448 -16.39 -14.51 -12.40
C ALA D 448 -16.37 -16.01 -12.70
N LEU D 449 -15.75 -16.41 -13.81
CA LEU D 449 -15.68 -17.84 -14.13
C LEU D 449 -14.93 -18.61 -13.05
N GLU D 450 -13.78 -18.08 -12.62
CA GLU D 450 -13.01 -18.75 -11.58
C GLU D 450 -13.67 -18.60 -10.22
N LEU D 451 -14.31 -17.45 -9.96
CA LEU D 451 -14.98 -17.26 -8.69
C LEU D 451 -16.18 -18.19 -8.54
N PHE D 452 -16.95 -18.37 -9.60
CA PHE D 452 -18.13 -19.23 -9.58
C PHE D 452 -17.85 -20.59 -10.21
N LYS D 453 -16.60 -21.06 -10.14
CA LYS D 453 -16.21 -22.29 -10.83
C LYS D 453 -17.05 -23.49 -10.43
N PRO D 454 -17.24 -23.81 -9.14
CA PRO D 454 -18.03 -25.02 -8.83
C PRO D 454 -19.49 -24.89 -9.23
N PHE D 455 -20.07 -23.70 -9.08
CA PHE D 455 -21.45 -23.49 -9.52
C PHE D 455 -21.58 -23.68 -11.02
N VAL D 456 -20.61 -23.16 -11.78
CA VAL D 456 -20.62 -23.30 -13.22
C VAL D 456 -20.46 -24.77 -13.61
N MET D 457 -19.64 -25.51 -12.88
CA MET D 457 -19.50 -26.95 -13.14
C MET D 457 -20.84 -27.67 -12.90
N LYS D 458 -21.50 -27.35 -11.79
CA LYS D 458 -22.80 -27.94 -11.50
C LYS D 458 -23.80 -27.66 -12.63
N ARG D 459 -23.82 -26.42 -13.11
CA ARG D 459 -24.80 -26.09 -14.15
C ARG D 459 -24.40 -26.69 -15.50
N LEU D 460 -23.09 -26.84 -15.75
CA LEU D 460 -22.65 -27.51 -16.97
C LEU D 460 -23.04 -28.98 -16.97
N VAL D 461 -23.02 -29.62 -15.81
CA VAL D 461 -23.43 -31.02 -15.76
C VAL D 461 -24.95 -31.16 -15.70
N ASP D 462 -25.67 -30.10 -15.29
CA ASP D 462 -27.13 -30.17 -15.30
C ASP D 462 -27.68 -30.08 -16.72
N LEU D 463 -27.30 -29.03 -17.46
CA LEU D 463 -27.80 -28.83 -18.82
C LEU D 463 -27.17 -29.78 -19.84
N ASN D 464 -26.45 -30.80 -19.38
CA ASN D 464 -25.87 -31.82 -20.25
C ASN D 464 -24.86 -31.24 -21.25
N HIS D 465 -24.26 -30.09 -20.91
CA HIS D 465 -23.10 -29.63 -21.65
C HIS D 465 -21.88 -30.48 -21.35
N ALA D 466 -21.83 -31.13 -20.19
CA ALA D 466 -20.76 -32.03 -19.81
C ALA D 466 -21.35 -33.32 -19.28
N GLN D 467 -20.65 -34.43 -19.55
CA GLN D 467 -21.14 -35.74 -19.13
C GLN D 467 -21.14 -35.87 -17.61
N ASN D 468 -19.99 -35.64 -16.98
CA ASN D 468 -19.85 -35.74 -15.54
C ASN D 468 -19.21 -34.47 -14.99
N ILE D 469 -19.10 -34.40 -13.66
CA ILE D 469 -18.55 -33.22 -13.01
C ILE D 469 -17.06 -33.08 -13.30
N LYS D 470 -16.38 -34.19 -13.56
CA LYS D 470 -14.95 -34.17 -13.86
C LYS D 470 -14.70 -33.46 -15.19
N SER D 471 -15.40 -33.90 -16.24
CA SER D 471 -15.29 -33.23 -17.52
C SER D 471 -15.82 -31.80 -17.46
N ALA D 472 -16.75 -31.52 -16.54
CA ALA D 472 -17.19 -30.14 -16.34
C ALA D 472 -16.06 -29.28 -15.80
N LYS D 473 -15.29 -29.80 -14.83
CA LYS D 473 -14.11 -29.08 -14.36
C LYS D 473 -13.13 -28.86 -15.50
N ARG D 474 -12.89 -29.88 -16.31
CA ARG D 474 -11.97 -29.71 -17.43
C ARG D 474 -12.49 -28.65 -18.41
N MET D 475 -13.80 -28.60 -18.61
CA MET D 475 -14.40 -27.59 -19.49
C MET D 475 -14.17 -26.19 -18.95
N VAL D 476 -14.38 -26.00 -17.64
CA VAL D 476 -14.15 -24.68 -17.05
C VAL D 476 -12.69 -24.30 -17.13
N GLU D 477 -11.79 -25.27 -16.95
CA GLU D 477 -10.36 -24.98 -17.03
C GLU D 477 -9.93 -24.64 -18.46
N ARG D 478 -10.56 -25.26 -19.46
CA ARG D 478 -10.24 -24.99 -20.85
C ARG D 478 -11.07 -23.84 -21.44
N GLN D 479 -12.04 -23.33 -20.69
CA GLN D 479 -12.89 -22.23 -21.12
C GLN D 479 -13.60 -22.56 -22.44
N ARG D 480 -14.35 -23.65 -22.43
CA ARG D 480 -15.15 -24.01 -23.57
C ARG D 480 -16.27 -22.98 -23.77
N PRO D 481 -16.65 -22.71 -25.02
CA PRO D 481 -17.57 -21.59 -25.30
C PRO D 481 -18.93 -21.71 -24.62
N GLN D 482 -19.30 -22.89 -24.11
CA GLN D 482 -20.60 -23.03 -23.47
C GLN D 482 -20.65 -22.29 -22.13
N VAL D 483 -19.54 -22.29 -21.39
CA VAL D 483 -19.54 -21.77 -20.02
C VAL D 483 -19.99 -20.31 -19.98
N TRP D 484 -19.65 -19.53 -21.01
CA TRP D 484 -20.03 -18.12 -21.01
C TRP D 484 -21.54 -17.93 -21.04
N ASP D 485 -22.26 -18.84 -21.69
CA ASP D 485 -23.72 -18.79 -21.62
C ASP D 485 -24.24 -19.32 -20.30
N VAL D 486 -23.49 -20.23 -19.67
CA VAL D 486 -23.92 -20.79 -18.39
C VAL D 486 -23.58 -19.84 -17.25
N LEU D 487 -22.39 -19.23 -17.29
CA LEU D 487 -21.98 -18.32 -16.23
C LEU D 487 -23.00 -17.21 -15.99
N GLU D 488 -23.58 -16.67 -17.07
CA GLU D 488 -24.56 -15.61 -16.91
C GLU D 488 -25.74 -16.07 -16.07
N GLU D 489 -26.17 -17.32 -16.23
CA GLU D 489 -27.27 -17.83 -15.42
C GLU D 489 -26.87 -17.98 -13.96
N VAL D 490 -25.57 -18.17 -13.69
CA VAL D 490 -25.13 -18.51 -12.34
C VAL D 490 -25.09 -17.27 -11.46
N ILE D 491 -24.47 -16.20 -11.93
CA ILE D 491 -24.26 -15.00 -11.12
C ILE D 491 -25.54 -14.18 -11.00
N ALA D 492 -26.65 -14.70 -11.53
CA ALA D 492 -27.91 -13.95 -11.49
C ALA D 492 -28.36 -13.70 -10.06
N GLU D 493 -28.39 -12.42 -9.67
CA GLU D 493 -28.86 -11.99 -8.35
C GLU D 493 -28.07 -12.64 -7.21
N HIS D 494 -26.83 -13.02 -7.48
CA HIS D 494 -25.96 -13.56 -6.45
C HIS D 494 -24.96 -12.48 -6.05
N PRO D 495 -25.15 -11.80 -4.91
CA PRO D 495 -24.35 -10.62 -4.60
C PRO D 495 -22.90 -10.98 -4.30
N VAL D 496 -22.03 -9.99 -4.51
CA VAL D 496 -20.60 -10.11 -4.21
C VAL D 496 -20.20 -8.96 -3.31
N LEU D 497 -19.03 -9.08 -2.70
CA LEU D 497 -18.52 -8.08 -1.76
C LEU D 497 -17.28 -7.42 -2.34
N LEU D 498 -17.32 -6.11 -2.46
CA LEU D 498 -16.18 -5.31 -2.91
C LEU D 498 -15.53 -4.64 -1.70
N ASN D 499 -14.20 -4.69 -1.66
CA ASN D 499 -13.42 -4.17 -0.56
C ASN D 499 -12.21 -3.43 -1.08
N ARG D 500 -11.88 -2.30 -0.45
CA ARG D 500 -10.68 -1.54 -0.77
C ARG D 500 -9.95 -1.21 0.53
N ALA D 501 -8.73 -1.71 0.66
CA ALA D 501 -7.91 -1.38 1.82
C ALA D 501 -7.32 0.02 1.67
N PRO D 502 -7.17 0.77 2.78
CA PRO D 502 -7.50 0.37 4.15
C PRO D 502 -8.99 0.44 4.47
N THR D 503 -9.48 -0.56 5.19
CA THR D 503 -10.89 -0.62 5.60
C THR D 503 -11.05 0.23 6.85
N LEU D 504 -11.30 1.53 6.64
CA LEU D 504 -11.36 2.46 7.77
C LEU D 504 -12.69 2.34 8.52
N HIS D 505 -13.81 2.43 7.81
CA HIS D 505 -15.14 2.25 8.38
C HIS D 505 -15.83 1.07 7.70
N ARG D 506 -17.04 0.76 8.18
CA ARG D 506 -17.75 -0.41 7.68
C ARG D 506 -18.16 -0.28 6.23
N LEU D 507 -18.29 0.96 5.72
CA LEU D 507 -18.59 1.13 4.30
C LEU D 507 -17.38 0.87 3.41
N GLY D 508 -16.24 0.50 4.00
CA GLY D 508 -15.09 0.06 3.22
C GLY D 508 -15.28 -1.28 2.57
N ILE D 509 -16.35 -2.01 2.92
CA ILE D 509 -16.75 -3.24 2.26
C ILE D 509 -18.24 -3.13 1.97
N GLN D 510 -18.62 -3.27 0.70
CA GLN D 510 -20.03 -3.14 0.33
C GLN D 510 -20.42 -4.24 -0.64
N ALA D 511 -21.70 -4.59 -0.62
CA ALA D 511 -22.25 -5.64 -1.47
C ALA D 511 -22.85 -5.05 -2.73
N PHE D 512 -22.67 -5.77 -3.84
CA PHE D 512 -23.14 -5.32 -5.15
C PHE D 512 -23.71 -6.50 -5.92
N GLU D 513 -24.58 -6.18 -6.89
CA GLU D 513 -25.03 -7.16 -7.85
C GLU D 513 -24.04 -7.23 -8.99
N PRO D 514 -23.47 -8.40 -9.29
CA PRO D 514 -22.42 -8.48 -10.31
C PRO D 514 -22.99 -8.53 -11.71
N MET D 515 -22.36 -7.77 -12.61
CA MET D 515 -22.70 -7.75 -14.02
C MET D 515 -21.47 -8.16 -14.81
N LEU D 516 -21.64 -9.16 -15.67
CA LEU D 516 -20.53 -9.64 -16.49
C LEU D 516 -20.14 -8.57 -17.51
N VAL D 517 -18.93 -8.05 -17.40
CA VAL D 517 -18.45 -7.06 -18.36
C VAL D 517 -17.18 -7.58 -18.99
N GLU D 518 -16.96 -7.19 -20.25
CA GLU D 518 -15.72 -7.54 -20.93
C GLU D 518 -14.56 -6.76 -20.31
N GLY D 519 -13.35 -7.12 -20.73
CA GLY D 519 -12.16 -6.53 -20.14
C GLY D 519 -11.73 -7.25 -18.89
N LYS D 520 -10.70 -6.69 -18.24
CA LYS D 520 -10.08 -7.30 -17.06
C LYS D 520 -10.09 -6.37 -15.85
N ALA D 521 -10.92 -5.33 -15.87
CA ALA D 521 -10.99 -4.38 -14.77
C ALA D 521 -12.37 -4.44 -14.12
N ILE D 522 -12.41 -4.09 -12.84
CA ILE D 522 -13.65 -4.04 -12.08
C ILE D 522 -14.30 -2.68 -12.31
N GLN D 523 -15.59 -2.69 -12.63
CA GLN D 523 -16.34 -1.45 -12.86
C GLN D 523 -17.07 -1.07 -11.57
N LEU D 524 -16.74 0.09 -11.03
CA LEU D 524 -17.28 0.56 -9.77
C LEU D 524 -18.22 1.74 -10.00
N HIS D 525 -19.26 1.83 -9.17
CA HIS D 525 -20.22 2.92 -9.29
C HIS D 525 -19.59 4.23 -8.82
N PRO D 526 -19.83 5.34 -9.52
CA PRO D 526 -19.18 6.60 -9.14
C PRO D 526 -19.62 7.15 -7.79
N LEU D 527 -20.79 6.76 -7.29
CA LEU D 527 -21.27 7.33 -6.04
C LEU D 527 -20.64 6.70 -4.81
N VAL D 528 -20.27 5.41 -4.89
CA VAL D 528 -19.63 4.75 -3.75
C VAL D 528 -18.14 5.05 -3.65
N CYS D 529 -17.62 5.93 -4.52
CA CYS D 529 -16.19 6.27 -4.44
C CYS D 529 -15.87 7.04 -3.17
N GLU D 530 -16.83 7.80 -2.63
CA GLU D 530 -16.58 8.55 -1.41
C GLU D 530 -16.39 7.63 -0.21
N ALA D 531 -17.21 6.58 -0.10
CA ALA D 531 -17.10 5.66 1.03
C ALA D 531 -15.79 4.88 0.98
N PHE D 532 -15.42 4.39 -0.21
CA PHE D 532 -14.17 3.64 -0.35
C PHE D 532 -12.94 4.53 -0.33
N ASN D 533 -13.11 5.85 -0.47
CA ASN D 533 -11.99 6.77 -0.64
C ASN D 533 -11.11 6.33 -1.80
N ALA D 534 -11.75 5.96 -2.90
CA ALA D 534 -11.11 5.30 -4.03
C ALA D 534 -11.10 6.22 -5.24
N ASP D 535 -9.93 6.77 -5.54
CA ASP D 535 -9.70 7.41 -6.83
C ASP D 535 -9.27 6.34 -7.84
N PHE D 536 -9.22 6.74 -9.11
CA PHE D 536 -8.94 5.81 -10.19
C PHE D 536 -7.57 6.12 -10.79
N ASP D 537 -6.54 5.88 -9.99
CA ASP D 537 -5.14 6.08 -10.39
C ASP D 537 -4.30 4.82 -10.24
N GLY D 538 -4.92 3.65 -10.36
CA GLY D 538 -4.20 2.40 -10.33
C GLY D 538 -4.38 1.57 -9.07
N ASP D 539 -5.41 1.85 -8.27
CA ASP D 539 -5.68 1.08 -7.08
C ASP D 539 -6.65 -0.05 -7.37
N GLN D 540 -6.44 -1.18 -6.72
CA GLN D 540 -7.21 -2.39 -6.94
C GLN D 540 -8.21 -2.61 -5.81
N MET D 541 -9.21 -3.44 -6.08
CA MET D 541 -10.18 -3.86 -5.08
C MET D 541 -10.27 -5.37 -5.07
N ALA D 542 -10.70 -5.89 -3.93
CA ALA D 542 -10.88 -7.31 -3.70
C ALA D 542 -12.36 -7.67 -3.76
N VAL D 543 -12.63 -8.86 -4.28
CA VAL D 543 -13.99 -9.39 -4.45
C VAL D 543 -14.09 -10.67 -3.63
N HIS D 544 -15.12 -10.75 -2.81
CA HIS D 544 -15.40 -11.94 -1.99
C HIS D 544 -16.79 -12.44 -2.31
N LEU D 545 -16.92 -13.76 -2.46
CA LEU D 545 -18.18 -14.36 -2.86
C LEU D 545 -18.83 -15.08 -1.69
N PRO D 546 -19.93 -14.57 -1.14
CA PRO D 546 -20.64 -15.30 -0.08
C PRO D 546 -21.29 -16.56 -0.63
N LEU D 547 -21.14 -17.65 0.11
CA LEU D 547 -21.61 -18.97 -0.33
C LEU D 547 -22.93 -19.37 0.33
N SER D 548 -22.96 -19.36 1.66
CA SER D 548 -24.13 -19.81 2.38
C SER D 548 -25.31 -18.86 2.17
N ALA D 549 -26.51 -19.38 2.43
CA ALA D 549 -27.72 -18.56 2.28
C ALA D 549 -27.71 -17.39 3.25
N GLU D 550 -27.24 -17.63 4.48
CA GLU D 550 -27.17 -16.56 5.46
C GLU D 550 -26.22 -15.45 5.00
N ALA D 551 -25.09 -15.83 4.40
CA ALA D 551 -24.14 -14.82 3.94
C ALA D 551 -24.70 -14.02 2.77
N GLN D 552 -25.36 -14.68 1.83
CA GLN D 552 -25.99 -13.96 0.73
C GLN D 552 -27.08 -13.04 1.24
N ALA D 553 -27.83 -13.46 2.27
CA ALA D 553 -28.86 -12.59 2.83
C ALA D 553 -28.23 -11.38 3.52
N GLU D 554 -27.13 -11.59 4.25
CA GLU D 554 -26.44 -10.48 4.90
C GLU D 554 -25.87 -9.50 3.87
N ALA D 555 -25.45 -10.00 2.71
CA ALA D 555 -24.98 -9.10 1.66
C ALA D 555 -26.16 -8.38 1.00
N ARG D 556 -27.27 -9.07 0.80
CA ARG D 556 -28.41 -8.49 0.11
C ARG D 556 -29.12 -7.43 0.95
N ILE D 557 -29.14 -7.60 2.26
CA ILE D 557 -29.92 -6.75 3.15
C ILE D 557 -29.03 -5.81 3.96
N LEU D 558 -27.97 -6.33 4.57
CA LEU D 558 -27.19 -5.52 5.49
C LEU D 558 -26.11 -4.73 4.77
N MET D 559 -25.50 -5.31 3.74
CA MET D 559 -24.29 -4.74 3.14
C MET D 559 -24.51 -4.20 1.73
N LEU D 560 -25.74 -4.22 1.21
CA LEU D 560 -25.98 -3.71 -0.12
C LEU D 560 -25.68 -2.21 -0.19
N SER D 561 -25.06 -1.78 -1.28
CA SER D 561 -24.64 -0.39 -1.40
C SER D 561 -25.83 0.57 -1.40
N SER D 562 -26.97 0.14 -1.94
CA SER D 562 -28.14 1.00 -1.99
C SER D 562 -28.80 1.18 -0.62
N ASN D 563 -28.55 0.25 0.31
CA ASN D 563 -29.10 0.36 1.66
C ASN D 563 -28.17 1.08 2.62
N ASN D 564 -27.09 1.67 2.11
CA ASN D 564 -26.12 2.37 2.95
C ASN D 564 -25.71 3.68 2.27
N ILE D 565 -26.67 4.59 2.14
CA ILE D 565 -26.39 5.88 1.51
C ILE D 565 -25.81 6.87 2.53
N LEU D 566 -26.24 6.78 3.78
CA LEU D 566 -25.82 7.72 4.81
C LEU D 566 -24.56 7.24 5.51
N SER D 567 -23.79 8.20 6.04
CA SER D 567 -22.60 7.88 6.80
C SER D 567 -22.99 7.45 8.21
N PRO D 568 -22.56 6.26 8.67
CA PRO D 568 -22.91 5.85 10.04
C PRO D 568 -22.30 6.72 11.11
N ALA D 569 -21.30 7.53 10.77
CA ALA D 569 -20.63 8.36 11.78
C ALA D 569 -21.39 9.67 12.02
N SER D 570 -21.94 10.28 10.97
CA SER D 570 -22.55 11.59 11.08
C SER D 570 -23.99 11.64 10.60
N GLY D 571 -24.47 10.64 9.86
CA GLY D 571 -25.82 10.65 9.35
C GLY D 571 -26.03 11.42 8.07
N ARG D 572 -25.03 12.19 7.62
CA ARG D 572 -25.13 12.91 6.36
C ARG D 572 -24.81 11.98 5.19
N PRO D 573 -25.41 12.22 4.02
CA PRO D 573 -25.23 11.29 2.90
C PRO D 573 -23.80 11.25 2.40
N LEU D 574 -23.44 10.11 1.81
CA LEU D 574 -22.14 9.92 1.17
C LEU D 574 -22.27 9.64 -0.31
N ALA D 575 -23.20 8.78 -0.71
CA ALA D 575 -23.47 8.51 -2.12
C ALA D 575 -24.31 9.66 -2.67
N MET D 576 -23.62 10.74 -3.02
CA MET D 576 -24.24 11.94 -3.54
C MET D 576 -23.34 12.52 -4.63
N PRO D 577 -23.86 13.41 -5.47
CA PRO D 577 -23.00 14.12 -6.43
C PRO D 577 -21.84 14.81 -5.73
N ARG D 578 -20.63 14.58 -6.25
CA ARG D 578 -19.45 15.07 -5.56
C ARG D 578 -18.50 15.86 -6.44
N LEU D 579 -18.24 15.40 -7.66
CA LEU D 579 -17.24 16.06 -8.50
C LEU D 579 -17.85 16.60 -9.79
N ASP D 580 -17.84 15.78 -10.85
CA ASP D 580 -18.44 16.21 -12.10
C ASP D 580 -19.95 16.38 -11.97
N MET D 581 -20.58 15.56 -11.13
CA MET D 581 -22.04 15.60 -11.00
C MET D 581 -22.51 16.91 -10.40
N VAL D 582 -21.83 17.39 -9.35
CA VAL D 582 -22.25 18.63 -8.72
C VAL D 582 -22.03 19.81 -9.68
N THR D 583 -20.98 19.76 -10.49
CA THR D 583 -20.78 20.81 -11.49
C THR D 583 -21.88 20.78 -12.55
N GLY D 584 -22.23 19.58 -13.04
CA GLY D 584 -23.29 19.47 -14.02
C GLY D 584 -24.63 19.96 -13.50
N LEU D 585 -24.92 19.71 -12.22
CA LEU D 585 -26.17 20.20 -11.64
C LEU D 585 -26.10 21.70 -11.36
N TYR D 586 -24.95 22.18 -10.89
CA TYR D 586 -24.76 23.62 -10.66
C TYR D 586 -24.86 24.41 -11.95
N TYR D 587 -24.58 23.78 -13.09
CA TYR D 587 -24.66 24.48 -14.38
C TYR D 587 -26.09 24.86 -14.71
N LEU D 588 -26.96 23.87 -14.92
CA LEU D 588 -28.31 24.16 -15.41
C LEU D 588 -29.17 24.90 -14.39
N THR D 589 -28.86 24.80 -13.10
CA THR D 589 -29.59 25.55 -12.08
C THR D 589 -28.96 26.90 -11.79
N THR D 590 -28.55 27.61 -12.84
CA THR D 590 -27.96 28.93 -12.71
C THR D 590 -28.82 29.92 -13.49
N GLU D 591 -29.06 31.08 -12.89
CA GLU D 591 -29.83 32.14 -13.50
C GLU D 591 -28.88 33.12 -14.17
N VAL D 592 -29.04 33.32 -15.47
CA VAL D 592 -28.19 34.22 -16.26
C VAL D 592 -29.02 35.44 -16.62
N PRO D 593 -28.57 36.66 -16.29
CA PRO D 593 -29.41 37.83 -16.54
C PRO D 593 -29.58 38.16 -18.02
N GLY D 594 -28.51 38.07 -18.81
CA GLY D 594 -28.57 38.43 -20.21
C GLY D 594 -28.75 37.28 -21.18
N ASP D 595 -29.12 36.10 -20.71
CA ASP D 595 -29.20 34.93 -21.58
C ASP D 595 -30.32 35.08 -22.60
N THR D 596 -30.17 34.39 -23.72
CA THR D 596 -31.14 34.46 -24.79
C THR D 596 -32.44 33.78 -24.41
N GLY D 597 -33.55 34.31 -24.91
CA GLY D 597 -34.86 33.81 -24.58
C GLY D 597 -35.38 34.23 -23.23
N GLU D 598 -34.73 35.18 -22.57
CA GLU D 598 -35.13 35.61 -21.24
C GLU D 598 -36.49 36.31 -21.28
N TYR D 599 -37.20 36.25 -20.16
CA TYR D 599 -38.50 36.90 -20.06
C TYR D 599 -38.36 38.41 -20.18
N GLN D 600 -39.27 39.01 -20.96
CA GLN D 600 -39.31 40.45 -21.14
C GLN D 600 -40.70 40.97 -20.80
N PRO D 601 -40.81 42.04 -20.02
CA PRO D 601 -42.14 42.56 -19.69
C PRO D 601 -42.82 43.17 -20.91
N ALA D 602 -44.15 43.14 -20.88
CA ALA D 602 -44.94 43.69 -21.98
C ALA D 602 -44.73 45.19 -22.08
N SER D 603 -44.24 45.65 -23.23
CA SER D 603 -43.99 47.07 -23.44
C SER D 603 -44.20 47.39 -24.91
N GLY D 604 -44.91 48.48 -25.19
CA GLY D 604 -45.14 48.88 -26.57
C GLY D 604 -46.16 47.98 -27.24
N ASP D 605 -45.93 47.69 -28.52
CA ASP D 605 -46.85 46.87 -29.29
C ASP D 605 -46.62 45.38 -29.09
N HIS D 606 -45.51 44.98 -28.47
CA HIS D 606 -45.41 43.55 -28.26
C HIS D 606 -45.78 43.18 -26.83
N PRO D 607 -46.47 42.06 -26.64
CA PRO D 607 -46.83 41.64 -25.27
C PRO D 607 -45.65 41.12 -24.49
N GLU D 608 -45.91 40.21 -23.54
CA GLU D 608 -44.84 39.64 -22.74
C GLU D 608 -44.06 38.62 -23.57
N THR D 609 -42.74 38.77 -23.59
CA THR D 609 -41.86 37.86 -24.31
C THR D 609 -41.21 36.90 -23.32
N GLY D 610 -41.21 35.62 -23.66
CA GLY D 610 -40.54 34.63 -22.83
C GLY D 610 -41.42 33.98 -21.78
N VAL D 611 -42.64 33.61 -22.17
CA VAL D 611 -43.56 32.90 -21.29
C VAL D 611 -44.06 31.69 -22.07
N TYR D 612 -43.71 30.50 -21.61
CA TYR D 612 -43.99 29.27 -22.33
C TYR D 612 -45.11 28.50 -21.67
N SER D 613 -45.98 27.90 -22.50
CA SER D 613 -47.16 27.23 -21.98
C SER D 613 -46.82 25.91 -21.30
N SER D 614 -45.82 25.21 -21.83
CA SER D 614 -45.45 23.90 -21.32
C SER D 614 -43.93 23.80 -21.26
N PRO D 615 -43.39 23.02 -20.31
CA PRO D 615 -41.94 22.78 -20.32
C PRO D 615 -41.46 22.10 -21.59
N ALA D 616 -42.32 21.31 -22.24
CA ALA D 616 -41.97 20.74 -23.53
C ALA D 616 -41.82 21.83 -24.59
N GLU D 617 -42.64 22.88 -24.52
CA GLU D 617 -42.46 24.01 -25.42
C GLU D 617 -41.14 24.71 -25.17
N ALA D 618 -40.76 24.86 -23.89
CA ALA D 618 -39.46 25.44 -23.58
C ALA D 618 -38.33 24.56 -24.11
N ILE D 619 -38.50 23.23 -24.04
CA ILE D 619 -37.51 22.32 -24.59
C ILE D 619 -37.38 22.51 -26.10
N MET D 620 -38.51 22.63 -26.79
CA MET D 620 -38.46 22.85 -28.24
C MET D 620 -37.80 24.19 -28.58
N ALA D 621 -38.10 25.22 -27.79
CA ALA D 621 -37.50 26.53 -28.01
C ALA D 621 -35.99 26.48 -27.81
N ALA D 622 -35.53 25.74 -26.79
CA ALA D 622 -34.10 25.56 -26.59
C ALA D 622 -33.48 24.71 -27.69
N ASP D 623 -34.25 23.78 -28.26
CA ASP D 623 -33.74 22.97 -29.35
C ASP D 623 -33.50 23.81 -30.60
N ARG D 624 -34.46 24.67 -30.95
CA ARG D 624 -34.26 25.53 -32.12
C ARG D 624 -33.11 26.51 -31.89
N GLY D 625 -32.98 27.04 -30.68
CA GLY D 625 -31.90 27.96 -30.38
C GLY D 625 -32.40 29.32 -29.91
N VAL D 626 -33.68 29.42 -29.60
CA VAL D 626 -34.25 30.67 -29.12
C VAL D 626 -34.09 30.82 -27.62
N LEU D 627 -34.35 29.75 -26.86
CA LEU D 627 -34.30 29.80 -25.40
C LEU D 627 -33.03 29.13 -24.90
N SER D 628 -32.43 29.71 -23.87
CA SER D 628 -31.30 29.11 -23.18
C SER D 628 -31.79 28.35 -21.95
N VAL D 629 -31.10 27.26 -21.63
CA VAL D 629 -31.50 26.43 -20.50
C VAL D 629 -31.37 27.17 -19.18
N ARG D 630 -30.52 28.20 -19.13
CA ARG D 630 -30.25 28.93 -17.91
C ARG D 630 -30.92 30.30 -17.89
N ALA D 631 -31.73 30.62 -18.90
CA ALA D 631 -32.42 31.90 -18.96
C ALA D 631 -33.67 31.88 -18.08
N LYS D 632 -33.94 33.00 -17.42
CA LYS D 632 -35.10 33.10 -16.55
C LYS D 632 -36.35 33.36 -17.38
N ILE D 633 -37.38 32.55 -17.18
CA ILE D 633 -38.63 32.63 -17.92
C ILE D 633 -39.78 32.32 -16.96
N LYS D 634 -41.00 32.39 -17.50
CA LYS D 634 -42.21 32.02 -16.78
C LYS D 634 -42.81 30.80 -17.47
N VAL D 635 -43.00 29.71 -16.72
CA VAL D 635 -43.47 28.45 -17.28
C VAL D 635 -44.71 28.01 -16.51
N ARG D 636 -45.70 27.49 -17.23
CA ARG D 636 -46.85 26.84 -16.64
C ARG D 636 -46.51 25.38 -16.39
N LEU D 637 -46.36 25.01 -15.11
CA LEU D 637 -46.04 23.65 -14.72
C LEU D 637 -47.31 22.93 -14.31
N THR D 638 -47.34 21.62 -14.59
CA THR D 638 -48.51 20.79 -14.31
C THR D 638 -48.19 19.47 -13.62
N GLN D 639 -46.91 19.13 -13.44
CA GLN D 639 -46.55 17.85 -12.82
C GLN D 639 -45.50 18.02 -11.73
N LEU D 640 -45.37 19.22 -11.17
CA LEU D 640 -44.46 19.48 -10.06
C LEU D 640 -45.22 20.22 -8.97
N ARG D 641 -45.12 19.75 -7.75
CA ARG D 641 -45.76 20.43 -6.63
C ARG D 641 -45.10 21.79 -6.42
N PRO D 642 -45.86 22.88 -6.35
CA PRO D 642 -45.27 24.19 -6.07
C PRO D 642 -44.66 24.22 -4.68
N PRO D 643 -43.84 25.23 -4.37
CA PRO D 643 -43.31 25.34 -3.01
C PRO D 643 -44.44 25.44 -1.99
N VAL D 644 -44.16 24.94 -0.79
CA VAL D 644 -45.14 24.99 0.29
C VAL D 644 -45.58 26.42 0.59
N GLU D 645 -44.75 27.40 0.21
CA GLU D 645 -45.13 28.80 0.37
C GLU D 645 -46.29 29.16 -0.55
N ILE D 646 -46.16 28.87 -1.84
CA ILE D 646 -47.17 29.27 -2.82
C ILE D 646 -48.27 28.24 -2.97
N GLU D 647 -48.00 26.97 -2.67
CA GLU D 647 -49.04 25.95 -2.68
C GLU D 647 -50.17 26.31 -1.72
N ALA D 648 -49.84 26.99 -0.63
CA ALA D 648 -50.87 27.39 0.33
C ALA D 648 -51.79 28.45 -0.24
N GLU D 649 -51.23 29.46 -0.93
CA GLU D 649 -52.06 30.51 -1.46
C GLU D 649 -52.85 30.06 -2.69
N LEU D 650 -52.30 29.12 -3.46
CA LEU D 650 -53.03 28.65 -4.63
C LEU D 650 -54.11 27.65 -4.23
N PHE D 651 -53.72 26.60 -3.49
CA PHE D 651 -54.68 25.61 -3.03
C PHE D 651 -54.86 25.69 -1.53
N GLY D 652 -53.90 25.17 -0.77
CA GLY D 652 -53.93 25.27 0.67
C GLY D 652 -54.89 24.31 1.35
N HIS D 653 -56.19 24.45 1.04
CA HIS D 653 -57.19 23.57 1.64
C HIS D 653 -56.92 22.12 1.28
N SER D 654 -56.55 21.85 0.03
CA SER D 654 -56.19 20.52 -0.42
C SER D 654 -54.82 20.60 -1.10
N GLY D 655 -54.06 19.51 -0.98
CA GLY D 655 -52.74 19.48 -1.58
C GLY D 655 -52.80 19.60 -3.09
N TRP D 656 -51.73 20.11 -3.67
CA TRP D 656 -51.63 20.21 -5.12
C TRP D 656 -51.78 18.82 -5.73
N GLN D 657 -52.45 18.77 -6.88
CA GLN D 657 -52.72 17.47 -7.48
C GLN D 657 -51.99 17.33 -8.80
N PRO D 658 -51.43 16.16 -9.09
CA PRO D 658 -50.79 15.93 -10.39
C PRO D 658 -51.75 16.18 -11.54
N GLY D 659 -51.63 17.34 -12.18
CA GLY D 659 -52.55 17.75 -13.22
C GLY D 659 -52.92 19.21 -13.10
N ASP D 660 -52.89 19.72 -11.87
CA ASP D 660 -53.14 21.13 -11.64
C ASP D 660 -51.95 21.96 -12.12
N ALA D 661 -52.25 23.14 -12.66
CA ALA D 661 -51.26 24.01 -13.25
C ALA D 661 -50.90 25.16 -12.32
N TRP D 662 -49.72 25.73 -12.53
CA TRP D 662 -49.29 26.91 -11.79
C TRP D 662 -48.10 27.53 -12.49
N MET D 663 -47.97 28.85 -12.37
CA MET D 663 -46.88 29.56 -13.03
C MET D 663 -45.65 29.63 -12.14
N ALA D 664 -44.47 29.58 -12.78
CA ALA D 664 -43.20 29.63 -12.07
C ALA D 664 -42.24 30.54 -12.82
N GLU D 665 -41.42 31.26 -12.04
CA GLU D 665 -40.40 32.16 -12.57
C GLU D 665 -39.02 31.54 -12.37
N THR D 666 -38.77 30.45 -13.10
CA THR D 666 -37.50 29.75 -12.98
C THR D 666 -36.76 29.73 -14.32
N THR D 667 -35.83 28.80 -14.45
CA THR D 667 -35.19 28.49 -15.73
C THR D 667 -35.57 27.08 -16.15
N LEU D 668 -35.40 26.82 -17.45
CA LEU D 668 -35.69 25.48 -17.96
C LEU D 668 -34.83 24.43 -17.26
N GLY D 669 -33.56 24.76 -16.99
CA GLY D 669 -32.69 23.82 -16.31
C GLY D 669 -33.14 23.51 -14.90
N ARG D 670 -33.67 24.52 -14.19
CA ARG D 670 -34.19 24.27 -12.85
C ARG D 670 -35.40 23.36 -12.88
N VAL D 671 -36.25 23.48 -13.92
CA VAL D 671 -37.38 22.58 -14.05
C VAL D 671 -36.91 21.16 -14.37
N MET D 672 -35.91 21.03 -15.24
CA MET D 672 -35.36 19.71 -15.53
C MET D 672 -34.73 19.09 -14.30
N PHE D 673 -34.11 19.90 -13.44
CA PHE D 673 -33.58 19.39 -12.19
C PHE D 673 -34.71 18.96 -11.24
N ASN D 674 -35.76 19.79 -11.13
CA ASN D 674 -36.89 19.45 -10.28
C ASN D 674 -37.70 18.28 -10.81
N GLU D 675 -37.45 17.83 -12.04
CA GLU D 675 -38.06 16.60 -12.53
C GLU D 675 -37.37 15.34 -12.03
N LEU D 676 -36.13 15.45 -11.54
CA LEU D 676 -35.36 14.26 -11.16
C LEU D 676 -35.85 13.66 -9.85
N LEU D 677 -35.80 14.44 -8.78
CA LEU D 677 -36.36 14.09 -7.48
C LEU D 677 -37.82 13.68 -7.61
N PRO D 678 -38.35 12.85 -6.70
CA PRO D 678 -39.63 12.21 -6.93
C PRO D 678 -40.79 13.19 -7.00
N LEU D 679 -41.91 12.68 -7.54
CA LEU D 679 -43.13 13.48 -7.65
C LEU D 679 -43.70 13.80 -6.28
N GLY D 680 -44.16 15.03 -6.12
CA GLY D 680 -44.70 15.49 -4.86
C GLY D 680 -43.73 16.24 -3.97
N TYR D 681 -42.45 16.30 -4.34
CA TYR D 681 -41.52 17.05 -3.53
C TYR D 681 -41.66 18.54 -3.83
N PRO D 682 -41.60 19.40 -2.82
CA PRO D 682 -41.74 20.85 -3.06
C PRO D 682 -40.68 21.36 -4.03
N PHE D 683 -41.13 22.18 -4.99
CA PHE D 683 -40.22 22.77 -5.96
C PHE D 683 -39.19 23.65 -5.26
N VAL D 684 -37.93 23.53 -5.70
CA VAL D 684 -36.84 24.33 -5.17
C VAL D 684 -36.27 25.18 -6.31
N ASN D 685 -36.37 26.50 -6.17
CA ASN D 685 -35.91 27.44 -7.19
C ASN D 685 -34.52 27.98 -6.87
N LYS D 686 -33.71 27.22 -6.13
CA LYS D 686 -32.39 27.67 -5.73
C LYS D 686 -31.35 27.28 -6.78
N GLN D 687 -30.13 27.76 -6.57
CA GLN D 687 -28.98 27.34 -7.35
C GLN D 687 -28.32 26.16 -6.66
N MET D 688 -28.16 25.06 -7.40
CA MET D 688 -27.76 23.78 -6.80
C MET D 688 -26.27 23.79 -6.50
N HIS D 689 -25.93 24.32 -5.34
CA HIS D 689 -24.62 24.12 -4.75
C HIS D 689 -24.56 22.73 -4.12
N LYS D 690 -23.34 22.28 -3.79
CA LYS D 690 -23.21 20.99 -3.14
C LYS D 690 -23.96 20.96 -1.81
N LYS D 691 -23.94 22.07 -1.08
CA LYS D 691 -24.66 22.13 0.20
C LYS D 691 -26.17 21.97 -0.01
N VAL D 692 -26.70 22.60 -1.06
CA VAL D 692 -28.13 22.50 -1.35
C VAL D 692 -28.52 21.06 -1.70
N GLN D 693 -27.71 20.43 -2.56
CA GLN D 693 -27.99 19.04 -2.94
C GLN D 693 -27.88 18.11 -1.73
N ALA D 694 -26.89 18.34 -0.87
CA ALA D 694 -26.75 17.53 0.33
C ALA D 694 -27.95 17.71 1.26
N ALA D 695 -28.43 18.94 1.41
CA ALA D 695 -29.63 19.15 2.23
C ALA D 695 -30.84 18.44 1.62
N ILE D 696 -30.99 18.51 0.31
CA ILE D 696 -32.12 17.85 -0.35
C ILE D 696 -32.04 16.34 -0.13
N ILE D 697 -30.86 15.75 -0.28
CA ILE D 697 -30.74 14.31 -0.13
C ILE D 697 -30.92 13.89 1.32
N ASN D 698 -30.48 14.72 2.27
CA ASN D 698 -30.71 14.41 3.68
C ASN D 698 -32.19 14.43 4.01
N ASP D 699 -32.91 15.45 3.51
CA ASP D 699 -34.35 15.50 3.72
C ASP D 699 -35.05 14.31 3.08
N LEU D 700 -34.58 13.91 1.88
CA LEU D 700 -35.15 12.75 1.20
C LEU D 700 -34.93 11.48 2.02
N ALA D 701 -33.75 11.32 2.60
CA ALA D 701 -33.47 10.15 3.42
C ALA D 701 -34.33 10.15 4.69
N GLU D 702 -34.57 11.33 5.25
CA GLU D 702 -35.39 11.42 6.46
C GLU D 702 -36.85 11.11 6.18
N ARG D 703 -37.42 11.70 5.13
CA ARG D 703 -38.85 11.58 4.89
C ARG D 703 -39.18 10.43 3.93
N TYR D 704 -38.62 10.46 2.72
CA TYR D 704 -38.92 9.46 1.71
C TYR D 704 -38.19 8.15 2.02
N PRO D 705 -38.72 7.02 1.52
CA PRO D 705 -38.10 5.72 1.82
C PRO D 705 -36.74 5.52 1.16
N MET D 706 -36.14 4.34 1.34
CA MET D 706 -34.77 4.10 0.93
C MET D 706 -34.64 3.98 -0.59
N ILE D 707 -35.49 3.13 -1.18
CA ILE D 707 -35.39 2.86 -2.62
C ILE D 707 -35.58 4.14 -3.42
N VAL D 708 -36.46 5.02 -2.94
CA VAL D 708 -36.66 6.30 -3.62
C VAL D 708 -35.38 7.13 -3.60
N VAL D 709 -34.69 7.13 -2.45
CA VAL D 709 -33.43 7.89 -2.36
C VAL D 709 -32.40 7.30 -3.31
N ALA D 710 -32.28 5.98 -3.37
CA ALA D 710 -31.31 5.36 -4.26
C ALA D 710 -31.58 5.71 -5.71
N GLN D 711 -32.83 5.55 -6.15
CA GLN D 711 -33.16 5.82 -7.54
C GLN D 711 -33.02 7.31 -7.87
N THR D 712 -33.38 8.18 -6.93
CA THR D 712 -33.25 9.62 -7.14
C THR D 712 -31.79 10.02 -7.29
N VAL D 713 -30.91 9.45 -6.47
CA VAL D 713 -29.50 9.83 -6.57
C VAL D 713 -28.89 9.23 -7.84
N ASP D 714 -29.41 8.09 -8.32
CA ASP D 714 -28.98 7.60 -9.63
C ASP D 714 -29.36 8.58 -10.73
N LYS D 715 -30.60 9.08 -10.70
CA LYS D 715 -31.02 10.10 -11.66
C LYS D 715 -30.12 11.33 -11.59
N LEU D 716 -29.81 11.78 -10.37
CA LEU D 716 -28.93 12.94 -10.20
C LEU D 716 -27.55 12.68 -10.78
N LYS D 717 -27.01 11.46 -10.58
CA LYS D 717 -25.72 11.12 -11.17
C LYS D 717 -25.75 11.25 -12.68
N ASP D 718 -26.74 10.62 -13.32
CA ASP D 718 -26.82 10.66 -14.78
C ASP D 718 -26.93 12.10 -15.29
N ALA D 719 -27.85 12.88 -14.71
CA ALA D 719 -28.04 14.25 -15.17
C ALA D 719 -26.79 15.10 -14.94
N GLY D 720 -26.14 14.92 -13.79
CA GLY D 720 -24.94 15.69 -13.50
C GLY D 720 -23.83 15.40 -14.47
N PHE D 721 -23.60 14.13 -14.80
CA PHE D 721 -22.59 13.81 -15.81
C PHE D 721 -22.95 14.41 -17.16
N TYR D 722 -24.21 14.23 -17.59
CA TYR D 722 -24.63 14.77 -18.87
C TYR D 722 -24.34 16.27 -18.97
N TRP D 723 -24.74 17.04 -17.96
CA TRP D 723 -24.57 18.47 -18.06
C TRP D 723 -23.17 18.95 -17.68
N ALA D 724 -22.38 18.12 -17.00
CA ALA D 724 -20.98 18.47 -16.80
C ALA D 724 -20.20 18.30 -18.10
N THR D 725 -20.61 17.37 -18.95
CA THR D 725 -19.98 17.25 -20.26
C THR D 725 -20.15 18.54 -21.07
N ARG D 726 -21.30 19.21 -20.92
CA ARG D 726 -21.65 20.37 -21.73
C ARG D 726 -21.64 21.67 -20.95
N SER D 727 -20.91 21.72 -19.83
CA SER D 727 -20.82 22.93 -19.02
C SER D 727 -19.63 23.80 -19.39
N GLY D 728 -18.83 23.41 -20.39
CA GLY D 728 -17.70 24.20 -20.81
C GLY D 728 -16.60 24.34 -19.80
N VAL D 729 -16.58 23.49 -18.78
CA VAL D 729 -15.55 23.55 -17.74
C VAL D 729 -14.23 23.07 -18.34
N THR D 730 -13.28 23.99 -18.49
CA THR D 730 -12.00 23.69 -19.10
C THR D 730 -10.92 24.57 -18.48
N VAL D 731 -9.72 24.02 -18.35
CA VAL D 731 -8.56 24.74 -17.85
C VAL D 731 -7.65 25.09 -19.01
N SER D 732 -7.30 26.36 -19.12
CA SER D 732 -6.35 26.83 -20.11
C SER D 732 -5.50 27.94 -19.48
N MET D 733 -4.41 28.29 -20.18
CA MET D 733 -3.55 29.35 -19.68
C MET D 733 -4.25 30.70 -19.70
N ALA D 734 -5.23 30.88 -20.60
CA ALA D 734 -5.96 32.14 -20.66
C ALA D 734 -6.90 32.30 -19.48
N ASP D 735 -7.46 31.20 -18.97
CA ASP D 735 -8.37 31.26 -17.83
C ASP D 735 -7.66 31.48 -16.50
N VAL D 736 -6.34 31.37 -16.46
CA VAL D 736 -5.58 31.63 -15.24
C VAL D 736 -5.22 33.11 -15.26
N LEU D 737 -6.06 33.93 -14.64
CA LEU D 737 -5.87 35.37 -14.62
C LEU D 737 -4.93 35.76 -13.48
N VAL D 738 -3.97 36.62 -13.80
CA VAL D 738 -2.97 37.09 -12.85
C VAL D 738 -3.54 38.34 -12.17
N PRO D 739 -3.23 38.63 -10.91
CA PRO D 739 -3.73 39.86 -10.28
C PRO D 739 -3.30 41.10 -11.05
N PRO D 740 -4.19 42.08 -11.18
CA PRO D 740 -3.82 43.29 -11.92
C PRO D 740 -2.81 44.16 -11.20
N ARG D 741 -2.91 44.27 -9.87
CA ARG D 741 -2.01 45.09 -9.07
C ARG D 741 -0.93 44.24 -8.40
N LYS D 742 -0.42 43.23 -9.09
CA LYS D 742 0.57 42.33 -8.50
C LYS D 742 1.84 43.08 -8.14
N LYS D 743 2.41 43.81 -9.12
CA LYS D 743 3.65 44.53 -8.90
C LYS D 743 3.50 45.58 -7.80
N GLU D 744 2.38 46.30 -7.80
CA GLU D 744 2.19 47.37 -6.82
C GLU D 744 2.14 46.81 -5.40
N ILE D 745 1.37 45.74 -5.20
CA ILE D 745 1.24 45.12 -3.88
C ILE D 745 2.60 44.59 -3.42
N LEU D 746 3.27 43.82 -4.28
CA LEU D 746 4.55 43.26 -3.89
C LEU D 746 5.59 44.34 -3.66
N ASP D 747 5.50 45.48 -4.35
CA ASP D 747 6.46 46.55 -4.13
C ASP D 747 6.19 47.28 -2.82
N HIS D 748 4.92 47.46 -2.47
CA HIS D 748 4.61 48.05 -1.17
C HIS D 748 5.13 47.17 -0.03
N TYR D 749 4.89 45.86 -0.12
CA TYR D 749 5.38 45.00 0.95
C TYR D 749 6.88 44.78 0.89
N GLU D 750 7.51 44.91 -0.29
CA GLU D 750 8.97 44.93 -0.34
C GLU D 750 9.53 46.18 0.30
N GLU D 751 8.83 47.31 0.16
CA GLU D 751 9.21 48.53 0.87
C GLU D 751 9.16 48.30 2.37
N ARG D 752 8.07 47.72 2.87
CA ARG D 752 7.98 47.47 4.30
C ARG D 752 9.05 46.47 4.77
N ALA D 753 9.33 45.44 3.96
CA ALA D 753 10.35 44.48 4.32
C ALA D 753 11.74 45.11 4.34
N ASP D 754 12.02 46.00 3.40
CA ASP D 754 13.30 46.70 3.39
C ASP D 754 13.41 47.63 4.58
N LYS D 755 12.30 48.26 4.99
CA LYS D 755 12.34 49.11 6.18
C LYS D 755 12.60 48.28 7.44
N VAL D 756 12.01 47.08 7.53
CA VAL D 756 12.29 46.22 8.67
C VAL D 756 13.72 45.71 8.62
N GLU D 757 14.26 45.44 7.42
CA GLU D 757 15.65 45.03 7.31
C GLU D 757 16.60 46.14 7.74
N LYS D 758 16.26 47.39 7.41
CA LYS D 758 17.07 48.51 7.86
C LYS D 758 16.94 48.75 9.35
N GLN D 759 15.76 48.49 9.93
CA GLN D 759 15.60 48.53 11.38
C GLN D 759 16.37 47.41 12.06
N PHE D 760 16.63 46.31 11.34
CA PHE D 760 17.50 45.26 11.86
C PHE D 760 18.99 45.58 11.65
N GLN D 761 19.31 46.40 10.65
CA GLN D 761 20.71 46.75 10.40
C GLN D 761 21.28 47.59 11.54
N ARG D 762 20.46 48.48 12.11
CA ARG D 762 20.91 49.33 13.22
C ARG D 762 20.79 48.64 14.57
N GLY D 763 20.41 47.36 14.60
CA GLY D 763 20.30 46.62 15.83
C GLY D 763 19.08 46.95 16.68
N ALA D 764 18.13 47.71 16.15
CA ALA D 764 16.95 48.06 16.92
C ALA D 764 15.98 46.89 17.07
N LEU D 765 16.11 45.87 16.23
CA LEU D 765 15.24 44.70 16.27
C LEU D 765 16.08 43.45 16.53
N ASN D 766 15.61 42.61 17.43
CA ASN D 766 16.26 41.34 17.69
C ASN D 766 16.13 40.43 16.48
N HIS D 767 17.12 39.54 16.31
CA HIS D 767 17.10 38.61 15.18
C HIS D 767 15.89 37.67 15.25
N ASP D 768 15.46 37.31 16.46
CA ASP D 768 14.28 36.46 16.60
C ASP D 768 13.00 37.22 16.28
N GLU D 769 13.01 38.54 16.43
CA GLU D 769 11.84 39.37 16.18
C GLU D 769 11.72 39.81 14.72
N ARG D 770 12.86 39.94 14.03
CA ARG D 770 12.85 40.31 12.62
C ARG D 770 12.09 39.28 11.79
N ASN D 771 12.30 37.99 12.08
CA ASN D 771 11.60 36.94 11.35
C ASN D 771 10.10 37.04 11.54
N GLU D 772 9.65 37.28 12.77
CA GLU D 772 8.21 37.39 13.02
C GLU D 772 7.62 38.62 12.34
N ALA D 773 8.34 39.74 12.37
CA ALA D 773 7.88 40.95 11.69
C ALA D 773 7.71 40.70 10.19
N LEU D 774 8.73 40.12 9.55
CA LEU D 774 8.63 39.82 8.13
C LEU D 774 7.55 38.79 7.84
N VAL D 775 7.34 37.84 8.76
CA VAL D 775 6.29 36.84 8.58
C VAL D 775 4.93 37.52 8.53
N GLU D 776 4.67 38.43 9.48
CA GLU D 776 3.39 39.13 9.45
C GLU D 776 3.26 40.00 8.19
N ILE D 777 4.36 40.66 7.79
CA ILE D 777 4.33 41.47 6.58
C ILE D 777 3.89 40.62 5.38
N TRP D 778 4.54 39.48 5.17
CA TRP D 778 4.22 38.68 3.99
C TRP D 778 2.89 37.95 4.11
N LYS D 779 2.44 37.65 5.33
CA LYS D 779 1.09 37.11 5.49
C LYS D 779 0.04 38.13 5.04
N GLU D 780 0.19 39.37 5.49
CA GLU D 780 -0.71 40.43 5.04
C GLU D 780 -0.61 40.62 3.53
N ALA D 781 0.61 40.49 2.98
CA ALA D 781 0.79 40.61 1.53
C ALA D 781 0.03 39.53 0.77
N THR D 782 0.14 38.28 1.24
CA THR D 782 -0.58 37.18 0.59
C THR D 782 -2.09 37.38 0.69
N ASP D 783 -2.57 37.88 1.83
CA ASP D 783 -3.99 38.18 1.95
C ASP D 783 -4.41 39.25 0.94
N GLU D 784 -3.60 40.30 0.77
CA GLU D 784 -3.95 41.34 -0.19
C GLU D 784 -3.95 40.81 -1.61
N VAL D 785 -3.01 39.93 -1.95
CA VAL D 785 -2.98 39.35 -3.29
C VAL D 785 -4.19 38.46 -3.53
N GLY D 786 -4.58 37.67 -2.52
CA GLY D 786 -5.78 36.86 -2.67
C GLY D 786 -7.02 37.71 -2.86
N GLN D 787 -7.13 38.82 -2.12
CA GLN D 787 -8.26 39.72 -2.32
C GLN D 787 -8.25 40.36 -3.69
N ALA D 788 -7.05 40.67 -4.20
CA ALA D 788 -6.95 41.20 -5.57
C ALA D 788 -7.35 40.14 -6.59
N LEU D 789 -7.18 38.85 -6.26
CA LEU D 789 -7.61 37.80 -7.17
C LEU D 789 -9.12 37.58 -7.14
N ARG D 790 -9.74 37.65 -5.95
CA ARG D 790 -11.18 37.36 -5.86
C ARG D 790 -12.00 38.31 -6.71
N GLU D 791 -11.72 39.61 -6.62
CA GLU D 791 -12.54 40.59 -7.32
C GLU D 791 -12.23 40.67 -8.82
N HIS D 792 -10.98 40.37 -9.21
CA HIS D 792 -10.62 40.43 -10.62
C HIS D 792 -11.18 39.25 -11.41
N TYR D 793 -11.30 38.10 -10.79
CA TYR D 793 -11.80 36.91 -11.48
C TYR D 793 -13.31 37.00 -11.69
N PRO D 794 -13.80 36.89 -12.92
CA PRO D 794 -15.24 36.79 -13.13
C PRO D 794 -15.78 35.46 -12.62
N ASP D 795 -17.11 35.37 -12.57
CA ASP D 795 -17.75 34.14 -12.15
C ASP D 795 -17.96 33.15 -13.29
N ASP D 796 -17.76 33.58 -14.55
CA ASP D 796 -17.82 32.68 -15.68
C ASP D 796 -16.53 31.86 -15.82
N ASN D 797 -15.46 32.26 -15.16
CA ASN D 797 -14.19 31.55 -15.27
C ASN D 797 -14.33 30.15 -14.69
N PRO D 798 -13.91 29.11 -15.40
CA PRO D 798 -14.13 27.75 -14.90
C PRO D 798 -13.38 27.44 -13.61
N ILE D 799 -12.21 28.04 -13.40
CA ILE D 799 -11.46 27.78 -12.17
C ILE D 799 -12.24 28.26 -10.96
N ILE D 800 -12.95 29.39 -11.10
CA ILE D 800 -13.77 29.88 -10.00
C ILE D 800 -15.04 29.04 -9.87
N THR D 801 -15.58 28.58 -11.00
CA THR D 801 -16.80 27.78 -10.96
C THR D 801 -16.58 26.45 -10.26
N ILE D 802 -15.39 25.85 -10.45
CA ILE D 802 -15.09 24.58 -9.80
C ILE D 802 -15.06 24.73 -8.29
N VAL D 803 -14.40 25.78 -7.80
CA VAL D 803 -14.22 25.93 -6.36
C VAL D 803 -15.52 26.41 -5.71
N ASP D 804 -16.17 27.40 -6.32
CA ASP D 804 -17.35 28.02 -5.70
C ASP D 804 -18.60 27.15 -5.76
N SER D 805 -18.61 26.10 -6.57
CA SER D 805 -19.75 25.20 -6.65
C SER D 805 -19.61 24.00 -5.71
N GLY D 806 -18.60 24.00 -4.85
CA GLY D 806 -18.38 22.87 -3.96
C GLY D 806 -17.85 21.63 -4.62
N ALA D 807 -17.41 21.72 -5.87
CA ALA D 807 -16.90 20.56 -6.58
C ALA D 807 -15.63 20.03 -5.91
N THR D 808 -14.55 20.80 -6.01
CA THR D 808 -13.27 20.42 -5.41
C THR D 808 -12.34 21.63 -5.42
N GLY D 809 -11.43 21.64 -4.46
CA GLY D 809 -10.40 22.65 -4.42
C GLY D 809 -10.76 23.83 -3.53
N ASN D 810 -9.73 24.48 -3.00
CA ASN D 810 -9.87 25.70 -2.22
C ASN D 810 -9.54 26.90 -3.09
N PHE D 811 -9.85 28.09 -2.57
CA PHE D 811 -9.33 29.30 -3.20
C PHE D 811 -7.88 29.57 -2.82
N THR D 812 -7.39 28.95 -1.73
CA THR D 812 -5.96 29.03 -1.44
C THR D 812 -5.14 28.38 -2.55
N GLN D 813 -5.63 27.26 -3.09
CA GLN D 813 -4.95 26.63 -4.21
C GLN D 813 -5.00 27.52 -5.45
N THR D 814 -6.12 28.19 -5.68
CA THR D 814 -6.23 29.10 -6.82
C THR D 814 -5.29 30.29 -6.66
N ARG D 815 -5.15 30.80 -5.44
CA ARG D 815 -4.22 31.89 -5.18
C ARG D 815 -2.78 31.46 -5.40
N THR D 816 -2.42 30.27 -4.92
CA THR D 816 -1.09 29.73 -5.20
C THR D 816 -0.89 29.56 -6.70
N LEU D 817 -1.94 29.21 -7.43
CA LEU D 817 -1.83 29.01 -8.87
C LEU D 817 -1.57 30.33 -9.60
N ALA D 818 -2.40 31.34 -9.33
CA ALA D 818 -2.37 32.58 -10.11
C ALA D 818 -1.70 33.74 -9.40
N GLY D 819 -1.70 33.77 -8.07
CA GLY D 819 -1.14 34.90 -7.34
C GLY D 819 0.28 34.70 -6.89
N MET D 820 0.46 34.03 -5.75
CA MET D 820 1.79 33.78 -5.21
C MET D 820 1.72 32.61 -4.24
N LYS D 821 2.81 31.84 -4.19
CA LYS D 821 2.87 30.71 -3.27
C LYS D 821 2.85 31.19 -1.82
N GLY D 822 3.59 32.24 -1.52
CA GLY D 822 3.63 32.79 -0.18
C GLY D 822 4.80 32.29 0.64
N LEU D 823 4.62 32.37 1.95
CA LEU D 823 5.66 31.93 2.88
C LEU D 823 5.73 30.41 2.89
N VAL D 824 6.90 29.87 2.58
CA VAL D 824 7.14 28.43 2.61
C VAL D 824 7.91 28.09 3.88
N THR D 825 7.77 26.85 4.34
CA THR D 825 8.37 26.40 5.57
C THR D 825 9.61 25.56 5.30
N ASN D 826 10.66 25.81 6.08
CA ASN D 826 11.87 25.00 6.05
C ASN D 826 11.66 23.79 6.96
N PRO D 827 12.54 22.79 6.88
CA PRO D 827 12.39 21.60 7.73
C PRO D 827 12.36 21.90 9.23
N LYS D 828 12.71 23.11 9.65
CA LYS D 828 12.56 23.48 11.05
C LYS D 828 11.10 23.55 11.45
N GLY D 829 10.33 24.39 10.77
CA GLY D 829 8.92 24.55 11.07
C GLY D 829 8.43 25.97 10.88
N GLU D 830 9.25 26.95 11.27
CA GLU D 830 8.89 28.35 11.13
C GLU D 830 8.98 28.77 9.66
N PHE D 831 8.21 29.80 9.32
CA PHE D 831 8.19 30.29 7.95
C PHE D 831 9.49 31.01 7.60
N ILE D 832 9.94 30.84 6.36
CA ILE D 832 11.16 31.50 5.89
C ILE D 832 10.92 33.00 5.80
N PRO D 833 11.85 33.84 6.25
CA PRO D 833 11.64 35.30 6.17
C PRO D 833 11.53 35.82 4.74
N ARG D 834 11.77 34.99 3.73
CA ARG D 834 11.62 35.39 2.33
C ARG D 834 10.55 34.51 1.68
N PRO D 835 9.49 35.09 1.12
CA PRO D 835 8.43 34.27 0.52
C PRO D 835 8.70 33.96 -0.94
N VAL D 836 7.87 33.07 -1.48
CA VAL D 836 7.89 32.74 -2.90
C VAL D 836 6.94 33.71 -3.60
N LYS D 837 7.51 34.77 -4.17
CA LYS D 837 6.68 35.80 -4.77
C LYS D 837 6.05 35.34 -6.08
N SER D 838 6.73 34.49 -6.82
CA SER D 838 6.22 34.02 -8.10
C SER D 838 5.05 33.05 -7.90
N SER D 839 4.20 32.96 -8.92
CA SER D 839 3.13 31.99 -8.96
C SER D 839 3.49 30.85 -9.89
N PHE D 840 2.82 29.72 -9.70
CA PHE D 840 3.06 28.57 -10.55
C PHE D 840 2.65 28.83 -12.00
N ARG D 841 1.77 29.81 -12.23
CA ARG D 841 1.51 30.25 -13.59
C ARG D 841 2.70 31.03 -14.14
N GLU D 842 3.32 31.86 -13.32
CA GLU D 842 4.49 32.62 -13.76
C GLU D 842 5.71 31.72 -13.89
N GLY D 843 5.92 30.82 -12.94
CA GLY D 843 7.10 29.98 -12.93
C GLY D 843 8.06 30.35 -11.82
N LEU D 844 8.23 29.46 -10.86
CA LEU D 844 9.13 29.71 -9.74
C LEU D 844 10.58 29.76 -10.22
N THR D 845 11.40 30.51 -9.50
CA THR D 845 12.82 30.53 -9.76
C THR D 845 13.46 29.26 -9.19
N VAL D 846 14.77 29.11 -9.42
CA VAL D 846 15.48 27.91 -8.96
C VAL D 846 15.45 27.84 -7.44
N LEU D 847 15.80 28.96 -6.78
CA LEU D 847 15.88 28.97 -5.32
C LEU D 847 14.49 28.89 -4.70
N GLU D 848 13.49 29.52 -5.33
CA GLU D 848 12.12 29.41 -4.84
C GLU D 848 11.64 27.96 -4.85
N TYR D 849 11.86 27.27 -5.98
CA TYR D 849 11.50 25.86 -6.06
C TYR D 849 12.26 25.05 -5.01
N PHE D 850 13.56 25.31 -4.85
CA PHE D 850 14.35 24.56 -3.90
C PHE D 850 13.82 24.72 -2.49
N ILE D 851 13.44 25.95 -2.10
CA ILE D 851 12.94 26.15 -0.75
C ILE D 851 11.53 25.62 -0.58
N ASN D 852 10.76 25.51 -1.68
CA ASN D 852 9.43 24.90 -1.59
C ASN D 852 9.52 23.39 -1.36
N THR D 853 10.52 22.75 -1.99
CA THR D 853 10.64 21.30 -1.87
C THR D 853 10.82 20.85 -0.42
N HIS D 854 11.38 21.70 0.44
CA HIS D 854 11.55 21.33 1.84
C HIS D 854 10.22 21.01 2.49
N GLY D 855 9.31 21.99 2.50
CA GLY D 855 7.99 21.77 3.04
C GLY D 855 7.24 20.66 2.34
N ALA D 856 7.37 20.57 1.00
CA ALA D 856 6.67 19.51 0.29
C ALA D 856 7.11 18.13 0.76
N ARG D 857 8.43 17.90 0.83
CA ARG D 857 8.94 16.60 1.21
C ARG D 857 8.60 16.27 2.65
N LYS D 858 8.71 17.24 3.57
CA LYS D 858 8.39 16.89 4.95
C LYS D 858 6.90 16.65 5.14
N GLY D 859 6.06 17.37 4.37
CA GLY D 859 4.63 17.09 4.42
C GLY D 859 4.29 15.69 3.94
N LEU D 860 4.98 15.23 2.90
CA LEU D 860 4.78 13.83 2.50
C LEU D 860 5.36 12.86 3.52
N ALA D 861 6.47 13.24 4.18
CA ALA D 861 7.17 12.31 5.06
C ALA D 861 6.39 12.06 6.34
N ASP D 862 5.92 13.12 7.00
CA ASP D 862 5.23 12.93 8.27
C ASP D 862 3.87 12.28 8.11
N THR D 863 3.33 12.22 6.89
CA THR D 863 2.01 11.64 6.67
C THR D 863 2.00 10.16 7.00
N ALA D 864 3.06 9.44 6.64
CA ALA D 864 3.12 8.00 6.93
C ALA D 864 3.09 7.74 8.43
N LEU D 865 3.90 8.48 9.19
CA LEU D 865 3.93 8.30 10.64
C LEU D 865 2.60 8.71 11.27
N ARG D 866 1.98 9.77 10.76
CA ARG D 866 0.70 10.20 11.31
C ARG D 866 -0.40 9.17 11.04
N THR D 867 -0.43 8.60 9.84
CA THR D 867 -1.34 7.50 9.56
C THR D 867 -1.04 6.29 10.43
N ALA D 868 0.24 6.05 10.73
CA ALA D 868 0.60 4.95 11.61
C ALA D 868 -0.01 5.14 13.00
N ASP D 869 0.22 6.29 13.60
CA ASP D 869 -0.34 6.56 14.92
C ASP D 869 -1.87 6.57 14.88
N SER D 870 -2.45 7.04 13.78
CA SER D 870 -3.90 7.05 13.65
C SER D 870 -4.45 5.63 13.67
N GLY D 871 -3.87 4.74 12.86
CA GLY D 871 -4.32 3.35 12.85
C GLY D 871 -4.10 2.65 14.18
N TYR D 872 -3.01 2.98 14.87
CA TYR D 872 -2.77 2.37 16.18
C TYR D 872 -3.84 2.80 17.18
N LEU D 873 -4.13 4.11 17.24
CA LEU D 873 -5.21 4.59 18.09
C LEU D 873 -6.55 3.96 17.70
N THR D 874 -6.77 3.77 16.39
CA THR D 874 -8.01 3.17 15.93
C THR D 874 -8.15 1.74 16.44
N ARG D 875 -7.08 0.95 16.37
CA ARG D 875 -7.19 -0.43 16.83
C ARG D 875 -7.32 -0.50 18.35
N ARG D 876 -6.69 0.43 19.07
CA ARG D 876 -6.90 0.49 20.52
C ARG D 876 -8.37 0.77 20.83
N LEU D 877 -8.97 1.74 20.14
CA LEU D 877 -10.38 2.04 20.34
C LEU D 877 -11.27 0.86 19.94
N VAL D 878 -10.88 0.11 18.92
CA VAL D 878 -11.65 -1.06 18.52
C VAL D 878 -11.64 -2.11 19.63
N ASP D 879 -10.45 -2.39 20.19
CA ASP D 879 -10.37 -3.41 21.23
C ASP D 879 -11.04 -2.97 22.52
N VAL D 880 -11.05 -1.66 22.82
CA VAL D 880 -11.63 -1.23 24.09
C VAL D 880 -13.15 -1.28 24.08
N SER D 881 -13.79 -1.28 22.91
CA SER D 881 -15.23 -1.22 22.81
C SER D 881 -15.78 -2.28 21.87
N GLN D 882 -15.05 -3.37 21.68
CA GLN D 882 -15.47 -4.39 20.71
C GLN D 882 -16.73 -5.12 21.16
N ASP D 883 -16.94 -5.26 22.47
CA ASP D 883 -18.04 -6.04 23.00
C ASP D 883 -19.22 -5.19 23.46
N VAL D 884 -19.30 -3.94 23.02
CA VAL D 884 -20.40 -3.05 23.37
C VAL D 884 -21.51 -3.27 22.36
N ILE D 885 -22.53 -4.02 22.76
CA ILE D 885 -23.63 -4.37 21.88
C ILE D 885 -24.94 -3.84 22.47
N VAL D 886 -25.90 -3.56 21.59
CA VAL D 886 -27.24 -3.17 22.02
C VAL D 886 -28.01 -4.44 22.35
N ARG D 887 -28.22 -4.70 23.65
CA ARG D 887 -28.87 -5.92 24.09
C ARG D 887 -30.27 -5.72 24.65
N GLU D 888 -30.66 -4.48 24.95
CA GLU D 888 -31.94 -4.19 25.56
C GLU D 888 -32.64 -3.08 24.78
N HIS D 889 -33.98 -3.07 24.84
CA HIS D 889 -34.73 -2.03 24.15
C HIS D 889 -34.74 -0.73 24.95
N ASP D 890 -35.07 -0.81 26.24
CA ASP D 890 -35.12 0.37 27.09
C ASP D 890 -34.79 -0.05 28.51
N CYS D 891 -33.75 0.55 29.09
CA CYS D 891 -33.38 0.28 30.48
C CYS D 891 -34.22 1.07 31.47
N GLN D 892 -35.11 1.94 30.99
CA GLN D 892 -36.13 2.66 31.76
C GLN D 892 -35.57 3.73 32.70
N THR D 893 -34.26 3.96 32.72
CA THR D 893 -33.69 4.96 33.61
C THR D 893 -34.04 6.36 33.09
N GLU D 894 -34.68 7.16 33.95
CA GLU D 894 -35.00 8.54 33.60
C GLU D 894 -33.78 9.44 33.58
N ARG D 895 -32.60 8.93 33.95
CA ARG D 895 -31.39 9.73 33.90
C ARG D 895 -31.03 10.08 32.46
N GLY D 896 -30.49 11.26 32.29
CA GLY D 896 -30.05 11.72 30.98
C GLY D 896 -28.97 12.76 31.18
N ILE D 897 -28.93 13.74 30.29
CA ILE D 897 -28.02 14.86 30.43
C ILE D 897 -28.62 16.07 29.74
N VAL D 898 -28.22 17.25 30.19
CA VAL D 898 -28.69 18.52 29.65
C VAL D 898 -27.86 18.90 28.45
N VAL D 899 -28.52 19.14 27.32
CA VAL D 899 -27.90 19.58 26.09
C VAL D 899 -28.34 21.02 25.83
N GLU D 900 -27.36 21.88 25.59
CA GLU D 900 -27.55 23.29 25.22
C GLU D 900 -28.13 23.39 23.82
N LEU D 901 -29.46 23.44 23.72
CA LEU D 901 -30.09 23.51 22.41
C LEU D 901 -29.79 24.83 21.71
N ALA D 902 -29.89 25.93 22.43
CA ALA D 902 -29.61 27.24 21.85
C ALA D 902 -29.21 28.20 22.96
N GLU D 903 -28.60 29.31 22.56
CA GLU D 903 -28.25 30.38 23.48
C GLU D 903 -29.17 31.57 23.21
N ARG D 904 -29.44 32.38 24.23
CA ARG D 904 -30.29 33.55 24.05
C ARG D 904 -29.46 34.81 24.13
N ALA D 905 -29.54 35.63 23.09
CA ALA D 905 -28.81 36.88 23.01
C ALA D 905 -29.45 37.94 23.90
N PRO D 906 -28.72 39.00 24.25
CA PRO D 906 -29.27 39.99 25.17
C PRO D 906 -30.51 40.72 24.64
N ASP D 907 -30.61 40.91 23.32
CA ASP D 907 -31.78 41.62 22.78
C ASP D 907 -33.04 40.78 22.90
N GLY D 908 -32.92 39.45 22.87
CA GLY D 908 -34.07 38.59 22.96
C GLY D 908 -34.07 37.50 21.90
N THR D 909 -33.32 37.72 20.82
CA THR D 909 -33.20 36.72 19.78
C THR D 909 -32.44 35.50 20.29
N LEU D 910 -32.83 34.33 19.80
CA LEU D 910 -32.17 33.08 20.15
C LEU D 910 -31.22 32.68 19.04
N ILE D 911 -29.95 32.50 19.39
CA ILE D 911 -28.91 32.06 18.46
C ILE D 911 -28.79 30.55 18.57
N ARG D 912 -28.82 29.88 17.42
CA ARG D 912 -28.64 28.43 17.39
C ARG D 912 -27.25 28.06 17.87
N ASP D 913 -27.19 27.07 18.76
CA ASP D 913 -25.90 26.62 19.27
C ASP D 913 -25.14 25.89 18.17
N PRO D 914 -23.82 26.04 18.08
CA PRO D 914 -23.05 25.31 17.07
C PRO D 914 -23.00 23.81 17.32
N TYR D 915 -23.28 23.35 18.54
CA TYR D 915 -23.16 21.94 18.89
C TYR D 915 -24.48 21.18 18.72
N ILE D 916 -25.46 21.74 18.00
CA ILE D 916 -26.74 21.06 17.83
C ILE D 916 -26.58 19.81 16.97
N GLU D 917 -25.77 19.90 15.91
CA GLU D 917 -25.64 18.78 14.97
C GLU D 917 -25.06 17.55 15.66
N THR D 918 -24.00 17.73 16.44
CA THR D 918 -23.28 16.60 17.01
C THR D 918 -23.79 16.17 18.38
N SER D 919 -24.50 17.04 19.10
CA SER D 919 -24.94 16.73 20.45
C SER D 919 -26.44 16.70 20.64
N ALA D 920 -27.22 17.42 19.81
CA ALA D 920 -28.66 17.52 19.99
C ALA D 920 -29.45 16.66 19.02
N TYR D 921 -29.09 16.66 17.74
CA TYR D 921 -29.82 15.87 16.76
C TYR D 921 -29.60 14.38 16.99
N ALA D 922 -30.54 13.58 16.48
CA ALA D 922 -30.55 12.13 16.57
C ALA D 922 -30.60 11.62 18.01
N ARG D 923 -30.93 12.48 18.96
CA ARG D 923 -31.07 12.08 20.36
C ARG D 923 -32.50 11.64 20.65
N THR D 924 -32.72 11.13 21.86
CA THR D 924 -34.04 10.79 22.35
C THR D 924 -34.25 11.43 23.71
N LEU D 925 -35.47 11.88 23.97
CA LEU D 925 -35.77 12.62 25.18
C LEU D 925 -35.92 11.69 26.39
N GLY D 926 -35.52 12.21 27.55
CA GLY D 926 -35.72 11.52 28.81
C GLY D 926 -36.53 12.37 29.77
N THR D 927 -36.93 13.56 29.31
CA THR D 927 -37.73 14.48 30.10
C THR D 927 -38.52 15.35 29.14
N ASP D 928 -39.81 15.52 29.41
CA ASP D 928 -40.68 16.30 28.54
C ASP D 928 -40.20 17.75 28.47
N ALA D 929 -40.19 18.29 27.25
CA ALA D 929 -39.77 19.67 27.03
C ALA D 929 -40.92 20.61 27.38
N VAL D 930 -40.71 21.47 28.37
CA VAL D 930 -41.73 22.40 28.85
C VAL D 930 -41.26 23.82 28.56
N ASP D 931 -42.12 24.60 27.91
CA ASP D 931 -41.84 26.01 27.64
C ASP D 931 -42.41 26.84 28.80
N GLU D 932 -42.67 28.13 28.55
CA GLU D 932 -43.28 28.96 29.58
C GLU D 932 -44.72 28.55 29.85
N ALA D 933 -45.42 28.03 28.84
CA ALA D 933 -46.76 27.53 29.03
C ALA D 933 -46.71 26.11 29.60
N GLY D 934 -47.86 25.64 30.09
CA GLY D 934 -47.94 24.31 30.65
C GLY D 934 -47.88 23.18 29.63
N ASN D 935 -48.04 23.50 28.35
CA ASN D 935 -48.04 22.48 27.31
C ASN D 935 -46.62 21.99 27.04
N VAL D 936 -46.50 20.68 26.78
CA VAL D 936 -45.23 20.07 26.40
C VAL D 936 -45.18 19.97 24.89
N ILE D 937 -44.03 20.33 24.31
CA ILE D 937 -43.91 20.37 22.87
C ILE D 937 -43.60 18.99 22.30
N VAL D 938 -42.67 18.27 22.91
CA VAL D 938 -42.27 16.93 22.46
C VAL D 938 -42.25 16.01 23.67
N GLU D 939 -42.88 14.84 23.53
CA GLU D 939 -42.98 13.88 24.61
C GLU D 939 -41.61 13.27 24.92
N ARG D 940 -41.55 12.53 26.03
CA ARG D 940 -40.35 11.81 26.41
C ARG D 940 -40.23 10.53 25.59
N GLY D 941 -39.04 10.26 25.08
CA GLY D 941 -38.82 9.08 24.27
C GLY D 941 -39.11 9.26 22.80
N GLN D 942 -39.02 10.49 22.29
CA GLN D 942 -39.27 10.79 20.88
C GLN D 942 -37.96 11.18 20.22
N ASP D 943 -37.67 10.56 19.07
CA ASP D 943 -36.43 10.81 18.36
C ASP D 943 -36.43 12.24 17.82
N LEU D 944 -35.41 13.02 18.19
CA LEU D 944 -35.31 14.41 17.78
C LEU D 944 -35.04 14.53 16.28
N GLY D 945 -36.10 14.64 15.49
CA GLY D 945 -35.96 14.85 14.07
C GLY D 945 -35.63 16.29 13.74
N ASP D 946 -35.64 16.59 12.43
CA ASP D 946 -35.32 17.95 12.00
C ASP D 946 -36.42 18.94 12.36
N PRO D 947 -37.71 18.68 12.09
CA PRO D 947 -38.74 19.65 12.50
C PRO D 947 -38.98 19.66 14.00
N GLU D 948 -38.72 18.54 14.69
CA GLU D 948 -38.94 18.49 16.13
C GLU D 948 -37.92 19.31 16.90
N ILE D 949 -36.79 19.66 16.28
CA ILE D 949 -35.86 20.59 16.89
C ILE D 949 -36.34 22.03 16.72
N ASP D 950 -36.87 22.36 15.54
CA ASP D 950 -37.45 23.68 15.33
C ASP D 950 -38.69 23.89 16.18
N ALA D 951 -39.39 22.81 16.53
CA ALA D 951 -40.54 22.91 17.41
C ALA D 951 -40.13 23.45 18.78
N LEU D 952 -39.03 22.93 19.34
CA LEU D 952 -38.54 23.45 20.60
C LEU D 952 -37.84 24.80 20.42
N LEU D 953 -37.26 25.03 19.24
CA LEU D 953 -36.59 26.30 18.97
C LEU D 953 -37.60 27.45 18.92
N ALA D 954 -38.73 27.23 18.26
CA ALA D 954 -39.79 28.23 18.18
C ALA D 954 -40.62 28.33 19.46
N ALA D 955 -40.39 27.44 20.43
CA ALA D 955 -41.12 27.47 21.69
C ALA D 955 -40.42 28.26 22.78
N GLY D 956 -39.18 28.70 22.54
CA GLY D 956 -38.45 29.49 23.51
C GLY D 956 -37.53 28.69 24.42
N ILE D 957 -37.79 27.39 24.59
CA ILE D 957 -36.96 26.56 25.45
C ILE D 957 -35.62 26.32 24.78
N THR D 958 -34.54 26.40 25.57
CA THR D 958 -33.19 26.36 25.02
C THR D 958 -32.32 25.26 25.64
N GLN D 959 -32.90 24.36 26.44
CA GLN D 959 -32.15 23.27 27.04
C GLN D 959 -33.01 22.02 27.05
N VAL D 960 -32.42 20.88 26.71
CA VAL D 960 -33.18 19.63 26.70
C VAL D 960 -32.46 18.58 27.52
N LYS D 961 -33.23 17.74 28.22
CA LYS D 961 -32.66 16.61 28.96
C LYS D 961 -32.89 15.35 28.12
N VAL D 962 -31.82 14.81 27.57
CA VAL D 962 -31.92 13.70 26.63
C VAL D 962 -31.31 12.44 27.25
N ARG D 963 -31.82 11.30 26.79
CA ARG D 963 -31.24 10.02 27.15
C ARG D 963 -29.88 9.85 26.50
N SER D 964 -28.91 9.38 27.29
CA SER D 964 -27.55 9.21 26.79
C SER D 964 -27.07 7.79 27.10
N VAL D 965 -26.12 7.32 26.29
CA VAL D 965 -25.51 6.03 26.53
C VAL D 965 -24.63 6.05 27.77
N LEU D 966 -24.28 7.25 28.25
CA LEU D 966 -23.52 7.36 29.49
C LEU D 966 -24.35 6.94 30.68
N THR D 967 -25.58 7.45 30.78
CA THR D 967 -26.47 7.18 31.91
C THR D 967 -27.20 5.86 31.78
N CYS D 968 -27.06 5.14 30.67
CA CYS D 968 -27.78 3.89 30.47
C CYS D 968 -27.30 2.85 31.47
N ALA D 969 -28.20 2.43 32.36
CA ALA D 969 -27.88 1.47 33.42
C ALA D 969 -28.26 0.08 32.92
N THR D 970 -27.32 -0.57 32.25
CA THR D 970 -27.48 -1.95 31.81
C THR D 970 -26.26 -2.74 32.27
N SER D 971 -26.46 -4.05 32.48
CA SER D 971 -25.43 -4.88 33.07
C SER D 971 -24.15 -4.87 32.24
N THR D 972 -24.25 -5.27 30.97
CA THR D 972 -23.09 -5.33 30.08
C THR D 972 -23.22 -4.33 28.95
N GLY D 973 -24.06 -4.57 27.96
CA GLY D 973 -24.21 -3.68 26.83
C GLY D 973 -24.98 -2.42 27.17
N VAL D 974 -25.62 -1.83 26.15
CA VAL D 974 -26.42 -0.63 26.33
C VAL D 974 -27.78 -0.85 25.70
N CYS D 975 -28.74 -0.05 26.13
CA CYS D 975 -30.09 -0.16 25.60
C CYS D 975 -30.27 0.75 24.39
N ALA D 976 -31.23 0.39 23.53
CA ALA D 976 -31.43 1.14 22.29
C ALA D 976 -31.98 2.53 22.55
N THR D 977 -32.82 2.69 23.58
CA THR D 977 -33.45 3.99 23.84
C THR D 977 -32.42 5.02 24.28
N CYS D 978 -31.43 4.62 25.09
CA CYS D 978 -30.37 5.55 25.47
C CYS D 978 -29.47 5.88 24.30
N TYR D 979 -29.22 4.91 23.42
CA TYR D 979 -28.33 5.14 22.28
C TYR D 979 -28.90 6.20 21.34
N GLY D 980 -30.11 5.96 20.83
CA GLY D 980 -30.75 6.92 19.97
C GLY D 980 -30.93 6.43 18.54
N ARG D 981 -30.92 7.36 17.59
CA ARG D 981 -31.11 7.01 16.19
C ARG D 981 -29.82 6.53 15.57
N SER D 982 -29.89 5.41 14.85
CA SER D 982 -28.74 4.94 14.08
C SER D 982 -28.50 5.90 12.91
N MET D 983 -27.32 6.50 12.88
CA MET D 983 -27.03 7.53 11.89
C MET D 983 -27.13 7.00 10.46
N ALA D 984 -26.79 5.73 10.25
CA ALA D 984 -26.88 5.16 8.91
C ALA D 984 -28.30 4.72 8.58
N THR D 985 -28.99 4.08 9.54
CA THR D 985 -30.33 3.58 9.29
C THR D 985 -31.38 4.69 9.31
N GLY D 986 -31.09 5.82 9.97
CA GLY D 986 -32.06 6.88 10.07
C GLY D 986 -33.23 6.60 10.99
N LYS D 987 -33.20 5.50 11.72
CA LYS D 987 -34.25 5.15 12.68
C LYS D 987 -33.59 4.70 13.97
N LEU D 988 -34.40 4.23 14.91
CA LEU D 988 -33.88 3.72 16.17
C LEU D 988 -32.96 2.53 15.92
N VAL D 989 -31.88 2.45 16.69
CA VAL D 989 -30.90 1.38 16.51
C VAL D 989 -31.54 0.04 16.84
N ASP D 990 -31.25 -0.96 16.01
CA ASP D 990 -31.78 -2.29 16.22
C ASP D 990 -31.02 -2.99 17.34
N ILE D 991 -31.70 -3.92 18.00
CA ILE D 991 -31.07 -4.68 19.08
C ILE D 991 -30.10 -5.69 18.49
N GLY D 992 -28.85 -5.64 18.93
CA GLY D 992 -27.81 -6.53 18.46
C GLY D 992 -26.73 -5.84 17.64
N GLU D 993 -26.91 -4.58 17.28
CA GLU D 993 -25.92 -3.87 16.48
C GLU D 993 -24.70 -3.53 17.33
N ALA D 994 -23.52 -3.95 16.87
CA ALA D 994 -22.27 -3.69 17.57
C ALA D 994 -21.93 -2.21 17.43
N VAL D 995 -22.60 -1.39 18.24
CA VAL D 995 -22.40 0.05 18.17
C VAL D 995 -21.02 0.47 18.64
N GLY D 996 -20.35 -0.37 19.43
CA GLY D 996 -19.02 -0.01 19.90
C GLY D 996 -17.99 0.01 18.79
N ILE D 997 -18.01 -1.02 17.93
CA ILE D 997 -17.08 -1.06 16.81
C ILE D 997 -17.41 0.05 15.81
N VAL D 998 -18.70 0.33 15.61
CA VAL D 998 -19.11 1.44 14.75
C VAL D 998 -18.56 2.76 15.29
N ALA D 999 -18.66 2.97 16.60
CA ALA D 999 -18.12 4.18 17.21
C ALA D 999 -16.60 4.25 17.05
N ALA D 1000 -15.91 3.13 17.30
CA ALA D 1000 -14.46 3.11 17.16
C ALA D 1000 -14.05 3.48 15.73
N GLN D 1001 -14.71 2.89 14.74
CA GLN D 1001 -14.40 3.22 13.34
C GLN D 1001 -14.74 4.67 13.03
N SER D 1002 -15.86 5.16 13.58
CA SER D 1002 -16.26 6.55 13.33
C SER D 1002 -15.24 7.53 13.86
N ILE D 1003 -14.60 7.20 14.98
CA ILE D 1003 -13.58 8.09 15.52
C ILE D 1003 -12.26 7.90 14.78
N GLY D 1004 -11.92 6.67 14.42
CA GLY D 1004 -10.61 6.41 13.85
C GLY D 1004 -10.49 6.70 12.37
N GLU D 1005 -11.61 6.86 11.66
CA GLU D 1005 -11.53 7.12 10.22
C GLU D 1005 -10.99 8.50 9.91
N PRO D 1006 -11.48 9.59 10.52
CA PRO D 1006 -10.93 10.92 10.19
C PRO D 1006 -9.60 11.24 10.86
N GLY D 1007 -9.01 10.31 11.60
CA GLY D 1007 -7.81 10.61 12.37
C GLY D 1007 -6.58 10.77 11.49
N THR D 1008 -6.80 10.65 10.17
CA THR D 1008 -5.71 10.82 9.23
C THR D 1008 -5.24 12.26 9.10
N GLN D 1009 -6.10 13.22 9.40
CA GLN D 1009 -5.79 14.65 9.22
C GLN D 1009 -5.90 15.36 10.56
N LEU D 1010 -4.76 15.71 11.16
CA LEU D 1010 -4.73 16.45 12.41
C LEU D 1010 -3.45 17.26 12.48
N THR D 1011 -3.28 17.97 13.59
CA THR D 1011 -2.10 18.82 13.78
C THR D 1011 -1.23 18.32 14.92
N GLY D 1026 -3.41 21.33 20.55
CA GLY D 1026 -4.25 20.20 20.21
C GLY D 1026 -3.59 19.22 19.26
N GLY D 1027 -4.40 18.62 18.40
CA GLY D 1027 -3.91 17.66 17.43
C GLY D 1027 -4.22 16.23 17.83
N LEU D 1028 -3.58 15.31 17.11
CA LEU D 1028 -3.70 13.88 17.35
C LEU D 1028 -3.11 13.48 18.70
N PRO D 1029 -1.92 13.97 19.09
CA PRO D 1029 -1.44 13.68 20.46
C PRO D 1029 -2.40 14.15 21.54
N ARG D 1030 -3.20 15.18 21.29
CA ARG D 1030 -4.20 15.59 22.26
C ARG D 1030 -5.30 14.54 22.38
N VAL D 1031 -5.73 13.99 21.25
CA VAL D 1031 -6.72 12.90 21.27
C VAL D 1031 -6.18 11.70 22.03
N GLN D 1032 -4.90 11.38 21.83
CA GLN D 1032 -4.30 10.28 22.57
C GLN D 1032 -4.16 10.60 24.06
N GLU D 1033 -3.88 11.86 24.39
CA GLU D 1033 -3.84 12.27 25.79
C GLU D 1033 -5.20 12.09 26.45
N LEU D 1034 -6.27 12.36 25.71
CA LEU D 1034 -7.61 12.25 26.27
C LEU D 1034 -8.06 10.79 26.41
N PHE D 1035 -7.88 9.99 25.36
CA PHE D 1035 -8.40 8.62 25.40
C PHE D 1035 -7.56 7.70 26.29
N GLU D 1036 -6.30 8.04 26.57
CA GLU D 1036 -5.46 7.22 27.43
C GLU D 1036 -5.46 7.69 28.88
N ALA D 1037 -6.22 8.73 29.21
CA ALA D 1037 -6.33 9.24 30.59
C ALA D 1037 -4.95 9.63 31.14
N ARG D 1038 -4.14 10.29 30.32
CA ARG D 1038 -2.84 10.74 30.75
C ARG D 1038 -2.95 12.05 31.53
N VAL D 1039 -1.94 12.32 32.34
CA VAL D 1039 -1.80 13.63 32.97
C VAL D 1039 -1.35 14.59 31.87
N PRO D 1040 -2.21 15.51 31.44
CA PRO D 1040 -1.97 16.23 30.18
C PRO D 1040 -0.76 17.15 30.25
N ARG D 1041 -0.36 17.61 29.06
CA ARG D 1041 0.73 18.57 28.96
C ARG D 1041 0.33 19.92 29.54
N GLY D 1042 -0.92 20.33 29.31
CA GLY D 1042 -1.38 21.61 29.86
C GLY D 1042 -1.35 21.62 31.38
N LYS D 1043 -1.88 20.56 31.99
CA LYS D 1043 -1.89 20.43 33.46
C LYS D 1043 -2.53 21.64 34.12
N ALA D 1044 -3.67 22.07 33.55
CA ALA D 1044 -4.34 23.25 34.08
C ALA D 1044 -4.95 22.97 35.44
N PRO D 1045 -4.89 23.92 36.37
CA PRO D 1045 -5.48 23.71 37.69
C PRO D 1045 -7.00 23.84 37.64
N ILE D 1046 -7.63 23.45 38.75
CA ILE D 1046 -9.08 23.49 38.88
C ILE D 1046 -9.44 23.97 40.28
N ALA D 1047 -10.68 24.42 40.43
CA ALA D 1047 -11.20 24.88 41.72
C ALA D 1047 -11.83 23.70 42.43
N ASP D 1048 -11.16 23.22 43.50
CA ASP D 1048 -11.68 22.08 44.23
C ASP D 1048 -12.92 22.42 45.03
N VAL D 1049 -13.02 23.64 45.54
CA VAL D 1049 -14.17 24.08 46.33
C VAL D 1049 -14.62 25.44 45.82
N THR D 1050 -15.93 25.63 45.76
CA THR D 1050 -16.49 26.91 45.33
C THR D 1050 -16.40 27.92 46.47
N GLY D 1051 -16.09 29.16 46.11
CA GLY D 1051 -15.96 30.21 47.11
C GLY D 1051 -15.42 31.52 46.54
N ARG D 1052 -14.51 32.14 47.29
CA ARG D 1052 -13.93 33.42 46.91
C ARG D 1052 -12.48 33.24 46.51
N VAL D 1053 -12.08 33.91 45.42
CA VAL D 1053 -10.73 33.81 44.89
C VAL D 1053 -9.80 34.72 45.70
N ARG D 1054 -8.56 34.27 45.91
CA ARG D 1054 -7.53 35.00 46.65
C ARG D 1054 -6.27 34.92 45.79
N LEU D 1055 -6.11 35.90 44.90
CA LEU D 1055 -4.99 35.92 43.97
C LEU D 1055 -3.79 36.56 44.64
N GLU D 1056 -2.76 35.77 44.94
CA GLU D 1056 -1.54 36.31 45.53
C GLU D 1056 -0.42 36.25 44.50
N ASP D 1057 -0.59 36.95 43.39
CA ASP D 1057 0.33 36.84 42.26
C ASP D 1057 1.58 37.68 42.48
N GLY D 1058 2.69 37.20 41.94
CA GLY D 1058 3.93 37.95 41.93
C GLY D 1058 4.66 37.78 40.61
N GLU D 1059 5.99 37.82 40.64
CA GLU D 1059 6.79 37.56 39.45
C GLU D 1059 7.71 36.36 39.59
N ARG D 1060 8.14 36.04 40.81
CA ARG D 1060 8.95 34.84 41.02
C ARG D 1060 8.13 33.57 40.81
N PHE D 1061 6.84 33.62 41.11
CA PHE D 1061 5.96 32.46 41.04
C PHE D 1061 4.53 32.96 41.13
N TYR D 1062 3.59 32.02 41.16
CA TYR D 1062 2.17 32.34 41.26
C TYR D 1062 1.53 31.45 42.32
N LYS D 1063 0.77 32.07 43.23
CA LYS D 1063 0.02 31.33 44.23
C LYS D 1063 -1.38 31.92 44.34
N ILE D 1064 -2.37 31.04 44.49
CA ILE D 1064 -3.77 31.41 44.52
C ILE D 1064 -4.47 30.54 45.54
N THR D 1065 -5.17 31.16 46.47
CA THR D 1065 -5.95 30.47 47.49
C THR D 1065 -7.43 30.67 47.21
N ILE D 1066 -8.27 29.85 47.83
CA ILE D 1066 -9.72 29.99 47.69
C ILE D 1066 -10.34 29.87 49.07
N VAL D 1067 -11.05 30.90 49.49
CA VAL D 1067 -11.81 30.86 50.75
C VAL D 1067 -13.10 30.11 50.48
N PRO D 1068 -13.35 28.99 51.17
CA PRO D 1068 -14.57 28.21 50.89
C PRO D 1068 -15.81 29.01 51.22
N ASP D 1069 -16.81 28.91 50.33
CA ASP D 1069 -18.05 29.66 50.50
C ASP D 1069 -18.87 29.16 51.69
N ASP D 1070 -18.57 27.96 52.20
CA ASP D 1070 -19.32 27.41 53.33
C ASP D 1070 -18.37 26.56 54.15
N GLY D 1071 -17.98 27.07 55.32
CA GLY D 1071 -17.10 26.30 56.19
C GLY D 1071 -15.73 26.10 55.57
N GLY D 1072 -15.16 24.92 55.82
CA GLY D 1072 -13.88 24.55 55.26
C GLY D 1072 -12.74 25.46 55.71
N GLU D 1073 -11.59 25.24 55.06
CA GLU D 1073 -10.40 26.04 55.29
C GLU D 1073 -9.76 26.38 53.95
N GLU D 1074 -8.82 27.32 53.99
CA GLU D 1074 -8.18 27.80 52.78
C GLU D 1074 -7.37 26.70 52.12
N VAL D 1075 -7.47 26.62 50.79
CA VAL D 1075 -6.75 25.64 49.99
C VAL D 1075 -5.71 26.37 49.16
N VAL D 1076 -4.44 26.07 49.39
CA VAL D 1076 -3.33 26.79 48.78
C VAL D 1076 -2.82 26.00 47.58
N TYR D 1077 -2.53 26.71 46.49
CA TYR D 1077 -1.95 26.13 45.29
C TYR D 1077 -0.61 26.81 44.99
N ASP D 1078 0.14 26.20 44.09
CA ASP D 1078 1.44 26.73 43.64
C ASP D 1078 1.57 26.47 42.15
N LYS D 1079 1.59 27.54 41.36
CA LYS D 1079 1.63 27.43 39.91
C LYS D 1079 2.72 28.33 39.34
N ILE D 1080 3.23 27.96 38.17
CA ILE D 1080 4.28 28.72 37.50
C ILE D 1080 3.66 29.90 36.78
N SER D 1081 4.38 31.03 36.75
CA SER D 1081 3.90 32.26 36.13
C SER D 1081 3.83 32.18 34.61
N LYS D 1082 4.24 31.08 33.99
CA LYS D 1082 4.24 30.97 32.54
C LYS D 1082 2.84 30.74 31.96
N ARG D 1083 1.85 30.39 32.79
CA ARG D 1083 0.50 30.22 32.32
C ARG D 1083 -0.29 31.51 32.47
N GLN D 1084 -1.54 31.50 32.00
CA GLN D 1084 -2.43 32.64 32.11
C GLN D 1084 -3.82 32.14 32.48
N ARG D 1085 -4.55 32.98 33.22
CA ARG D 1085 -5.85 32.59 33.74
C ARG D 1085 -6.91 32.61 32.64
N LEU D 1086 -7.79 31.62 32.66
CA LEU D 1086 -8.89 31.57 31.70
C LEU D 1086 -9.96 32.60 32.06
N ARG D 1087 -10.47 33.28 31.04
CA ARG D 1087 -11.55 34.24 31.22
C ARG D 1087 -12.81 33.48 31.62
N VAL D 1088 -13.07 33.39 32.91
CA VAL D 1088 -14.16 32.58 33.46
C VAL D 1088 -15.44 33.40 33.45
N PHE D 1089 -16.53 32.76 33.02
CA PHE D 1089 -17.85 33.37 33.07
C PHE D 1089 -18.23 33.68 34.51
N LYS D 1090 -17.80 34.83 35.01
CA LYS D 1090 -18.09 35.22 36.38
C LYS D 1090 -19.59 35.42 36.59
N HIS D 1091 -19.99 35.49 37.86
CA HIS D 1091 -21.40 35.72 38.20
C HIS D 1091 -21.90 37.05 37.67
N GLU D 1092 -20.98 37.97 37.34
CA GLU D 1092 -21.34 39.24 36.70
C GLU D 1092 -21.96 39.07 35.30
N ASP D 1093 -22.15 37.85 34.80
CA ASP D 1093 -22.62 37.55 33.45
C ASP D 1093 -21.65 38.01 32.36
N GLY D 1094 -20.45 38.44 32.72
CA GLY D 1094 -19.42 38.79 31.74
C GLY D 1094 -18.43 37.67 31.53
N SER D 1095 -18.49 37.04 30.36
CA SER D 1095 -17.65 35.87 30.10
C SER D 1095 -16.17 36.21 30.04
N GLU D 1096 -15.82 37.46 29.73
CA GLU D 1096 -14.42 37.87 29.62
C GLU D 1096 -13.86 38.41 30.93
N ARG D 1097 -14.28 37.84 32.06
CA ARG D 1097 -13.81 38.27 33.37
C ARG D 1097 -12.54 37.50 33.70
N VAL D 1098 -11.38 38.13 33.49
CA VAL D 1098 -10.11 37.52 33.84
C VAL D 1098 -10.07 37.30 35.36
N LEU D 1099 -9.70 36.09 35.77
CA LEU D 1099 -9.79 35.69 37.17
C LEU D 1099 -8.88 36.53 38.06
N SER D 1100 -9.45 37.58 38.66
CA SER D 1100 -8.79 38.35 39.70
C SER D 1100 -9.39 38.00 41.06
N ASP D 1101 -8.72 38.45 42.11
CA ASP D 1101 -9.22 38.19 43.46
C ASP D 1101 -10.56 38.87 43.68
N GLY D 1102 -11.49 38.13 44.29
CA GLY D 1102 -12.83 38.61 44.51
C GLY D 1102 -13.88 37.97 43.63
N ASP D 1103 -13.48 37.23 42.60
CA ASP D 1103 -14.44 36.57 41.73
C ASP D 1103 -15.08 35.39 42.45
N HIS D 1104 -16.30 35.05 42.03
CA HIS D 1104 -17.07 33.96 42.61
C HIS D 1104 -17.06 32.80 41.63
N VAL D 1105 -16.06 31.93 41.77
CA VAL D 1105 -15.92 30.75 40.93
C VAL D 1105 -16.69 29.59 41.56
N GLU D 1106 -17.18 28.69 40.71
CA GLU D 1106 -17.92 27.53 41.17
C GLU D 1106 -16.99 26.34 41.35
N VAL D 1107 -17.56 25.26 41.91
CA VAL D 1107 -16.78 24.06 42.14
C VAL D 1107 -16.46 23.39 40.80
N GLY D 1108 -15.21 22.94 40.65
CA GLY D 1108 -14.80 22.34 39.41
C GLY D 1108 -14.67 23.31 38.25
N GLN D 1109 -14.27 24.54 38.53
CA GLN D 1109 -14.12 25.57 37.50
C GLN D 1109 -12.66 25.65 37.06
N GLN D 1110 -12.44 25.72 35.76
CA GLN D 1110 -11.09 25.82 35.22
C GLN D 1110 -10.48 27.16 35.62
N LEU D 1111 -9.28 27.11 36.18
CA LEU D 1111 -8.60 28.32 36.65
C LEU D 1111 -7.79 28.96 35.51
N MET D 1112 -6.64 28.38 35.20
CA MET D 1112 -5.79 28.87 34.13
C MET D 1112 -6.05 28.09 32.85
N GLU D 1113 -5.59 28.66 31.73
CA GLU D 1113 -5.81 28.05 30.43
C GLU D 1113 -4.99 26.76 30.31
N GLY D 1114 -5.38 25.94 29.33
CA GLY D 1114 -4.72 24.68 29.09
C GLY D 1114 -5.67 23.50 29.07
N SER D 1115 -5.25 22.39 29.67
CA SER D 1115 -6.06 21.17 29.71
C SER D 1115 -6.07 20.64 31.14
N ALA D 1116 -7.23 20.68 31.78
CA ALA D 1116 -7.34 20.20 33.14
C ALA D 1116 -7.16 18.68 33.19
N ASP D 1117 -6.53 18.22 34.26
CA ASP D 1117 -6.28 16.79 34.46
C ASP D 1117 -7.60 16.06 34.67
N PRO D 1118 -8.03 15.18 33.76
CA PRO D 1118 -9.30 14.48 33.96
C PRO D 1118 -9.31 13.62 35.21
N HIS D 1119 -8.15 13.05 35.58
CA HIS D 1119 -8.05 12.31 36.83
C HIS D 1119 -8.50 13.16 38.01
N GLU D 1120 -8.16 14.45 37.98
CA GLU D 1120 -8.58 15.34 39.06
C GLU D 1120 -10.00 15.86 38.88
N VAL D 1121 -10.48 15.96 37.63
CA VAL D 1121 -11.87 16.35 37.41
C VAL D 1121 -12.80 15.31 38.00
N LEU D 1122 -12.44 14.02 37.88
CA LEU D 1122 -13.27 12.95 38.43
C LEU D 1122 -13.42 13.09 39.94
N ARG D 1123 -12.31 13.29 40.65
CA ARG D 1123 -12.34 13.42 42.11
C ARG D 1123 -12.77 14.82 42.57
N VAL D 1124 -13.48 15.57 41.73
CA VAL D 1124 -13.98 16.89 42.11
C VAL D 1124 -15.45 16.99 41.77
N GLN D 1125 -15.80 16.75 40.50
CA GLN D 1125 -17.18 16.95 40.08
C GLN D 1125 -17.98 15.66 39.92
N GLY D 1126 -17.32 14.51 39.77
CA GLY D 1126 -18.01 13.26 39.65
C GLY D 1126 -17.84 12.61 38.29
N PRO D 1127 -18.23 11.34 38.17
CA PRO D 1127 -18.05 10.63 36.89
C PRO D 1127 -18.85 11.25 35.74
N ARG D 1128 -20.08 11.67 36.01
CA ARG D 1128 -20.92 12.25 34.96
C ARG D 1128 -20.23 13.45 34.31
N GLU D 1129 -19.74 14.37 35.14
CA GLU D 1129 -19.17 15.61 34.62
C GLU D 1129 -17.84 15.36 33.91
N VAL D 1130 -17.02 14.44 34.43
CA VAL D 1130 -15.77 14.15 33.74
C VAL D 1130 -16.03 13.44 32.41
N GLN D 1131 -17.11 12.65 32.33
CA GLN D 1131 -17.51 12.07 31.05
C GLN D 1131 -17.88 13.16 30.06
N ILE D 1132 -18.70 14.13 30.50
CA ILE D 1132 -19.07 15.24 29.61
C ILE D 1132 -17.81 16.00 29.17
N HIS D 1133 -16.88 16.23 30.10
CA HIS D 1133 -15.64 16.94 29.79
C HIS D 1133 -14.86 16.22 28.71
N LEU D 1134 -14.61 14.91 28.90
CA LEU D 1134 -13.87 14.16 27.88
C LEU D 1134 -14.59 14.20 26.54
N VAL D 1135 -15.91 14.02 26.54
CA VAL D 1135 -16.67 14.01 25.31
C VAL D 1135 -16.44 15.30 24.53
N ARG D 1136 -16.76 16.44 25.13
CA ARG D 1136 -16.65 17.66 24.35
C ARG D 1136 -15.21 18.12 24.16
N GLU D 1137 -14.26 17.64 24.98
CA GLU D 1137 -12.86 17.98 24.73
C GLU D 1137 -12.34 17.25 23.48
N VAL D 1138 -12.74 16.00 23.28
CA VAL D 1138 -12.41 15.31 22.04
C VAL D 1138 -13.17 15.94 20.87
N GLN D 1139 -14.41 16.34 21.12
CA GLN D 1139 -15.22 16.94 20.05
C GLN D 1139 -14.65 18.28 19.60
N GLU D 1140 -13.99 19.02 20.50
CA GLU D 1140 -13.35 20.26 20.08
C GLU D 1140 -12.21 19.98 19.11
N VAL D 1141 -11.39 18.96 19.40
CA VAL D 1141 -10.28 18.61 18.50
C VAL D 1141 -10.81 18.20 17.14
N TYR D 1142 -11.88 17.39 17.12
CA TYR D 1142 -12.39 16.98 15.81
C TYR D 1142 -13.19 18.08 15.09
N ARG D 1143 -13.73 19.05 15.84
CA ARG D 1143 -14.45 20.15 15.23
C ARG D 1143 -13.51 21.19 14.64
N ALA D 1144 -12.37 21.42 15.30
CA ALA D 1144 -11.37 22.35 14.79
C ALA D 1144 -10.65 21.85 13.53
N GLN D 1145 -11.13 20.77 12.89
CA GLN D 1145 -10.52 20.27 11.68
C GLN D 1145 -11.53 20.03 10.55
N GLY D 1146 -12.80 20.35 10.77
CA GLY D 1146 -13.82 20.14 9.75
C GLY D 1146 -14.47 18.78 9.75
N VAL D 1147 -14.36 18.03 10.84
CA VAL D 1147 -14.93 16.70 10.95
C VAL D 1147 -16.07 16.72 11.96
N SER D 1148 -17.23 16.22 11.55
CA SER D 1148 -18.43 16.20 12.38
C SER D 1148 -18.68 14.76 12.82
N ILE D 1149 -18.34 14.46 14.07
CA ILE D 1149 -18.65 13.18 14.70
C ILE D 1149 -19.68 13.42 15.79
N HIS D 1150 -20.76 12.64 15.77
CA HIS D 1150 -21.79 12.77 16.79
C HIS D 1150 -21.23 12.36 18.15
N ASP D 1151 -21.62 13.08 19.20
CA ASP D 1151 -21.11 12.81 20.53
C ASP D 1151 -21.47 11.42 21.03
N LYS D 1152 -22.45 10.79 20.39
CA LYS D 1152 -22.85 9.42 20.76
C LYS D 1152 -21.66 8.48 20.73
N HIS D 1153 -20.89 8.52 19.66
CA HIS D 1153 -19.78 7.58 19.48
C HIS D 1153 -18.68 7.82 20.51
N ILE D 1154 -18.43 9.08 20.85
CA ILE D 1154 -17.43 9.39 21.88
C ILE D 1154 -17.91 8.90 23.24
N GLU D 1155 -19.21 9.10 23.53
CA GLU D 1155 -19.78 8.64 24.79
C GLU D 1155 -19.69 7.13 24.91
N VAL D 1156 -19.80 6.40 23.79
CA VAL D 1156 -19.67 4.94 23.85
C VAL D 1156 -18.31 4.53 24.43
N ILE D 1157 -17.25 5.28 24.09
CA ILE D 1157 -15.92 4.96 24.60
C ILE D 1157 -15.77 5.42 26.04
N VAL D 1158 -16.24 6.64 26.33
CA VAL D 1158 -16.10 7.16 27.69
C VAL D 1158 -16.88 6.29 28.68
N ARG D 1159 -17.94 5.62 28.22
CA ARG D 1159 -18.66 4.68 29.08
C ARG D 1159 -17.77 3.51 29.48
N GLN D 1160 -16.96 3.02 28.54
CA GLN D 1160 -16.03 1.94 28.86
C GLN D 1160 -14.84 2.40 29.68
N MET D 1161 -14.52 3.69 29.65
CA MET D 1161 -13.40 4.14 30.48
C MET D 1161 -13.73 4.15 31.98
N LEU D 1162 -15.01 4.31 32.34
CA LEU D 1162 -15.40 4.45 33.74
C LEU D 1162 -16.23 3.26 34.25
N ARG D 1163 -16.02 2.07 33.70
CA ARG D 1163 -16.78 0.92 34.15
C ARG D 1163 -16.19 0.27 35.40
N ARG D 1164 -14.96 0.62 35.78
CA ARG D 1164 -14.30 -0.02 36.91
C ARG D 1164 -14.08 0.99 38.03
N VAL D 1165 -14.07 0.46 39.26
CA VAL D 1165 -13.76 1.23 40.46
C VAL D 1165 -12.71 0.48 41.24
N THR D 1166 -11.97 1.21 42.07
CA THR D 1166 -10.95 0.61 42.92
C THR D 1166 -11.52 0.29 44.30
N ILE D 1167 -10.77 -0.51 45.05
CA ILE D 1167 -11.17 -0.95 46.39
C ILE D 1167 -10.33 -0.19 47.41
N ILE D 1168 -11.00 0.51 48.32
CA ILE D 1168 -10.31 1.20 49.40
C ILE D 1168 -10.23 0.32 50.64
N ASP D 1169 -11.36 -0.24 51.07
CA ASP D 1169 -11.42 -1.14 52.20
C ASP D 1169 -12.08 -2.44 51.77
N SER D 1170 -11.48 -3.58 52.13
CA SER D 1170 -12.00 -4.86 51.69
C SER D 1170 -13.25 -5.24 52.48
N GLY D 1171 -13.32 -4.87 53.74
CA GLY D 1171 -14.52 -5.18 54.51
C GLY D 1171 -14.54 -6.65 54.81
N SER D 1172 -15.61 -7.33 54.37
CA SER D 1172 -15.76 -8.76 54.54
C SER D 1172 -15.68 -9.51 53.23
N THR D 1173 -15.38 -8.82 52.13
CA THR D 1173 -15.30 -9.43 50.82
C THR D 1173 -13.89 -9.94 50.56
N GLU D 1174 -13.76 -10.72 49.49
CA GLU D 1174 -12.48 -11.23 49.04
C GLU D 1174 -11.80 -10.28 48.06
N PHE D 1175 -12.36 -9.10 47.83
CA PHE D 1175 -11.77 -8.14 46.91
C PHE D 1175 -10.47 -7.60 47.49
N LEU D 1176 -9.39 -7.78 46.75
CA LEU D 1176 -8.09 -7.26 47.20
C LEU D 1176 -8.11 -5.73 47.15
N PRO D 1177 -7.78 -5.05 48.25
CA PRO D 1177 -7.81 -3.59 48.23
C PRO D 1177 -6.76 -3.03 47.27
N GLY D 1178 -7.17 -2.00 46.51
CA GLY D 1178 -6.33 -1.42 45.49
C GLY D 1178 -6.56 -1.97 44.09
N SER D 1179 -7.24 -3.10 43.97
CA SER D 1179 -7.50 -3.70 42.67
C SER D 1179 -8.65 -2.97 41.96
N LEU D 1180 -8.58 -2.96 40.63
CA LEU D 1180 -9.59 -2.31 39.80
C LEU D 1180 -10.60 -3.37 39.36
N ILE D 1181 -11.83 -3.27 39.89
CA ILE D 1181 -12.86 -4.26 39.63
C ILE D 1181 -14.05 -3.58 38.98
N ASP D 1182 -14.72 -4.30 38.09
CA ASP D 1182 -15.87 -3.76 37.38
C ASP D 1182 -16.96 -3.35 38.36
N ARG D 1183 -17.61 -2.21 38.07
CA ARG D 1183 -18.61 -1.65 38.96
C ARG D 1183 -19.88 -2.49 39.04
N ALA D 1184 -19.99 -3.56 38.26
CA ALA D 1184 -21.12 -4.48 38.39
C ALA D 1184 -20.82 -5.58 39.40
N GLU D 1185 -19.66 -6.23 39.29
CA GLU D 1185 -19.29 -7.27 40.24
C GLU D 1185 -19.11 -6.70 41.64
N PHE D 1186 -18.58 -5.47 41.73
CA PHE D 1186 -18.41 -4.82 43.03
C PHE D 1186 -19.73 -4.68 43.76
N GLU D 1187 -20.73 -4.09 43.09
CA GLU D 1187 -22.03 -3.94 43.72
C GLU D 1187 -22.74 -5.27 43.91
N ALA D 1188 -22.51 -6.25 43.03
CA ALA D 1188 -23.12 -7.56 43.21
C ALA D 1188 -22.56 -8.29 44.41
N GLU D 1189 -21.28 -8.07 44.73
CA GLU D 1189 -20.70 -8.68 45.92
C GLU D 1189 -21.11 -7.94 47.18
N ASN D 1190 -21.11 -6.61 47.14
CA ASN D 1190 -21.60 -5.85 48.29
C ASN D 1190 -23.07 -6.14 48.57
N ARG D 1191 -23.85 -6.44 47.53
CA ARG D 1191 -25.27 -6.76 47.73
C ARG D 1191 -25.44 -8.02 48.57
N ARG D 1192 -24.56 -9.00 48.39
CA ARG D 1192 -24.64 -10.22 49.18
C ARG D 1192 -24.03 -10.02 50.57
N VAL D 1193 -22.96 -9.24 50.66
CA VAL D 1193 -22.31 -9.07 51.96
C VAL D 1193 -23.16 -8.20 52.88
N VAL D 1194 -23.91 -7.24 52.33
CA VAL D 1194 -24.79 -6.42 53.16
C VAL D 1194 -25.89 -7.28 53.79
N ALA D 1195 -26.43 -8.22 53.02
CA ALA D 1195 -27.45 -9.12 53.54
C ALA D 1195 -26.88 -10.31 54.30
N GLU D 1196 -25.56 -10.51 54.27
CA GLU D 1196 -24.94 -11.61 54.99
C GLU D 1196 -24.55 -11.24 56.41
N GLY D 1197 -24.34 -9.95 56.70
CA GLY D 1197 -23.95 -9.48 58.02
C GLY D 1197 -22.58 -8.83 58.05
N GLY D 1198 -21.69 -9.24 57.16
CA GLY D 1198 -20.36 -8.68 57.09
C GLY D 1198 -20.36 -7.26 56.55
N GLU D 1199 -19.18 -6.65 56.56
CA GLU D 1199 -19.04 -5.27 56.09
C GLU D 1199 -18.84 -5.25 54.57
N PRO D 1200 -19.61 -4.45 53.84
CA PRO D 1200 -19.39 -4.34 52.40
C PRO D 1200 -18.10 -3.59 52.10
N ALA D 1201 -17.51 -3.92 50.95
CA ALA D 1201 -16.26 -3.30 50.56
C ALA D 1201 -16.48 -1.85 50.12
N ALA D 1202 -15.48 -1.01 50.39
CA ALA D 1202 -15.54 0.38 49.98
C ALA D 1202 -15.28 0.52 48.48
N GLY D 1203 -15.67 1.66 47.93
CA GLY D 1203 -15.53 1.90 46.51
C GLY D 1203 -15.05 3.30 46.23
N ARG D 1204 -14.55 3.48 45.01
CA ARG D 1204 -14.06 4.76 44.52
C ARG D 1204 -13.93 4.72 43.01
N PRO D 1205 -14.60 5.60 42.28
CA PRO D 1205 -14.52 5.58 40.82
C PRO D 1205 -13.11 5.89 40.33
N VAL D 1206 -12.70 5.21 39.27
CA VAL D 1206 -11.34 5.29 38.73
C VAL D 1206 -11.42 5.46 37.23
N LEU D 1207 -10.68 6.44 36.70
CA LEU D 1207 -10.57 6.66 35.27
C LEU D 1207 -9.39 5.86 34.73
N MET D 1208 -9.65 5.05 33.70
CA MET D 1208 -8.63 4.20 33.10
C MET D 1208 -8.46 4.56 31.62
N GLY D 1209 -7.23 4.44 31.15
CA GLY D 1209 -6.99 4.56 29.73
C GLY D 1209 -7.55 3.38 28.95
N ILE D 1210 -7.73 3.59 27.65
CA ILE D 1210 -8.32 2.53 26.81
C ILE D 1210 -7.41 1.31 26.78
N THR D 1211 -6.09 1.52 26.79
CA THR D 1211 -5.16 0.40 26.78
C THR D 1211 -5.26 -0.40 28.07
N LYS D 1212 -5.23 0.30 29.21
CA LYS D 1212 -5.29 -0.38 30.50
C LYS D 1212 -6.63 -1.09 30.68
N ALA D 1213 -7.73 -0.46 30.26
CA ALA D 1213 -9.04 -1.10 30.36
C ALA D 1213 -9.15 -2.29 29.42
N SER D 1214 -8.51 -2.21 28.24
CA SER D 1214 -8.54 -3.33 27.32
C SER D 1214 -7.77 -4.52 27.87
N LEU D 1215 -6.57 -4.27 28.41
CA LEU D 1215 -5.79 -5.35 28.99
C LEU D 1215 -6.43 -5.91 30.26
N ALA D 1216 -7.27 -5.13 30.93
CA ALA D 1216 -7.94 -5.57 32.15
C ALA D 1216 -9.22 -6.34 31.87
N THR D 1217 -9.51 -6.67 30.62
CA THR D 1217 -10.71 -7.42 30.29
C THR D 1217 -10.63 -8.83 30.87
N ASP D 1218 -11.81 -9.42 31.08
CA ASP D 1218 -11.89 -10.73 31.72
C ASP D 1218 -11.48 -11.88 30.81
N SER D 1219 -11.34 -11.64 29.51
CA SER D 1219 -10.94 -12.67 28.56
C SER D 1219 -9.44 -12.58 28.33
N TRP D 1220 -8.71 -13.60 28.77
CA TRP D 1220 -7.27 -13.63 28.53
C TRP D 1220 -6.96 -13.91 27.06
N LEU D 1221 -7.85 -14.62 26.35
CA LEU D 1221 -7.65 -14.85 24.93
C LEU D 1221 -7.83 -13.56 24.12
N SER D 1222 -8.78 -12.72 24.52
CA SER D 1222 -8.96 -11.43 23.87
C SER D 1222 -7.85 -10.44 24.20
N ALA D 1223 -7.20 -10.60 25.35
CA ALA D 1223 -6.12 -9.71 25.76
C ALA D 1223 -4.77 -10.12 25.17
N ALA D 1224 -4.50 -11.43 25.11
CA ALA D 1224 -3.23 -11.90 24.57
C ALA D 1224 -3.08 -11.57 23.08
N SER D 1225 -4.18 -11.40 22.37
CA SER D 1225 -4.16 -11.04 20.96
C SER D 1225 -4.15 -9.53 20.73
N PHE D 1226 -4.10 -8.73 21.79
CA PHE D 1226 -4.09 -7.28 21.65
C PHE D 1226 -2.68 -6.73 21.82
N GLN D 1227 -2.19 -6.70 23.05
CA GLN D 1227 -0.85 -6.21 23.34
C GLN D 1227 -0.25 -7.02 24.48
N GLU D 1228 1.09 -7.07 24.50
CA GLU D 1228 1.84 -7.70 25.59
C GLU D 1228 1.41 -9.16 25.78
N THR D 1229 1.72 -9.96 24.77
CA THR D 1229 1.25 -11.34 24.73
C THR D 1229 1.83 -12.16 25.89
N THR D 1230 3.15 -12.09 26.08
CA THR D 1230 3.78 -12.86 27.14
C THR D 1230 3.35 -12.36 28.52
N ARG D 1231 3.26 -11.05 28.69
CA ARG D 1231 2.86 -10.49 29.98
C ARG D 1231 1.45 -10.91 30.36
N VAL D 1232 0.58 -11.14 29.37
CA VAL D 1232 -0.77 -11.58 29.65
C VAL D 1232 -0.80 -13.08 29.89
N LEU D 1233 -0.06 -13.86 29.09
CA LEU D 1233 -0.10 -15.31 29.23
C LEU D 1233 0.51 -15.76 30.55
N THR D 1234 1.57 -15.08 31.01
CA THR D 1234 2.17 -15.43 32.30
C THR D 1234 1.15 -15.27 33.43
N ASP D 1235 0.50 -14.12 33.51
CA ASP D 1235 -0.48 -13.88 34.57
C ASP D 1235 -1.71 -14.74 34.39
N ALA D 1236 -2.02 -15.16 33.16
CA ALA D 1236 -3.14 -16.05 32.95
C ALA D 1236 -2.83 -17.45 33.45
N ALA D 1237 -1.60 -17.92 33.26
CA ALA D 1237 -1.23 -19.23 33.77
C ALA D 1237 -1.02 -19.23 35.28
N ILE D 1238 -0.56 -18.10 35.85
CA ILE D 1238 -0.35 -18.04 37.29
C ILE D 1238 -1.68 -17.99 38.03
N ASN D 1239 -2.56 -17.06 37.64
CA ASN D 1239 -3.88 -16.97 38.25
C ASN D 1239 -4.81 -18.09 37.82
N CYS D 1240 -4.38 -18.93 36.85
CA CYS D 1240 -5.18 -20.06 36.37
C CYS D 1240 -6.56 -19.61 35.90
N ARG D 1241 -6.57 -18.56 35.09
CA ARG D 1241 -7.82 -17.98 34.62
C ARG D 1241 -8.47 -18.86 33.56
N SER D 1242 -9.79 -19.00 33.65
CA SER D 1242 -10.58 -19.69 32.64
C SER D 1242 -11.37 -18.64 31.87
N ASP D 1243 -11.33 -18.72 30.54
CA ASP D 1243 -11.97 -17.75 29.66
C ASP D 1243 -13.32 -18.30 29.22
N LYS D 1244 -14.39 -17.60 29.57
CA LYS D 1244 -15.72 -17.91 29.06
C LYS D 1244 -15.80 -17.39 27.63
N LEU D 1245 -15.74 -18.30 26.66
CA LEU D 1245 -15.71 -17.91 25.24
C LEU D 1245 -17.01 -17.24 24.82
N ASN D 1246 -17.24 -16.01 25.31
CA ASN D 1246 -18.44 -15.22 24.99
C ASN D 1246 -17.98 -13.80 24.70
N GLY D 1247 -17.54 -13.57 23.47
CA GLY D 1247 -17.08 -12.26 23.06
C GLY D 1247 -16.77 -12.27 21.58
N LEU D 1248 -16.75 -11.07 21.00
CA LEU D 1248 -16.54 -10.96 19.56
C LEU D 1248 -15.19 -11.52 19.15
N LYS D 1249 -14.11 -11.07 19.82
CA LYS D 1249 -12.78 -11.49 19.44
C LYS D 1249 -12.59 -12.99 19.66
N GLU D 1250 -13.07 -13.50 20.80
CA GLU D 1250 -12.91 -14.92 21.11
C GLU D 1250 -13.63 -15.79 20.10
N ASN D 1251 -14.90 -15.47 19.81
CA ASN D 1251 -15.65 -16.25 18.83
C ASN D 1251 -15.05 -16.13 17.43
N VAL D 1252 -14.46 -14.98 17.11
CA VAL D 1252 -13.73 -14.85 15.85
C VAL D 1252 -12.56 -15.83 15.81
N ILE D 1253 -11.83 -15.92 16.92
CA ILE D 1253 -10.67 -16.81 16.96
C ILE D 1253 -11.10 -18.28 16.85
N ILE D 1254 -12.07 -18.69 17.65
CA ILE D 1254 -12.44 -20.10 17.70
C ILE D 1254 -13.39 -20.52 16.59
N GLY D 1255 -13.96 -19.57 15.85
CA GLY D 1255 -14.81 -19.91 14.73
C GLY D 1255 -16.30 -19.96 15.03
N LYS D 1256 -16.73 -19.45 16.18
CA LYS D 1256 -18.14 -19.38 16.50
C LYS D 1256 -18.77 -18.10 15.95
N LEU D 1257 -20.10 -18.09 15.89
CA LEU D 1257 -20.81 -16.88 15.51
C LEU D 1257 -20.60 -15.81 16.58
N ILE D 1258 -20.29 -14.60 16.13
CA ILE D 1258 -20.07 -13.50 17.08
C ILE D 1258 -21.39 -13.15 17.76
N PRO D 1259 -21.40 -12.92 19.07
CA PRO D 1259 -22.66 -12.55 19.75
C PRO D 1259 -23.08 -11.12 19.44
N ALA D 1260 -23.28 -10.82 18.16
CA ALA D 1260 -23.70 -9.50 17.72
C ALA D 1260 -24.36 -9.62 16.36
N GLY D 1261 -25.27 -8.69 16.08
CA GLY D 1261 -25.95 -8.71 14.79
C GLY D 1261 -26.81 -9.95 14.66
N THR D 1262 -26.68 -10.62 13.52
CA THR D 1262 -27.44 -11.84 13.25
C THR D 1262 -26.92 -13.04 14.02
N GLY D 1263 -26.01 -12.85 14.98
CA GLY D 1263 -25.47 -13.96 15.73
C GLY D 1263 -26.07 -14.11 17.11
N ILE D 1264 -26.77 -13.09 17.58
CA ILE D 1264 -27.40 -13.16 18.89
C ILE D 1264 -28.51 -14.20 18.89
N ASN D 1265 -28.80 -14.74 20.07
CA ASN D 1265 -29.77 -15.83 20.18
C ASN D 1265 -31.19 -15.40 19.83
N ARG D 1266 -31.47 -14.08 19.88
CA ARG D 1266 -32.81 -13.61 19.52
C ARG D 1266 -33.11 -13.84 18.05
N TYR D 1267 -32.15 -13.55 17.17
CA TYR D 1267 -32.34 -13.72 15.74
C TYR D 1267 -31.86 -15.06 15.23
N ARG D 1268 -30.91 -15.69 15.91
CA ARG D 1268 -30.30 -16.91 15.40
C ARG D 1268 -31.28 -18.07 15.43
N ASN D 1269 -31.79 -18.41 16.61
CA ASN D 1269 -32.73 -19.53 16.77
C ASN D 1269 -34.13 -19.02 16.45
N ILE D 1270 -34.51 -19.13 15.18
CA ILE D 1270 -35.83 -18.70 14.71
C ILE D 1270 -36.37 -19.76 13.76
N ALA D 1271 -37.63 -20.13 13.95
CA ALA D 1271 -38.29 -21.13 13.13
C ALA D 1271 -39.26 -20.43 12.18
N VAL D 1272 -39.10 -20.66 10.89
CA VAL D 1272 -39.98 -20.12 9.86
C VAL D 1272 -40.88 -21.24 9.36
N GLN D 1273 -42.19 -20.98 9.35
CA GLN D 1273 -43.16 -21.94 8.87
C GLN D 1273 -44.18 -21.22 7.98
N PRO D 1274 -44.57 -21.84 6.87
CA PRO D 1274 -45.57 -21.20 6.00
C PRO D 1274 -46.95 -21.21 6.66
N THR D 1275 -47.72 -20.17 6.36
CA THR D 1275 -49.12 -20.14 6.75
C THR D 1275 -49.85 -21.30 6.06
N GLU D 1276 -50.94 -21.76 6.68
CA GLU D 1276 -51.58 -23.00 6.25
C GLU D 1276 -52.07 -22.93 4.80
N GLU D 1277 -52.27 -21.72 4.26
CA GLU D 1277 -52.67 -21.59 2.86
C GLU D 1277 -51.60 -22.17 1.95
N ALA D 1278 -52.02 -23.04 1.03
CA ALA D 1278 -51.10 -23.68 0.10
C ALA D 1278 -51.80 -23.89 -1.22
N ARG D 1279 -51.01 -24.12 -2.27
CA ARG D 1279 -51.54 -24.34 -3.60
C ARG D 1279 -52.08 -25.77 -3.72
N ALA D 1280 -52.82 -26.01 -4.80
CA ALA D 1280 -53.44 -27.32 -5.01
C ALA D 1280 -52.39 -28.41 -5.21
N ALA D 1281 -51.34 -28.12 -5.97
CA ALA D 1281 -50.27 -29.09 -6.21
C ALA D 1281 -48.99 -28.69 -5.50
N GLY E 28 -45.33 4.27 -5.26
CA GLY E 28 -44.78 5.62 -5.27
C GLY E 28 -43.29 5.65 -5.56
N TYR E 29 -42.85 4.75 -6.44
CA TYR E 29 -41.44 4.65 -6.79
C TYR E 29 -41.32 3.90 -8.11
N ASP E 30 -40.16 4.04 -8.74
CA ASP E 30 -39.89 3.33 -9.97
C ASP E 30 -39.79 1.83 -9.72
N THR E 31 -39.99 1.04 -10.77
CA THR E 31 -40.00 -0.41 -10.63
C THR E 31 -38.64 -0.90 -10.15
N PRO E 32 -38.58 -1.66 -9.06
CA PRO E 32 -37.28 -2.15 -8.56
C PRO E 32 -36.69 -3.16 -9.52
N LEU E 33 -35.44 -2.91 -9.92
CA LEU E 33 -34.75 -3.74 -10.90
C LEU E 33 -33.65 -4.54 -10.23
N GLY E 34 -33.54 -5.81 -10.61
CA GLY E 34 -32.44 -6.63 -10.14
C GLY E 34 -32.57 -6.97 -8.66
N ILE E 35 -31.47 -6.82 -7.94
CA ILE E 35 -31.40 -7.26 -6.55
C ILE E 35 -32.17 -6.35 -5.59
N THR E 36 -32.60 -5.18 -6.06
CA THR E 36 -33.38 -4.27 -5.23
C THR E 36 -34.84 -4.69 -5.10
N ASN E 37 -35.25 -5.77 -5.76
CA ASN E 37 -36.62 -6.27 -5.68
C ASN E 37 -36.65 -7.57 -4.90
N PRO E 38 -37.56 -7.71 -3.91
CA PRO E 38 -38.54 -6.72 -3.47
C PRO E 38 -37.91 -5.53 -2.75
N PRO E 39 -38.59 -4.38 -2.74
CA PRO E 39 -38.04 -3.21 -2.06
C PRO E 39 -37.70 -3.50 -0.60
N ILE E 40 -36.52 -3.04 -0.19
CA ILE E 40 -36.05 -3.31 1.17
C ILE E 40 -36.91 -2.60 2.21
N ASP E 41 -37.68 -1.60 1.81
CA ASP E 41 -38.50 -0.86 2.77
C ASP E 41 -39.70 -1.69 3.21
N GLU E 42 -40.40 -2.31 2.26
CA GLU E 42 -41.56 -3.13 2.60
C GLU E 42 -41.16 -4.39 3.34
N LEU E 43 -39.96 -4.93 3.07
CA LEU E 43 -39.52 -6.13 3.76
C LEU E 43 -39.23 -5.87 5.23
N LEU E 44 -38.91 -4.62 5.59
CA LEU E 44 -38.67 -4.26 6.97
C LEU E 44 -39.95 -4.01 7.76
N ASP E 45 -41.11 -4.25 7.16
CA ASP E 45 -42.39 -4.09 7.84
C ASP E 45 -42.88 -5.39 8.46
N ARG E 46 -42.78 -6.50 7.74
CA ARG E 46 -43.12 -7.81 8.29
C ARG E 46 -42.07 -8.31 9.27
N VAL E 47 -41.04 -7.52 9.58
CA VAL E 47 -39.94 -7.94 10.42
C VAL E 47 -39.59 -6.83 11.39
N SER E 48 -38.90 -7.19 12.47
CA SER E 48 -38.60 -6.21 13.50
C SER E 48 -37.32 -5.44 13.19
N SER E 49 -36.38 -6.05 12.47
CA SER E 49 -35.10 -5.42 12.20
C SER E 49 -34.47 -6.06 10.98
N LYS E 50 -33.42 -5.43 10.48
CA LYS E 50 -32.65 -5.96 9.36
C LYS E 50 -32.13 -7.36 9.67
N TYR E 51 -31.53 -7.51 10.86
CA TYR E 51 -30.89 -8.75 11.24
C TYR E 51 -31.87 -9.91 11.29
N ALA E 52 -33.12 -9.66 11.68
CA ALA E 52 -34.11 -10.72 11.74
C ALA E 52 -34.58 -11.11 10.35
N LEU E 53 -34.74 -10.13 9.46
CA LEU E 53 -35.09 -10.43 8.07
C LEU E 53 -34.03 -11.32 7.44
N VAL E 54 -32.75 -11.07 7.77
CA VAL E 54 -31.68 -11.93 7.26
C VAL E 54 -31.96 -13.39 7.58
N ILE E 55 -32.23 -13.69 8.85
CA ILE E 55 -32.42 -15.07 9.27
C ILE E 55 -33.69 -15.67 8.67
N TYR E 56 -34.78 -14.89 8.65
CA TYR E 56 -36.00 -15.34 8.02
C TYR E 56 -35.73 -15.82 6.60
N ALA E 57 -35.15 -14.94 5.78
CA ALA E 57 -34.90 -15.26 4.39
C ALA E 57 -33.95 -16.45 4.25
N ALA E 58 -32.90 -16.50 5.07
CA ALA E 58 -31.92 -17.59 4.92
C ALA E 58 -32.54 -18.94 5.23
N LYS E 59 -33.31 -19.03 6.32
CA LYS E 59 -33.89 -20.32 6.69
C LYS E 59 -34.95 -20.74 5.69
N ARG E 60 -35.78 -19.81 5.20
CA ARG E 60 -36.74 -20.20 4.18
C ARG E 60 -36.05 -20.62 2.90
N ALA E 61 -34.91 -19.99 2.57
CA ALA E 61 -34.16 -20.39 1.37
C ALA E 61 -33.60 -21.79 1.53
N ARG E 62 -33.10 -22.13 2.73
CA ARG E 62 -32.67 -23.51 2.96
C ARG E 62 -33.83 -24.48 2.81
N GLN E 63 -35.02 -24.11 3.27
CA GLN E 63 -36.20 -24.96 3.07
C GLN E 63 -36.46 -25.20 1.58
N ILE E 64 -36.42 -24.11 0.79
CA ILE E 64 -36.71 -24.24 -0.64
C ILE E 64 -35.66 -25.09 -1.33
N ASN E 65 -34.39 -24.91 -0.96
CA ASN E 65 -33.33 -25.70 -1.57
C ASN E 65 -33.48 -27.17 -1.22
N ASP E 66 -33.85 -27.47 0.03
CA ASP E 66 -34.08 -28.86 0.41
C ASP E 66 -35.28 -29.45 -0.33
N TYR E 67 -36.30 -28.63 -0.62
CA TYR E 67 -37.40 -29.11 -1.44
C TYR E 67 -36.92 -29.45 -2.84
N TYR E 68 -36.10 -28.59 -3.43
CA TYR E 68 -35.60 -28.87 -4.78
C TYR E 68 -34.65 -30.07 -4.80
N ASN E 69 -34.00 -30.37 -3.69
CA ASN E 69 -33.10 -31.52 -3.63
C ASN E 69 -33.75 -32.79 -3.09
N GLN E 70 -34.94 -32.69 -2.50
CA GLN E 70 -35.67 -33.86 -2.02
C GLN E 70 -37.01 -34.03 -2.72
N LEU E 71 -37.15 -33.47 -3.92
CA LEU E 71 -38.40 -33.61 -4.67
C LEU E 71 -38.49 -34.99 -5.32
N GLY E 72 -37.37 -35.54 -5.78
CA GLY E 72 -37.36 -36.83 -6.43
C GLY E 72 -37.21 -38.02 -5.52
N GLU E 73 -36.89 -37.80 -4.24
CA GLU E 73 -36.67 -38.89 -3.30
C GLU E 73 -37.17 -38.51 -1.92
N GLY E 74 -37.76 -39.47 -1.23
CA GLY E 74 -38.13 -39.31 0.16
C GLY E 74 -39.38 -38.48 0.38
N ILE E 75 -39.95 -38.65 1.57
CA ILE E 75 -41.11 -37.86 2.01
C ILE E 75 -40.64 -36.90 3.08
N LEU E 76 -41.59 -36.21 3.73
CA LEU E 76 -41.30 -35.21 4.75
C LEU E 76 -40.39 -34.10 4.20
N GLU E 77 -40.42 -33.90 2.89
CA GLU E 77 -39.65 -32.82 2.28
C GLU E 77 -40.21 -31.48 2.73
N TYR E 78 -39.32 -30.48 2.78
CA TYR E 78 -39.71 -29.15 3.21
C TYR E 78 -40.75 -28.57 2.25
N VAL E 79 -41.53 -27.61 2.78
CA VAL E 79 -42.59 -27.01 1.98
C VAL E 79 -41.99 -26.31 0.77
N GLY E 80 -42.53 -26.61 -0.41
CA GLY E 80 -42.02 -26.06 -1.63
C GLY E 80 -42.28 -24.56 -1.72
N PRO E 81 -41.91 -23.98 -2.87
CA PRO E 81 -42.10 -22.54 -3.06
C PRO E 81 -43.56 -22.15 -2.96
N LEU E 82 -43.87 -21.32 -1.96
CA LEU E 82 -45.25 -20.91 -1.72
C LEU E 82 -45.78 -20.08 -2.89
N VAL E 83 -44.97 -19.12 -3.36
CA VAL E 83 -45.34 -18.31 -4.52
C VAL E 83 -44.86 -19.03 -5.77
N GLU E 84 -45.28 -18.55 -6.93
CA GLU E 84 -44.83 -19.13 -8.19
C GLU E 84 -43.39 -18.73 -8.46
N PRO E 85 -42.46 -19.68 -8.56
CA PRO E 85 -41.05 -19.31 -8.78
C PRO E 85 -40.75 -19.06 -10.25
N GLY E 86 -39.87 -18.09 -10.48
CA GLY E 86 -39.37 -17.86 -11.82
C GLY E 86 -38.39 -18.94 -12.23
N LEU E 87 -38.11 -18.98 -13.53
CA LEU E 87 -37.19 -19.98 -14.07
C LEU E 87 -35.77 -19.70 -13.57
N GLN E 88 -35.16 -20.72 -12.94
CA GLN E 88 -33.79 -20.63 -12.45
C GLN E 88 -33.63 -19.51 -11.44
N GLU E 89 -34.64 -19.32 -10.58
CA GLU E 89 -34.60 -18.29 -9.56
C GLU E 89 -33.94 -18.82 -8.31
N LYS E 90 -33.08 -18.00 -7.71
CA LYS E 90 -32.36 -18.41 -6.52
C LYS E 90 -33.33 -18.60 -5.35
N PRO E 91 -33.13 -19.62 -4.52
CA PRO E 91 -34.03 -19.83 -3.37
C PRO E 91 -34.07 -18.64 -2.43
N LEU E 92 -33.00 -17.85 -2.35
CA LEU E 92 -33.03 -16.64 -1.53
C LEU E 92 -34.05 -15.65 -2.05
N SER E 93 -34.13 -15.48 -3.38
CA SER E 93 -35.09 -14.56 -3.96
C SER E 93 -36.52 -15.04 -3.74
N ILE E 94 -36.77 -16.34 -3.93
CA ILE E 94 -38.10 -16.89 -3.69
C ILE E 94 -38.49 -16.70 -2.23
N ALA E 95 -37.56 -16.95 -1.31
CA ALA E 95 -37.83 -16.77 0.11
C ALA E 95 -38.13 -15.31 0.43
N LEU E 96 -37.39 -14.40 -0.19
CA LEU E 96 -37.62 -12.98 0.06
C LEU E 96 -38.99 -12.54 -0.45
N ARG E 97 -39.42 -13.07 -1.60
CA ARG E 97 -40.74 -12.73 -2.10
C ARG E 97 -41.84 -13.34 -1.23
N GLU E 98 -41.64 -14.57 -0.75
CA GLU E 98 -42.62 -15.17 0.15
C GLU E 98 -42.73 -14.39 1.45
N ILE E 99 -41.60 -13.86 1.93
CA ILE E 99 -41.64 -12.98 3.10
C ILE E 99 -42.40 -11.71 2.77
N HIS E 100 -42.20 -11.18 1.55
CA HIS E 100 -42.88 -9.96 1.16
C HIS E 100 -44.39 -10.16 1.03
N ALA E 101 -44.83 -11.37 0.69
CA ALA E 101 -46.24 -11.65 0.43
C ALA E 101 -46.99 -12.13 1.67
N ASP E 102 -46.38 -12.06 2.86
CA ASP E 102 -47.01 -12.46 4.11
C ASP E 102 -47.51 -13.90 4.05
N LEU E 103 -46.57 -14.81 3.74
CA LEU E 103 -46.88 -16.24 3.66
C LEU E 103 -46.09 -17.07 4.66
N LEU E 104 -45.38 -16.43 5.58
CA LEU E 104 -44.54 -17.13 6.55
C LEU E 104 -44.79 -16.58 7.94
N GLU E 105 -44.38 -17.35 8.95
CA GLU E 105 -44.49 -16.99 10.34
C GLU E 105 -43.08 -16.85 10.93
N HIS E 106 -42.98 -16.85 12.25
CA HIS E 106 -41.70 -16.69 12.92
C HIS E 106 -41.84 -17.13 14.37
N THR E 107 -40.69 -17.25 15.04
CA THR E 107 -40.66 -17.64 16.45
C THR E 107 -39.36 -17.10 17.05
N GLU E 108 -39.46 -16.01 17.81
CA GLU E 108 -38.30 -15.39 18.42
C GLU E 108 -38.09 -15.90 19.85
N VAL F 4 44.20 -38.08 50.94
CA VAL F 4 43.06 -37.72 51.77
C VAL F 4 42.02 -36.97 50.94
N SER F 5 40.99 -36.44 51.60
CA SER F 5 39.96 -35.68 50.90
C SER F 5 40.52 -34.37 50.36
N GLY F 6 41.46 -33.75 51.08
CA GLY F 6 42.11 -32.55 50.57
C GLY F 6 42.85 -32.81 49.27
N ALA F 7 43.38 -34.01 49.09
CA ALA F 7 44.02 -34.35 47.81
C ALA F 7 43.01 -34.35 46.67
N ALA F 8 41.78 -34.76 46.94
CA ALA F 8 40.74 -34.71 45.92
C ALA F 8 40.22 -33.31 45.69
N ALA F 9 40.22 -32.46 46.72
CA ALA F 9 39.80 -31.07 46.55
C ALA F 9 40.87 -30.24 45.83
N ALA F 10 42.13 -30.61 45.96
CA ALA F 10 43.19 -29.87 45.28
C ALA F 10 43.04 -29.93 43.77
N GLU F 11 42.56 -31.06 43.24
CA GLU F 11 42.35 -31.19 41.80
C GLU F 11 41.27 -30.24 41.32
N ALA F 12 40.18 -30.11 42.07
CA ALA F 12 39.13 -29.15 41.73
C ALA F 12 39.67 -27.73 41.79
N ALA F 13 40.47 -27.42 42.81
CA ALA F 13 41.08 -26.08 42.89
C ALA F 13 41.96 -25.82 41.68
N LEU F 14 42.71 -26.82 41.23
CA LEU F 14 43.58 -26.68 40.07
C LEU F 14 42.78 -26.43 38.80
N MET F 15 41.70 -27.18 38.61
CA MET F 15 40.84 -26.95 37.46
C MET F 15 40.23 -25.54 37.49
N ARG F 16 39.80 -25.09 38.67
CA ARG F 16 39.25 -23.74 38.77
C ARG F 16 40.31 -22.68 38.46
N ALA F 17 41.56 -22.93 38.86
CA ALA F 17 42.63 -21.99 38.52
C ALA F 17 42.85 -21.91 37.01
N LEU F 18 42.96 -23.06 36.35
CA LEU F 18 43.16 -22.99 34.90
C LEU F 18 41.95 -22.38 34.20
N TYR F 19 40.76 -22.61 34.73
CA TYR F 19 39.58 -21.87 34.27
C TYR F 19 39.83 -20.37 34.32
N ASP F 20 40.06 -19.85 35.54
CA ASP F 20 40.24 -18.42 35.73
C ASP F 20 41.36 -17.83 34.88
N GLU F 21 42.34 -18.65 34.46
CA GLU F 21 43.41 -18.09 33.65
C GLU F 21 43.25 -18.28 32.14
N HIS F 22 42.45 -19.23 31.67
CA HIS F 22 42.40 -19.48 30.22
C HIS F 22 41.02 -19.48 29.58
N ALA F 23 39.94 -19.52 30.36
CA ALA F 23 38.61 -19.77 29.78
C ALA F 23 38.18 -18.64 28.86
N ALA F 24 38.34 -17.39 29.31
CA ALA F 24 37.85 -16.26 28.53
C ALA F 24 38.64 -16.08 27.23
N VAL F 25 39.97 -16.25 27.30
CA VAL F 25 40.79 -16.11 26.10
C VAL F 25 40.46 -17.21 25.09
N LEU F 26 40.31 -18.46 25.58
CA LEU F 26 39.92 -19.53 24.68
C LEU F 26 38.54 -19.29 24.08
N TRP F 27 37.63 -18.68 24.85
CA TRP F 27 36.32 -18.34 24.34
C TRP F 27 36.42 -17.32 23.21
N ARG F 28 37.27 -16.30 23.39
CA ARG F 28 37.48 -15.32 22.31
C ARG F 28 38.02 -15.98 21.05
N TYR F 29 38.99 -16.89 21.22
CA TYR F 29 39.58 -17.57 20.06
C TYR F 29 38.52 -18.39 19.31
N ALA F 30 37.78 -19.22 20.04
CA ALA F 30 36.73 -20.01 19.41
C ALA F 30 35.63 -19.13 18.82
N LEU F 31 35.37 -17.97 19.44
CA LEU F 31 34.37 -17.05 18.93
C LEU F 31 34.79 -16.48 17.57
N ARG F 32 36.08 -16.16 17.42
CA ARG F 32 36.53 -15.74 16.10
C ARG F 32 36.45 -16.87 15.09
N LEU F 33 36.84 -18.08 15.49
CA LEU F 33 36.86 -19.16 14.50
C LEU F 33 35.46 -19.61 14.09
N THR F 34 34.46 -19.44 14.95
CA THR F 34 33.10 -19.87 14.63
C THR F 34 32.15 -18.71 14.33
N GLY F 35 32.24 -17.61 15.07
CA GLY F 35 31.30 -16.52 14.92
C GLY F 35 30.04 -16.64 15.75
N ASP F 36 29.83 -17.79 16.40
CA ASP F 36 28.66 -18.02 17.24
C ASP F 36 29.12 -18.20 18.68
N ALA F 37 28.65 -17.33 19.58
CA ALA F 37 29.09 -17.38 20.97
C ALA F 37 28.62 -18.65 21.66
N ALA F 38 27.39 -19.09 21.37
CA ALA F 38 26.87 -20.31 21.96
C ALA F 38 27.70 -21.53 21.55
N GLN F 39 28.32 -21.48 20.37
CA GLN F 39 29.22 -22.53 19.95
C GLN F 39 30.59 -22.39 20.62
N ALA F 40 31.04 -21.15 20.83
CA ALA F 40 32.31 -20.93 21.51
C ALA F 40 32.27 -21.45 22.94
N GLU F 41 31.14 -21.28 23.63
CA GLU F 41 31.02 -21.81 24.98
C GLU F 41 31.14 -23.33 24.99
N ASP F 42 30.51 -23.99 24.02
CA ASP F 42 30.60 -25.44 23.92
C ASP F 42 32.04 -25.88 23.66
N VAL F 43 32.72 -25.20 22.75
CA VAL F 43 34.12 -25.52 22.46
C VAL F 43 34.97 -25.35 23.72
N VAL F 44 34.72 -24.29 24.49
CA VAL F 44 35.49 -24.06 25.71
C VAL F 44 35.27 -25.18 26.72
N GLN F 45 34.00 -25.55 26.93
CA GLN F 45 33.70 -26.63 27.86
C GLN F 45 34.38 -27.93 27.45
N GLU F 46 34.30 -28.27 26.15
CA GLU F 46 34.90 -29.53 25.70
C GLU F 46 36.42 -29.49 25.80
N THR F 47 37.04 -28.35 25.50
CA THR F 47 38.49 -28.24 25.56
C THR F 47 38.99 -28.38 27.00
N LEU F 48 38.33 -27.69 27.95
CA LEU F 48 38.74 -27.83 29.34
C LEU F 48 38.42 -29.22 29.88
N LEU F 49 37.38 -29.87 29.37
CA LEU F 49 37.11 -31.25 29.76
C LEU F 49 38.23 -32.17 29.31
N ARG F 50 38.73 -31.99 28.09
CA ARG F 50 39.87 -32.78 27.65
C ARG F 50 41.14 -32.41 28.40
N ALA F 51 41.25 -31.15 28.85
CA ALA F 51 42.38 -30.77 29.69
C ALA F 51 42.34 -31.51 31.03
N TRP F 52 41.15 -31.65 31.62
CA TRP F 52 41.03 -32.41 32.86
C TRP F 52 41.35 -33.89 32.66
N GLN F 53 41.09 -34.42 31.47
CA GLN F 53 41.35 -35.83 31.20
C GLN F 53 42.80 -36.12 30.83
N HIS F 54 43.63 -35.09 30.71
CA HIS F 54 45.05 -35.26 30.38
C HIS F 54 45.88 -34.61 31.47
N PRO F 55 46.34 -35.39 32.46
CA PRO F 55 47.19 -34.81 33.51
C PRO F 55 48.56 -34.37 33.01
N GLU F 56 48.97 -34.85 31.83
CA GLU F 56 50.26 -34.43 31.27
C GLU F 56 50.25 -32.96 30.89
N VAL F 57 49.10 -32.41 30.50
CA VAL F 57 49.04 -30.99 30.15
C VAL F 57 48.96 -30.12 31.40
N ILE F 58 48.35 -30.63 32.48
CA ILE F 58 48.20 -29.87 33.71
C ILE F 58 49.37 -30.03 34.66
N GLY F 59 50.26 -30.99 34.41
CA GLY F 59 51.40 -31.21 35.29
C GLY F 59 52.43 -30.10 35.24
N ASP F 60 53.05 -29.93 34.07
CA ASP F 60 54.06 -28.90 33.87
C ASP F 60 53.41 -27.52 33.82
N THR F 61 53.70 -26.69 34.83
CA THR F 61 53.29 -25.29 34.81
C THR F 61 54.31 -24.40 34.10
N ALA F 62 55.57 -24.83 34.04
CA ALA F 62 56.62 -24.07 33.37
C ALA F 62 56.48 -24.10 31.85
N ARG F 63 55.56 -24.92 31.31
CA ARG F 63 55.25 -25.03 29.90
C ARG F 63 53.85 -24.49 29.64
N PRO F 64 53.67 -23.70 28.57
CA PRO F 64 52.35 -23.08 28.33
C PRO F 64 51.30 -24.09 27.89
N ALA F 65 50.27 -24.27 28.72
CA ALA F 65 49.12 -25.09 28.34
C ALA F 65 48.14 -24.35 27.45
N ARG F 66 48.25 -23.02 27.38
CA ARG F 66 47.35 -22.22 26.57
C ARG F 66 47.43 -22.62 25.10
N ALA F 67 48.65 -22.89 24.61
CA ALA F 67 48.83 -23.28 23.22
C ALA F 67 48.17 -24.62 22.93
N TRP F 68 48.31 -25.59 23.85
CA TRP F 68 47.63 -26.86 23.70
C TRP F 68 46.12 -26.68 23.66
N LEU F 69 45.60 -25.79 24.52
CA LEU F 69 44.18 -25.50 24.51
C LEU F 69 43.73 -24.92 23.17
N PHE F 70 44.50 -23.95 22.63
CA PHE F 70 44.14 -23.39 21.34
C PHE F 70 44.16 -24.44 20.24
N THR F 71 45.16 -25.33 20.26
CA THR F 71 45.22 -26.36 19.23
C THR F 71 44.03 -27.31 19.32
N VAL F 72 43.67 -27.74 20.53
CA VAL F 72 42.53 -28.63 20.70
C VAL F 72 41.25 -27.96 20.21
N ALA F 73 41.07 -26.67 20.55
CA ALA F 73 39.88 -25.96 20.13
C ALA F 73 39.83 -25.82 18.60
N ARG F 74 40.98 -25.55 17.98
CA ARG F 74 41.03 -25.45 16.52
C ARG F 74 40.63 -26.76 15.87
N ASN F 75 41.14 -27.88 16.37
CA ASN F 75 40.78 -29.17 15.80
C ASN F 75 39.29 -29.47 15.98
N MET F 76 38.74 -29.14 17.16
CA MET F 76 37.31 -29.34 17.38
C MET F 76 36.50 -28.52 16.38
N ILE F 77 36.87 -27.26 16.19
CA ILE F 77 36.11 -26.37 15.32
C ILE F 77 36.18 -26.84 13.87
N ILE F 78 37.34 -27.33 13.44
CA ILE F 78 37.41 -27.81 12.06
C ILE F 78 36.65 -29.13 11.91
N ASP F 79 36.57 -29.93 12.97
CA ASP F 79 35.74 -31.14 12.90
C ASP F 79 34.25 -30.80 12.81
N GLU F 80 33.83 -29.72 13.48
CA GLU F 80 32.43 -29.29 13.35
C GLU F 80 32.11 -28.85 11.92
N ARG F 81 33.12 -28.42 11.15
CA ARG F 81 32.91 -27.85 9.82
C ARG F 81 32.78 -28.89 8.72
N ARG F 82 32.31 -30.11 9.01
CA ARG F 82 32.23 -31.10 7.94
C ARG F 82 30.78 -31.39 7.56
N SER F 83 30.46 -32.67 7.33
CA SER F 83 29.26 -33.03 6.55
C SER F 83 27.97 -32.54 7.20
N ALA F 84 27.80 -32.80 8.49
CA ALA F 84 26.56 -32.46 9.19
C ALA F 84 26.25 -30.98 9.05
N ARG F 85 27.25 -30.12 9.23
CA ARG F 85 27.06 -28.71 8.94
C ARG F 85 26.90 -28.48 7.44
N PHE F 86 27.75 -29.15 6.64
CA PHE F 86 27.79 -28.95 5.19
C PHE F 86 26.39 -28.92 4.59
N ARG F 87 25.57 -29.93 4.88
CA ARG F 87 24.26 -29.97 4.25
C ARG F 87 23.27 -29.00 4.89
N ASN F 88 23.19 -28.97 6.22
CA ASN F 88 22.05 -28.35 6.88
C ASN F 88 22.22 -26.86 7.11
N VAL F 89 23.43 -26.39 7.45
CA VAL F 89 23.64 -25.07 8.04
C VAL F 89 23.19 -23.93 7.13
N VAL F 90 22.72 -24.25 5.93
CA VAL F 90 22.54 -23.23 4.89
C VAL F 90 21.35 -22.33 5.21
N GLY F 91 20.15 -22.91 5.28
CA GLY F 91 18.95 -22.10 5.34
C GLY F 91 18.14 -22.20 6.62
N SER F 92 17.33 -21.17 6.87
CA SER F 92 16.40 -21.14 8.00
C SER F 92 15.03 -20.73 7.49
N THR F 93 14.00 -21.49 7.88
CA THR F 93 12.65 -21.17 7.42
C THR F 93 12.18 -19.82 7.96
N ASP F 94 12.52 -19.51 9.21
CA ASP F 94 12.19 -18.20 9.76
C ASP F 94 12.87 -17.09 8.98
N GLN F 95 14.08 -17.35 8.46
CA GLN F 95 14.76 -16.37 7.63
C GLN F 95 14.02 -16.18 6.31
N SER F 96 14.00 -14.94 5.83
CA SER F 96 13.35 -14.64 4.57
C SER F 96 14.11 -15.26 3.40
N GLY F 97 13.44 -15.34 2.26
CA GLY F 97 14.02 -15.91 1.06
C GLY F 97 13.80 -17.40 0.89
N THR F 98 13.12 -18.06 1.81
CA THR F 98 12.85 -19.48 1.72
C THR F 98 11.37 -19.70 1.44
N PRO F 99 11.01 -20.45 0.40
CA PRO F 99 9.59 -20.65 0.09
C PRO F 99 8.92 -21.55 1.11
N GLU F 100 7.71 -21.16 1.51
CA GLU F 100 6.94 -21.93 2.46
C GLU F 100 6.33 -23.16 1.78
N GLN F 101 6.16 -24.23 2.56
CA GLN F 101 5.58 -25.45 2.02
C GLN F 101 4.09 -25.29 1.77
N SER F 102 3.61 -25.93 0.71
CA SER F 102 2.21 -25.86 0.33
C SER F 102 1.71 -27.25 -0.01
N THR F 103 0.40 -27.44 0.14
CA THR F 103 -0.26 -28.69 -0.20
C THR F 103 -1.41 -28.39 -1.17
N PRO F 104 -1.55 -29.16 -2.25
CA PRO F 104 -2.62 -28.89 -3.21
C PRO F 104 -4.00 -29.12 -2.61
N ASP F 105 -5.01 -28.64 -3.33
CA ASP F 105 -6.38 -28.80 -2.90
C ASP F 105 -6.90 -30.20 -3.28
N GLU F 106 -7.92 -30.64 -2.54
CA GLU F 106 -8.49 -31.97 -2.72
C GLU F 106 -9.66 -31.98 -3.69
N VAL F 107 -9.70 -31.04 -4.64
CA VAL F 107 -10.84 -30.93 -5.54
C VAL F 107 -10.94 -32.17 -6.43
N ASN F 108 -9.84 -32.51 -7.11
CA ASN F 108 -9.85 -33.68 -7.98
C ASN F 108 -10.15 -34.95 -7.19
N ALA F 109 -9.53 -35.10 -6.02
CA ALA F 109 -9.78 -36.27 -5.19
C ALA F 109 -11.23 -36.33 -4.73
N ALA F 110 -11.80 -35.18 -4.36
CA ALA F 110 -13.19 -35.17 -3.91
C ALA F 110 -14.14 -35.52 -5.05
N LEU F 111 -13.88 -35.01 -6.25
CA LEU F 111 -14.74 -35.35 -7.39
C LEU F 111 -14.65 -36.83 -7.73
N ASP F 112 -13.42 -37.38 -7.75
CA ASP F 112 -13.26 -38.81 -7.99
C ASP F 112 -13.97 -39.62 -6.91
N ARG F 113 -13.87 -39.19 -5.65
CA ARG F 113 -14.53 -39.90 -4.57
C ARG F 113 -16.05 -39.88 -4.72
N LEU F 114 -16.60 -38.74 -5.14
CA LEU F 114 -18.04 -38.65 -5.37
C LEU F 114 -18.48 -39.59 -6.48
N LEU F 115 -17.74 -39.59 -7.60
CA LEU F 115 -18.12 -40.47 -8.70
C LEU F 115 -17.97 -41.94 -8.32
N ILE F 116 -16.94 -42.28 -7.53
CA ILE F 116 -16.76 -43.66 -7.10
C ILE F 116 -17.88 -44.07 -6.15
N ALA F 117 -18.32 -43.16 -5.28
CA ALA F 117 -19.46 -43.47 -4.41
C ALA F 117 -20.72 -43.71 -5.22
N ASP F 118 -20.98 -42.86 -6.21
CA ASP F 118 -22.14 -43.06 -7.07
C ASP F 118 -22.09 -44.40 -7.78
N ALA F 119 -20.92 -44.75 -8.35
CA ALA F 119 -20.78 -46.03 -9.03
C ALA F 119 -20.88 -47.20 -8.05
N LEU F 120 -20.50 -46.98 -6.79
CA LEU F 120 -20.56 -48.03 -5.79
C LEU F 120 -21.99 -48.30 -5.37
N ALA F 121 -22.84 -47.26 -5.33
CA ALA F 121 -24.21 -47.46 -4.90
C ALA F 121 -24.96 -48.42 -5.82
N GLN F 122 -24.61 -48.45 -7.11
CA GLN F 122 -25.29 -49.28 -8.09
C GLN F 122 -24.75 -50.70 -8.16
N LEU F 123 -24.06 -51.16 -7.11
CA LEU F 123 -23.53 -52.51 -7.04
C LEU F 123 -24.31 -53.34 -6.03
N SER F 124 -24.24 -54.66 -6.21
CA SER F 124 -24.85 -55.56 -5.25
C SER F 124 -24.15 -55.46 -3.91
N ALA F 125 -24.87 -55.85 -2.86
CA ALA F 125 -24.29 -55.78 -1.52
C ALA F 125 -23.02 -56.61 -1.42
N GLU F 126 -22.99 -57.75 -2.12
CA GLU F 126 -21.81 -58.62 -2.07
C GLU F 126 -20.62 -57.96 -2.73
N HIS F 127 -20.79 -57.51 -3.98
CA HIS F 127 -19.67 -56.91 -4.70
C HIS F 127 -19.18 -55.65 -4.00
N ARG F 128 -20.11 -54.82 -3.51
CA ARG F 128 -19.71 -53.61 -2.78
C ARG F 128 -18.98 -53.96 -1.50
N ALA F 129 -19.49 -54.93 -0.74
CA ALA F 129 -18.85 -55.32 0.51
C ALA F 129 -17.50 -56.00 0.27
N VAL F 130 -17.25 -56.48 -0.95
CA VAL F 130 -15.93 -57.04 -1.25
C VAL F 130 -14.96 -55.96 -1.70
N ILE F 131 -15.39 -55.04 -2.57
CA ILE F 131 -14.47 -54.01 -3.05
C ILE F 131 -14.14 -53.03 -1.93
N GLN F 132 -15.07 -52.84 -0.98
CA GLN F 132 -14.77 -51.98 0.16
C GLN F 132 -13.87 -52.66 1.19
N ARG F 133 -13.64 -53.96 1.06
CA ARG F 133 -12.72 -54.68 1.92
C ARG F 133 -11.38 -54.97 1.25
N SER F 134 -11.31 -54.88 -0.08
CA SER F 134 -10.05 -55.09 -0.78
C SER F 134 -9.29 -53.78 -1.00
N TYR F 135 -9.99 -52.69 -1.34
CA TYR F 135 -9.35 -51.43 -1.67
C TYR F 135 -9.48 -50.37 -0.60
N TYR F 136 -10.59 -50.33 0.13
CA TYR F 136 -10.75 -49.36 1.20
C TYR F 136 -10.12 -49.84 2.51
N ARG F 137 -10.10 -51.15 2.75
CA ARG F 137 -9.46 -51.70 3.93
C ARG F 137 -8.11 -52.36 3.63
N GLY F 138 -7.81 -52.63 2.36
CA GLY F 138 -6.51 -53.15 1.99
C GLY F 138 -6.20 -54.55 2.46
N TRP F 139 -7.21 -55.36 2.73
CA TRP F 139 -6.98 -56.72 3.18
C TRP F 139 -6.50 -57.60 2.01
N SER F 140 -6.02 -58.79 2.36
CA SER F 140 -5.65 -59.76 1.34
C SER F 140 -6.87 -60.52 0.85
N THR F 141 -6.67 -61.35 -0.17
CA THR F 141 -7.76 -62.17 -0.69
C THR F 141 -8.23 -63.17 0.36
N ALA F 142 -7.29 -63.86 1.00
CA ALA F 142 -7.65 -64.84 2.03
C ALA F 142 -8.28 -64.17 3.23
N GLN F 143 -7.90 -62.93 3.54
CA GLN F 143 -8.51 -62.24 4.68
C GLN F 143 -9.98 -61.97 4.43
N ILE F 144 -10.32 -61.47 3.23
CA ILE F 144 -11.72 -61.25 2.89
C ILE F 144 -12.47 -62.58 2.83
N ALA F 145 -11.83 -63.62 2.31
CA ALA F 145 -12.47 -64.93 2.27
C ALA F 145 -12.76 -65.45 3.67
N THR F 146 -11.87 -65.16 4.62
CA THR F 146 -12.08 -65.59 6.00
C THR F 146 -13.19 -64.77 6.66
N ASP F 147 -13.22 -63.47 6.39
CA ASP F 147 -14.23 -62.62 7.03
C ASP F 147 -15.63 -62.94 6.52
N LEU F 148 -15.82 -62.95 5.19
CA LEU F 148 -17.14 -63.14 4.63
C LEU F 148 -17.61 -64.59 4.66
N GLY F 149 -16.77 -65.52 5.09
CA GLY F 149 -17.16 -66.92 5.11
C GLY F 149 -17.44 -67.51 3.75
N ILE F 150 -16.68 -67.12 2.74
CA ILE F 150 -16.84 -67.61 1.38
C ILE F 150 -15.49 -68.16 0.89
N ALA F 151 -15.49 -68.70 -0.33
CA ALA F 151 -14.31 -69.34 -0.87
C ALA F 151 -13.30 -68.29 -1.35
N GLU F 152 -12.09 -68.76 -1.63
CA GLU F 152 -11.03 -67.90 -2.15
C GLU F 152 -11.36 -67.43 -3.56
N GLY F 153 -11.61 -68.39 -4.46
CA GLY F 153 -12.02 -68.06 -5.81
C GLY F 153 -13.30 -67.24 -5.86
N THR F 154 -14.15 -67.38 -4.84
CA THR F 154 -15.36 -66.56 -4.78
C THR F 154 -15.00 -65.08 -4.63
N VAL F 155 -14.07 -64.77 -3.73
CA VAL F 155 -13.63 -63.39 -3.58
C VAL F 155 -12.94 -62.92 -4.85
N LYS F 156 -12.09 -63.77 -5.43
CA LYS F 156 -11.42 -63.40 -6.68
C LYS F 156 -12.43 -63.04 -7.77
N SER F 157 -13.46 -63.87 -7.95
CA SER F 157 -14.44 -63.64 -9.01
C SER F 157 -15.30 -62.42 -8.70
N ARG F 158 -15.69 -62.22 -7.45
CA ARG F 158 -16.48 -61.05 -7.10
C ARG F 158 -15.70 -59.77 -7.37
N LEU F 159 -14.42 -59.73 -7.00
CA LEU F 159 -13.61 -58.56 -7.32
C LEU F 159 -13.50 -58.38 -8.83
N HIS F 160 -13.23 -59.47 -9.56
CA HIS F 160 -13.06 -59.40 -11.00
C HIS F 160 -14.29 -58.83 -11.69
N TYR F 161 -15.48 -59.20 -11.21
CA TYR F 161 -16.69 -58.65 -11.84
C TYR F 161 -17.01 -57.25 -11.36
N ALA F 162 -16.82 -56.97 -10.07
CA ALA F 162 -17.19 -55.66 -9.54
C ALA F 162 -16.34 -54.56 -10.14
N VAL F 163 -15.05 -54.85 -10.39
CA VAL F 163 -14.20 -53.88 -11.07
C VAL F 163 -14.78 -53.52 -12.43
N ARG F 164 -15.18 -54.53 -13.21
CA ARG F 164 -15.71 -54.28 -14.54
C ARG F 164 -17.08 -53.61 -14.49
N ALA F 165 -17.87 -53.88 -13.45
CA ALA F 165 -19.16 -53.22 -13.31
C ALA F 165 -18.98 -51.73 -13.01
N LEU F 166 -18.04 -51.41 -12.13
CA LEU F 166 -17.71 -50.01 -11.89
C LEU F 166 -17.19 -49.34 -13.16
N ARG F 167 -16.38 -50.07 -13.94
CA ARG F 167 -15.92 -49.52 -15.21
C ARG F 167 -17.08 -49.25 -16.15
N LEU F 168 -18.05 -50.18 -16.20
CA LEU F 168 -19.25 -49.97 -17.00
C LEU F 168 -19.97 -48.69 -16.61
N THR F 169 -20.24 -48.54 -15.30
CA THR F 169 -20.95 -47.35 -14.84
C THR F 169 -20.18 -46.07 -15.16
N LEU F 170 -18.86 -46.07 -14.92
CA LEU F 170 -18.06 -44.88 -15.15
C LEU F 170 -18.00 -44.52 -16.63
N GLN F 171 -17.83 -45.52 -17.50
CA GLN F 171 -17.82 -45.24 -18.94
C GLN F 171 -19.18 -44.81 -19.44
N GLU F 172 -20.26 -45.28 -18.79
CA GLU F 172 -21.58 -44.78 -19.14
C GLU F 172 -21.77 -43.33 -18.71
N LEU F 173 -21.11 -42.92 -17.64
CA LEU F 173 -21.17 -41.52 -17.22
C LEU F 173 -20.10 -40.65 -17.86
N GLY F 174 -19.22 -41.22 -18.68
CA GLY F 174 -18.24 -40.42 -19.38
C GLY F 174 -16.97 -40.14 -18.60
N VAL F 175 -16.57 -41.05 -17.71
CA VAL F 175 -15.34 -40.89 -16.95
C VAL F 175 -14.16 -41.19 -17.85
N THR F 176 -13.17 -40.31 -17.83
CA THR F 176 -12.01 -40.46 -18.71
C THR F 176 -11.18 -41.67 -18.30
N ARG F 177 -10.74 -42.43 -19.30
CA ARG F 177 -9.93 -43.62 -19.08
C ARG F 177 -8.57 -43.27 -18.48
#